data_5IT9
#
_entry.id   5IT9
#
_cell.length_a   1.000
_cell.length_b   1.000
_cell.length_c   1.000
_cell.angle_alpha   90.00
_cell.angle_beta   90.00
_cell.angle_gamma   90.00
#
_symmetry.space_group_name_H-M   'P 1'
#
loop_
_entity.id
_entity.type
_entity.pdbx_description
1 polymer 'Ribosomal protein uS2'
2 polymer 'Ribosomal protein eS1'
3 polymer 'Ribosomal protein uS5'
4 polymer 'Ribosomal protein uS3'
5 polymer 'Ribosomal protein eS4'
6 polymer 'Ribosomal protein uS7'
7 polymer 'Ribosomal protein eS6'
8 polymer 'Ribosomal protein eS7'
9 polymer 'Ribosomal protein eS8'
10 polymer 'Ribosomal protein uS4'
11 polymer 'Ribosomal protein eS10'
12 polymer 'Ribosomal protein uS17'
13 polymer 'Ribosomal protein eS12'
14 polymer 'Ribosomal protein uS15'
15 polymer 'Ribosomal protein uS14'
16 polymer 'Ribosomal protein uS19'
17 polymer 'Ribosomal protein uS9'
18 polymer 'Ribosomal protein eS17'
19 polymer 'Ribosomal protein uS13'
20 polymer 'Ribosomal protein eS19'
21 polymer 'Ribosomal protein uS10'
22 polymer 'Ribosomal protein eS21'
23 polymer 'Ribosomal protein uS8'
24 polymer 'Ribosomal protein uS21'
25 polymer 'Ribosomal protein eS24'
26 polymer 'Ribosomal protein eS25'
27 polymer 'Ribosomal protein eS26'
28 polymer 'Ribosomal protein eS27'
29 polymer 'Ribosomal protein eS28'
30 polymer 'Ribosomal protein eS29'
31 polymer 'Ribosomal protein eS30'
32 polymer 'Ribosomal protein eS31'
33 polymer 'Ribosomal protein RACK1'
34 polymer '18S ribosomal RNA'
35 polymer 'Cricket paralysis virus IRES RNA'
36 non-polymer 'MAGNESIUM ION'
37 non-polymer 'ZINC ION'
#
loop_
_entity_poly.entity_id
_entity_poly.type
_entity_poly.pdbx_seq_one_letter_code
_entity_poly.pdbx_strand_id
1 'polypeptide(L)'
;SLPSTFDLTSEDAQLLLAARVHLGAKNVQVHQEPYVYKARPDGVNVINVGKTWEKIVLAARIIAAIPNPEDVVAISSRTY
GQRAVLKYAAHTGATPIAGRFTPGSFTNYITRSFKEPRLVIVTDPRSDAQAIKESSYVNIPVIALTDLDSPSEYVDVAIP
CNNRGKHSIGLIWYLLAREVLRLRGALPDRTQPWAIMPDLYFYRNP
;
A
2 'polypeptide(L)'
;VVDPFTRKEWYDIKAPSTFENRNVGKTLVNKSVGLKNASDSLKGRVVEVCLADLQGSEDHSFRKVKLRVDEVQGKNLLTN
FHGMDFTTDKLRSMVRKWQTLIEANVTVKTSDDYVLRIFAIAFTRKQANQVKRTSYAQSSHIRQIRKVISEILTREVQNS
TLAQLTSKLIPEVINKEIENATKDIFPLQNVHIRKVKLLKQPKFDLGSLLSLHG
;
B
3 'polypeptide(L)'
;GWVPVTKLGRLVKAGKISSIEEIFLHSLPVKEFQIIDQLLPNLKDEVMNIKPVQKQTRAGQRTRFKAVVVVGDSNGHVGL
GIKTAKEVAGAIRAGIIIAKLSVIPIRRGYWGTNLGQPHSLATKTSGKCGSVSVRLIPAPRGSGIVASPAVKKLMQLAGV
EDVYTSSTGSTRTLENTLKAAFVAIGNTYGFLTPNLWEVQALTPSPMDVYADYATAS
;
C
4 'polypeptide(L)'
;AIISKKRKLVADGVFYAELNEFFTRELAEEGYSGVEVRVTPTKTEIIIRATKVQDVVGENGRRINELTLLIEKRFKYKRG
TIALYAERVHDRGLSAVAQAESMKFKLLNGLAIRRAAYGVVRYVMESGAKGCEVVISGKLRAARAKSMKFADGFLIHSGQ
PVNDFIETATRHVLLRQGVLGIKVKIMKDPSRNTSGPKALPDAVTIIEPKEEEPVLEPSVKDY
;
D
5 'polypeptide(L)'
;ARGPKKHLKRLAAPHHWMLDKLSGCYAPRPSAGPHKLRESLPLIVFLRNRLKYALNGREVKAILMQRHVKVDGKVRTDTT
FPAGFMDVITLEATNENFRLVYDVKGRFAVHRITDEEASYKLAKVKKVQLGKKGIPYVVTHDGRTIRYPDPNIKVNDTVK
VDLATGTITDFIKFDTGKLVYVTGGRNLGRVGTIVHRERHEGGFDLVHIKDSLENTFVTRLNNVFVIGEPGRPWISLPKG
KGIKLTISEERDRRRAQHGL
;
E
6 'polypeptide(L)'
;FVPVELATTIPVEIQQAQQEIKLFNKWSFEDVEVKDASLVDYIQISKPIYVAHTAGRYANKRFRKAQCPIVERLTNSLMM
NGRNNGKKLKAVRIVKHTLEIINVLTDQNPLQVVVDAIINSGPREDTTRVGGGGAARRQAVDVSPLRRVNQSIALLTIGA
REAAFRNIKTIAETLAEELINAAKGSSTSYAIKKKDELERVAKSNR
;
F
7 'polypeptide(L)'
;MKLNISYPINGTQKCIEIDDEHRVRVFYDKRIGQEVDGESVGDEFKGYVFKIAGGNDKQGFPMKQGVLLPTRVKLLLAKG
HSCYRPRRNGERKRKSVRGAIVGPDLAVLALIITKKGEQEIEGITNDTVPKRLGPKRANNIRKFFGLTKEDDVRDYVIRR
EVTKGDKSYTKAPKIQRLVTPQRLQRKRQQKSLKIKNAQAQREAAAEYAQLLAKRLSERKAEKAEV
;
G
8 'polypeptide(L)'
;PQAKILSQAPTELELQVAQAFIDLENNSPELKADLRALQFKSIREIEVAGGKKALAVFVPVPSLAAYHKVQIKLTRELEK
KFQDRHVIFLAERRILPKPSRKSRQTQKRPRSRTLTAVHDKILEDLVFPTEIVGKRVRYLVGGNKIQKILLNSKDVQHID
NKLESFQAVYNKLTGKQIVFEIPS
;
H
9 'polypeptide(L)'
;GISRDSRHKRAATGAKRAQFRKKRKFELGRQAANTKIGTKRIHPVRTRGGNQKFRALRIETGNFSWASEGVARKTRITGV
VYHPSNNELVRTNTLTKAAIVQIDATPFRQWYESHYGQSLGKKKNTKAEEETATTSKNTERKWAARAAEAKIEHAVDSQF
GAGRLYAAISSRPGQSGRCDGYILEGEELAFYLRRLTAKK
;
I
10 'polypeptide(L)'
;PRAPRTYSKTYSTPKRPYESARLDAELKLAGEYGLKNKREIYRISFQLSKIRRAARDLLTRDEKDPKRLFEGNALIRRLV
RIGVLSEDKKKLDYVLALKVEDFLERRLQTQVYKLGLAKSVHHARVLISQRHIAVGKQIVNIPSFMVRLESEKHIDFART
SPFGGARPGRVARKRAAAAGGE
;
J
11 'polypeptide(L)'
;MLIPKEDRKKIYQHLFQEGVLVAKKDFNQPKHEEIDTKNLFVIKALQSLTSKGFVKTQFSWQYYYYTLTEEGVVYLREYL
NLPEHIFPATYLAGQS
;
K
12 'polypeptide(L)'
;STELTVQSERAFQKQPHIFTNPKAKANRKTKRWYKNVGLGFKTPKTAIEGSYIDKKCPFTGLVSIRGKILTGTVVSTRMH
RTIVIRRDYLHYVPKYNRYEKRHKNVPAHVSPAFRVQVGDIVTVGQCRPISKTVRFNVLKVASATGKANKQFAKF
;
L
13 'polypeptide(L)'
;AELTIEDALKVVLRTSLVHDGLARGLRESAKALTRGEGQLAVLVESVTEEAISKLVQGLATENNVPLIKVADAKQLGEWA
GLGKIDRDGNARKVVGASVVVVKNWGADTQEREILLEHFSQQ
;
M
14 'polypeptide(L)'
;GRMHSKGKGMSSSAIPYSRNAPAWFKGSSDGVVEQIIKYARKGLTPSQIGVLLRDAHGVTQAKVITGNKILRILKSNGLA
PEIPEDLYFLIKKAVSVRKHLERNRKDKDAKFRLILIESRIHRLARYYRTVSVLPPNWKYESATASALVN
;
N
15 'polypeptide(L)'
;SQVFGVARIFASFNDTFVHVTDLSGRETIARVTGGMKVKADRDESSPYAAMLAAQDVAAKCKEVGITAVHIKIRATGGTR
SKTPGPGGQAALRALARSGLRIGRIEDVTPVPSDSTRKKGGRRGRRL
;
O
16 'polypeptide(L)'
;RKRSFKTYSYKGVDLEKLLEMPTEDFVKLAPARVRRKFARGLSEKPAGLMKKLRAAKLSAPENEKPAVVRTHLRNMIIVP
EMIGSVVGVYNGKVFNQVEIRPEMVGHYLGEFSITYTPVRHGR
;
P
17 'polypeptide(L)'
;TVPSVQTFGKKKSATAVAHVKAGKGLIKVNGSPITLVQPEILRFKVYEPLLLVGLDKFANIDIRVKVTGGGHVSQVYAIR
QAIAKGLVAYHQKFVDEQSKNELKKAFTSYDRTLLIADSRRPEPKKFGGRGARSRFQKSYR
;
Q
18 'polypeptide(L)'
;GRVRTKTVKRASKALIEKYYPKLTMDFQTNKRLCDEIATIQSKRLRNKIAGYTTHLMKRIQKGPVRGISFKLQEEERERK
DQYVPDVSALDLSHSNDVLNVDTQTAELVNSLGLKLPLSVSSVSAVRDR
;
R
19 'polypeptide(L)'
;SLVVQEQGSFQHILRLLNTNVDGNINVVYALTTIRGVGRRYANLVCKKADVDLHKRAGELTQEELERIVQIMQNPTHYKI
PAWFLNRQKDVNDGKDYHSLANNLESKLRDDLERLKKIRSHRGIRHFWGLRVRGQHTKTTGRRRA
;
S
20 'polypeptide(L)'
;PGVSVRDVPAQDFINNYASFLQRQGKLEVPGYVDIVKTSAGNELPPQDSEGWFYKRAASVARHIYLRKQVGVGKLNKLYG
GAKNRGVRPHKHVDASGSINRKVLQSLEKLGVVEISPKGGRRISDNGLRDLDRIAAATLEDEE
;
T
21 'polypeptide(L)'
;QEVVIHKIRINLTSTKVKQLENVSANIIKNAETFKLVKKGPVRLPTKVLKISTRKTPNGEGSKTWDTYEMRIHKRYIDLE
APAHIVKRITQITIEPGVDVEVIIAA
;
U
22 'polypeptide(L)'
;MENDKGQLVELYVPRKCSATNRIIKAKDHSSVQINIAQVDEEGRAIPGEYVTYALSGYIRARGEADDSLNRLAQQDGLLK
NVWSYSR
;
V
23 'polypeptide(L)'
;TRTSVLADALNAINNAEKTGKRQVLIRPSSKVIIKFLQVMQKHGYIGEFEYIDDHRSGKIVVQLNGRLNKCGVISPRFNV
KIADVEKWTANLLPARQFGYVILTTSAGIMDHEEAHRKHVSGKILGFVY
;
W
24 'polypeptide(L)'
;MGKGKPRGLNSARKLRVHRRNNRWAETTYKKRLLGTAFKSSPFGGSSHAKGIVLEKIGIESKQPNSAIRKCVRVQLIKNG
KKVTAFVPNDGCLNFVDENDEVLLAGFGRKGKAKGDIPGVRFKVVKVSGVSLLALWKEKKEKPRS
;
X
25 'polypeptide(L)'
;SDAITIRTRKVISNPLLARKQFVVDVLHPNRANVSKDELREKLAEAYKAEKDAVSVFGFRTQYGGGKSTGFGLVYNSVAD
AKKFEPAYRLVRYGLAEKVEKASRQQRKQRKNRGKKIFGTGKSIAKKAARRNAD
;
Y
26 'polypeptide(L)' AKHAVVLDQDKFDRIMKEAPTYRYVSVSVLVDRFKLGGSLARVALRHLENEGIIKPVSKHSKQAIYTRAT Z
27 'polypeptide(L)'
;MPKKRASNGRNKKGRGHVKPVRCVNCSRSVPKDKAIKRMAIRNIVEAAAIRDLSEASVYAEYALPKTYNKLHYCISCAIH
ARIVRVRSRTDRRIRAPPQR
;
a
28 'polypeptide(L)'
;MVLVQDLLHPTAASEARKHKLKTLVQSPRSHFLDVKCPGCLNITTVFSHAQTAVTCESCSTVLCTPTGGKAKLSEGTSFR
RK
;
b
29 'polypeptide(L)' TPVTLAKVIKVLGRTGSRGGVTQVRVEFLEDTTRTIVRNVKGPVREGDILVLMESEREARRLR c
30 'polypeptide(L)' ENVWYSHPRKFGKGSRQCRISGSHSGLIRKYGLNIDRQSFREKANDIGFYKYR d
31 'polypeptide(L)' ARAGKVKSQTPKVEKQEKPKQPKGRAYKRLLYTRRFVNVTLTNGKRKMNPSPSSQ e
32 'polypeptide(L)' KKVYTTPKKIRHKHKKVKLAVLNYYKVDDEGKVAKLRKECPNCGPGIFLANHGDRFYCGKCHSTFATQK f
33 'polypeptide(L)'
;SSNIMLVLRGTLEGHNGWVTSLSTSAAQPNLLVSGSRDKTLISWRLTENEQQFGVPVRSYKGHSHIVQDVVVSADGNYAV
SASWDKTLRLWNLATGNSEARFVGHTGDVLSVAIDANSSKIISASRDKTIRVWNTVGDCAYVLLGHTDWVTKVRVAPKNL
EDGEVDDGRITFVSAGMDKIVRSWSLNEDSYRIEADFIGHNNYINVVQPSPDGSLAASAGKDGQIYVWNLKHKSAFMNFD
AKDEVFALAFSPSRFWLTAATASGIKIYDLENEVLIDELKPEFAGYTKAQDPHAVSLAWSADGQTLFAGYTDNVIRVWQV
MTAN
;
g
34 'polyribonucleotide'
;UAUCUGGUUGAUCCUGCCAGUAGUCAUAUGCUUGUCUCAAAGAUUAAGCCAUGCAUGUCUAAGUAUAAGCAAUUUAUACA
GUGAAACUGCGAAUGGCUCAUUAAAUCAGUUAUCGUUUAUUUGAUAGUUCCUUUACUACAUGGAUAUCUGUGGUAAUUCU
AGAGCUAAUACAUGCUUAAAAUCUCGACCCUUUGGAAGAGAUGUAUUUAUUAGAUAAAAAAUCAAUGUCUUCGGACUCCU
UGAUGAUUCAUAAUAACUUUUCGAAUCGCAUGGCCUUGUGCUGGCGAUGGUUCAUUCAAAUUUCUGCCCUAUCAACUUUC
GAUGGUAGGAUAGUGGCCUACCAUGGUUUCAACGGGUAACGGGGAAUAAGGGUUCGAUUCCGGAGAGGGAGCCUGAGAAA
CGGCUACCACAUCCAAGGAAGGCAGCAGGCGCGCAAAUUACCCAAUCCUAAUUCAGGGAGGUAGUGACAAUAAAUAACGA
UACAGGGCCCAUUCGGGUCUUGUAAUUGGAAUGAGUACAAUGUAAAUACCUUAACGAGGAACAACUGGAGGGCAAGUCUG
GUGCCAGCAGCCGCGGUAAUUCCAGCUCCAGUAGCGUAUAUUAAAGUUGUUGCAGUUAAAAAGCUCGUAGUUGAACUUUG
GGUCUGGUUGUCCGGUCGGUUUUUCAACCGGAUCUUUCCUUCUGGCUAACCUGUACUCCUUGUGGGUGCAGGCGAACCAG
GACUUUUACUUUGAAAAAAUUAGAGUGUUCAAAGCAGGCGAAAGCUCGAAUAUAUUAGCAUGGAAUAAUGGAAUAGGACG
UUUGGUUCUAUUUUGUUGGUUUCUAGGACCAUCGUAAUGAUUAAUAGGGACGGUCGGGGGCAUCAGUAUUCAAUUGUCAG
AGGUGAAAUUCUUGGAUUUAUUGAAGACUAACUACUGCGAAAGCAUUUGCCAAGGACGUUUUCAUUAAUCAAGAACGAAA
GUUAGGGGAUCGAAGAUGAUCAGAUACCGUCGUAGUCUUAACCAUAAACUAUGCCGACUAGGGAUCGGGUGGUGUUUUUC
UUAUGACCCACUCGGCACCUUACGAGAAAUCAAAGUCUUUGGGUUCUGGGGGGAGUAUGGUCGCAAGGCUGAAACUUAAA
GGAAUUGACGGAAGGGCACCACCAGGAGUGGAGCCUGCGGCUUAAUUUGACUCAACACGGGGAAACUCACCAGGUCCAGA
CACAAUAAGGAUUGACAGAUUGAGAGCUCUUUCUUGAUUUUGUGGGUGGUGGUGCAUGGCCGUUCUUAGUUGGUGGAGUG
AUUUGUCUGCUUAAUUGCGAUAACGAACGAGACCUUAACCUACUAAAUAGGGUUGCUGGCACUUGCCGGUUGACUCUUCU
UAGAGGGACUAUCGGUUUCAAGCCGAUGGAAGUUUGAGGCAAUAACAGGUCUGUGAUGCCCUUAGACGUUCUGGGCCGCA
CGCGCGCUACACUGACGGAGCCAGCGAGUACAACCUUGGCCGAGAGGUCUGGGUAAUCUUGUGAAACUCCGUCGUGCUGG
GGAUAGAGCAUUGUAAUUAUUGCUCUUCAACGAGGAAUUCCUAGUAAGCGCAAGUCAUCAGCUUGCGUUGAUUACGUCCC
UGCCCUUUGUACACACCGCCCGUCGCUAGUACCGAUUGAAUGGCUUAGUGAGGCCUCAGGAUUUGCUUAGAGAAGGGGGC
AACUCCAUCUCAGAGCGAAGAAUCUGGUCAAACUUGGUCAUUUAGAGGAACUAAAAGUCGUAACAAGGUUUCCGUAGGUG
AACCUGCGGAAGGAUCAUUA
;
2
35 'polyribonucleotide'
;AAAAAUGUGAUCUUGCUUGUAAAUACAAUUUUGAGAGGUUAAUAAAUUACAAGUAGUGCUAUUUUUGUAUUUAGGUUAGC
UAUUUAGCUUUACGUUCCAGGAUGCCUAGUGGCAGCCCCACAAUAUCCAGGAAGCCCUCUCUGCGGCUUUUCAGAUUAGG
UAGUCGAAAAACCUAAGAAAUUUACCUGCUAC
;
i
#
# COMPACT_ATOMS: atom_id res chain seq x y z
N SER A 1 49.05 -8.79 31.82
CA SER A 1 48.67 -8.44 30.42
C SER A 1 48.85 -9.62 29.45
N LEU A 2 50.11 -9.88 29.07
CA LEU A 2 50.46 -10.99 28.18
C LEU A 2 51.52 -11.87 28.86
N PRO A 3 51.68 -13.12 28.40
CA PRO A 3 52.72 -13.98 28.95
C PRO A 3 54.12 -13.76 28.35
N SER A 4 54.19 -13.16 27.16
CA SER A 4 55.44 -13.04 26.37
C SER A 4 56.11 -14.39 26.07
N THR A 5 55.28 -15.43 25.94
CA THR A 5 55.72 -16.79 25.64
C THR A 5 55.39 -17.10 24.19
N PHE A 6 54.11 -16.99 23.83
CA PHE A 6 53.64 -17.33 22.48
C PHE A 6 54.08 -16.22 21.50
N ASP A 7 55.20 -16.46 20.81
CA ASP A 7 55.72 -15.54 19.79
C ASP A 7 55.79 -16.19 18.41
N LEU A 8 54.84 -17.09 18.12
CA LEU A 8 54.77 -17.85 16.87
C LEU A 8 55.99 -18.77 16.70
N THR A 9 55.77 -20.08 16.89
CA THR A 9 56.86 -21.05 16.74
C THR A 9 57.23 -21.19 15.26
N SER A 10 58.53 -21.36 15.03
CA SER A 10 59.18 -21.40 13.72
C SER A 10 58.53 -22.46 12.84
N GLU A 11 58.32 -23.63 13.44
CA GLU A 11 57.70 -24.77 12.78
C GLU A 11 56.32 -24.40 12.27
N ASP A 12 55.57 -23.74 13.14
CA ASP A 12 54.20 -23.30 12.84
C ASP A 12 54.21 -22.37 11.63
N ALA A 13 55.15 -21.43 11.68
CA ALA A 13 55.33 -20.44 10.61
C ALA A 13 55.58 -21.13 9.28
N GLN A 14 56.48 -22.10 9.33
CA GLN A 14 56.87 -22.91 8.17
C GLN A 14 55.65 -23.58 7.57
N LEU A 15 54.87 -24.19 8.46
CA LEU A 15 53.64 -24.90 8.09
C LEU A 15 52.69 -23.96 7.35
N LEU A 16 52.53 -22.78 7.94
CA LEU A 16 51.65 -21.74 7.41
C LEU A 16 52.09 -21.38 5.99
N LEU A 17 53.39 -21.19 5.85
CA LEU A 17 54.00 -20.82 4.57
C LEU A 17 53.70 -21.90 3.52
N ALA A 18 53.87 -23.14 3.93
CA ALA A 18 53.63 -24.30 3.08
C ALA A 18 52.19 -24.30 2.59
N ALA A 19 51.28 -24.06 3.55
CA ALA A 19 49.85 -24.01 3.27
C ALA A 19 49.55 -22.94 2.21
N ARG A 20 50.37 -21.89 2.19
CA ARG A 20 50.15 -20.63 1.47
C ARG A 20 48.88 -20.01 2.01
N VAL A 21 48.91 -19.81 3.32
CA VAL A 21 47.95 -18.98 4.04
C VAL A 21 48.22 -17.52 3.68
N HIS A 22 49.47 -17.20 3.33
CA HIS A 22 49.92 -15.82 3.17
C HIS A 22 50.29 -15.39 1.76
N LEU A 23 50.18 -16.30 0.79
CA LEU A 23 50.31 -15.95 -0.64
C LEU A 23 48.94 -15.70 -1.29
N GLY A 24 47.86 -15.73 -0.51
CA GLY A 24 46.52 -15.46 -1.01
C GLY A 24 46.20 -13.98 -1.12
N ALA A 25 44.92 -13.67 -1.35
CA ALA A 25 44.36 -12.30 -1.44
C ALA A 25 44.31 -11.72 -2.86
N LYS A 26 45.42 -11.83 -3.59
CA LYS A 26 45.53 -11.36 -4.99
C LYS A 26 45.46 -9.82 -5.11
N ASN A 27 45.47 -9.35 -6.35
CA ASN A 27 45.11 -7.97 -6.74
C ASN A 27 44.08 -7.31 -5.82
N VAL A 28 42.91 -7.95 -5.75
CA VAL A 28 41.78 -7.47 -4.94
C VAL A 28 42.18 -7.35 -3.46
N GLN A 29 41.75 -6.25 -2.83
CA GLN A 29 42.25 -5.85 -1.51
C GLN A 29 41.28 -4.86 -0.86
N VAL A 30 41.03 -5.03 0.43
CA VAL A 30 40.03 -4.25 1.18
C VAL A 30 40.71 -3.21 2.07
N HIS A 31 40.12 -2.02 2.14
CA HIS A 31 40.71 -0.86 2.85
C HIS A 31 40.75 -1.05 4.37
N GLN A 32 39.88 -1.91 4.88
CA GLN A 32 39.84 -2.32 6.29
C GLN A 32 40.88 -3.38 6.71
N GLU A 33 41.87 -3.68 5.85
CA GLU A 33 42.86 -4.73 6.11
C GLU A 33 44.30 -4.19 6.00
N PRO A 34 44.99 -4.01 7.15
CA PRO A 34 46.43 -3.81 7.19
C PRO A 34 47.16 -5.05 7.72
N TYR A 35 46.81 -6.22 7.19
CA TYR A 35 47.52 -7.47 7.47
C TYR A 35 48.51 -7.83 6.38
N VAL A 36 48.66 -6.98 5.36
CA VAL A 36 49.67 -7.19 4.32
C VAL A 36 51.09 -6.93 4.82
N TYR A 37 52.05 -7.64 4.21
CA TYR A 37 53.47 -7.40 4.41
C TYR A 37 54.15 -7.42 3.04
N LYS A 38 54.13 -6.26 2.38
CA LYS A 38 54.71 -6.04 1.04
C LYS A 38 53.96 -6.76 -0.08
N ALA A 39 53.66 -6.00 -1.14
CA ALA A 39 52.95 -6.52 -2.30
C ALA A 39 53.92 -7.20 -3.26
N ARG A 40 53.71 -8.49 -3.51
CA ARG A 40 54.46 -9.23 -4.52
C ARG A 40 53.88 -8.83 -5.89
N PRO A 41 54.75 -8.58 -6.90
CA PRO A 41 54.23 -7.92 -8.12
C PRO A 41 53.30 -8.78 -8.99
N ASP A 42 52.38 -8.09 -9.68
CA ASP A 42 51.44 -8.69 -10.66
C ASP A 42 50.46 -9.70 -10.06
N GLY A 43 49.35 -9.18 -9.52
CA GLY A 43 48.23 -10.00 -9.07
C GLY A 43 48.46 -10.80 -7.80
N VAL A 44 49.15 -10.21 -6.84
CA VAL A 44 49.47 -10.88 -5.56
C VAL A 44 49.55 -9.88 -4.41
N ASN A 45 49.22 -10.36 -3.22
CA ASN A 45 49.51 -9.68 -1.95
C ASN A 45 50.03 -10.71 -0.95
N VAL A 46 51.04 -10.34 -0.18
CA VAL A 46 51.62 -11.23 0.85
C VAL A 46 51.08 -10.84 2.21
N ILE A 47 50.65 -11.81 3.01
CA ILE A 47 49.98 -11.54 4.29
C ILE A 47 50.97 -11.66 5.46
N ASN A 48 50.91 -10.70 6.38
CA ASN A 48 51.69 -10.73 7.63
C ASN A 48 51.19 -11.84 8.54
N VAL A 49 52.14 -12.65 9.00
CA VAL A 49 51.93 -13.99 9.55
C VAL A 49 51.78 -13.90 11.07
N GLY A 50 52.68 -13.12 11.68
CA GLY A 50 52.69 -12.90 13.12
C GLY A 50 51.35 -12.35 13.59
N LYS A 51 50.88 -11.34 12.84
CA LYS A 51 49.61 -10.67 13.12
C LYS A 51 48.47 -11.68 13.11
N THR A 52 48.48 -12.51 12.06
CA THR A 52 47.47 -13.56 11.87
C THR A 52 47.45 -14.49 13.06
N TRP A 53 48.64 -14.90 13.46
CA TRP A 53 48.83 -15.81 14.60
C TRP A 53 48.23 -15.20 15.86
N GLU A 54 48.54 -13.93 16.07
CA GLU A 54 48.06 -13.17 17.22
C GLU A 54 46.52 -13.17 17.24
N LYS A 55 45.96 -12.90 16.08
CA LYS A 55 44.51 -12.85 15.89
C LYS A 55 43.88 -14.19 16.28
N ILE A 56 44.51 -15.25 15.79
CA ILE A 56 44.08 -16.63 16.04
C ILE A 56 44.05 -16.90 17.54
N VAL A 57 45.14 -16.49 18.19
CA VAL A 57 45.32 -16.67 19.63
C VAL A 57 44.18 -15.96 20.38
N LEU A 58 43.91 -14.74 19.95
CA LEU A 58 42.86 -13.91 20.54
C LEU A 58 41.51 -14.62 20.45
N ALA A 59 41.25 -15.14 19.25
CA ALA A 59 40.02 -15.86 18.94
C ALA A 59 39.86 -17.05 19.88
N ALA A 60 40.96 -17.79 20.03
CA ALA A 60 41.01 -18.97 20.89
C ALA A 60 40.66 -18.59 22.32
N ARG A 61 41.26 -17.51 22.77
CA ARG A 61 41.06 -16.97 24.12
C ARG A 61 39.58 -16.66 24.34
N ILE A 62 39.00 -16.00 23.35
CA ILE A 62 37.60 -15.60 23.36
C ILE A 62 36.71 -16.84 23.52
N ILE A 63 37.04 -17.85 22.72
CA ILE A 63 36.32 -19.13 22.70
C ILE A 63 36.34 -19.75 24.09
N ALA A 64 37.54 -19.75 24.67
CA ALA A 64 37.78 -20.31 26.00
C ALA A 64 36.91 -19.62 27.03
N ALA A 65 36.90 -18.29 26.93
CA ALA A 65 36.10 -17.43 27.82
C ALA A 65 34.63 -17.83 27.76
N ILE A 66 34.06 -18.34 26.66
CA ILE A 66 32.71 -18.95 26.75
C ILE A 66 32.73 -20.21 27.65
N PRO A 67 31.90 -20.24 28.73
CA PRO A 67 31.98 -21.36 29.68
C PRO A 67 31.34 -22.66 29.20
N ASN A 68 30.05 -22.62 28.87
CA ASN A 68 29.34 -23.75 28.27
C ASN A 68 29.94 -24.05 26.89
N PRO A 69 30.58 -25.23 26.72
CA PRO A 69 31.29 -25.49 25.45
C PRO A 69 30.36 -25.77 24.26
N GLU A 70 29.29 -26.53 24.47
CA GLU A 70 28.33 -26.83 23.39
C GLU A 70 27.52 -25.57 23.11
N ASP A 71 28.10 -24.73 22.24
CA ASP A 71 27.78 -23.29 22.18
C ASP A 71 28.50 -22.59 21.04
N VAL A 72 29.80 -22.84 20.93
CA VAL A 72 30.64 -22.27 19.87
C VAL A 72 30.24 -22.83 18.50
N VAL A 73 29.23 -22.21 17.89
CA VAL A 73 28.72 -22.65 16.59
C VAL A 73 29.73 -22.33 15.49
N ALA A 74 30.44 -23.35 15.05
CA ALA A 74 31.29 -23.27 13.86
C ALA A 74 30.41 -23.44 12.63
N ILE A 75 30.76 -22.77 11.54
CA ILE A 75 29.97 -22.77 10.30
C ILE A 75 30.89 -22.94 9.10
N SER A 76 30.36 -23.57 8.04
CA SER A 76 31.03 -23.60 6.74
C SER A 76 30.07 -24.03 5.63
N SER A 77 29.89 -23.18 4.63
CA SER A 77 29.10 -23.50 3.45
C SER A 77 29.99 -24.09 2.36
N ARG A 78 31.04 -23.35 2.01
CA ARG A 78 31.93 -23.71 0.90
C ARG A 78 32.74 -24.96 1.22
N THR A 79 32.85 -25.83 0.22
CA THR A 79 33.18 -27.25 0.38
C THR A 79 34.54 -27.56 0.99
N TYR A 80 35.55 -26.77 0.64
CA TYR A 80 36.94 -27.00 1.07
C TYR A 80 37.12 -27.13 2.59
N GLY A 81 36.35 -26.37 3.35
CA GLY A 81 36.57 -26.22 4.78
C GLY A 81 35.57 -26.86 5.72
N GLN A 82 34.50 -27.41 5.13
CA GLN A 82 33.43 -28.07 5.87
C GLN A 82 33.98 -29.17 6.75
N ARG A 83 34.82 -29.99 6.11
CA ARG A 83 35.46 -31.14 6.77
C ARG A 83 36.27 -30.67 7.98
N ALA A 84 37.03 -29.61 7.75
CA ALA A 84 37.88 -29.01 8.77
C ALA A 84 37.04 -28.57 9.97
N VAL A 85 35.93 -27.90 9.64
CA VAL A 85 34.99 -27.39 10.63
C VAL A 85 34.46 -28.53 11.49
N LEU A 86 34.08 -29.60 10.80
CA LEU A 86 33.54 -30.82 11.43
C LEU A 86 34.55 -31.38 12.42
N LYS A 87 35.79 -31.46 11.95
CA LYS A 87 36.91 -31.98 12.73
C LYS A 87 37.07 -31.16 14.02
N TYR A 88 37.04 -29.84 13.83
CA TYR A 88 37.17 -28.88 14.93
C TYR A 88 36.09 -29.13 15.98
N ALA A 89 34.87 -29.28 15.47
CA ALA A 89 33.70 -29.52 16.31
C ALA A 89 33.89 -30.79 17.14
N ALA A 90 34.35 -31.82 16.46
CA ALA A 90 34.61 -33.13 17.08
C ALA A 90 35.62 -32.98 18.22
N HIS A 91 36.68 -32.24 17.92
CA HIS A 91 37.76 -32.00 18.88
C HIS A 91 37.22 -31.28 20.12
N THR A 92 36.53 -30.17 19.91
CA THR A 92 36.05 -29.33 21.02
C THR A 92 34.53 -29.19 20.91
N GLY A 93 33.84 -29.91 21.80
CA GLY A 93 32.38 -30.08 21.73
C GLY A 93 31.59 -28.80 21.57
N ALA A 94 31.29 -28.46 20.33
CA ALA A 94 30.50 -27.28 20.00
C ALA A 94 29.80 -27.49 18.65
N THR A 95 28.48 -27.73 18.73
CA THR A 95 27.66 -28.11 17.57
C THR A 95 27.91 -27.26 16.32
N PRO A 96 28.41 -27.88 15.23
CA PRO A 96 28.77 -27.13 14.04
C PRO A 96 27.65 -27.08 12.99
N ILE A 97 27.96 -26.40 11.88
CA ILE A 97 27.08 -26.32 10.72
C ILE A 97 27.93 -26.47 9.45
N ALA A 98 28.00 -27.70 8.94
CA ALA A 98 28.62 -27.99 7.65
C ALA A 98 27.54 -27.95 6.58
N GLY A 99 27.88 -27.39 5.42
CA GLY A 99 26.93 -27.26 4.32
C GLY A 99 25.95 -26.12 4.55
N ARG A 100 24.67 -26.40 4.37
CA ARG A 100 23.65 -25.35 4.42
C ARG A 100 23.41 -24.83 5.84
N PHE A 101 23.41 -23.50 5.95
CA PHE A 101 23.30 -22.84 7.24
C PHE A 101 21.91 -22.92 7.86
N THR A 102 20.89 -22.90 7.00
CA THR A 102 19.48 -22.73 7.41
C THR A 102 19.26 -21.29 7.87
N PRO A 103 18.50 -20.50 7.09
CA PRO A 103 18.10 -19.19 7.56
C PRO A 103 17.00 -19.31 8.62
N GLY A 104 17.00 -18.40 9.58
CA GLY A 104 16.17 -18.53 10.76
C GLY A 104 16.65 -19.69 11.63
N SER A 105 17.97 -19.74 11.85
CA SER A 105 18.57 -20.71 12.76
C SER A 105 18.81 -20.07 14.12
N PHE A 106 19.46 -18.90 14.13
CA PHE A 106 19.70 -18.17 15.38
C PHE A 106 18.50 -17.31 15.80
N THR A 107 17.73 -16.83 14.82
CA THR A 107 16.39 -16.31 15.04
C THR A 107 15.46 -17.48 14.75
N ASN A 108 14.15 -17.29 14.91
CA ASN A 108 13.14 -18.29 14.56
C ASN A 108 13.26 -19.52 15.47
N TYR A 109 12.67 -19.39 16.67
CA TYR A 109 12.79 -20.41 17.73
C TYR A 109 11.97 -21.70 17.51
N ILE A 110 11.35 -21.85 16.35
CA ILE A 110 10.62 -23.07 15.96
C ILE A 110 11.49 -24.06 15.17
N THR A 111 12.42 -23.55 14.34
CA THR A 111 13.24 -24.39 13.46
C THR A 111 13.89 -25.58 14.14
N ARG A 112 14.00 -26.69 13.40
CA ARG A 112 14.62 -27.93 13.90
C ARG A 112 16.08 -27.70 14.28
N SER A 113 16.79 -26.97 13.42
CA SER A 113 18.17 -26.56 13.67
C SER A 113 18.21 -25.15 14.30
N PHE A 114 17.35 -24.90 15.28
CA PHE A 114 17.41 -23.67 16.05
C PHE A 114 18.58 -23.80 17.00
N LYS A 115 19.72 -23.25 16.59
CA LYS A 115 20.86 -23.11 17.48
C LYS A 115 20.58 -21.90 18.34
N GLU A 116 21.36 -21.77 19.41
CA GLU A 116 21.44 -20.52 20.13
C GLU A 116 22.89 -20.39 20.61
N PRO A 117 23.76 -19.78 19.78
CA PRO A 117 25.15 -19.65 20.17
C PRO A 117 25.38 -18.50 21.13
N ARG A 118 26.57 -18.48 21.71
CA ARG A 118 27.14 -17.28 22.33
C ARG A 118 28.50 -16.94 21.70
N LEU A 119 28.83 -17.59 20.58
CA LEU A 119 30.05 -17.34 19.81
C LEU A 119 29.98 -18.08 18.48
N VAL A 120 29.87 -17.33 17.39
CA VAL A 120 29.80 -17.88 16.04
C VAL A 120 31.20 -17.91 15.45
N ILE A 121 31.51 -18.95 14.67
CA ILE A 121 32.79 -19.01 13.92
C ILE A 121 32.50 -19.36 12.45
N VAL A 122 33.24 -18.72 11.55
CA VAL A 122 32.95 -18.74 10.10
C VAL A 122 34.25 -18.98 9.33
N THR A 123 34.14 -19.36 8.06
CA THR A 123 35.31 -19.46 7.17
C THR A 123 35.33 -18.28 6.20
N ASP A 124 34.31 -18.20 5.35
CA ASP A 124 34.20 -17.18 4.31
C ASP A 124 32.97 -16.31 4.54
N PRO A 125 33.15 -15.14 5.17
CA PRO A 125 32.12 -14.09 5.23
C PRO A 125 31.62 -13.57 3.88
N ARG A 126 32.30 -13.89 2.78
CA ARG A 126 31.78 -13.65 1.43
C ARG A 126 30.62 -14.61 1.11
N SER A 127 30.74 -15.87 1.52
CA SER A 127 29.73 -16.92 1.24
C SER A 127 28.74 -17.11 2.39
N ASP A 128 29.28 -17.34 3.60
CA ASP A 128 28.45 -17.56 4.81
C ASP A 128 27.75 -16.29 5.33
N ALA A 129 28.13 -15.15 4.77
CA ALA A 129 27.57 -13.80 4.88
C ALA A 129 26.19 -13.82 5.52
N GLN A 130 25.36 -14.72 5.00
CA GLN A 130 24.00 -14.93 5.47
C GLN A 130 23.99 -15.23 6.96
N ALA A 131 24.87 -16.16 7.33
CA ALA A 131 25.03 -16.60 8.72
C ALA A 131 25.36 -15.42 9.62
N ILE A 132 26.32 -14.63 9.14
CA ILE A 132 26.79 -13.44 9.85
C ILE A 132 25.63 -12.48 10.10
N LYS A 133 24.85 -12.27 9.04
CA LYS A 133 23.69 -11.39 9.07
C LYS A 133 22.70 -11.86 10.13
N GLU A 134 22.45 -13.16 10.12
CA GLU A 134 21.54 -13.81 11.05
C GLU A 134 21.99 -13.55 12.49
N SER A 135 23.30 -13.74 12.70
CA SER A 135 23.92 -13.55 14.00
C SER A 135 23.71 -12.13 14.50
N SER A 136 23.94 -11.19 13.57
CA SER A 136 23.78 -9.76 13.83
C SER A 136 22.35 -9.47 14.31
N TYR A 137 21.31 -10.15 13.83
CA TYR A 137 19.96 -9.96 14.42
C TYR A 137 19.80 -10.24 15.94
N VAL A 138 20.69 -11.03 16.56
CA VAL A 138 20.48 -11.53 17.94
C VAL A 138 21.70 -11.50 18.88
N ASN A 139 22.61 -10.54 18.67
CA ASN A 139 23.74 -10.27 19.60
C ASN A 139 24.68 -11.45 19.88
N ILE A 140 25.43 -11.84 18.85
CA ILE A 140 26.43 -12.91 18.96
C ILE A 140 27.75 -12.42 18.40
N PRO A 141 28.89 -12.78 19.06
CA PRO A 141 30.18 -12.48 18.43
C PRO A 141 30.44 -13.40 17.26
N VAL A 142 31.20 -12.90 16.29
CA VAL A 142 31.52 -13.67 15.09
C VAL A 142 33.03 -13.67 14.91
N ILE A 143 33.61 -14.86 14.86
CA ILE A 143 34.99 -15.07 14.46
C ILE A 143 34.96 -15.53 13.01
N ALA A 144 35.92 -15.07 12.22
CA ALA A 144 35.94 -15.38 10.79
C ALA A 144 37.34 -15.38 10.21
N LEU A 145 37.51 -16.11 9.11
CA LEU A 145 38.82 -16.33 8.50
C LEU A 145 38.95 -15.49 7.22
N THR A 146 39.30 -14.23 7.40
CA THR A 146 39.31 -13.26 6.30
C THR A 146 40.45 -13.45 5.31
N ASP A 147 40.11 -13.66 4.04
CA ASP A 147 40.99 -13.24 2.95
C ASP A 147 40.89 -11.72 2.89
N LEU A 148 41.82 -11.09 2.19
CA LEU A 148 41.89 -9.63 2.18
C LEU A 148 40.92 -9.00 1.16
N ASP A 149 40.12 -9.82 0.48
CA ASP A 149 38.95 -9.36 -0.29
C ASP A 149 37.60 -9.70 0.35
N SER A 150 37.61 -10.36 1.52
CA SER A 150 36.37 -10.77 2.19
C SER A 150 35.85 -9.59 3.01
N PRO A 151 34.53 -9.39 3.02
CA PRO A 151 33.95 -8.32 3.83
C PRO A 151 33.98 -8.68 5.32
N SER A 152 34.22 -7.68 6.15
CA SER A 152 34.25 -7.85 7.60
C SER A 152 33.15 -7.02 8.27
N GLU A 153 31.93 -7.12 7.72
CA GLU A 153 30.76 -6.45 8.29
C GLU A 153 30.06 -7.43 9.23
N TYR A 154 29.85 -6.97 10.47
CA TYR A 154 29.40 -7.81 11.60
C TYR A 154 30.37 -8.96 11.90
N VAL A 155 31.67 -8.69 11.71
CA VAL A 155 32.74 -9.66 11.97
C VAL A 155 33.61 -9.09 13.09
N ASP A 156 34.11 -10.00 13.94
CA ASP A 156 35.14 -9.66 14.92
C ASP A 156 36.28 -10.65 14.80
N VAL A 157 37.44 -10.28 15.33
CA VAL A 157 38.57 -11.20 15.49
C VAL A 157 38.89 -11.95 14.19
N ALA A 158 38.98 -11.19 13.10
CA ALA A 158 39.06 -11.75 11.76
C ALA A 158 40.45 -12.31 11.45
N ILE A 159 40.62 -13.61 11.67
CA ILE A 159 41.89 -14.31 11.38
C ILE A 159 42.22 -14.17 9.89
N PRO A 160 43.29 -13.42 9.54
CA PRO A 160 43.64 -13.31 8.14
C PRO A 160 44.26 -14.59 7.57
N CYS A 161 43.84 -14.97 6.36
CA CYS A 161 44.23 -16.24 5.75
C CYS A 161 43.84 -16.33 4.28
N ASN A 162 44.54 -17.21 3.57
CA ASN A 162 44.29 -17.46 2.14
C ASN A 162 42.98 -18.19 1.92
N ASN A 163 42.02 -17.52 1.28
CA ASN A 163 40.77 -18.15 0.84
C ASN A 163 40.67 -18.34 -0.67
N ARG A 164 41.80 -18.66 -1.30
CA ARG A 164 41.79 -19.49 -2.50
C ARG A 164 41.36 -20.87 -2.02
N GLY A 165 41.97 -21.29 -0.92
CA GLY A 165 41.48 -22.40 -0.11
C GLY A 165 42.35 -23.64 -0.17
N LYS A 166 41.71 -24.79 -0.33
CA LYS A 166 42.37 -26.10 -0.50
C LYS A 166 43.08 -26.58 0.78
N HIS A 167 44.33 -26.16 0.99
CA HIS A 167 45.09 -26.52 2.20
C HIS A 167 44.79 -25.56 3.34
N SER A 168 44.61 -24.29 2.99
CA SER A 168 45.01 -23.18 3.85
C SER A 168 43.99 -22.99 4.96
N ILE A 169 42.73 -22.95 4.55
CA ILE A 169 41.59 -22.77 5.46
C ILE A 169 41.59 -23.85 6.52
N GLY A 170 41.77 -25.08 6.05
CA GLY A 170 41.80 -26.27 6.91
C GLY A 170 42.90 -26.14 7.96
N LEU A 171 44.07 -25.73 7.48
CA LEU A 171 45.25 -25.54 8.31
C LEU A 171 44.96 -24.52 9.42
N ILE A 172 44.34 -23.42 9.00
CA ILE A 172 43.98 -22.33 9.89
C ILE A 172 43.05 -22.84 11.00
N TRP A 173 42.06 -23.61 10.56
CA TRP A 173 41.07 -24.21 11.46
C TRP A 173 41.76 -25.07 12.51
N TYR A 174 42.68 -25.89 12.02
CA TYR A 174 43.45 -26.80 12.85
C TYR A 174 44.22 -26.02 13.92
N LEU A 175 44.86 -24.96 13.46
CA LEU A 175 45.64 -24.07 14.32
C LEU A 175 44.77 -23.50 15.44
N LEU A 176 43.59 -23.05 15.03
CA LEU A 176 42.60 -22.46 15.93
C LEU A 176 42.23 -23.47 17.02
N ALA A 177 41.97 -24.68 16.56
CA ALA A 177 41.57 -25.80 17.42
C ALA A 177 42.65 -26.05 18.47
N ARG A 178 43.88 -26.08 17.98
CA ARG A 178 45.08 -26.30 18.81
C ARG A 178 45.15 -25.24 19.91
N GLU A 179 44.96 -24.00 19.48
CA GLU A 179 45.01 -22.85 20.37
C GLU A 179 43.97 -22.99 21.47
N VAL A 180 42.77 -23.37 21.06
CA VAL A 180 41.63 -23.57 21.96
C VAL A 180 41.98 -24.62 23.02
N LEU A 181 42.56 -25.71 22.53
CA LEU A 181 42.97 -26.83 23.38
C LEU A 181 43.96 -26.36 24.43
N ARG A 182 44.93 -25.58 23.96
CA ARG A 182 45.98 -25.03 24.81
C ARG A 182 45.37 -24.17 25.92
N LEU A 183 44.46 -23.28 25.54
CA LEU A 183 43.80 -22.38 26.50
C LEU A 183 42.68 -23.14 27.20
N ARG A 184 43.02 -23.79 28.31
CA ARG A 184 42.14 -24.71 29.06
C ARG A 184 41.87 -25.99 28.26
N GLY A 185 42.52 -27.08 28.65
CA GLY A 185 42.28 -28.38 28.02
C GLY A 185 43.32 -29.44 28.34
N ALA A 186 43.42 -30.42 27.44
CA ALA A 186 44.34 -31.55 27.60
C ALA A 186 45.80 -31.14 27.40
N LEU A 187 46.06 -30.35 26.37
CA LEU A 187 47.40 -29.90 26.03
C LEU A 187 47.84 -28.76 26.97
N PRO A 188 48.89 -29.00 27.80
CA PRO A 188 49.37 -27.95 28.70
C PRO A 188 50.62 -27.20 28.20
N ASP A 189 51.09 -27.52 26.99
CA ASP A 189 52.36 -27.00 26.48
C ASP A 189 52.20 -26.50 25.04
N ARG A 190 52.85 -25.38 24.73
CA ARG A 190 52.91 -24.83 23.36
C ARG A 190 53.75 -25.71 22.42
N THR A 191 54.75 -26.40 22.96
CA THR A 191 55.62 -27.29 22.19
C THR A 191 54.95 -28.66 21.97
N GLN A 192 55.66 -29.56 21.26
CA GLN A 192 55.19 -30.91 20.90
C GLN A 192 54.06 -30.87 19.86
N PRO A 193 54.36 -31.26 18.59
CA PRO A 193 53.34 -31.45 17.54
C PRO A 193 52.22 -32.47 17.85
N TRP A 194 52.43 -33.31 18.86
CA TRP A 194 51.36 -34.08 19.54
C TRP A 194 50.54 -35.06 18.66
N ALA A 195 49.71 -35.88 19.32
CA ALA A 195 49.08 -37.06 18.70
C ALA A 195 48.11 -36.79 17.53
N ILE A 196 47.58 -35.56 17.47
CA ILE A 196 46.73 -35.10 16.37
C ILE A 196 47.57 -34.97 15.09
N MET A 197 46.91 -34.64 13.98
CA MET A 197 47.59 -34.23 12.76
C MET A 197 46.80 -33.10 12.09
N PRO A 198 47.50 -32.14 11.44
CA PRO A 198 46.78 -31.24 10.52
C PRO A 198 45.93 -31.97 9.48
N ASP A 199 46.51 -32.99 8.84
CA ASP A 199 45.84 -33.70 7.73
C ASP A 199 44.58 -34.52 8.09
N LEU A 200 44.23 -34.58 9.38
CA LEU A 200 42.87 -34.94 9.78
C LEU A 200 41.81 -34.02 9.17
N TYR A 201 42.18 -32.75 8.97
CA TYR A 201 41.27 -31.72 8.46
C TYR A 201 41.36 -31.78 6.90
N PHE A 202 41.43 -30.63 6.21
CA PHE A 202 41.62 -30.56 4.75
C PHE A 202 40.44 -31.10 3.95
N TYR A 203 40.37 -30.73 2.67
CA TYR A 203 39.33 -31.23 1.76
C TYR A 203 39.72 -32.61 1.26
N ARG A 204 38.72 -33.47 1.06
CA ARG A 204 38.93 -34.87 0.73
C ARG A 204 38.63 -35.13 -0.75
N ASN A 205 39.13 -36.26 -1.24
CA ASN A 205 38.97 -36.65 -2.64
C ASN A 205 37.58 -37.24 -2.87
N PRO A 206 36.76 -36.59 -3.72
CA PRO A 206 35.40 -37.10 -3.96
C PRO A 206 35.37 -38.21 -5.02
N VAL B 1 11.45 -6.00 -84.89
CA VAL B 1 12.16 -7.30 -84.74
C VAL B 1 13.52 -7.24 -85.44
N VAL B 2 14.59 -7.28 -84.66
CA VAL B 2 15.98 -7.18 -85.17
C VAL B 2 16.83 -8.36 -84.68
N ASP B 3 16.98 -8.46 -83.35
CA ASP B 3 17.84 -9.47 -82.69
C ASP B 3 19.32 -9.34 -83.07
N PRO B 4 20.07 -8.49 -82.33
CA PRO B 4 21.50 -8.26 -82.63
C PRO B 4 22.49 -9.27 -82.02
N PHE B 5 22.01 -10.39 -81.48
CA PHE B 5 22.89 -11.42 -80.89
C PHE B 5 23.71 -12.17 -81.94
N THR B 6 23.12 -12.41 -83.11
CA THR B 6 23.85 -12.93 -84.28
C THR B 6 24.79 -11.88 -84.85
N ARG B 7 24.35 -10.62 -84.88
CA ARG B 7 25.15 -9.49 -85.36
C ARG B 7 26.10 -9.01 -84.26
N LYS B 8 27.12 -9.82 -83.97
CA LYS B 8 28.07 -9.55 -82.88
C LYS B 8 29.50 -9.90 -83.26
N GLU B 9 30.43 -9.35 -82.48
CA GLU B 9 31.88 -9.52 -82.66
C GLU B 9 32.53 -9.68 -81.30
N TRP B 10 33.27 -10.78 -81.14
CA TRP B 10 33.97 -11.10 -79.88
C TRP B 10 35.43 -10.63 -79.95
N TYR B 11 35.90 -9.98 -78.88
CA TYR B 11 37.28 -9.50 -78.78
C TYR B 11 37.91 -9.87 -77.43
N ASP B 12 39.23 -9.94 -77.39
CA ASP B 12 39.99 -10.39 -76.21
C ASP B 12 40.64 -9.21 -75.48
N ILE B 13 40.50 -9.20 -74.14
CA ILE B 13 40.95 -8.07 -73.31
C ILE B 13 42.43 -8.22 -72.95
N LYS B 14 43.25 -7.26 -73.41
CA LYS B 14 44.70 -7.31 -73.25
C LYS B 14 45.20 -6.43 -72.09
N ALA B 15 45.61 -7.09 -71.00
CA ALA B 15 46.17 -6.40 -69.82
C ALA B 15 47.61 -5.93 -70.04
N PRO B 16 48.04 -4.90 -69.28
CA PRO B 16 49.46 -4.54 -69.18
C PRO B 16 50.37 -5.65 -68.64
N SER B 17 51.68 -5.49 -68.87
CA SER B 17 52.68 -6.52 -68.54
C SER B 17 53.28 -6.41 -67.12
N THR B 18 52.83 -5.44 -66.32
CA THR B 18 53.25 -5.32 -64.91
C THR B 18 52.82 -6.52 -64.06
N PHE B 19 51.69 -7.14 -64.42
CA PHE B 19 51.18 -8.35 -63.77
C PHE B 19 51.80 -9.58 -64.45
N GLU B 20 51.34 -10.77 -64.09
CA GLU B 20 51.82 -12.01 -64.71
C GLU B 20 51.28 -12.16 -66.14
N ASN B 21 49.96 -12.16 -66.26
CA ASN B 21 49.29 -12.32 -67.56
C ASN B 21 49.04 -10.97 -68.23
N ARG B 22 49.20 -10.94 -69.55
CA ARG B 22 48.84 -9.77 -70.38
C ARG B 22 47.48 -9.95 -71.05
N ASN B 23 46.67 -10.90 -70.57
CA ASN B 23 45.34 -11.19 -71.12
C ASN B 23 44.34 -11.47 -69.99
N VAL B 24 43.26 -10.68 -69.93
CA VAL B 24 42.28 -10.80 -68.86
C VAL B 24 41.24 -11.86 -69.23
N GLY B 25 40.56 -11.64 -70.34
CA GLY B 25 39.43 -12.46 -70.76
C GLY B 25 38.88 -12.01 -72.09
N LYS B 26 37.55 -12.07 -72.24
CA LYS B 26 36.90 -11.91 -73.53
C LYS B 26 35.64 -11.02 -73.45
N THR B 27 35.71 -9.84 -74.07
CA THR B 27 34.56 -8.93 -74.21
C THR B 27 33.92 -9.10 -75.59
N LEU B 28 32.97 -8.22 -75.93
CA LEU B 28 32.35 -8.21 -77.27
C LEU B 28 31.71 -6.85 -77.60
N VAL B 29 31.52 -6.62 -78.91
CA VAL B 29 30.84 -5.41 -79.42
C VAL B 29 30.11 -5.77 -80.71
N ASN B 30 29.30 -4.85 -81.24
CA ASN B 30 28.78 -4.96 -82.62
C ASN B 30 29.90 -4.71 -83.66
N LYS B 31 29.60 -5.01 -84.92
CA LYS B 31 30.57 -4.83 -86.02
C LYS B 31 30.85 -3.36 -86.35
N SER B 32 31.96 -3.13 -87.04
CA SER B 32 32.33 -1.79 -87.52
C SER B 32 31.53 -1.45 -88.78
N VAL B 33 30.28 -1.05 -88.58
CA VAL B 33 29.38 -0.66 -89.66
C VAL B 33 29.67 0.80 -90.01
N GLY B 34 29.32 1.22 -91.22
CA GLY B 34 29.42 2.62 -91.63
C GLY B 34 28.62 3.54 -90.72
N LEU B 35 29.15 4.76 -90.51
CA LEU B 35 28.59 5.78 -89.58
C LEU B 35 29.09 5.57 -88.13
N LYS B 36 28.80 4.41 -87.55
CA LYS B 36 29.21 4.07 -86.16
C LYS B 36 30.28 2.97 -86.13
N ASN B 37 31.52 3.35 -85.85
CA ASN B 37 32.67 2.43 -85.89
C ASN B 37 32.89 1.68 -84.56
N ALA B 38 33.74 0.66 -84.61
CA ALA B 38 33.87 -0.35 -83.54
C ALA B 38 35.02 0.03 -82.61
N SER B 39 36.15 0.37 -83.23
CA SER B 39 37.36 0.76 -82.53
C SER B 39 37.08 1.95 -81.62
N ASP B 40 36.40 2.93 -82.21
CA ASP B 40 36.02 4.17 -81.52
C ASP B 40 35.19 3.86 -80.29
N SER B 41 34.21 2.98 -80.50
CA SER B 41 33.31 2.54 -79.44
C SER B 41 34.08 1.92 -78.29
N LEU B 42 35.02 1.06 -78.67
CA LEU B 42 35.87 0.35 -77.71
C LEU B 42 36.68 1.34 -76.87
N LYS B 43 37.42 2.25 -77.51
CA LYS B 43 38.41 3.06 -76.77
C LYS B 43 37.75 3.90 -75.67
N GLY B 44 37.81 3.38 -74.44
CA GLY B 44 37.02 3.85 -73.30
C GLY B 44 36.10 2.77 -72.79
N ARG B 45 36.71 1.67 -72.31
CA ARG B 45 35.99 0.54 -71.70
C ARG B 45 36.75 0.07 -70.47
N VAL B 46 36.13 0.20 -69.30
CA VAL B 46 36.78 -0.05 -68.02
C VAL B 46 36.47 -1.48 -67.54
N VAL B 47 37.45 -2.36 -67.64
CA VAL B 47 37.34 -3.75 -67.16
C VAL B 47 37.84 -3.82 -65.72
N GLU B 48 36.91 -3.95 -64.78
CA GLU B 48 37.24 -4.11 -63.36
C GLU B 48 37.30 -5.59 -63.02
N VAL B 49 38.51 -6.09 -62.77
CA VAL B 49 38.74 -7.51 -62.47
C VAL B 49 39.66 -7.68 -61.27
N CYS B 50 39.64 -8.88 -60.70
CA CYS B 50 40.41 -9.18 -59.50
C CYS B 50 41.92 -9.17 -59.78
N LEU B 51 42.70 -8.90 -58.74
CA LEU B 51 44.16 -8.86 -58.86
C LEU B 51 44.75 -10.27 -58.72
N ALA B 52 44.07 -11.14 -57.97
CA ALA B 52 44.40 -12.57 -57.95
C ALA B 52 44.18 -13.25 -59.30
N ASP B 53 43.23 -12.74 -60.08
CA ASP B 53 43.01 -13.19 -61.47
C ASP B 53 44.26 -12.99 -62.32
N LEU B 54 44.88 -11.82 -62.18
CA LEU B 54 46.07 -11.47 -62.95
C LEU B 54 47.33 -12.13 -62.37
N GLN B 55 47.58 -11.88 -61.09
CA GLN B 55 48.78 -12.37 -60.41
C GLN B 55 48.82 -13.89 -60.17
N GLY B 56 47.64 -14.51 -60.03
CA GLY B 56 47.53 -15.96 -59.84
C GLY B 56 47.38 -16.39 -58.38
N SER B 57 48.26 -15.88 -57.52
CA SER B 57 48.25 -16.23 -56.10
C SER B 57 47.08 -15.58 -55.35
N GLU B 58 46.72 -16.20 -54.23
CA GLU B 58 45.58 -15.76 -53.40
C GLU B 58 45.94 -14.69 -52.35
N ASP B 59 47.19 -14.24 -52.33
CA ASP B 59 47.59 -13.08 -51.52
C ASP B 59 46.96 -11.80 -52.06
N HIS B 60 46.83 -11.71 -53.38
CA HIS B 60 46.20 -10.57 -54.06
C HIS B 60 44.72 -10.82 -54.42
N SER B 61 44.05 -11.72 -53.67
CA SER B 61 42.59 -11.83 -53.71
C SER B 61 41.95 -10.88 -52.69
N PHE B 62 42.74 -9.93 -52.19
CA PHE B 62 42.28 -8.82 -51.38
C PHE B 62 42.23 -7.52 -52.23
N ARG B 63 42.24 -7.65 -53.56
CA ARG B 63 42.34 -6.51 -54.47
C ARG B 63 41.59 -6.65 -55.81
N LYS B 64 41.45 -5.51 -56.47
CA LYS B 64 40.78 -5.35 -57.76
C LYS B 64 41.54 -4.29 -58.59
N VAL B 65 41.34 -4.31 -59.90
CA VAL B 65 41.99 -3.36 -60.81
C VAL B 65 41.11 -2.97 -62.00
N LYS B 66 40.62 -1.74 -62.00
CA LYS B 66 39.94 -1.15 -63.16
C LYS B 66 40.93 -0.91 -64.29
N LEU B 67 40.61 -1.42 -65.48
CA LEU B 67 41.50 -1.39 -66.66
C LEU B 67 40.80 -0.76 -67.88
N ARG B 68 41.21 0.47 -68.23
CA ARG B 68 40.58 1.24 -69.31
C ARG B 68 41.18 0.88 -70.67
N VAL B 69 40.33 0.46 -71.61
CA VAL B 69 40.75 0.19 -72.99
C VAL B 69 41.16 1.49 -73.68
N ASP B 70 42.41 1.52 -74.18
CA ASP B 70 42.96 2.69 -74.87
C ASP B 70 43.07 2.43 -76.37
N GLU B 71 43.95 1.50 -76.74
CA GLU B 71 44.24 1.18 -78.14
C GLU B 71 43.62 -0.15 -78.54
N VAL B 72 42.96 -0.17 -79.69
CA VAL B 72 42.39 -1.38 -80.27
C VAL B 72 43.29 -1.76 -81.46
N GLN B 73 44.03 -2.85 -81.31
CA GLN B 73 45.03 -3.27 -82.30
C GLN B 73 44.91 -4.75 -82.67
N GLY B 74 44.31 -5.01 -83.84
CA GLY B 74 44.18 -6.37 -84.38
C GLY B 74 43.32 -7.25 -83.50
N LYS B 75 42.02 -6.92 -83.44
CA LYS B 75 41.04 -7.54 -82.52
C LYS B 75 41.35 -7.32 -81.03
N ASN B 76 42.50 -7.81 -80.58
CA ASN B 76 42.96 -7.63 -79.18
C ASN B 76 43.02 -6.15 -78.79
N LEU B 77 42.59 -5.85 -77.57
CA LEU B 77 42.44 -4.47 -77.09
C LEU B 77 43.30 -4.20 -75.86
N LEU B 78 44.20 -3.23 -75.99
CA LEU B 78 45.15 -2.87 -74.94
C LEU B 78 44.49 -1.98 -73.89
N THR B 79 44.70 -2.31 -72.62
CA THR B 79 44.14 -1.57 -71.50
C THR B 79 45.21 -0.92 -70.64
N ASN B 80 44.77 0.01 -69.78
CA ASN B 80 45.61 0.70 -68.81
C ASN B 80 44.91 0.75 -67.46
N PHE B 81 45.56 0.21 -66.43
CA PHE B 81 45.24 0.46 -65.00
C PHE B 81 44.59 1.82 -64.69
N HIS B 82 43.34 1.96 -65.12
CA HIS B 82 42.52 3.15 -64.87
C HIS B 82 42.28 3.33 -63.39
N GLY B 83 42.15 2.21 -62.68
CA GLY B 83 42.05 2.24 -61.23
C GLY B 83 42.53 0.98 -60.55
N MET B 84 42.78 1.11 -59.25
CA MET B 84 43.08 0.00 -58.36
C MET B 84 42.03 0.09 -57.27
N ASP B 85 41.61 -1.05 -56.72
CA ASP B 85 40.46 -1.07 -55.81
C ASP B 85 40.54 -2.20 -54.78
N PHE B 86 39.84 -1.99 -53.66
CA PHE B 86 39.46 -3.06 -52.74
C PHE B 86 37.97 -3.28 -52.92
N THR B 87 37.50 -4.53 -52.96
CA THR B 87 36.05 -4.79 -52.86
C THR B 87 35.62 -4.55 -51.42
N THR B 88 34.35 -4.19 -51.25
CA THR B 88 33.79 -3.85 -49.96
C THR B 88 34.08 -4.88 -48.87
N ASP B 89 33.90 -6.16 -49.22
CA ASP B 89 34.03 -7.27 -48.25
C ASP B 89 35.43 -7.49 -47.65
N LYS B 90 36.43 -6.74 -48.13
CA LYS B 90 37.80 -6.81 -47.63
C LYS B 90 38.05 -5.77 -46.53
N LEU B 91 37.86 -4.50 -46.86
CA LEU B 91 38.08 -3.41 -45.90
C LEU B 91 37.00 -3.34 -44.81
N ARG B 92 35.80 -3.85 -45.08
CA ARG B 92 34.72 -3.91 -44.09
C ARG B 92 35.06 -4.82 -42.91
N SER B 93 35.73 -5.93 -43.19
CA SER B 93 36.20 -6.86 -42.16
C SER B 93 37.32 -6.26 -41.31
N MET B 94 38.15 -5.42 -41.93
CA MET B 94 39.27 -4.77 -41.24
C MET B 94 38.83 -3.66 -40.29
N VAL B 95 37.75 -2.96 -40.65
CA VAL B 95 37.14 -1.99 -39.74
C VAL B 95 36.44 -2.76 -38.62
N ARG B 96 37.10 -2.81 -37.46
CA ARG B 96 36.51 -3.39 -36.26
C ARG B 96 36.46 -2.34 -35.16
N LYS B 97 35.47 -2.50 -34.28
CA LYS B 97 35.26 -1.59 -33.17
C LYS B 97 36.40 -1.75 -32.17
N TRP B 98 36.65 -0.71 -31.38
CA TRP B 98 37.65 -0.69 -30.31
C TRP B 98 39.10 -0.56 -30.82
N GLN B 99 39.26 0.17 -31.93
CA GLN B 99 40.57 0.54 -32.47
C GLN B 99 40.37 1.58 -33.59
N THR B 100 41.19 2.62 -33.58
CA THR B 100 41.04 3.74 -34.53
C THR B 100 41.56 3.39 -35.92
N LEU B 101 40.89 3.89 -36.95
CA LEU B 101 41.35 3.77 -38.33
C LEU B 101 41.87 5.12 -38.83
N ILE B 102 42.81 5.07 -39.76
CA ILE B 102 43.46 6.26 -40.32
C ILE B 102 43.42 6.20 -41.85
N GLU B 103 42.53 7.00 -42.45
CA GLU B 103 42.47 7.16 -43.90
C GLU B 103 43.45 8.26 -44.29
N ALA B 104 44.00 8.17 -45.49
CA ALA B 104 44.86 9.24 -46.03
C ALA B 104 44.76 9.34 -47.55
N ASN B 105 44.22 10.46 -48.03
CA ASN B 105 44.03 10.74 -49.46
C ASN B 105 45.13 11.67 -49.96
N VAL B 106 45.68 11.38 -51.14
CA VAL B 106 46.80 12.15 -51.70
C VAL B 106 46.67 12.34 -53.21
N THR B 107 46.49 13.60 -53.62
CA THR B 107 46.52 14.00 -55.02
C THR B 107 47.97 14.22 -55.45
N VAL B 108 48.34 13.68 -56.61
CA VAL B 108 49.72 13.70 -57.07
C VAL B 108 49.80 13.66 -58.60
N LYS B 109 50.37 14.73 -59.17
CA LYS B 109 50.78 14.75 -60.58
C LYS B 109 52.03 13.90 -60.72
N THR B 110 51.94 12.84 -61.52
CA THR B 110 53.11 12.02 -61.87
C THR B 110 54.05 12.83 -62.79
N SER B 111 55.14 12.21 -63.23
CA SER B 111 56.03 12.82 -64.24
C SER B 111 55.27 13.10 -65.54
N ASP B 112 54.38 12.19 -65.92
CA ASP B 112 53.44 12.40 -67.02
C ASP B 112 52.22 13.16 -66.48
N ASP B 113 51.44 13.75 -67.38
CA ASP B 113 50.23 14.48 -66.98
C ASP B 113 49.10 13.51 -66.57
N TYR B 114 49.26 12.92 -65.39
CA TYR B 114 48.30 11.96 -64.85
C TYR B 114 48.12 12.21 -63.35
N VAL B 115 47.09 13.00 -63.01
CA VAL B 115 46.80 13.35 -61.63
C VAL B 115 46.20 12.12 -60.95
N LEU B 116 47.03 11.43 -60.18
CA LEU B 116 46.60 10.26 -59.41
C LEU B 116 46.14 10.69 -58.02
N ARG B 117 44.96 10.22 -57.63
CA ARG B 117 44.52 10.25 -56.26
C ARG B 117 44.78 8.86 -55.70
N ILE B 118 45.59 8.77 -54.66
CA ILE B 118 45.95 7.49 -54.06
C ILE B 118 45.61 7.53 -52.57
N PHE B 119 44.88 6.51 -52.13
CA PHE B 119 44.36 6.44 -50.77
C PHE B 119 45.27 5.60 -49.92
N ALA B 120 45.04 5.63 -48.60
CA ALA B 120 45.83 4.82 -47.68
C ALA B 120 45.11 4.64 -46.35
N ILE B 121 44.55 3.45 -46.14
CA ILE B 121 43.95 3.07 -44.87
C ILE B 121 45.03 2.48 -43.98
N ALA B 122 44.94 2.75 -42.69
CA ALA B 122 45.88 2.23 -41.70
C ALA B 122 45.22 2.19 -40.32
N PHE B 123 45.02 0.98 -39.79
CA PHE B 123 44.37 0.79 -38.49
C PHE B 123 45.37 0.82 -37.35
N THR B 124 44.89 1.13 -36.15
CA THR B 124 45.72 1.19 -34.95
C THR B 124 45.79 -0.18 -34.27
N ARG B 125 46.95 -0.49 -33.69
CA ARG B 125 47.25 -1.85 -33.21
C ARG B 125 46.88 -2.07 -31.74
N LYS B 126 46.10 -3.12 -31.52
CA LYS B 126 46.06 -3.76 -30.20
C LYS B 126 47.43 -4.38 -29.96
N GLN B 127 48.23 -3.71 -29.14
CA GLN B 127 49.59 -4.17 -28.80
C GLN B 127 49.61 -5.56 -28.14
N ALA B 128 50.79 -6.15 -28.12
CA ALA B 128 51.06 -7.32 -27.27
C ALA B 128 51.02 -6.83 -25.82
N ASN B 129 50.44 -7.65 -24.94
CA ASN B 129 50.20 -7.34 -23.51
C ASN B 129 48.88 -6.60 -23.21
N GLN B 130 48.52 -5.65 -24.07
CA GLN B 130 47.36 -4.74 -23.87
C GLN B 130 46.18 -5.29 -23.07
N VAL B 131 45.78 -4.54 -22.05
CA VAL B 131 44.57 -4.82 -21.25
C VAL B 131 43.53 -3.70 -21.41
N LYS B 132 43.99 -2.45 -21.63
CA LYS B 132 43.15 -1.45 -22.30
C LYS B 132 42.47 -2.16 -23.47
N ARG B 133 41.14 -2.30 -23.37
CA ARG B 133 40.36 -2.96 -24.42
C ARG B 133 40.52 -2.20 -25.73
N THR B 134 40.48 -0.88 -25.63
CA THR B 134 40.70 0.02 -26.75
C THR B 134 42.19 0.08 -27.10
N SER B 135 42.46 0.51 -28.33
CA SER B 135 43.83 0.81 -28.76
C SER B 135 43.83 2.13 -29.54
N TYR B 136 43.16 3.13 -28.96
CA TYR B 136 42.96 4.41 -29.64
C TYR B 136 44.21 5.27 -29.55
N ALA B 137 44.66 5.74 -30.71
CA ALA B 137 45.72 6.72 -30.78
C ALA B 137 45.14 8.10 -30.50
N GLN B 138 45.97 9.00 -29.97
CA GLN B 138 45.55 10.39 -29.77
C GLN B 138 45.35 11.06 -31.12
N SER B 139 44.38 11.97 -31.15
CA SER B 139 43.97 12.70 -32.36
C SER B 139 45.20 13.28 -33.06
N SER B 140 46.03 13.92 -32.25
CA SER B 140 47.28 14.55 -32.72
C SER B 140 48.16 13.52 -33.41
N HIS B 141 48.30 12.38 -32.75
CA HIS B 141 49.10 11.27 -33.25
C HIS B 141 48.60 10.81 -34.62
N ILE B 142 47.28 10.67 -34.69
CA ILE B 142 46.59 10.25 -35.91
C ILE B 142 46.90 11.23 -37.05
N ARG B 143 46.80 12.51 -36.72
CA ARG B 143 47.06 13.60 -37.66
C ARG B 143 48.47 13.49 -38.21
N GLN B 144 49.40 13.28 -37.30
CA GLN B 144 50.82 13.16 -37.60
C GLN B 144 51.04 12.01 -38.59
N ILE B 145 50.40 10.89 -38.27
CA ILE B 145 50.49 9.67 -39.08
C ILE B 145 50.01 9.96 -40.50
N ARG B 146 48.87 10.64 -40.58
CA ARG B 146 48.24 11.01 -41.84
C ARG B 146 49.20 11.86 -42.67
N LYS B 147 49.81 12.82 -42.00
CA LYS B 147 50.77 13.74 -42.62
C LYS B 147 51.93 12.96 -43.22
N VAL B 148 52.43 12.03 -42.42
CA VAL B 148 53.55 11.16 -42.81
C VAL B 148 53.21 10.38 -44.07
N ILE B 149 52.00 9.82 -44.05
CA ILE B 149 51.48 9.03 -45.16
C ILE B 149 51.45 9.88 -46.44
N SER B 150 50.94 11.09 -46.28
CA SER B 150 50.82 12.05 -47.37
C SER B 150 52.20 12.32 -47.98
N GLU B 151 53.15 12.56 -47.08
CA GLU B 151 54.54 12.85 -47.46
C GLU B 151 55.11 11.70 -48.29
N ILE B 152 54.86 10.49 -47.79
CA ILE B 152 55.32 9.25 -48.43
C ILE B 152 54.77 9.17 -49.85
N LEU B 153 53.47 9.45 -49.95
CA LEU B 153 52.76 9.39 -51.22
C LEU B 153 53.38 10.39 -52.21
N THR B 154 53.64 11.58 -51.71
CA THR B 154 54.25 12.65 -52.50
C THR B 154 55.61 12.20 -53.04
N ARG B 155 56.39 11.59 -52.15
CA ARG B 155 57.71 11.08 -52.49
C ARG B 155 57.63 10.05 -53.61
N GLU B 156 56.76 9.05 -53.45
CA GLU B 156 56.79 7.82 -54.29
C GLU B 156 55.83 7.80 -55.47
N VAL B 157 54.76 8.58 -55.39
CA VAL B 157 54.01 9.01 -56.58
C VAL B 157 54.76 10.29 -56.97
N GLN B 158 54.31 11.06 -57.97
CA GLN B 158 55.12 12.10 -58.62
C GLN B 158 56.33 11.49 -59.34
N ASN B 159 57.22 10.88 -58.56
CA ASN B 159 58.40 10.20 -59.08
C ASN B 159 58.02 8.93 -59.83
N SER B 160 58.85 8.58 -60.82
CA SER B 160 58.83 7.27 -61.50
C SER B 160 57.71 7.05 -62.54
N THR B 161 57.12 8.13 -63.05
CA THR B 161 56.35 8.13 -64.32
C THR B 161 55.11 7.21 -64.40
N LEU B 162 54.42 7.02 -63.27
CA LEU B 162 53.09 6.35 -63.22
C LEU B 162 53.03 4.83 -63.46
N ALA B 163 53.69 4.30 -64.49
CA ALA B 163 53.73 2.85 -64.73
C ALA B 163 54.41 2.14 -63.55
N GLN B 164 55.57 2.71 -63.19
CA GLN B 164 56.41 2.17 -62.14
C GLN B 164 55.67 2.22 -60.80
N LEU B 165 54.90 3.30 -60.58
CA LEU B 165 54.10 3.52 -59.39
C LEU B 165 53.17 2.33 -59.18
N THR B 166 52.50 1.92 -60.27
CA THR B 166 51.55 0.81 -60.23
C THR B 166 52.25 -0.47 -59.75
N SER B 167 53.43 -0.70 -60.33
CA SER B 167 54.25 -1.86 -60.02
C SER B 167 54.60 -1.87 -58.53
N LYS B 168 55.00 -0.70 -58.05
CA LYS B 168 55.37 -0.51 -56.65
C LYS B 168 54.21 -0.87 -55.73
N LEU B 169 53.04 -0.35 -56.12
CA LEU B 169 51.78 -0.59 -55.39
C LEU B 169 51.51 -2.08 -55.29
N ILE B 170 51.66 -2.75 -56.42
CA ILE B 170 51.42 -4.18 -56.55
C ILE B 170 51.79 -5.06 -55.32
N PRO B 171 53.04 -5.07 -54.82
CA PRO B 171 53.35 -5.92 -53.65
C PRO B 171 53.58 -5.18 -52.31
N GLU B 172 52.85 -4.08 -52.09
CA GLU B 172 52.66 -3.46 -50.77
C GLU B 172 53.90 -2.80 -50.13
N VAL B 173 54.87 -2.52 -51.00
CA VAL B 173 56.13 -1.89 -50.61
C VAL B 173 55.85 -0.53 -49.96
N ILE B 174 54.98 0.23 -50.63
CA ILE B 174 54.58 1.56 -50.18
C ILE B 174 53.98 1.47 -48.77
N ASN B 175 53.09 0.50 -48.61
CA ASN B 175 52.39 0.24 -47.35
C ASN B 175 53.41 -0.02 -46.24
N LYS B 176 54.37 -0.88 -46.57
CA LYS B 176 55.44 -1.27 -45.65
C LYS B 176 56.21 -0.03 -45.19
N GLU B 177 56.55 0.80 -46.18
CA GLU B 177 57.29 2.03 -45.95
C GLU B 177 56.53 2.94 -44.97
N ILE B 178 55.23 3.06 -45.24
CA ILE B 178 54.32 3.87 -44.43
C ILE B 178 54.34 3.38 -42.98
N GLU B 179 54.24 2.07 -42.84
CA GLU B 179 54.24 1.40 -41.54
C GLU B 179 55.51 1.74 -40.78
N ASN B 180 56.62 1.63 -41.49
CA ASN B 180 57.95 1.89 -40.94
C ASN B 180 58.02 3.33 -40.41
N ALA B 181 57.52 4.24 -41.24
CA ALA B 181 57.48 5.67 -40.92
C ALA B 181 56.71 5.91 -39.64
N THR B 182 55.55 5.26 -39.57
CA THR B 182 54.66 5.36 -38.42
C THR B 182 55.35 4.88 -37.14
N LYS B 183 55.96 3.70 -37.14
CA LYS B 183 56.26 2.98 -35.87
C LYS B 183 56.68 3.81 -34.63
N ASP B 184 57.40 4.91 -34.86
CA ASP B 184 57.74 5.87 -33.80
C ASP B 184 56.52 6.61 -33.22
N ILE B 185 55.56 6.97 -34.06
CA ILE B 185 54.33 7.62 -33.60
C ILE B 185 53.44 6.61 -32.88
N PHE B 186 53.07 5.55 -33.60
CA PHE B 186 52.10 4.56 -33.14
C PHE B 186 52.28 3.26 -33.96
N PRO B 187 52.11 2.07 -33.33
CA PRO B 187 52.41 0.79 -34.02
C PRO B 187 51.68 0.49 -35.34
N LEU B 188 50.35 0.45 -35.30
CA LEU B 188 49.47 0.17 -36.46
C LEU B 188 49.42 -1.29 -36.93
N GLN B 189 48.27 -1.66 -37.51
CA GLN B 189 48.06 -2.94 -38.19
C GLN B 189 47.76 -2.69 -39.66
N ASN B 190 47.77 -3.77 -40.42
CA ASN B 190 47.31 -3.80 -41.81
C ASN B 190 48.05 -2.81 -42.73
N VAL B 191 47.58 -1.56 -42.79
CA VAL B 191 48.10 -0.53 -43.69
C VAL B 191 48.03 -0.94 -45.16
N HIS B 192 47.15 -0.29 -45.92
CA HIS B 192 46.95 -0.62 -47.33
C HIS B 192 46.80 0.63 -48.19
N ILE B 193 46.72 0.41 -49.51
CA ILE B 193 46.45 1.48 -50.48
C ILE B 193 44.95 1.62 -50.79
N ARG B 194 44.17 0.54 -50.65
CA ARG B 194 42.71 0.59 -50.77
C ARG B 194 42.22 0.88 -52.20
N LYS B 195 42.47 2.11 -52.66
CA LYS B 195 42.05 2.59 -53.98
C LYS B 195 43.16 3.34 -54.70
N VAL B 196 43.01 3.45 -56.01
CA VAL B 196 43.71 4.43 -56.84
C VAL B 196 42.74 5.02 -57.85
N LYS B 197 42.48 6.32 -57.73
CA LYS B 197 41.62 7.07 -58.64
C LYS B 197 42.50 7.97 -59.52
N LEU B 198 41.94 8.40 -60.65
CA LEU B 198 42.70 9.13 -61.68
C LEU B 198 41.87 10.30 -62.20
N LEU B 199 42.48 11.49 -62.33
CA LEU B 199 41.80 12.65 -62.93
C LEU B 199 42.22 12.90 -64.39
N LYS B 200 43.27 13.71 -64.59
CA LYS B 200 43.63 14.19 -65.92
C LYS B 200 44.44 13.17 -66.71
N GLN B 201 44.52 13.39 -68.01
CA GLN B 201 45.32 12.56 -68.92
C GLN B 201 45.51 13.31 -70.25
N PRO B 202 46.72 13.25 -70.83
CA PRO B 202 47.06 14.09 -71.97
C PRO B 202 46.54 13.48 -73.29
N LYS B 203 47.16 13.80 -74.43
CA LYS B 203 47.00 13.00 -75.64
C LYS B 203 47.30 11.53 -75.34
N PHE B 204 46.68 10.63 -76.12
CA PHE B 204 46.72 9.19 -75.83
C PHE B 204 48.12 8.60 -75.61
N ASP B 205 49.12 9.16 -76.30
CA ASP B 205 50.53 8.73 -76.19
C ASP B 205 50.65 7.25 -76.55
N LEU B 206 50.63 7.00 -77.86
CA LEU B 206 50.40 5.67 -78.42
C LEU B 206 51.66 4.83 -78.34
N GLY B 207 52.77 5.46 -78.74
CA GLY B 207 54.09 4.85 -78.72
C GLY B 207 54.44 4.38 -77.33
N SER B 208 54.22 5.28 -76.37
CA SER B 208 54.49 5.03 -74.96
C SER B 208 53.71 3.80 -74.47
N LEU B 209 52.43 3.79 -74.86
CA LEU B 209 51.51 2.70 -74.50
C LEU B 209 52.05 1.37 -75.02
N LEU B 210 52.47 1.41 -76.28
CA LEU B 210 53.01 0.24 -76.97
C LEU B 210 54.23 -0.29 -76.22
N SER B 211 55.10 0.64 -75.83
CA SER B 211 56.32 0.33 -75.10
C SER B 211 55.99 -0.38 -73.80
N LEU B 212 54.77 -0.32 -73.25
CA LEU B 212 54.40 -1.28 -72.18
C LEU B 212 54.39 -2.74 -72.67
N HIS B 213 53.70 -2.98 -73.79
CA HIS B 213 53.48 -4.34 -74.31
C HIS B 213 54.61 -4.80 -75.24
N GLY B 214 55.37 -5.80 -74.81
CA GLY B 214 56.45 -6.34 -75.63
C GLY B 214 57.13 -7.56 -75.02
N GLY C 1 0.44 -24.02 31.64
CA GLY C 1 1.11 -24.24 30.32
C GLY C 1 2.18 -23.23 30.00
N TRP C 2 3.38 -23.46 30.52
CA TRP C 2 4.53 -22.57 30.33
C TRP C 2 5.50 -23.15 29.28
N VAL C 3 6.58 -23.81 29.70
CA VAL C 3 7.62 -24.38 28.81
C VAL C 3 8.32 -23.34 27.91
N PRO C 4 9.63 -23.05 28.17
CA PRO C 4 10.34 -22.10 27.33
C PRO C 4 11.29 -22.73 26.32
N VAL C 5 11.34 -22.13 25.13
CA VAL C 5 12.52 -22.17 24.25
C VAL C 5 13.28 -20.90 24.67
N THR C 6 14.45 -20.65 24.07
CA THR C 6 15.30 -19.49 24.41
C THR C 6 15.93 -19.61 25.81
N LYS C 7 17.26 -19.70 25.82
CA LYS C 7 18.12 -19.74 27.00
C LYS C 7 17.64 -18.72 28.02
N LEU C 8 17.38 -17.51 27.52
CA LEU C 8 16.92 -16.39 28.34
C LEU C 8 15.62 -16.77 29.05
N GLY C 9 14.71 -17.34 28.26
CA GLY C 9 13.40 -17.78 28.75
C GLY C 9 13.57 -18.77 29.90
N ARG C 10 14.46 -19.72 29.66
CA ARG C 10 14.77 -20.78 30.63
C ARG C 10 15.25 -20.16 31.94
N LEU C 11 16.16 -19.21 31.79
CA LEU C 11 16.76 -18.49 32.91
C LEU C 11 15.67 -17.81 33.74
N VAL C 12 14.78 -17.13 33.01
CA VAL C 12 13.66 -16.41 33.60
C VAL C 12 12.79 -17.36 34.43
N LYS C 13 12.51 -18.51 33.82
CA LYS C 13 11.70 -19.56 34.45
C LYS C 13 12.34 -20.01 35.76
N ALA C 14 13.64 -20.24 35.68
CA ALA C 14 14.44 -20.67 36.83
C ALA C 14 14.32 -19.66 37.97
N GLY C 15 14.41 -18.37 37.62
CA GLY C 15 14.27 -17.26 38.57
C GLY C 15 15.58 -16.65 39.00
N LYS C 16 16.49 -16.46 38.05
CA LYS C 16 17.78 -15.81 38.27
C LYS C 16 17.91 -14.45 37.58
N ILE C 17 17.04 -14.17 36.61
CA ILE C 17 16.84 -12.81 36.11
C ILE C 17 15.69 -12.21 36.92
N SER C 18 16.00 -11.15 37.69
CA SER C 18 15.04 -10.55 38.61
C SER C 18 14.02 -9.67 37.89
N SER C 19 14.54 -8.66 37.18
CA SER C 19 13.72 -7.66 36.47
C SER C 19 14.18 -7.47 35.03
N ILE C 20 13.37 -6.79 34.24
CA ILE C 20 13.72 -6.51 32.80
C ILE C 20 14.91 -5.55 32.62
N GLU C 21 15.28 -4.88 33.71
CA GLU C 21 16.38 -3.94 33.73
C GLU C 21 17.67 -4.63 33.27
N GLU C 22 17.89 -5.82 33.84
CA GLU C 22 19.07 -6.63 33.53
C GLU C 22 19.13 -6.94 32.04
N ILE C 23 17.97 -7.35 31.52
CA ILE C 23 17.80 -7.69 30.11
C ILE C 23 18.19 -6.50 29.23
N PHE C 24 17.66 -5.34 29.62
CA PHE C 24 17.89 -4.09 28.91
C PHE C 24 19.38 -3.78 28.87
N LEU C 25 20.02 -3.95 30.02
CA LEU C 25 21.46 -3.72 30.19
C LEU C 25 22.25 -4.60 29.21
N HIS C 26 21.89 -5.88 29.12
CA HIS C 26 22.60 -6.79 28.21
C HIS C 26 21.90 -6.97 26.86
N SER C 27 21.07 -5.99 26.50
CA SER C 27 20.29 -5.94 25.26
C SER C 27 19.83 -7.29 24.72
N LEU C 28 19.33 -8.12 25.62
CA LEU C 28 19.02 -9.51 25.29
C LEU C 28 17.69 -9.59 24.56
N PRO C 29 17.64 -10.35 23.45
CA PRO C 29 16.39 -10.47 22.70
C PRO C 29 15.34 -11.33 23.42
N VAL C 30 14.08 -10.95 23.28
CA VAL C 30 12.97 -11.61 23.95
C VAL C 30 11.94 -12.04 22.90
N LYS C 31 12.29 -13.09 22.17
CA LYS C 31 11.44 -13.67 21.12
C LYS C 31 10.21 -14.32 21.73
N GLU C 32 10.38 -14.95 22.88
CA GLU C 32 9.25 -15.40 23.70
C GLU C 32 8.60 -14.22 24.42
N PHE C 33 7.30 -14.35 24.69
CA PHE C 33 6.47 -13.25 25.20
C PHE C 33 6.22 -13.30 26.71
N GLN C 34 6.08 -14.51 27.25
CA GLN C 34 5.71 -14.76 28.65
C GLN C 34 6.69 -14.20 29.67
N ILE C 35 7.94 -14.12 29.26
CA ILE C 35 9.03 -13.62 30.10
C ILE C 35 8.71 -12.22 30.61
N ILE C 36 8.28 -11.38 29.67
CA ILE C 36 7.94 -10.00 29.94
C ILE C 36 6.83 -9.93 30.99
N ASP C 37 5.82 -10.77 30.78
CA ASP C 37 4.66 -10.86 31.68
C ASP C 37 5.12 -11.21 33.09
N GLN C 38 6.00 -12.20 33.15
CA GLN C 38 6.57 -12.70 34.41
C GLN C 38 7.28 -11.56 35.15
N LEU C 39 8.07 -10.82 34.38
CA LEU C 39 8.85 -9.73 34.91
C LEU C 39 7.93 -8.63 35.47
N LEU C 40 7.04 -8.17 34.59
CA LEU C 40 6.19 -7.01 34.81
C LEU C 40 4.73 -7.45 34.87
N PRO C 41 4.15 -7.49 36.07
CA PRO C 41 2.75 -7.87 36.20
C PRO C 41 1.74 -6.74 35.92
N ASN C 42 2.25 -5.50 35.79
CA ASN C 42 1.38 -4.31 35.70
C ASN C 42 1.21 -3.79 34.26
N LEU C 43 1.16 -4.71 33.30
CA LEU C 43 1.03 -4.31 31.89
C LEU C 43 -0.40 -3.95 31.52
N LYS C 44 -0.64 -2.65 31.37
CA LYS C 44 -1.91 -2.15 30.84
C LYS C 44 -1.79 -2.13 29.33
N ASP C 45 -2.66 -2.90 28.68
CA ASP C 45 -2.71 -3.04 27.23
C ASP C 45 -3.91 -2.26 26.71
N GLU C 46 -3.66 -1.27 25.87
CA GLU C 46 -4.70 -0.40 25.32
C GLU C 46 -4.63 -0.40 23.80
N VAL C 47 -5.76 -0.73 23.17
CA VAL C 47 -5.88 -0.79 21.72
C VAL C 47 -6.12 0.63 21.22
N MET C 48 -5.27 1.09 20.31
CA MET C 48 -5.32 2.46 19.81
C MET C 48 -6.33 2.60 18.68
N ASN C 49 -6.14 1.81 17.63
CA ASN C 49 -7.10 1.73 16.54
C ASN C 49 -6.98 0.43 15.77
N ILE C 50 -7.98 0.17 14.93
CA ILE C 50 -7.98 -0.98 14.05
C ILE C 50 -8.47 -0.52 12.67
N LYS C 51 -7.54 -0.45 11.71
CA LYS C 51 -7.89 -0.23 10.31
C LYS C 51 -8.36 -1.56 9.74
N PRO C 52 -9.49 -1.57 9.01
CA PRO C 52 -9.72 -2.65 8.07
C PRO C 52 -8.83 -2.43 6.84
N VAL C 53 -8.36 -3.52 6.25
CA VAL C 53 -7.29 -3.47 5.27
C VAL C 53 -7.56 -4.55 4.23
N GLN C 54 -7.54 -4.17 2.95
CA GLN C 54 -8.03 -5.05 1.88
C GLN C 54 -7.09 -5.22 0.69
N LYS C 55 -6.54 -6.42 0.55
CA LYS C 55 -5.94 -6.88 -0.70
C LYS C 55 -7.08 -7.08 -1.70
N GLN C 56 -6.84 -6.75 -2.97
CA GLN C 56 -7.85 -6.89 -4.02
C GLN C 56 -7.60 -8.19 -4.80
N THR C 57 -8.68 -8.92 -5.09
CA THR C 57 -8.61 -10.29 -5.61
C THR C 57 -9.43 -10.40 -6.90
N ARG C 58 -9.17 -11.46 -7.68
CA ARG C 58 -9.99 -11.79 -8.87
C ARG C 58 -11.49 -11.78 -8.61
N ALA C 59 -11.89 -12.14 -7.39
CA ALA C 59 -13.25 -11.98 -6.91
C ALA C 59 -13.23 -11.40 -5.50
N GLY C 60 -13.74 -10.17 -5.35
CA GLY C 60 -13.84 -9.51 -4.05
C GLY C 60 -12.51 -9.03 -3.50
N GLN C 61 -12.41 -9.00 -2.18
CA GLN C 61 -11.21 -8.49 -1.46
C GLN C 61 -10.98 -9.19 -0.12
N ARG C 62 -9.72 -9.17 0.32
CA ARG C 62 -9.27 -9.86 1.54
C ARG C 62 -9.24 -8.91 2.73
N THR C 63 -10.37 -8.79 3.43
CA THR C 63 -10.47 -7.96 4.62
C THR C 63 -9.67 -8.53 5.80
N ARG C 64 -8.68 -7.78 6.24
CA ARG C 64 -7.90 -8.07 7.46
C ARG C 64 -7.92 -6.82 8.33
N PHE C 65 -7.39 -6.91 9.53
CA PHE C 65 -7.55 -5.84 10.53
C PHE C 65 -6.25 -5.44 11.24
N LYS C 66 -5.67 -4.32 10.81
CA LYS C 66 -4.38 -3.86 11.35
C LYS C 66 -4.60 -3.19 12.72
N ALA C 67 -4.64 -4.04 13.76
CA ALA C 67 -4.87 -3.59 15.13
C ALA C 67 -3.58 -3.04 15.75
N VAL C 68 -3.62 -1.79 16.19
CA VAL C 68 -2.50 -1.15 16.87
C VAL C 68 -2.74 -1.20 18.36
N VAL C 69 -1.74 -1.69 19.11
CA VAL C 69 -1.83 -1.79 20.57
C VAL C 69 -0.64 -1.12 21.24
N VAL C 70 -0.93 -0.34 22.28
CA VAL C 70 0.12 0.23 23.15
C VAL C 70 0.03 -0.40 24.53
N VAL C 71 1.17 -0.79 25.07
CA VAL C 71 1.26 -1.51 26.34
C VAL C 71 2.15 -0.72 27.27
N GLY C 72 1.79 -0.65 28.55
CA GLY C 72 2.62 0.03 29.53
C GLY C 72 2.28 -0.25 30.98
N ASP C 73 2.54 0.75 31.83
CA ASP C 73 2.39 0.63 33.29
C ASP C 73 2.41 2.06 33.87
N SER C 74 3.28 2.36 34.84
CA SER C 74 3.72 3.76 35.08
C SER C 74 5.18 3.83 35.57
N ASN C 75 5.96 2.79 35.25
CA ASN C 75 7.33 2.65 35.72
C ASN C 75 8.32 3.36 34.81
N GLY C 76 7.98 3.50 33.53
CA GLY C 76 8.94 3.88 32.49
C GLY C 76 9.23 2.78 31.48
N HIS C 77 8.20 1.99 31.15
CA HIS C 77 8.28 0.99 30.08
C HIS C 77 7.10 1.17 29.14
N VAL C 78 7.33 0.99 27.84
CA VAL C 78 6.26 0.95 26.84
C VAL C 78 6.49 -0.11 25.79
N GLY C 79 5.40 -0.59 25.20
CA GLY C 79 5.46 -1.46 24.04
C GLY C 79 4.47 -0.99 22.99
N LEU C 80 4.87 -1.01 21.73
CA LEU C 80 3.97 -0.74 20.61
C LEU C 80 3.92 -1.99 19.75
N GLY C 81 2.70 -2.50 19.53
CA GLY C 81 2.51 -3.71 18.76
C GLY C 81 1.49 -3.53 17.66
N ILE C 82 1.91 -3.85 16.44
CA ILE C 82 1.04 -3.81 15.26
C ILE C 82 0.93 -5.21 14.69
N LYS C 83 -0.30 -5.68 14.49
CA LYS C 83 -0.55 -6.89 13.71
C LYS C 83 -1.83 -6.74 12.91
N THR C 84 -1.84 -7.40 11.75
CA THR C 84 -2.99 -7.41 10.84
C THR C 84 -3.39 -8.87 10.56
N ALA C 85 -4.48 -9.29 11.20
CA ALA C 85 -5.08 -10.61 10.95
C ALA C 85 -6.58 -10.46 10.67
N LYS C 86 -7.20 -11.55 10.23
CA LYS C 86 -8.61 -11.54 9.81
C LYS C 86 -9.59 -11.62 10.98
N GLU C 87 -9.35 -12.50 11.94
CA GLU C 87 -10.14 -12.54 13.18
C GLU C 87 -9.66 -11.38 14.04
N VAL C 88 -10.61 -10.59 14.58
CA VAL C 88 -10.24 -9.29 15.12
C VAL C 88 -9.57 -9.46 16.48
N ALA C 89 -10.21 -10.28 17.31
CA ALA C 89 -9.74 -10.57 18.66
C ALA C 89 -8.33 -11.16 18.61
N GLY C 90 -8.16 -12.11 17.70
CA GLY C 90 -6.90 -12.81 17.49
C GLY C 90 -5.80 -11.79 17.13
N ALA C 91 -6.16 -10.92 16.20
CA ALA C 91 -5.26 -9.85 15.72
C ALA C 91 -4.81 -8.99 16.88
N ILE C 92 -5.78 -8.60 17.70
CA ILE C 92 -5.54 -7.76 18.88
C ILE C 92 -4.54 -8.44 19.81
N ARG C 93 -4.80 -9.73 20.04
CA ARG C 93 -3.95 -10.55 20.91
C ARG C 93 -2.50 -10.55 20.41
N ALA C 94 -2.39 -10.76 19.10
CA ALA C 94 -1.10 -10.80 18.41
C ALA C 94 -0.35 -9.48 18.62
N GLY C 95 -1.09 -8.39 18.44
CA GLY C 95 -0.56 -7.04 18.60
C GLY C 95 -0.01 -6.85 20.00
N ILE C 96 -0.82 -7.29 20.97
CA ILE C 96 -0.47 -7.20 22.40
C ILE C 96 0.84 -7.93 22.66
N ILE C 97 0.92 -9.14 22.10
CA ILE C 97 2.09 -10.00 22.24
C ILE C 97 3.33 -9.29 21.71
N ILE C 98 3.16 -8.71 20.53
CA ILE C 98 4.23 -7.98 19.85
C ILE C 98 4.74 -6.84 20.73
N ALA C 99 3.78 -6.10 21.29
CA ALA C 99 4.05 -4.97 22.17
C ALA C 99 4.89 -5.42 23.36
N LYS C 100 4.45 -6.54 23.95
CA LYS C 100 5.11 -7.13 25.10
C LYS C 100 6.56 -7.47 24.77
N LEU C 101 6.73 -8.08 23.61
CA LEU C 101 8.05 -8.48 23.10
C LEU C 101 8.95 -7.26 23.00
N SER C 102 8.39 -6.21 22.41
CA SER C 102 9.10 -4.95 22.21
C SER C 102 9.57 -4.37 23.54
N VAL C 103 8.65 -4.36 24.52
CA VAL C 103 8.71 -3.47 25.71
C VAL C 103 10.08 -2.88 26.03
N ILE C 104 10.15 -1.56 26.05
CA ILE C 104 11.41 -0.81 25.95
C ILE C 104 11.44 0.25 27.06
N PRO C 105 12.60 0.46 27.72
CA PRO C 105 12.63 1.41 28.84
C PRO C 105 12.69 2.87 28.42
N ILE C 106 12.35 3.76 29.36
CA ILE C 106 12.32 5.20 29.10
C ILE C 106 13.08 5.95 30.19
N ARG C 107 14.05 6.77 29.78
CA ARG C 107 14.78 7.61 30.71
C ARG C 107 13.90 8.80 31.06
N ARG C 108 13.40 8.81 32.29
CA ARG C 108 12.55 9.89 32.78
C ARG C 108 13.42 10.83 33.62
N GLY C 109 13.50 12.08 33.18
CA GLY C 109 14.38 13.09 33.77
C GLY C 109 13.64 14.28 34.35
N TYR C 110 14.40 15.33 34.66
CA TYR C 110 13.89 16.46 35.42
C TYR C 110 13.76 17.74 34.60
N TRP C 111 12.53 18.01 34.20
CA TRP C 111 12.04 19.37 33.92
C TRP C 111 13.06 20.51 34.15
N GLY C 112 13.45 20.66 35.40
CA GLY C 112 14.42 21.67 35.84
C GLY C 112 14.50 21.59 37.36
N THR C 113 15.69 21.29 37.87
CA THR C 113 15.92 20.96 39.31
C THR C 113 15.34 19.58 39.67
N ASN C 114 16.01 18.89 40.59
CA ASN C 114 15.66 17.51 40.92
C ASN C 114 14.43 17.44 41.83
N LEU C 115 14.57 18.01 43.03
CA LEU C 115 13.48 18.09 44.03
C LEU C 115 12.73 16.78 44.34
N GLY C 116 11.81 16.38 43.46
CA GLY C 116 10.96 15.21 43.67
C GLY C 116 11.35 14.09 42.73
N GLN C 117 10.40 13.20 42.43
CA GLN C 117 10.64 12.08 41.50
C GLN C 117 10.43 12.53 40.04
N PRO C 118 11.15 11.91 39.09
CA PRO C 118 11.12 12.38 37.71
C PRO C 118 9.97 11.78 36.89
N HIS C 119 9.20 12.64 36.24
CA HIS C 119 8.09 12.22 35.36
C HIS C 119 7.92 13.15 34.13
N SER C 120 9.06 13.57 33.58
CA SER C 120 9.14 14.10 32.22
C SER C 120 10.27 13.35 31.55
N LEU C 121 10.51 13.64 30.27
CA LEU C 121 11.66 13.09 29.57
C LEU C 121 12.88 13.93 29.94
N ALA C 122 14.07 13.37 29.72
CA ALA C 122 15.32 14.03 30.13
C ALA C 122 15.70 15.13 29.15
N THR C 123 15.82 14.75 27.89
CA THR C 123 16.26 15.63 26.82
C THR C 123 15.18 15.82 25.78
N LYS C 124 15.33 16.86 24.96
CA LYS C 124 14.55 16.99 23.73
C LYS C 124 14.91 15.84 22.81
N THR C 125 14.02 14.87 22.71
CA THR C 125 14.19 13.70 21.84
C THR C 125 13.10 13.69 20.79
N SER C 126 13.45 13.14 19.62
CA SER C 126 12.51 13.05 18.51
C SER C 126 12.63 11.72 17.81
N GLY C 127 11.58 11.36 17.08
CA GLY C 127 11.56 10.12 16.28
C GLY C 127 11.08 10.41 14.89
N LYS C 128 11.00 9.36 14.07
CA LYS C 128 10.57 9.49 12.69
C LYS C 128 10.10 8.16 12.09
N CYS C 129 9.00 8.22 11.34
CA CYS C 129 8.45 7.07 10.62
C CYS C 129 7.57 7.54 9.48
N GLY C 130 7.98 7.24 8.25
CA GLY C 130 7.34 7.77 7.06
C GLY C 130 7.46 9.28 7.05
N SER C 131 6.32 9.95 6.98
CA SER C 131 6.26 11.40 7.17
C SER C 131 5.49 11.67 8.45
N VAL C 132 6.04 11.19 9.56
CA VAL C 132 5.69 11.67 10.88
C VAL C 132 6.96 11.86 11.68
N SER C 133 7.17 13.08 12.14
CA SER C 133 8.19 13.37 13.15
C SER C 133 7.46 13.76 14.42
N VAL C 134 7.53 12.88 15.41
CA VAL C 134 7.11 13.22 16.77
C VAL C 134 8.35 13.70 17.52
N ARG C 135 8.27 14.92 18.02
CA ARG C 135 9.29 15.55 18.83
C ARG C 135 8.70 15.70 20.21
N LEU C 136 9.39 15.15 21.21
CA LEU C 136 8.97 15.24 22.60
C LEU C 136 9.93 16.15 23.35
N ILE C 137 9.44 17.35 23.71
CA ILE C 137 10.20 18.30 24.51
C ILE C 137 9.80 18.12 25.97
N PRO C 138 10.79 18.08 26.89
CA PRO C 138 10.45 17.91 28.30
C PRO C 138 9.71 19.12 28.87
N ALA C 139 8.66 18.83 29.63
CA ALA C 139 7.78 19.84 30.18
C ALA C 139 8.31 20.34 31.53
N PRO C 140 7.57 21.26 32.18
CA PRO C 140 7.66 21.44 33.63
C PRO C 140 6.69 20.51 34.36
N ARG C 141 6.59 20.67 35.67
CA ARG C 141 5.68 19.87 36.51
C ARG C 141 4.22 20.29 36.35
N GLY C 142 3.31 19.36 36.56
CA GLY C 142 1.87 19.62 36.48
C GLY C 142 1.30 20.10 35.15
N SER C 143 2.17 20.33 34.16
CA SER C 143 1.77 20.95 32.90
C SER C 143 1.14 19.93 31.94
N GLY C 144 1.23 18.66 32.30
CA GLY C 144 0.48 17.62 31.62
C GLY C 144 1.12 17.09 30.37
N ILE C 145 0.41 16.16 29.74
CA ILE C 145 0.82 15.55 28.50
C ILE C 145 0.19 16.33 27.36
N VAL C 146 0.97 17.24 26.79
CA VAL C 146 0.51 18.11 25.73
C VAL C 146 0.76 17.39 24.40
N ALA C 147 -0.23 16.63 23.94
CA ALA C 147 -0.04 15.74 22.79
C ALA C 147 -1.32 15.33 22.07
N SER C 148 -1.13 14.82 20.85
CA SER C 148 -2.18 14.12 20.11
C SER C 148 -2.73 12.96 20.94
N PRO C 149 -4.01 12.57 20.74
CA PRO C 149 -4.65 11.75 21.77
C PRO C 149 -3.89 10.44 21.98
N ALA C 150 -3.57 9.79 20.87
CA ALA C 150 -2.83 8.53 20.87
C ALA C 150 -1.49 8.71 21.57
N VAL C 151 -0.81 9.78 21.19
CA VAL C 151 0.51 10.12 21.74
C VAL C 151 0.41 10.29 23.27
N LYS C 152 -0.62 11.02 23.67
CA LYS C 152 -0.89 11.29 25.08
C LYS C 152 -1.06 9.98 25.85
N LYS C 153 -1.86 9.10 25.25
CA LYS C 153 -2.15 7.78 25.81
C LYS C 153 -0.85 7.00 26.02
N LEU C 154 -0.02 7.03 24.99
CA LEU C 154 1.27 6.34 24.98
C LEU C 154 2.13 6.84 26.15
N MET C 155 2.17 8.17 26.27
CA MET C 155 2.93 8.85 27.31
C MET C 155 2.47 8.39 28.69
N GLN C 156 1.15 8.34 28.85
CA GLN C 156 0.51 7.92 30.09
C GLN C 156 0.95 6.49 30.45
N LEU C 157 0.91 5.64 29.44
CA LEU C 157 1.28 4.24 29.58
C LEU C 157 2.73 4.12 30.05
N ALA C 158 3.58 4.91 29.42
CA ALA C 158 5.02 4.98 29.76
C ALA C 158 5.20 5.33 31.23
N GLY C 159 4.45 6.30 31.72
CA GLY C 159 4.64 6.84 33.06
C GLY C 159 5.30 8.21 33.03
N VAL C 160 5.43 8.78 31.82
CA VAL C 160 5.73 10.19 31.66
C VAL C 160 4.48 10.91 32.11
N GLU C 161 4.63 11.80 33.09
CA GLU C 161 3.51 12.53 33.68
C GLU C 161 3.32 13.88 33.00
N ASP C 162 4.42 14.56 32.66
CA ASP C 162 4.33 15.87 31.98
C ASP C 162 5.30 15.96 30.78
N VAL C 163 4.79 16.39 29.63
CA VAL C 163 5.61 16.46 28.40
C VAL C 163 4.97 17.35 27.33
N TYR C 164 5.80 18.03 26.54
CA TYR C 164 5.34 18.76 25.34
C TYR C 164 5.66 17.96 24.10
N THR C 165 4.80 18.04 23.07
CA THR C 165 5.09 17.39 21.78
C THR C 165 5.08 18.40 20.64
N SER C 166 5.53 17.94 19.47
CA SER C 166 5.38 18.69 18.21
C SER C 166 5.31 17.72 17.04
N SER C 167 4.17 17.02 16.94
CA SER C 167 3.97 15.99 15.93
C SER C 167 3.73 16.63 14.56
N THR C 168 4.65 16.38 13.62
CA THR C 168 4.65 17.06 12.32
C THR C 168 4.77 16.08 11.16
N GLY C 169 4.28 16.50 10.00
CA GLY C 169 3.98 15.60 8.90
C GLY C 169 2.56 15.09 9.09
N SER C 170 2.20 14.00 8.41
CA SER C 170 0.82 13.49 8.48
C SER C 170 0.61 12.67 9.74
N THR C 171 0.17 13.34 10.80
CA THR C 171 -0.09 12.70 12.09
C THR C 171 -1.28 11.72 12.05
N ARG C 172 -2.22 11.93 11.13
CA ARG C 172 -3.41 11.09 11.05
C ARG C 172 -3.14 9.66 10.54
N THR C 173 -1.98 9.43 9.95
CA THR C 173 -1.46 8.06 9.79
C THR C 173 -1.05 7.61 11.20
N LEU C 174 -2.05 7.14 11.94
CA LEU C 174 -2.02 7.05 13.41
C LEU C 174 -0.94 6.09 13.86
N GLU C 175 -0.91 4.94 13.21
CA GLU C 175 0.07 3.88 13.46
C GLU C 175 1.49 4.42 13.31
N ASN C 176 1.67 5.12 12.20
CA ASN C 176 2.97 5.72 11.85
C ASN C 176 3.42 6.67 12.96
N THR C 177 2.48 7.50 13.38
CA THR C 177 2.69 8.49 14.44
C THR C 177 3.16 7.80 15.72
N LEU C 178 2.44 6.74 16.05
CA LEU C 178 2.71 5.95 17.25
C LEU C 178 4.13 5.40 17.19
N LYS C 179 4.48 4.86 16.03
CA LYS C 179 5.80 4.29 15.78
C LYS C 179 6.88 5.33 16.02
N ALA C 180 6.63 6.52 15.46
CA ALA C 180 7.55 7.65 15.57
C ALA C 180 7.78 8.00 17.04
N ALA C 181 6.67 8.05 17.78
CA ALA C 181 6.68 8.37 19.19
C ALA C 181 7.54 7.37 19.96
N PHE C 182 7.32 6.10 19.63
CA PHE C 182 8.05 4.98 20.23
C PHE C 182 9.55 5.15 20.00
N VAL C 183 9.90 5.47 18.76
CA VAL C 183 11.28 5.67 18.33
C VAL C 183 11.91 6.78 19.16
N ALA C 184 11.17 7.87 19.30
CA ALA C 184 11.60 9.04 20.06
C ALA C 184 11.92 8.65 21.50
N ILE C 185 10.99 7.88 22.07
CA ILE C 185 11.10 7.41 23.44
C ILE C 185 12.38 6.58 23.61
N GLY C 186 12.60 5.70 22.66
CA GLY C 186 13.77 4.82 22.63
C GLY C 186 15.05 5.65 22.63
N ASN C 187 15.05 6.66 21.77
CA ASN C 187 16.17 7.60 21.63
C ASN C 187 16.49 8.24 22.97
N THR C 188 15.54 8.48 23.88
CA THR C 188 15.92 8.93 25.26
C THR C 188 17.14 8.19 25.85
N TYR C 189 17.05 6.86 25.98
CA TYR C 189 18.22 6.04 26.35
C TYR C 189 19.04 5.76 25.10
N GLY C 190 20.14 6.49 24.96
CA GLY C 190 20.88 6.57 23.70
C GLY C 190 21.49 7.95 23.57
N PHE C 191 20.71 8.97 23.91
CA PHE C 191 21.21 10.34 24.01
C PHE C 191 22.13 10.40 25.22
N LEU C 192 23.42 10.63 24.97
CA LEU C 192 24.43 10.74 26.03
C LEU C 192 24.30 12.06 26.77
N THR C 193 24.40 11.99 28.09
CA THR C 193 24.41 13.17 28.94
C THR C 193 25.76 13.26 29.65
N PRO C 194 26.04 14.40 30.31
CA PRO C 194 27.20 14.49 31.21
C PRO C 194 27.06 13.68 32.49
N ASN C 195 25.84 13.24 32.80
CA ASN C 195 25.60 12.32 33.90
C ASN C 195 26.22 10.94 33.64
N LEU C 196 26.21 10.51 32.37
CA LEU C 196 26.78 9.23 31.96
C LEU C 196 28.18 9.30 31.32
N TRP C 197 28.90 10.42 31.47
CA TRP C 197 30.31 10.46 31.04
C TRP C 197 31.12 9.39 31.79
N GLU C 198 30.92 9.33 33.10
CA GLU C 198 31.62 8.38 33.98
C GLU C 198 31.57 6.94 33.47
N VAL C 199 32.70 6.25 33.59
CA VAL C 199 32.88 4.95 32.94
C VAL C 199 32.28 3.86 33.82
N GLN C 200 31.62 2.89 33.18
CA GLN C 200 31.03 1.74 33.86
C GLN C 200 31.89 0.49 33.70
N ALA C 201 31.61 -0.50 34.55
CA ALA C 201 32.47 -1.68 34.70
C ALA C 201 32.35 -2.74 33.59
N LEU C 202 31.24 -2.74 32.86
CA LEU C 202 30.82 -3.87 32.00
C LEU C 202 30.65 -5.14 32.83
N THR C 203 29.44 -5.35 33.34
CA THR C 203 29.10 -6.53 34.13
C THR C 203 28.99 -7.76 33.22
N PRO C 204 29.29 -8.96 33.74
CA PRO C 204 28.97 -10.19 32.98
C PRO C 204 27.46 -10.41 32.90
N SER C 205 26.99 -10.90 31.76
CA SER C 205 25.55 -11.09 31.54
C SER C 205 25.03 -12.32 32.31
N PRO C 206 23.71 -12.38 32.56
CA PRO C 206 23.12 -13.61 33.10
C PRO C 206 23.32 -14.82 32.20
N MET C 207 23.31 -14.59 30.89
CA MET C 207 23.48 -15.65 29.89
C MET C 207 24.85 -16.31 30.02
N ASP C 208 25.87 -15.52 30.25
CA ASP C 208 27.23 -16.02 30.53
C ASP C 208 27.33 -16.69 31.90
N VAL C 209 26.84 -16.01 32.93
CA VAL C 209 27.01 -16.44 34.33
C VAL C 209 26.21 -17.71 34.65
N TYR C 210 24.91 -17.66 34.39
CA TYR C 210 24.00 -18.77 34.68
C TYR C 210 23.81 -19.65 33.44
N ALA C 211 24.93 -20.06 32.84
CA ALA C 211 24.92 -20.77 31.56
C ALA C 211 24.52 -22.24 31.69
N ASP C 212 24.86 -22.85 32.83
CA ASP C 212 24.47 -24.24 33.12
C ASP C 212 22.95 -24.42 33.32
N TYR C 213 22.31 -23.43 33.94
CA TYR C 213 20.86 -23.48 34.20
C TYR C 213 20.08 -23.22 32.92
N ALA C 214 20.53 -22.23 32.14
CA ALA C 214 20.05 -22.03 30.77
C ALA C 214 20.47 -23.20 29.87
N THR C 215 19.88 -23.27 28.69
CA THR C 215 20.01 -24.41 27.76
C THR C 215 19.37 -25.71 28.28
N ALA C 216 19.04 -26.60 27.35
CA ALA C 216 18.41 -27.88 27.68
C ALA C 216 19.44 -28.87 28.23
N SER C 217 18.95 -29.88 28.95
CA SER C 217 19.79 -30.94 29.52
C SER C 217 20.16 -31.96 28.45
N ALA D 1 -49.36 -55.56 5.10
CA ALA D 1 -48.15 -56.42 5.27
C ALA D 1 -47.94 -57.37 4.08
N ILE D 2 -46.78 -58.01 4.05
CA ILE D 2 -46.36 -58.94 2.98
C ILE D 2 -46.18 -58.20 1.65
N ILE D 3 -44.94 -57.77 1.41
CA ILE D 3 -44.56 -57.08 0.16
C ILE D 3 -43.16 -57.56 -0.27
N SER D 4 -42.67 -57.05 -1.39
CA SER D 4 -41.29 -57.31 -1.83
C SER D 4 -40.32 -56.80 -0.78
N LYS D 5 -39.27 -57.57 -0.49
CA LYS D 5 -38.43 -57.28 0.68
C LYS D 5 -37.84 -55.88 0.57
N LYS D 6 -37.28 -55.62 -0.61
CA LYS D 6 -36.66 -54.33 -0.94
C LYS D 6 -37.66 -53.20 -0.75
N ARG D 7 -38.86 -53.43 -1.29
CA ARG D 7 -39.94 -52.45 -1.25
C ARG D 7 -40.28 -52.13 0.22
N LYS D 8 -40.39 -53.20 1.01
CA LYS D 8 -40.69 -53.12 2.43
C LYS D 8 -39.67 -52.25 3.14
N LEU D 9 -38.41 -52.54 2.83
CA LEU D 9 -37.27 -51.83 3.40
C LEU D 9 -37.37 -50.33 3.11
N VAL D 10 -37.67 -50.05 1.85
CA VAL D 10 -37.81 -48.69 1.35
C VAL D 10 -38.90 -47.95 2.13
N ALA D 11 -40.02 -48.64 2.29
CA ALA D 11 -41.18 -48.13 3.00
C ALA D 11 -40.79 -47.76 4.44
N ASP D 12 -40.06 -48.69 5.07
CA ASP D 12 -39.59 -48.54 6.44
C ASP D 12 -38.74 -47.27 6.56
N GLY D 13 -37.83 -47.14 5.60
CA GLY D 13 -36.91 -46.02 5.54
C GLY D 13 -37.68 -44.71 5.47
N VAL D 14 -38.68 -44.71 4.59
CA VAL D 14 -39.53 -43.55 4.36
C VAL D 14 -40.23 -43.15 5.66
N PHE D 15 -40.76 -44.16 6.33
CA PHE D 15 -41.47 -44.00 7.60
C PHE D 15 -40.55 -43.33 8.63
N TYR D 16 -39.33 -43.85 8.69
CA TYR D 16 -38.31 -43.36 9.61
C TYR D 16 -38.04 -41.88 9.36
N ALA D 17 -37.89 -41.57 8.07
CA ALA D 17 -37.61 -40.21 7.61
C ALA D 17 -38.72 -39.27 8.07
N GLU D 18 -39.96 -39.74 7.86
CA GLU D 18 -41.17 -39.00 8.22
C GLU D 18 -41.16 -38.69 9.71
N LEU D 19 -40.86 -39.72 10.48
CA LEU D 19 -40.80 -39.64 11.94
C LEU D 19 -39.80 -38.57 12.37
N ASN D 20 -38.63 -38.63 11.74
CA ASN D 20 -37.53 -37.70 12.00
C ASN D 20 -38.00 -36.26 11.76
N GLU D 21 -38.65 -36.09 10.62
CA GLU D 21 -39.17 -34.79 10.20
C GLU D 21 -40.13 -34.25 11.25
N PHE D 22 -41.03 -35.13 11.68
CA PHE D 22 -42.04 -34.80 12.68
C PHE D 22 -41.38 -34.32 13.97
N PHE D 23 -40.36 -35.07 14.37
CA PHE D 23 -39.61 -34.78 15.58
C PHE D 23 -38.96 -33.40 15.49
N THR D 24 -38.37 -33.13 14.32
CA THR D 24 -37.73 -31.84 14.04
C THR D 24 -38.74 -30.70 14.19
N ARG D 25 -39.91 -30.93 13.60
CA ARG D 25 -40.99 -29.95 13.62
C ARG D 25 -41.41 -29.65 15.06
N GLU D 26 -41.74 -30.73 15.76
CA GLU D 26 -42.55 -30.72 16.98
C GLU D 26 -41.72 -30.47 18.23
N LEU D 27 -40.61 -31.21 18.34
CA LEU D 27 -39.75 -31.16 19.51
C LEU D 27 -38.62 -30.11 19.32
N ALA D 28 -39.00 -28.90 18.93
CA ALA D 28 -38.07 -27.80 18.73
C ALA D 28 -37.71 -27.20 20.08
N GLU D 29 -38.75 -26.86 20.85
CA GLU D 29 -38.60 -26.41 22.25
C GLU D 29 -37.79 -27.40 23.10
N GLU D 30 -38.07 -28.69 22.91
CA GLU D 30 -37.39 -29.75 23.65
C GLU D 30 -35.92 -29.96 23.24
N GLY D 31 -35.54 -29.51 22.05
CA GLY D 31 -34.17 -29.60 21.57
C GLY D 31 -33.84 -31.01 21.11
N TYR D 32 -34.65 -31.50 20.17
CA TYR D 32 -34.50 -32.84 19.61
C TYR D 32 -33.34 -32.89 18.62
N SER D 33 -32.62 -34.00 18.60
CA SER D 33 -31.48 -34.21 17.70
C SER D 33 -31.74 -35.33 16.68
N GLY D 34 -32.04 -36.53 17.17
CA GLY D 34 -32.25 -37.70 16.30
C GLY D 34 -33.03 -38.85 16.92
N VAL D 35 -33.56 -39.70 16.03
CA VAL D 35 -34.37 -40.88 16.39
C VAL D 35 -33.57 -42.16 16.17
N GLU D 36 -33.89 -43.19 16.95
CA GLU D 36 -33.33 -44.53 16.76
C GLU D 36 -34.49 -45.54 16.80
N VAL D 37 -34.70 -46.25 15.70
CA VAL D 37 -35.86 -47.16 15.55
C VAL D 37 -35.40 -48.61 15.54
N ARG D 38 -35.88 -49.38 16.51
CA ARG D 38 -35.60 -50.82 16.59
C ARG D 38 -36.91 -51.60 16.45
N VAL D 39 -37.06 -52.31 15.33
CA VAL D 39 -38.28 -53.06 15.03
C VAL D 39 -38.09 -54.54 15.35
N THR D 40 -38.40 -54.89 16.60
CA THR D 40 -38.42 -56.29 17.05
C THR D 40 -39.84 -56.86 16.82
N PRO D 41 -40.04 -58.16 17.09
CA PRO D 41 -41.40 -58.70 17.12
C PRO D 41 -42.25 -58.10 18.25
N THR D 42 -43.57 -58.02 18.01
CA THR D 42 -44.54 -57.36 18.90
C THR D 42 -44.25 -55.87 19.11
N LYS D 43 -43.30 -55.56 20.00
CA LYS D 43 -42.95 -54.17 20.32
C LYS D 43 -42.00 -53.57 19.29
N THR D 44 -42.08 -52.25 19.14
CA THR D 44 -41.13 -51.48 18.32
C THR D 44 -40.60 -50.33 19.18
N GLU D 45 -39.27 -50.29 19.33
CA GLU D 45 -38.61 -49.32 20.21
C GLU D 45 -38.23 -48.06 19.42
N ILE D 46 -38.87 -46.95 19.75
CA ILE D 46 -38.53 -45.64 19.19
C ILE D 46 -37.79 -44.86 20.27
N ILE D 47 -36.48 -44.81 20.14
CA ILE D 47 -35.62 -44.04 21.04
C ILE D 47 -35.45 -42.64 20.46
N ILE D 48 -35.44 -41.65 21.35
CA ILE D 48 -35.35 -40.24 20.99
C ILE D 48 -34.15 -39.64 21.71
N ARG D 49 -33.27 -39.00 20.95
CA ARG D 49 -32.18 -38.21 21.53
C ARG D 49 -32.56 -36.73 21.48
N ALA D 50 -32.79 -36.14 22.65
CA ALA D 50 -33.03 -34.72 22.80
C ALA D 50 -32.23 -34.17 23.96
N THR D 51 -32.06 -32.84 23.99
CA THR D 51 -31.36 -32.18 25.10
C THR D 51 -32.25 -32.16 26.34
N LYS D 52 -33.41 -31.51 26.24
CA LYS D 52 -34.35 -31.41 27.36
C LYS D 52 -35.23 -32.66 27.42
N VAL D 53 -34.66 -33.70 28.03
CA VAL D 53 -35.23 -35.04 28.14
C VAL D 53 -36.50 -35.00 29.01
N GLN D 54 -36.39 -34.28 30.12
CA GLN D 54 -37.50 -34.10 31.06
C GLN D 54 -38.69 -33.48 30.36
N ASP D 55 -38.40 -32.44 29.59
CA ASP D 55 -39.42 -31.70 28.83
C ASP D 55 -40.14 -32.64 27.88
N VAL D 56 -39.34 -33.45 27.18
CA VAL D 56 -39.84 -34.42 26.21
C VAL D 56 -40.80 -35.39 26.90
N VAL D 57 -40.36 -35.87 28.05
CA VAL D 57 -41.14 -36.81 28.87
C VAL D 57 -42.50 -36.21 29.24
N GLY D 58 -42.46 -34.97 29.73
CA GLY D 58 -43.64 -34.28 30.25
C GLY D 58 -43.64 -34.36 31.77
N GLU D 59 -44.65 -35.04 32.33
CA GLU D 59 -44.75 -35.29 33.77
C GLU D 59 -45.17 -36.73 34.01
N ASN D 60 -44.20 -37.64 33.92
CA ASN D 60 -44.42 -39.09 34.00
C ASN D 60 -45.46 -39.61 33.00
N GLY D 61 -45.07 -39.63 31.74
CA GLY D 61 -45.91 -40.12 30.66
C GLY D 61 -47.05 -39.19 30.32
N ARG D 62 -46.81 -38.27 29.37
CA ARG D 62 -47.86 -37.40 28.85
C ARG D 62 -47.62 -37.06 27.36
N ARG D 63 -46.65 -36.18 27.14
CA ARG D 63 -46.27 -35.74 25.81
C ARG D 63 -45.86 -36.93 24.96
N ILE D 64 -45.02 -37.77 25.56
CA ILE D 64 -44.50 -38.98 24.92
C ILE D 64 -45.66 -39.88 24.48
N ASN D 65 -46.60 -40.05 25.42
CA ASN D 65 -47.79 -40.88 25.19
C ASN D 65 -48.57 -40.36 24.00
N GLU D 66 -48.76 -39.05 23.99
CA GLU D 66 -49.48 -38.35 22.93
C GLU D 66 -48.84 -38.62 21.58
N LEU D 67 -47.51 -38.48 21.57
CA LEU D 67 -46.70 -38.69 20.37
C LEU D 67 -46.90 -40.11 19.84
N THR D 68 -46.86 -41.06 20.77
CA THR D 68 -47.04 -42.48 20.47
C THR D 68 -48.38 -42.71 19.80
N LEU D 69 -49.41 -42.10 20.40
CA LEU D 69 -50.78 -42.19 19.93
C LEU D 69 -50.88 -41.68 18.48
N LEU D 70 -50.25 -40.54 18.28
CA LEU D 70 -50.22 -39.88 16.96
C LEU D 70 -49.60 -40.82 15.93
N ILE D 71 -48.47 -41.40 16.32
CA ILE D 71 -47.73 -42.34 15.47
C ILE D 71 -48.63 -43.50 15.06
N GLU D 72 -49.32 -44.04 16.06
CA GLU D 72 -50.23 -45.17 15.88
C GLU D 72 -51.30 -44.82 14.86
N LYS D 73 -51.86 -43.63 15.05
CA LYS D 73 -52.92 -43.11 14.17
C LYS D 73 -52.42 -43.03 12.73
N ARG D 74 -51.21 -42.50 12.59
CA ARG D 74 -50.56 -42.35 11.29
C ARG D 74 -50.41 -43.70 10.61
N PHE D 75 -49.85 -44.68 11.31
CA PHE D 75 -49.32 -45.90 10.69
C PHE D 75 -50.05 -47.19 11.08
N LYS D 76 -51.31 -47.06 11.47
CA LYS D 76 -52.23 -48.20 11.65
C LYS D 76 -51.79 -49.25 12.68
N TYR D 77 -51.00 -48.84 13.67
CA TYR D 77 -50.54 -49.74 14.72
C TYR D 77 -51.51 -49.77 15.89
N LYS D 78 -51.31 -50.72 16.80
CA LYS D 78 -52.11 -50.86 18.02
C LYS D 78 -51.30 -50.42 19.24
N ARG D 79 -52.00 -50.16 20.35
CA ARG D 79 -51.35 -49.75 21.59
C ARG D 79 -50.59 -50.91 22.22
N GLY D 80 -49.32 -50.68 22.54
CA GLY D 80 -48.41 -51.72 23.02
C GLY D 80 -47.28 -52.00 22.04
N THR D 81 -47.63 -52.10 20.75
CA THR D 81 -46.66 -52.39 19.70
C THR D 81 -45.71 -51.24 19.36
N ILE D 82 -46.02 -50.02 19.83
CA ILE D 82 -45.08 -48.89 19.76
C ILE D 82 -44.65 -48.54 21.18
N ALA D 83 -43.33 -48.38 21.36
CA ALA D 83 -42.76 -47.98 22.65
C ALA D 83 -41.77 -46.84 22.45
N LEU D 84 -42.15 -45.64 22.92
CA LEU D 84 -41.27 -44.48 22.87
C LEU D 84 -40.37 -44.42 24.10
N TYR D 85 -39.14 -43.94 23.90
CA TYR D 85 -38.24 -43.64 25.02
C TYR D 85 -37.49 -42.34 24.73
N ALA D 86 -37.40 -41.47 25.73
CA ALA D 86 -36.67 -40.19 25.61
C ALA D 86 -35.37 -40.26 26.39
N GLU D 87 -34.24 -40.29 25.68
CA GLU D 87 -32.91 -40.41 26.29
C GLU D 87 -32.05 -39.16 26.11
N ARG D 88 -31.04 -39.03 26.97
CA ARG D 88 -30.04 -37.97 26.87
C ARG D 88 -29.05 -38.25 25.74
N VAL D 89 -28.37 -37.19 25.32
CA VAL D 89 -27.34 -37.28 24.28
C VAL D 89 -25.97 -37.32 24.98
N HIS D 90 -25.15 -38.32 24.64
CA HIS D 90 -23.77 -38.39 25.14
C HIS D 90 -22.92 -37.34 24.44
N ASP D 91 -22.60 -36.27 25.17
CA ASP D 91 -21.91 -35.07 24.65
C ASP D 91 -22.71 -34.36 23.55
N ARG D 92 -23.29 -33.22 23.90
CA ARG D 92 -24.14 -32.45 22.97
C ARG D 92 -23.29 -31.75 21.91
N GLY D 93 -22.16 -31.19 22.31
CA GLY D 93 -21.25 -30.47 21.42
C GLY D 93 -20.72 -31.25 20.22
N LEU D 94 -20.55 -32.56 20.41
CA LEU D 94 -20.15 -33.45 19.30
C LEU D 94 -21.27 -33.61 18.27
N SER D 95 -22.52 -33.57 18.71
CA SER D 95 -23.67 -33.53 17.80
C SER D 95 -23.74 -32.20 17.07
N ALA D 96 -24.31 -32.24 15.87
CA ALA D 96 -24.32 -31.13 14.92
C ALA D 96 -25.71 -30.53 14.82
N VAL D 97 -26.68 -31.42 14.68
CA VAL D 97 -28.10 -31.06 14.56
C VAL D 97 -28.53 -30.24 15.78
N ALA D 98 -28.15 -30.75 16.94
CA ALA D 98 -28.46 -30.13 18.23
C ALA D 98 -27.91 -28.70 18.26
N GLN D 99 -26.65 -28.60 17.85
CA GLN D 99 -25.93 -27.32 17.81
C GLN D 99 -26.69 -26.32 16.94
N ALA D 100 -27.09 -26.81 15.77
CA ALA D 100 -27.83 -26.02 14.78
C ALA D 100 -29.12 -25.49 15.40
N GLU D 101 -29.82 -26.38 16.08
CA GLU D 101 -31.08 -26.08 16.74
C GLU D 101 -30.88 -24.96 17.76
N SER D 102 -29.81 -25.12 18.55
CA SER D 102 -29.45 -24.16 19.58
C SER D 102 -29.22 -22.78 18.97
N MET D 103 -28.48 -22.78 17.88
CA MET D 103 -28.14 -21.57 17.13
C MET D 103 -29.42 -20.86 16.69
N LYS D 104 -30.32 -21.66 16.13
CA LYS D 104 -31.61 -21.19 15.63
C LYS D 104 -32.39 -20.51 16.76
N PHE D 105 -32.41 -21.19 17.90
CA PHE D 105 -33.10 -20.71 19.10
C PHE D 105 -32.55 -19.35 19.52
N LYS D 106 -31.22 -19.27 19.53
CA LYS D 106 -30.50 -18.05 19.89
C LYS D 106 -30.91 -16.91 18.97
N LEU D 107 -30.93 -17.21 17.68
CA LEU D 107 -31.30 -16.25 16.65
C LEU D 107 -32.71 -15.71 16.90
N LEU D 108 -33.61 -16.64 17.19
CA LEU D 108 -35.01 -16.33 17.47
C LEU D 108 -35.11 -15.37 18.66
N ASN D 109 -34.36 -15.70 19.70
CA ASN D 109 -34.31 -14.91 20.93
C ASN D 109 -33.87 -13.48 20.62
N GLY D 110 -32.81 -13.34 19.81
CA GLY D 110 -32.28 -12.03 19.41
C GLY D 110 -30.97 -11.75 20.11
N LEU D 111 -29.91 -12.37 19.60
CA LEU D 111 -28.56 -12.25 20.13
C LEU D 111 -27.64 -11.80 18.99
N ALA D 112 -26.51 -11.20 19.35
CA ALA D 112 -25.45 -10.89 18.38
C ALA D 112 -25.01 -12.19 17.71
N ILE D 113 -25.04 -12.22 16.38
CA ILE D 113 -25.04 -13.50 15.65
C ILE D 113 -23.63 -14.09 15.65
N ARG D 114 -22.68 -13.25 15.30
CA ARG D 114 -21.26 -13.61 15.23
C ARG D 114 -20.80 -14.15 16.58
N ARG D 115 -21.15 -13.40 17.61
CA ARG D 115 -20.80 -13.74 19.00
C ARG D 115 -21.33 -15.11 19.35
N ALA D 116 -22.59 -15.33 19.00
CA ALA D 116 -23.30 -16.58 19.26
C ALA D 116 -22.55 -17.74 18.60
N ALA D 117 -22.18 -17.51 17.34
CA ALA D 117 -21.46 -18.49 16.53
C ALA D 117 -20.15 -18.87 17.22
N TYR D 118 -19.44 -17.83 17.66
CA TYR D 118 -18.16 -17.99 18.34
C TYR D 118 -18.33 -18.86 19.59
N GLY D 119 -19.37 -18.54 20.35
CA GLY D 119 -19.70 -19.26 21.57
C GLY D 119 -19.92 -20.74 21.28
N VAL D 120 -20.69 -20.98 20.22
CA VAL D 120 -21.03 -22.33 19.78
C VAL D 120 -19.75 -23.11 19.46
N VAL D 121 -18.87 -22.44 18.72
CA VAL D 121 -17.58 -23.00 18.30
C VAL D 121 -16.77 -23.41 19.53
N ARG D 122 -16.74 -22.50 20.49
CA ARG D 122 -16.01 -22.70 21.74
C ARG D 122 -16.53 -23.94 22.46
N TYR D 123 -17.85 -24.02 22.51
CA TYR D 123 -18.56 -25.14 23.16
C TYR D 123 -18.15 -26.45 22.51
N VAL D 124 -18.16 -26.44 21.18
CA VAL D 124 -17.81 -27.60 20.37
C VAL D 124 -16.39 -28.06 20.70
N MET D 125 -15.49 -27.08 20.76
CA MET D 125 -14.09 -27.31 21.06
C MET D 125 -13.94 -27.98 22.42
N GLU D 126 -14.67 -27.44 23.39
CA GLU D 126 -14.69 -27.95 24.76
C GLU D 126 -15.12 -29.41 24.78
N SER D 127 -16.18 -29.68 24.04
CA SER D 127 -16.75 -31.02 23.92
C SER D 127 -15.70 -32.00 23.39
N GLY D 128 -14.96 -31.57 22.37
CA GLY D 128 -13.79 -32.30 21.88
C GLY D 128 -13.86 -32.72 20.42
N ALA D 129 -14.10 -31.73 19.55
CA ALA D 129 -14.04 -31.92 18.11
C ALA D 129 -12.63 -31.57 17.66
N LYS D 130 -12.15 -32.24 16.61
CA LYS D 130 -10.83 -31.90 16.03
C LYS D 130 -10.89 -30.51 15.40
N GLY D 131 -12.02 -30.21 14.78
CA GLY D 131 -12.34 -28.87 14.32
C GLY D 131 -13.80 -28.78 13.95
N CYS D 132 -14.33 -27.56 13.94
CA CYS D 132 -15.72 -27.33 13.54
C CYS D 132 -15.85 -26.06 12.73
N GLU D 133 -17.01 -25.93 12.08
CA GLU D 133 -17.30 -24.81 11.20
C GLU D 133 -18.79 -24.52 11.21
N VAL D 134 -19.13 -23.23 11.19
CA VAL D 134 -20.50 -22.74 11.13
C VAL D 134 -20.59 -21.74 9.99
N VAL D 135 -21.60 -21.91 9.13
CA VAL D 135 -21.93 -20.92 8.11
C VAL D 135 -23.30 -20.35 8.44
N ILE D 136 -23.40 -19.02 8.44
CA ILE D 136 -24.67 -18.32 8.63
C ILE D 136 -24.86 -17.42 7.40
N SER D 137 -25.88 -17.73 6.61
CA SER D 137 -26.08 -17.11 5.30
C SER D 137 -27.40 -16.33 5.24
N GLY D 138 -27.36 -15.17 4.57
CA GLY D 138 -28.57 -14.36 4.34
C GLY D 138 -28.34 -12.87 4.60
N LYS D 139 -29.37 -12.19 5.09
CA LYS D 139 -29.32 -10.73 5.30
C LYS D 139 -29.01 -10.42 6.76
N LEU D 140 -27.74 -10.60 7.11
CA LEU D 140 -27.20 -10.21 8.42
C LEU D 140 -26.89 -8.72 8.36
N ARG D 141 -27.96 -7.92 8.51
CA ARG D 141 -27.95 -6.48 8.25
C ARG D 141 -27.79 -6.19 6.74
N ALA D 142 -28.40 -5.09 6.30
CA ALA D 142 -28.47 -4.70 4.87
C ALA D 142 -29.33 -5.64 4.01
N ALA D 143 -29.77 -5.13 2.87
CA ALA D 143 -30.63 -5.88 1.95
C ALA D 143 -29.87 -6.94 1.16
N ARG D 144 -28.63 -6.62 0.77
CA ARG D 144 -27.79 -7.56 0.03
C ARG D 144 -27.39 -8.73 0.92
N ALA D 145 -27.47 -9.95 0.37
CA ALA D 145 -27.18 -11.17 1.10
C ALA D 145 -25.68 -11.40 1.24
N LYS D 146 -25.28 -11.84 2.43
CA LYS D 146 -23.91 -12.22 2.72
C LYS D 146 -23.90 -13.60 3.38
N SER D 147 -22.80 -14.32 3.16
CA SER D 147 -22.48 -15.52 3.92
C SER D 147 -21.47 -15.13 4.99
N MET D 148 -21.58 -15.76 6.16
CA MET D 148 -20.68 -15.51 7.28
C MET D 148 -20.18 -16.84 7.84
N LYS D 149 -18.86 -17.04 7.70
CA LYS D 149 -18.21 -18.31 8.03
C LYS D 149 -17.41 -18.16 9.33
N PHE D 150 -17.59 -19.11 10.24
CA PHE D 150 -16.91 -19.11 11.55
C PHE D 150 -16.38 -20.51 11.84
N ALA D 151 -15.06 -20.67 11.86
CA ALA D 151 -14.47 -22.01 11.98
C ALA D 151 -13.28 -22.08 12.94
N ASP D 152 -13.02 -23.30 13.40
CA ASP D 152 -11.86 -23.60 14.26
C ASP D 152 -11.34 -24.99 13.93
N GLY D 153 -10.01 -25.14 13.99
CA GLY D 153 -9.36 -26.44 13.80
C GLY D 153 -9.37 -26.92 12.35
N PHE D 154 -9.32 -28.25 12.19
CA PHE D 154 -9.29 -28.89 10.88
C PHE D 154 -10.69 -29.15 10.36
N LEU D 155 -10.81 -29.24 9.03
CA LEU D 155 -12.09 -29.46 8.38
C LEU D 155 -11.85 -30.24 7.08
N ILE D 156 -12.17 -31.53 7.11
CA ILE D 156 -11.91 -32.42 5.98
C ILE D 156 -13.09 -32.28 5.02
N HIS D 157 -12.81 -31.76 3.82
CA HIS D 157 -13.85 -31.51 2.82
C HIS D 157 -14.03 -32.67 1.85
N SER D 158 -12.91 -33.24 1.39
CA SER D 158 -12.92 -34.28 0.36
C SER D 158 -12.79 -35.69 0.93
N GLY D 159 -13.21 -36.65 0.12
CA GLY D 159 -13.04 -38.07 0.42
C GLY D 159 -14.09 -38.68 1.32
N GLN D 160 -13.95 -39.97 1.57
CA GLN D 160 -14.85 -40.71 2.47
C GLN D 160 -14.76 -40.27 3.93
N PRO D 161 -13.56 -39.84 4.41
CA PRO D 161 -13.49 -39.13 5.69
C PRO D 161 -14.29 -37.82 5.72
N VAL D 162 -15.60 -37.98 5.82
CA VAL D 162 -16.61 -36.91 5.71
C VAL D 162 -17.91 -37.51 6.24
N ASN D 163 -18.33 -38.60 5.62
CA ASN D 163 -19.47 -39.39 6.09
C ASN D 163 -19.13 -40.07 7.42
N ASP D 164 -17.92 -40.60 7.52
CA ASP D 164 -17.42 -41.20 8.76
C ASP D 164 -17.17 -40.19 9.89
N PHE D 165 -16.59 -39.02 9.56
CA PHE D 165 -16.07 -38.10 10.58
C PHE D 165 -16.91 -36.84 10.83
N ILE D 166 -17.30 -36.14 9.76
CA ILE D 166 -18.02 -34.87 9.88
C ILE D 166 -19.52 -35.09 10.06
N GLU D 167 -20.04 -34.65 11.21
CA GLU D 167 -21.49 -34.49 11.38
C GLU D 167 -21.88 -33.13 10.79
N THR D 168 -22.87 -33.15 9.90
CA THR D 168 -23.40 -31.96 9.23
C THR D 168 -24.78 -31.62 9.79
N ALA D 169 -25.18 -30.35 9.63
CA ALA D 169 -26.49 -29.89 10.11
C ALA D 169 -26.92 -28.57 9.47
N THR D 170 -27.92 -28.64 8.59
CA THR D 170 -28.56 -27.46 8.00
C THR D 170 -29.86 -27.13 8.72
N ARG D 171 -30.17 -25.84 8.85
CA ARG D 171 -31.44 -25.41 9.46
C ARG D 171 -31.78 -23.97 9.09
N HIS D 172 -32.90 -23.77 8.39
CA HIS D 172 -33.38 -22.44 8.05
C HIS D 172 -34.01 -21.79 9.30
N VAL D 173 -33.89 -20.45 9.37
CA VAL D 173 -34.39 -19.68 10.52
C VAL D 173 -35.22 -18.51 9.98
N LEU D 174 -36.51 -18.52 10.29
CA LEU D 174 -37.44 -17.49 9.81
C LEU D 174 -37.42 -16.30 10.77
N LEU D 175 -37.21 -15.10 10.22
CA LEU D 175 -37.25 -13.85 10.98
C LEU D 175 -38.10 -12.80 10.27
N ARG D 176 -38.37 -11.70 10.96
CA ARG D 176 -39.17 -10.58 10.41
C ARG D 176 -38.68 -10.06 9.06
N GLN D 177 -37.36 -9.94 8.92
CA GLN D 177 -36.76 -9.43 7.68
C GLN D 177 -36.73 -10.44 6.54
N GLY D 178 -36.58 -11.72 6.90
CA GLY D 178 -36.47 -12.79 5.91
C GLY D 178 -35.99 -14.07 6.56
N VAL D 179 -35.23 -14.86 5.79
CA VAL D 179 -34.72 -16.15 6.24
C VAL D 179 -33.21 -16.06 6.48
N LEU D 180 -32.72 -16.77 7.49
CA LEU D 180 -31.28 -16.99 7.69
C LEU D 180 -30.99 -18.48 7.60
N GLY D 181 -30.05 -18.84 6.73
CA GLY D 181 -29.62 -20.23 6.53
C GLY D 181 -28.42 -20.58 7.39
N ILE D 182 -28.64 -21.44 8.39
CA ILE D 182 -27.57 -21.91 9.27
C ILE D 182 -27.12 -23.27 8.80
N LYS D 183 -25.81 -23.43 8.59
CA LYS D 183 -25.19 -24.73 8.36
C LYS D 183 -24.07 -24.94 9.38
N VAL D 184 -23.91 -26.17 9.85
CA VAL D 184 -22.91 -26.50 10.85
C VAL D 184 -22.24 -27.83 10.52
N LYS D 185 -20.90 -27.81 10.45
CA LYS D 185 -20.08 -29.01 10.27
C LYS D 185 -19.24 -29.20 11.53
N ILE D 186 -19.31 -30.37 12.14
CA ILE D 186 -18.47 -30.69 13.31
C ILE D 186 -17.63 -31.92 13.01
N MET D 187 -16.32 -31.71 12.87
CA MET D 187 -15.38 -32.81 12.63
C MET D 187 -14.96 -33.43 13.97
N LYS D 188 -15.65 -34.52 14.31
CA LYS D 188 -15.36 -35.31 15.51
C LYS D 188 -13.94 -35.86 15.46
N ASP D 189 -13.30 -35.93 16.63
CA ASP D 189 -11.94 -36.49 16.72
C ASP D 189 -11.96 -38.01 16.43
N PRO D 190 -10.97 -38.51 15.67
CA PRO D 190 -10.92 -39.94 15.32
C PRO D 190 -10.96 -40.92 16.49
N SER D 191 -10.28 -40.58 17.58
CA SER D 191 -10.19 -41.44 18.76
C SER D 191 -11.55 -41.72 19.43
N ARG D 192 -12.46 -40.75 19.38
CA ARG D 192 -13.79 -40.86 20.01
C ARG D 192 -14.93 -41.13 19.00
N ASN D 193 -14.60 -41.75 17.86
CA ASN D 193 -15.58 -42.04 16.82
C ASN D 193 -16.21 -43.43 16.96
N THR D 194 -15.41 -44.41 17.42
CA THR D 194 -15.85 -45.78 17.73
C THR D 194 -16.27 -46.60 16.50
N SER D 195 -17.42 -46.25 15.91
CA SER D 195 -17.90 -46.89 14.69
C SER D 195 -17.03 -46.45 13.51
N GLY D 196 -16.65 -47.40 12.66
CA GLY D 196 -15.70 -47.15 11.57
C GLY D 196 -14.27 -47.11 12.07
N PRO D 197 -13.34 -46.51 11.28
CA PRO D 197 -11.95 -46.39 11.73
C PRO D 197 -11.75 -45.38 12.86
N LYS D 198 -10.72 -45.61 13.68
CA LYS D 198 -10.38 -44.75 14.81
C LYS D 198 -9.28 -43.73 14.48
N ALA D 199 -8.93 -43.61 13.21
CA ALA D 199 -7.86 -42.72 12.75
C ALA D 199 -8.05 -42.35 11.28
N LEU D 200 -7.44 -41.25 10.86
CA LEU D 200 -7.50 -40.81 9.46
C LEU D 200 -6.73 -41.78 8.56
N PRO D 201 -7.15 -41.89 7.28
CA PRO D 201 -6.56 -42.91 6.39
C PRO D 201 -5.16 -42.58 5.88
N ASP D 202 -4.80 -41.29 5.83
CA ASP D 202 -3.48 -40.87 5.36
C ASP D 202 -2.38 -40.89 6.43
N ALA D 203 -2.77 -40.69 7.69
CA ALA D 203 -1.81 -40.60 8.80
C ALA D 203 -1.16 -41.96 9.10
N VAL D 204 0.17 -41.96 9.14
CA VAL D 204 0.96 -43.18 9.40
C VAL D 204 1.88 -42.90 10.60
N THR D 205 1.43 -43.31 11.80
CA THR D 205 2.22 -43.17 13.02
C THR D 205 3.12 -44.38 13.16
N ILE D 206 4.43 -44.12 13.26
CA ILE D 206 5.44 -45.17 13.41
C ILE D 206 5.81 -45.29 14.89
N ILE D 207 5.78 -46.52 15.40
CA ILE D 207 6.18 -46.78 16.80
C ILE D 207 7.68 -46.58 16.99
N GLU D 208 8.08 -46.22 18.19
CA GLU D 208 9.48 -45.98 18.53
C GLU D 208 10.19 -47.34 18.73
N PRO D 209 11.40 -47.50 18.14
CA PRO D 209 12.13 -48.77 18.29
C PRO D 209 12.68 -48.99 19.71
N LYS D 210 13.06 -50.24 19.99
CA LYS D 210 13.58 -50.66 21.29
C LYS D 210 15.05 -51.06 21.20
N GLU D 211 15.84 -50.58 22.15
CA GLU D 211 17.29 -50.76 22.12
C GLU D 211 17.72 -52.15 22.59
N GLU D 212 18.83 -52.64 22.03
CA GLU D 212 19.44 -53.91 22.41
C GLU D 212 20.97 -53.76 22.49
N GLU D 213 21.60 -54.61 23.29
CA GLU D 213 23.05 -54.61 23.48
C GLU D 213 23.69 -55.73 22.65
N PRO D 214 24.52 -55.39 21.63
CA PRO D 214 25.19 -56.44 20.85
C PRO D 214 26.33 -57.14 21.59
N VAL D 215 26.67 -58.34 21.10
CA VAL D 215 27.84 -59.11 21.57
C VAL D 215 27.67 -59.57 23.03
N LEU D 216 28.38 -58.93 23.98
CA LEU D 216 28.46 -59.37 25.39
C LEU D 216 28.79 -60.88 25.53
N GLU D 217 29.79 -61.32 24.77
CA GLU D 217 30.21 -62.73 24.68
C GLU D 217 29.15 -63.65 24.02
N PRO D 218 29.57 -64.79 23.43
CA PRO D 218 28.59 -65.78 22.96
C PRO D 218 27.65 -66.31 24.06
N SER D 219 28.20 -66.87 25.14
CA SER D 219 27.45 -67.27 26.34
C SER D 219 26.32 -68.30 26.15
N VAL D 220 25.78 -68.76 27.28
CA VAL D 220 24.58 -69.63 27.31
C VAL D 220 23.80 -69.38 28.60
N LYS D 221 22.56 -69.86 28.64
CA LYS D 221 21.75 -69.87 29.88
C LYS D 221 20.81 -71.08 29.87
N ASP D 222 21.21 -72.13 30.59
CA ASP D 222 20.53 -73.43 30.55
C ASP D 222 19.49 -73.60 31.66
N TYR D 223 18.72 -74.67 31.56
CA TYR D 223 17.68 -75.03 32.54
C TYR D 223 17.85 -76.49 32.95
N ALA E 1 -4.72 73.19 20.82
CA ALA E 1 -5.75 73.55 19.81
C ALA E 1 -6.35 74.93 20.09
N ARG E 2 -6.25 75.83 19.12
CA ARG E 2 -6.91 77.14 19.14
C ARG E 2 -6.60 78.06 20.36
N GLY E 3 -5.54 77.76 21.12
CA GLY E 3 -5.24 78.49 22.36
C GLY E 3 -5.08 77.57 23.57
N PRO E 4 -5.02 78.16 24.78
CA PRO E 4 -4.66 77.41 25.98
C PRO E 4 -5.75 76.44 26.45
N LYS E 5 -5.33 75.22 26.80
CA LYS E 5 -6.23 74.17 27.27
C LYS E 5 -6.57 74.42 28.74
N LYS E 6 -7.84 74.21 29.10
CA LYS E 6 -8.36 74.65 30.41
C LYS E 6 -8.78 73.53 31.37
N HIS E 7 -8.78 72.28 30.91
CA HIS E 7 -9.19 71.12 31.73
C HIS E 7 -8.03 70.16 31.93
N LEU E 8 -8.20 69.26 32.88
CA LEU E 8 -7.25 68.16 33.09
C LEU E 8 -8.04 66.89 33.38
N LYS E 9 -7.98 65.93 32.46
CA LYS E 9 -8.72 64.68 32.60
C LYS E 9 -8.03 63.77 33.62
N ARG E 10 -8.83 63.05 34.39
CA ARG E 10 -8.36 62.38 35.62
C ARG E 10 -7.31 61.30 35.41
N LEU E 11 -7.34 60.64 34.26
CA LEU E 11 -6.27 59.70 33.88
C LEU E 11 -5.03 60.47 33.44
N ALA E 12 -5.21 61.50 32.62
CA ALA E 12 -4.12 62.40 32.22
C ALA E 12 -3.54 63.23 33.36
N ALA E 13 -4.27 63.34 34.48
CA ALA E 13 -3.75 63.95 35.70
C ALA E 13 -2.49 63.23 36.17
N PRO E 14 -1.50 63.99 36.66
CA PRO E 14 -0.21 63.39 37.01
C PRO E 14 -0.35 62.43 38.19
N HIS E 15 0.41 61.34 38.14
CA HIS E 15 0.19 60.19 39.02
C HIS E 15 0.47 60.48 40.50
N HIS E 16 1.40 61.39 40.77
CA HIS E 16 1.78 61.72 42.16
C HIS E 16 0.80 62.64 42.91
N TRP E 17 -0.34 62.96 42.28
CA TRP E 17 -1.57 63.32 43.01
C TRP E 17 -1.98 62.17 43.91
N MET E 18 -1.79 60.95 43.40
CA MET E 18 -2.47 59.75 43.86
C MET E 18 -3.97 59.99 43.93
N LEU E 19 -4.57 60.14 42.76
CA LEU E 19 -6.01 60.26 42.61
C LEU E 19 -6.65 58.91 42.34
N ASP E 20 -7.95 58.85 42.56
CA ASP E 20 -8.76 57.70 42.17
C ASP E 20 -8.91 57.69 40.66
N LYS E 21 -8.73 56.52 40.05
CA LYS E 21 -9.05 56.29 38.64
C LYS E 21 -10.51 56.66 38.35
N LEU E 22 -11.38 56.29 39.27
CA LEU E 22 -12.81 56.57 39.20
C LEU E 22 -13.10 57.84 40.00
N SER E 23 -14.38 58.12 40.25
CA SER E 23 -14.84 59.22 41.12
C SER E 23 -14.67 60.56 40.41
N GLY E 24 -15.47 60.75 39.36
CA GLY E 24 -15.46 61.96 38.56
C GLY E 24 -14.69 61.80 37.25
N CYS E 25 -15.03 62.64 36.28
CA CYS E 25 -14.41 62.64 34.96
C CYS E 25 -13.01 63.23 34.99
N TYR E 26 -12.89 64.39 35.63
CA TYR E 26 -11.69 65.20 35.57
C TYR E 26 -10.90 65.17 36.88
N ALA E 27 -9.72 65.78 36.81
CA ALA E 27 -8.93 66.13 37.98
C ALA E 27 -8.70 67.63 37.97
N PRO E 28 -8.31 68.23 39.12
CA PRO E 28 -8.12 69.66 39.12
C PRO E 28 -6.88 70.05 38.33
N ARG E 29 -7.07 70.87 37.30
CA ARG E 29 -5.95 71.44 36.55
C ARG E 29 -5.28 72.48 37.44
N PRO E 30 -4.03 72.23 37.86
CA PRO E 30 -3.35 73.26 38.64
C PRO E 30 -3.09 74.46 37.76
N SER E 31 -3.61 75.60 38.18
CA SER E 31 -3.56 76.84 37.39
C SER E 31 -2.14 77.39 37.25
N ALA E 32 -2.01 78.47 36.51
CA ALA E 32 -0.74 79.16 36.36
C ALA E 32 -0.24 79.64 37.72
N GLY E 33 0.98 79.21 38.07
CA GLY E 33 1.56 79.48 39.38
C GLY E 33 3.07 79.56 39.33
N PRO E 34 3.75 79.23 40.45
CA PRO E 34 5.21 79.19 40.49
C PRO E 34 5.83 77.79 40.28
N HIS E 35 5.02 76.82 39.84
CA HIS E 35 5.49 75.44 39.63
C HIS E 35 4.86 74.81 38.39
N LYS E 36 5.58 73.89 37.77
CA LYS E 36 5.14 73.26 36.52
C LYS E 36 4.03 72.25 36.78
N LEU E 37 2.91 72.41 36.07
CA LEU E 37 1.76 71.49 36.09
C LEU E 37 2.02 70.13 36.75
N ARG E 38 2.88 69.33 36.13
CA ARG E 38 3.10 67.93 36.56
C ARG E 38 3.99 67.81 37.80
N GLU E 39 4.84 68.81 38.02
CA GLU E 39 5.74 68.86 39.19
C GLU E 39 5.18 69.77 40.29
N SER E 40 3.85 69.88 40.37
CA SER E 40 3.18 70.77 41.32
C SER E 40 2.29 69.98 42.26
N LEU E 41 1.44 70.68 43.02
CA LEU E 41 0.38 70.04 43.80
C LEU E 41 -0.71 71.08 44.12
N PRO E 42 -1.93 70.93 43.56
CA PRO E 42 -2.99 71.90 43.82
C PRO E 42 -3.56 71.79 45.23
N LEU E 43 -4.19 72.86 45.72
CA LEU E 43 -4.66 72.90 47.11
C LEU E 43 -5.90 72.05 47.37
N ILE E 44 -6.61 71.66 46.31
CA ILE E 44 -7.66 70.63 46.42
C ILE E 44 -7.06 69.28 46.84
N VAL E 45 -6.08 68.82 46.08
CA VAL E 45 -5.46 67.49 46.29
C VAL E 45 -4.87 67.35 47.69
N PHE E 46 -4.30 68.46 48.18
CA PHE E 46 -3.70 68.52 49.51
C PHE E 46 -4.73 68.40 50.64
N LEU E 47 -5.77 69.23 50.58
CA LEU E 47 -6.80 69.31 51.64
C LEU E 47 -7.94 68.28 51.56
N ARG E 48 -7.96 67.47 50.49
CA ARG E 48 -9.00 66.45 50.32
C ARG E 48 -8.44 65.03 50.37
N ASN E 49 -7.54 64.70 49.44
CA ASN E 49 -7.05 63.32 49.31
C ASN E 49 -5.93 62.95 50.29
N ARG E 50 -5.13 63.94 50.72
CA ARG E 50 -3.97 63.70 51.59
C ARG E 50 -4.31 63.91 53.06
N LEU E 51 -4.66 65.13 53.41
CA LEU E 51 -5.02 65.46 54.79
C LEU E 51 -6.41 64.97 55.17
N LYS E 52 -7.34 65.07 54.22
CA LYS E 52 -8.77 64.76 54.43
C LYS E 52 -9.41 65.69 55.46
N TYR E 53 -8.93 66.94 55.51
CA TYR E 53 -9.60 68.00 56.27
C TYR E 53 -10.85 68.49 55.57
N ALA E 54 -10.94 68.29 54.25
CA ALA E 54 -12.19 68.52 53.51
C ALA E 54 -12.67 67.21 52.90
N LEU E 55 -13.92 66.87 53.12
CA LEU E 55 -14.52 65.68 52.50
C LEU E 55 -14.78 65.84 51.00
N ASN E 56 -14.86 67.09 50.53
CA ASN E 56 -15.06 67.37 49.11
C ASN E 56 -14.58 68.77 48.69
N GLY E 57 -14.63 69.00 47.39
CA GLY E 57 -14.14 70.17 46.67
C GLY E 57 -14.73 71.44 47.26
N ARG E 58 -16.03 71.40 47.49
CA ARG E 58 -16.80 72.51 48.05
C ARG E 58 -16.22 72.89 49.41
N GLU E 59 -15.99 71.86 50.22
CA GLU E 59 -15.45 72.02 51.56
C GLU E 59 -14.08 72.72 51.51
N VAL E 60 -13.26 72.25 50.58
CA VAL E 60 -11.92 72.79 50.35
C VAL E 60 -12.00 74.28 50.03
N LYS E 61 -12.92 74.58 49.13
CA LYS E 61 -13.16 75.96 48.67
C LYS E 61 -13.52 76.84 49.85
N ALA E 62 -14.42 76.32 50.67
CA ALA E 62 -14.91 77.02 51.86
C ALA E 62 -13.74 77.35 52.80
N ILE E 63 -12.90 76.34 52.99
CA ILE E 63 -11.72 76.43 53.84
C ILE E 63 -10.80 77.55 53.34
N LEU E 64 -10.59 77.53 52.03
CA LEU E 64 -9.74 78.51 51.35
C LEU E 64 -10.27 79.92 51.60
N MET E 65 -11.58 80.06 51.44
CA MET E 65 -12.27 81.32 51.63
C MET E 65 -12.07 81.84 53.04
N GLN E 66 -12.22 80.93 53.99
CA GLN E 66 -12.02 81.21 55.42
C GLN E 66 -10.62 81.78 55.66
N ARG E 67 -9.63 81.36 54.87
CA ARG E 67 -8.29 81.99 54.81
C ARG E 67 -7.45 81.65 56.05
N HIS E 68 -7.54 80.39 56.45
CA HIS E 68 -6.62 79.80 57.41
C HIS E 68 -5.42 79.20 56.68
N VAL E 69 -5.60 78.86 55.40
CA VAL E 69 -4.53 78.33 54.57
C VAL E 69 -3.60 79.49 54.22
N LYS E 70 -2.30 79.23 54.25
CA LYS E 70 -1.30 80.14 53.70
C LYS E 70 -0.18 79.32 53.06
N VAL E 71 -0.09 79.34 51.74
CA VAL E 71 1.01 78.71 51.04
C VAL E 71 2.10 79.75 50.87
N ASP E 72 3.20 79.57 51.61
CA ASP E 72 4.36 80.47 51.58
C ASP E 72 4.01 81.91 51.96
N GLY E 73 3.61 82.09 53.23
CA GLY E 73 3.34 83.41 53.78
C GLY E 73 2.02 84.02 53.34
N LYS E 74 1.88 84.24 52.03
CA LYS E 74 0.64 84.75 51.45
C LYS E 74 -0.51 83.75 51.56
N VAL E 75 -1.72 84.25 51.34
CA VAL E 75 -2.93 83.57 51.81
C VAL E 75 -3.47 82.48 50.87
N ARG E 76 -3.65 82.82 49.59
CA ARG E 76 -4.28 81.94 48.58
C ARG E 76 -5.78 81.71 48.81
N THR E 77 -6.53 81.78 47.71
CA THR E 77 -7.94 81.34 47.68
C THR E 77 -8.26 80.34 46.55
N ASP E 78 -7.29 80.05 45.68
CA ASP E 78 -7.53 79.23 44.49
C ASP E 78 -7.29 77.75 44.77
N THR E 79 -8.40 77.02 44.89
CA THR E 79 -8.45 75.55 44.86
C THR E 79 -7.25 74.87 44.19
N THR E 80 -7.02 75.28 42.95
CA THR E 80 -5.97 74.73 42.11
C THR E 80 -4.78 75.67 41.97
N PHE E 81 -4.28 76.18 43.10
CA PHE E 81 -3.01 76.89 43.14
C PHE E 81 -1.90 75.84 43.24
N PRO E 82 -0.98 75.80 42.27
CA PRO E 82 0.08 74.79 42.33
C PRO E 82 1.12 75.09 43.42
N ALA E 83 0.90 74.49 44.59
CA ALA E 83 1.91 74.44 45.63
C ALA E 83 2.83 73.29 45.29
N GLY E 84 4.10 73.59 45.03
CA GLY E 84 5.06 72.60 44.56
C GLY E 84 6.04 72.16 45.64
N PHE E 85 7.15 71.57 45.19
CA PHE E 85 8.23 71.13 46.07
C PHE E 85 8.78 72.30 46.85
N MET E 86 9.03 72.09 48.15
CA MET E 86 9.59 73.11 49.08
C MET E 86 8.60 74.17 49.61
N ASP E 87 7.39 74.24 49.05
CA ASP E 87 6.40 75.22 49.50
C ASP E 87 5.87 74.86 50.88
N VAL E 88 5.71 75.89 51.72
CA VAL E 88 5.30 75.74 53.11
C VAL E 88 3.82 76.13 53.27
N ILE E 89 2.97 75.12 53.45
CA ILE E 89 1.53 75.31 53.64
C ILE E 89 1.24 75.39 55.13
N THR E 90 0.80 76.55 55.62
CA THR E 90 0.40 76.71 57.02
C THR E 90 -1.11 76.90 57.16
N LEU E 91 -1.74 75.98 57.88
CA LEU E 91 -3.14 76.09 58.29
C LEU E 91 -3.13 76.71 59.68
N GLU E 92 -3.68 77.93 59.81
CA GLU E 92 -3.56 78.69 61.06
C GLU E 92 -4.47 78.17 62.19
N ALA E 93 -5.65 77.70 61.82
CA ALA E 93 -6.45 76.84 62.70
C ALA E 93 -5.87 75.43 62.58
N THR E 94 -5.62 74.78 63.72
CA THR E 94 -4.79 73.56 63.89
C THR E 94 -3.32 73.86 64.22
N ASN E 95 -2.77 74.92 63.61
CA ASN E 95 -1.33 75.21 63.61
C ASN E 95 -0.51 74.10 62.93
N GLU E 96 -1.16 73.35 62.02
CA GLU E 96 -0.49 72.26 61.31
C GLU E 96 0.30 72.85 60.16
N ASN E 97 1.54 73.24 60.46
CA ASN E 97 2.45 73.76 59.45
C ASN E 97 3.06 72.59 58.68
N PHE E 98 2.99 72.69 57.36
CA PHE E 98 3.49 71.67 56.45
C PHE E 98 4.52 72.26 55.51
N ARG E 99 5.50 71.44 55.13
CA ARG E 99 6.31 71.71 53.95
C ARG E 99 6.06 70.57 52.97
N LEU E 100 5.78 70.95 51.72
CA LEU E 100 5.61 69.96 50.65
C LEU E 100 6.95 69.38 50.25
N VAL E 101 7.15 68.11 50.66
CA VAL E 101 8.37 67.36 50.40
C VAL E 101 7.98 65.96 49.90
N TYR E 102 8.80 65.42 49.01
CA TYR E 102 8.52 64.13 48.36
C TYR E 102 8.79 62.94 49.26
N ASP E 103 8.02 61.87 49.05
CA ASP E 103 8.27 60.57 49.66
C ASP E 103 9.28 59.81 48.81
N VAL E 104 9.93 58.80 49.39
CA VAL E 104 10.86 57.91 48.67
C VAL E 104 10.26 57.25 47.42
N LYS E 105 8.98 56.90 47.48
CA LYS E 105 8.28 56.33 46.30
C LYS E 105 8.08 57.37 45.18
N GLY E 106 7.86 58.63 45.56
CA GLY E 106 7.79 59.75 44.61
C GLY E 106 6.73 60.78 44.97
N ARG E 107 5.55 60.29 45.31
CA ARG E 107 4.41 61.13 45.76
C ARG E 107 4.73 62.10 46.90
N PHE E 108 3.98 63.22 46.93
CA PHE E 108 4.16 64.25 47.96
C PHE E 108 3.75 63.75 49.34
N ALA E 109 4.71 63.72 50.26
CA ALA E 109 4.46 63.32 51.65
C ALA E 109 3.96 64.51 52.45
N VAL E 110 3.04 64.25 53.38
CA VAL E 110 2.51 65.27 54.29
C VAL E 110 3.46 65.36 55.49
N HIS E 111 4.37 66.33 55.43
CA HIS E 111 5.39 66.51 56.46
C HIS E 111 4.92 67.54 57.50
N ARG E 112 4.52 67.06 58.68
CA ARG E 112 4.01 67.92 59.75
C ARG E 112 5.17 68.63 60.46
N ILE E 113 5.55 69.77 59.90
CA ILE E 113 6.75 70.51 60.33
C ILE E 113 6.45 71.49 61.47
N THR E 114 7.47 71.78 62.30
CA THR E 114 7.37 72.75 63.39
C THR E 114 7.21 74.19 62.89
N ASP E 115 6.75 75.06 63.80
CA ASP E 115 6.48 76.47 63.48
C ASP E 115 7.75 77.30 63.23
N GLU E 116 8.84 76.96 63.90
CA GLU E 116 10.10 77.70 63.77
C GLU E 116 10.81 77.43 62.44
N GLU E 117 10.76 76.18 61.97
CA GLU E 117 11.37 75.80 60.69
C GLU E 117 10.48 76.21 59.52
N ALA E 118 9.17 75.97 59.64
CA ALA E 118 8.19 76.47 58.67
C ALA E 118 8.09 77.99 58.78
N SER E 119 8.97 78.66 58.05
CA SER E 119 9.21 80.09 58.21
C SER E 119 10.07 80.58 57.06
N TYR E 120 11.19 79.87 56.83
CA TYR E 120 11.98 80.00 55.61
C TYR E 120 11.59 78.95 54.58
N LYS E 121 12.01 79.16 53.33
CA LYS E 121 11.89 78.18 52.26
C LYS E 121 13.23 78.03 51.57
N LEU E 122 13.76 76.81 51.56
CA LEU E 122 14.93 76.49 50.74
C LEU E 122 14.47 76.45 49.27
N ALA E 123 15.24 77.06 48.37
CA ALA E 123 14.87 77.13 46.94
C ALA E 123 16.09 77.14 46.04
N LYS E 124 15.97 76.55 44.84
CA LYS E 124 17.13 76.35 43.96
C LYS E 124 17.47 77.65 43.21
N VAL E 125 18.47 77.59 42.34
CA VAL E 125 18.81 78.71 41.47
C VAL E 125 18.74 78.27 40.01
N LYS E 126 17.79 78.86 39.27
CA LYS E 126 17.57 78.58 37.86
C LYS E 126 18.42 79.47 36.94
N LYS E 127 18.52 80.75 37.28
CA LYS E 127 19.27 81.73 36.47
C LYS E 127 20.02 82.73 37.35
N VAL E 128 21.03 83.36 36.75
CA VAL E 128 21.67 84.56 37.32
C VAL E 128 21.94 85.53 36.17
N GLN E 129 21.07 86.54 36.05
CA GLN E 129 21.18 87.57 35.03
C GLN E 129 21.13 88.94 35.69
N LEU E 130 21.24 89.99 34.87
CA LEU E 130 21.00 91.36 35.31
C LEU E 130 19.79 91.89 34.56
N GLY E 131 18.91 92.59 35.28
CA GLY E 131 17.72 93.20 34.69
C GLY E 131 17.99 94.63 34.29
N LYS E 132 16.92 95.41 34.14
CA LYS E 132 17.05 96.84 33.82
C LYS E 132 17.63 97.64 34.98
N LYS E 133 18.26 98.77 34.64
CA LYS E 133 19.12 99.57 35.54
C LYS E 133 20.36 98.82 36.10
N GLY E 134 20.82 97.78 35.39
CA GLY E 134 22.07 97.09 35.71
C GLY E 134 22.09 96.34 37.03
N ILE E 135 20.94 95.83 37.44
CA ILE E 135 20.78 95.18 38.74
C ILE E 135 20.84 93.66 38.57
N PRO E 136 21.79 92.99 39.23
CA PRO E 136 21.83 91.53 39.15
C PRO E 136 20.71 90.90 39.99
N TYR E 137 20.07 89.87 39.42
CA TYR E 137 18.95 89.19 40.07
C TYR E 137 19.06 87.68 39.86
N VAL E 138 18.65 86.93 40.88
CA VAL E 138 18.63 85.47 40.83
C VAL E 138 17.19 85.00 40.62
N VAL E 139 17.04 83.87 39.95
CA VAL E 139 15.74 83.23 39.73
C VAL E 139 15.78 81.87 40.40
N THR E 140 14.64 81.43 40.93
CA THR E 140 14.53 80.11 41.54
C THR E 140 13.71 79.18 40.65
N HIS E 141 14.13 77.91 40.57
CA HIS E 141 13.31 76.85 39.96
C HIS E 141 11.99 76.67 40.72
N ASP E 142 11.95 77.11 41.98
CA ASP E 142 10.74 77.10 42.80
C ASP E 142 10.05 78.49 42.84
N GLY E 143 9.90 79.13 41.68
CA GLY E 143 9.02 80.30 41.52
C GLY E 143 9.68 81.68 41.50
N ARG E 144 10.21 82.09 42.65
CA ARG E 144 10.60 83.50 42.90
C ARG E 144 11.75 84.03 42.04
N THR E 145 11.84 85.36 41.99
CA THR E 145 12.99 86.08 41.47
C THR E 145 13.44 87.09 42.53
N ILE E 146 14.68 86.95 42.98
CA ILE E 146 15.22 87.78 44.06
C ILE E 146 16.31 88.69 43.51
N ARG E 147 16.06 90.00 43.59
CA ARG E 147 17.07 91.00 43.23
C ARG E 147 18.22 90.97 44.22
N TYR E 148 19.41 91.28 43.70
CA TYR E 148 20.60 91.45 44.53
C TYR E 148 20.95 90.21 45.37
N PRO E 149 21.56 89.19 44.73
CA PRO E 149 22.10 88.03 45.42
C PRO E 149 23.62 88.13 45.59
N ASP E 150 24.15 87.64 46.71
CA ASP E 150 25.60 87.59 46.97
C ASP E 150 26.31 87.09 45.69
N PRO E 151 27.15 87.94 45.06
CA PRO E 151 27.80 87.67 43.76
C PRO E 151 28.24 86.23 43.50
N ASN E 152 28.68 85.53 44.55
CA ASN E 152 28.96 84.09 44.49
C ASN E 152 27.75 83.20 44.82
N ILE E 153 26.60 83.52 44.21
CA ILE E 153 25.44 82.63 44.15
C ILE E 153 25.22 82.39 42.65
N LYS E 154 25.69 81.23 42.18
CA LYS E 154 25.66 80.89 40.77
C LYS E 154 24.55 79.87 40.47
N VAL E 155 24.52 79.34 39.25
CA VAL E 155 23.38 78.52 38.79
C VAL E 155 23.41 77.13 39.41
N ASN E 156 22.22 76.62 39.72
CA ASN E 156 22.03 75.33 40.39
C ASN E 156 22.52 75.29 41.86
N ASP E 157 22.77 76.45 42.45
CA ASP E 157 22.97 76.58 43.89
C ASP E 157 21.60 76.55 44.56
N THR E 158 21.61 76.50 45.89
CA THR E 158 20.38 76.64 46.67
C THR E 158 20.48 77.79 47.66
N VAL E 159 19.31 78.32 48.01
CA VAL E 159 19.13 79.59 48.67
C VAL E 159 18.04 79.45 49.71
N LYS E 160 18.39 79.76 50.97
CA LYS E 160 17.40 79.83 52.04
C LYS E 160 16.71 81.19 51.98
N VAL E 161 15.44 81.19 51.60
CA VAL E 161 14.64 82.40 51.45
C VAL E 161 13.85 82.62 52.73
N ASP E 162 13.94 83.84 53.29
CA ASP E 162 13.25 84.21 54.53
C ASP E 162 11.72 84.11 54.44
N LEU E 163 11.20 84.25 53.22
CA LEU E 163 9.80 83.90 52.85
C LEU E 163 8.78 84.94 53.29
N ALA E 164 8.77 85.26 54.58
CA ALA E 164 7.99 86.38 55.12
C ALA E 164 8.39 87.70 54.45
N THR E 165 9.70 87.97 54.43
CA THR E 165 10.24 89.15 53.74
C THR E 165 10.51 88.87 52.25
N GLY E 166 10.87 87.64 51.91
CA GLY E 166 11.17 87.24 50.54
C GLY E 166 12.57 87.70 50.14
N THR E 167 13.54 87.37 50.97
CA THR E 167 14.92 87.85 50.84
C THR E 167 15.86 86.62 50.76
N ILE E 168 17.14 86.79 51.11
CA ILE E 168 18.09 85.68 51.18
C ILE E 168 18.74 85.62 52.57
N THR E 169 18.46 84.55 53.30
CA THR E 169 19.14 84.25 54.56
C THR E 169 20.56 83.80 54.27
N ASP E 170 20.67 82.74 53.48
CA ASP E 170 21.93 82.06 53.22
C ASP E 170 21.83 81.26 51.92
N PHE E 171 22.94 80.66 51.51
CA PHE E 171 22.99 79.80 50.34
C PHE E 171 23.95 78.62 50.54
N ILE E 172 23.75 77.57 49.75
CA ILE E 172 24.72 76.48 49.64
C ILE E 172 25.25 76.47 48.22
N LYS E 173 26.57 76.38 48.09
CA LYS E 173 27.21 76.23 46.79
C LYS E 173 27.06 74.77 46.34
N PHE E 174 26.66 74.56 45.09
CA PHE E 174 26.63 73.22 44.52
C PHE E 174 28.06 72.75 44.34
N ASP E 175 28.41 71.63 44.97
CA ASP E 175 29.74 71.03 44.80
C ASP E 175 29.78 69.58 45.29
N THR E 176 30.91 68.92 45.03
CA THR E 176 31.19 67.56 45.50
C THR E 176 31.03 67.42 47.01
N GLY E 177 30.29 66.40 47.44
CA GLY E 177 30.12 66.10 48.86
C GLY E 177 29.31 67.13 49.64
N LYS E 178 28.14 67.47 49.12
CA LYS E 178 27.18 68.35 49.79
C LYS E 178 25.76 67.80 49.61
N LEU E 179 25.13 67.45 50.73
CA LEU E 179 23.77 66.85 50.77
C LEU E 179 22.82 67.40 49.70
N VAL E 180 22.19 66.47 48.97
CA VAL E 180 21.36 66.79 47.81
C VAL E 180 20.10 65.91 47.80
N TYR E 181 19.01 66.51 47.33
CA TYR E 181 17.68 65.91 47.29
C TYR E 181 17.22 65.88 45.84
N VAL E 182 16.53 64.80 45.47
CA VAL E 182 16.27 64.47 44.06
C VAL E 182 14.82 64.73 43.68
N THR E 183 14.63 65.37 42.52
CA THR E 183 13.31 65.78 42.04
C THR E 183 13.12 65.48 40.53
N GLY E 184 13.25 64.20 40.17
CA GLY E 184 13.04 63.80 38.78
C GLY E 184 13.10 62.30 38.48
N GLY E 185 11.96 61.73 38.12
CA GLY E 185 11.90 60.38 37.57
C GLY E 185 12.09 59.24 38.55
N ARG E 186 12.99 58.32 38.21
CA ARG E 186 13.15 57.04 38.92
C ARG E 186 13.79 57.21 40.30
N ASN E 187 14.66 58.21 40.43
CA ASN E 187 15.30 58.54 41.72
C ASN E 187 14.59 59.65 42.50
N LEU E 188 13.42 60.09 42.05
CA LEU E 188 12.72 61.22 42.68
C LEU E 188 12.38 60.90 44.13
N GLY E 189 12.77 61.80 45.03
CA GLY E 189 12.51 61.65 46.46
C GLY E 189 13.66 61.15 47.30
N ARG E 190 14.70 60.58 46.67
CA ARG E 190 15.88 60.11 47.38
C ARG E 190 16.76 61.27 47.84
N VAL E 191 17.72 60.96 48.71
CA VAL E 191 18.66 61.97 49.24
C VAL E 191 20.08 61.39 49.27
N GLY E 192 21.07 62.19 48.91
CA GLY E 192 22.46 61.72 48.80
C GLY E 192 23.50 62.80 48.94
N THR E 193 24.75 62.49 48.57
CA THR E 193 25.91 63.34 48.88
C THR E 193 26.49 64.16 47.71
N ILE E 194 26.59 63.54 46.53
CA ILE E 194 27.26 64.08 45.31
C ILE E 194 28.73 63.66 45.27
N VAL E 195 29.08 62.93 44.21
CA VAL E 195 30.40 62.35 44.00
C VAL E 195 31.08 62.99 42.79
N HIS E 196 30.43 62.88 41.62
CA HIS E 196 30.92 63.43 40.36
C HIS E 196 30.01 64.55 39.87
N ARG E 197 30.42 65.15 38.76
CA ARG E 197 29.53 65.93 37.90
C ARG E 197 30.03 65.78 36.47
N GLU E 198 29.42 64.86 35.71
CA GLU E 198 29.79 64.66 34.31
C GLU E 198 29.37 65.90 33.53
N ARG E 199 30.36 66.60 32.98
CA ARG E 199 30.17 67.96 32.47
C ARG E 199 29.22 67.98 31.28
N HIS E 200 29.63 67.36 30.17
CA HIS E 200 28.82 67.24 28.94
C HIS E 200 28.35 68.56 28.32
N GLU E 201 28.84 68.83 27.11
CA GLU E 201 28.63 70.13 26.47
C GLU E 201 27.25 70.19 25.82
N GLY E 202 26.30 70.76 26.56
CA GLY E 202 24.92 70.92 26.09
C GLY E 202 23.98 69.86 26.63
N GLY E 203 24.29 68.60 26.32
CA GLY E 203 23.39 67.47 26.60
C GLY E 203 23.35 66.97 28.04
N PHE E 204 22.79 67.79 28.93
CA PHE E 204 22.43 67.40 30.31
C PHE E 204 23.62 67.00 31.20
N ASP E 205 23.91 67.83 32.20
CA ASP E 205 24.96 67.52 33.18
C ASP E 205 24.45 66.46 34.17
N LEU E 206 25.09 65.29 34.16
CA LEU E 206 24.72 64.20 35.09
C LEU E 206 25.38 64.40 36.45
N VAL E 207 24.86 63.70 37.46
CA VAL E 207 25.45 63.73 38.81
C VAL E 207 25.41 62.36 39.50
N HIS E 208 26.58 61.75 39.69
CA HIS E 208 26.70 60.52 40.45
C HIS E 208 26.55 60.83 41.93
N ILE E 209 25.53 60.25 42.56
CA ILE E 209 25.14 60.57 43.92
C ILE E 209 24.98 59.28 44.72
N LYS E 210 25.67 59.22 45.87
CA LYS E 210 25.52 58.09 46.81
C LYS E 210 24.72 58.54 48.03
N ASP E 211 23.94 57.61 48.57
CA ASP E 211 23.09 57.86 49.74
C ASP E 211 23.78 57.38 51.02
N SER E 212 23.07 57.41 52.15
CA SER E 212 23.58 56.90 53.44
C SER E 212 23.92 55.40 53.44
N LEU E 213 23.27 54.64 52.55
CA LEU E 213 23.48 53.19 52.43
C LEU E 213 24.62 52.78 51.49
N GLU E 214 25.39 53.76 50.99
CA GLU E 214 26.42 53.57 49.93
C GLU E 214 25.85 53.00 48.61
N ASN E 215 24.59 53.30 48.33
CA ASN E 215 23.96 52.90 47.07
C ASN E 215 24.03 54.08 46.11
N THR E 216 24.74 53.90 45.00
CA THR E 216 24.95 54.95 44.01
C THR E 216 23.72 55.08 43.10
N PHE E 217 23.49 56.29 42.61
CA PHE E 217 22.57 56.51 41.48
C PHE E 217 22.93 57.79 40.73
N VAL E 218 22.37 57.93 39.54
CA VAL E 218 22.64 59.07 38.66
C VAL E 218 21.35 59.79 38.30
N THR E 219 21.42 61.12 38.28
CA THR E 219 20.33 61.97 37.77
C THR E 219 20.90 63.13 36.98
N ARG E 220 20.03 63.83 36.26
CA ARG E 220 20.39 65.07 35.58
C ARG E 220 20.40 66.22 36.59
N LEU E 221 21.11 67.29 36.24
CA LEU E 221 21.37 68.38 37.18
C LEU E 221 20.11 69.14 37.56
N ASN E 222 19.32 69.49 36.55
CA ASN E 222 17.97 70.06 36.74
C ASN E 222 17.05 69.25 37.66
N ASN E 223 17.22 67.93 37.70
CA ASN E 223 16.49 67.04 38.62
C ASN E 223 17.12 66.89 40.02
N VAL E 224 18.07 67.76 40.38
CA VAL E 224 18.75 67.67 41.68
C VAL E 224 18.73 69.03 42.40
N PHE E 225 18.64 68.99 43.73
CA PHE E 225 18.37 70.17 44.55
C PHE E 225 19.25 70.10 45.81
N VAL E 226 20.12 71.08 46.01
CA VAL E 226 21.14 71.00 47.09
C VAL E 226 20.55 71.36 48.47
N ILE E 227 20.48 70.36 49.34
CA ILE E 227 19.70 70.45 50.59
C ILE E 227 20.55 70.72 51.86
N GLY E 228 21.87 70.55 51.76
CA GLY E 228 22.77 70.81 52.88
C GLY E 228 24.18 70.27 52.70
N GLU E 229 24.85 70.02 53.82
CA GLU E 229 26.15 69.35 53.88
C GLU E 229 25.94 68.00 54.58
N PRO E 230 26.71 66.95 54.20
CA PRO E 230 26.40 65.58 54.65
C PRO E 230 26.33 65.43 56.17
N GLY E 231 25.16 65.06 56.67
CA GLY E 231 24.87 65.00 58.10
C GLY E 231 23.87 66.07 58.53
N ARG E 232 24.10 67.30 58.06
CA ARG E 232 23.23 68.44 58.38
C ARG E 232 22.46 68.94 57.16
N PRO E 233 21.26 68.37 56.90
CA PRO E 233 20.38 68.98 55.91
C PRO E 233 19.73 70.22 56.50
N TRP E 234 19.40 71.19 55.66
CA TRP E 234 18.79 72.44 56.11
C TRP E 234 17.29 72.32 56.40
N ILE E 235 16.67 71.19 56.02
CA ILE E 235 15.25 70.93 56.23
C ILE E 235 15.06 69.58 56.91
N SER E 236 13.98 69.45 57.68
CA SER E 236 13.58 68.18 58.28
C SER E 236 12.91 67.30 57.22
N LEU E 237 13.55 66.17 56.92
CA LEU E 237 13.06 65.23 55.91
C LEU E 237 12.20 64.15 56.55
N PRO E 238 11.23 63.59 55.80
CA PRO E 238 10.28 62.65 56.39
C PRO E 238 10.89 61.28 56.73
N LYS E 239 10.13 60.48 57.48
CA LYS E 239 10.52 59.11 57.80
C LYS E 239 10.86 58.31 56.55
N GLY E 240 11.99 57.61 56.60
CA GLY E 240 12.64 57.06 55.41
C GLY E 240 13.90 57.84 55.09
N LYS E 241 13.77 59.17 55.05
CA LYS E 241 14.88 60.10 54.82
C LYS E 241 15.64 59.80 53.52
N GLY E 242 14.89 59.81 52.42
CA GLY E 242 15.43 59.64 51.07
C GLY E 242 16.34 58.44 50.82
N ILE E 243 16.10 57.35 51.56
CA ILE E 243 16.92 56.14 51.43
C ILE E 243 16.46 55.35 50.22
N LYS E 244 15.17 54.98 50.22
CA LYS E 244 14.54 54.16 49.17
C LYS E 244 15.09 52.74 49.21
N LEU E 245 14.36 51.87 49.90
CA LEU E 245 14.78 50.49 50.13
C LEU E 245 14.45 49.63 48.92
N THR E 246 15.09 48.46 48.83
CA THR E 246 14.72 47.44 47.84
C THR E 246 13.33 46.90 48.16
N ILE E 247 12.74 46.19 47.20
CA ILE E 247 11.36 45.70 47.35
C ILE E 247 11.29 44.66 48.45
N SER E 248 12.23 43.72 48.38
CA SER E 248 12.35 42.61 49.32
C SER E 248 12.51 43.16 50.74
N GLU E 249 13.42 44.12 50.86
CA GLU E 249 13.73 44.78 52.12
C GLU E 249 12.47 45.41 52.72
N GLU E 250 11.75 46.11 51.85
CA GLU E 250 10.50 46.79 52.22
C GLU E 250 9.51 45.78 52.78
N ARG E 251 9.38 44.68 52.05
CA ARG E 251 8.47 43.58 52.42
C ARG E 251 8.81 43.06 53.81
N ASP E 252 10.11 42.84 54.01
CA ASP E 252 10.64 42.34 55.28
C ASP E 252 10.26 43.29 56.42
N ARG E 253 10.46 44.58 56.16
CA ARG E 253 10.16 45.63 57.12
C ARG E 253 8.68 45.59 57.51
N ARG E 254 7.85 45.46 56.48
CA ARG E 254 6.40 45.39 56.65
C ARG E 254 6.02 44.21 57.54
N ARG E 255 6.52 43.03 57.19
CA ARG E 255 6.12 41.76 57.84
C ARG E 255 6.97 41.36 59.05
N ALA E 256 7.98 42.16 59.38
CA ALA E 256 8.67 42.10 60.67
C ALA E 256 7.91 42.96 61.67
N GLN E 257 7.61 44.20 61.26
CA GLN E 257 6.87 45.15 62.10
C GLN E 257 5.36 44.87 62.08
N HIS E 258 4.96 43.89 62.89
CA HIS E 258 3.54 43.60 63.16
C HIS E 258 3.27 43.86 64.64
N GLY E 259 2.88 45.10 64.95
CA GLY E 259 2.60 45.54 66.31
C GLY E 259 1.14 45.94 66.48
N LEU E 260 0.31 44.96 66.86
CA LEU E 260 -1.12 45.18 67.06
C LEU E 260 -1.38 45.87 68.39
N PHE F 1 -0.53 -86.64 -43.35
CA PHE F 1 0.12 -87.82 -42.69
C PHE F 1 -0.42 -88.04 -41.28
N VAL F 2 -0.81 -89.29 -40.99
CA VAL F 2 -1.26 -89.73 -39.66
C VAL F 2 -2.54 -89.00 -39.22
N PRO F 3 -3.70 -89.44 -39.75
CA PRO F 3 -5.00 -88.95 -39.26
C PRO F 3 -5.45 -89.72 -38.02
N VAL F 4 -5.24 -89.13 -36.85
CA VAL F 4 -5.55 -89.77 -35.57
C VAL F 4 -7.07 -89.70 -35.31
N GLU F 5 -7.63 -90.83 -34.87
CA GLU F 5 -9.08 -90.93 -34.65
C GLU F 5 -9.50 -90.30 -33.33
N LEU F 6 -10.09 -89.11 -33.42
CA LEU F 6 -10.79 -88.48 -32.29
C LEU F 6 -12.27 -88.81 -32.41
N ALA F 7 -12.90 -89.15 -31.29
CA ALA F 7 -14.33 -89.52 -31.23
C ALA F 7 -15.23 -88.55 -32.01
N THR F 8 -15.05 -87.26 -31.75
CA THR F 8 -15.65 -86.22 -32.60
C THR F 8 -14.87 -86.16 -33.90
N THR F 9 -15.46 -86.72 -34.96
CA THR F 9 -14.77 -86.90 -36.24
C THR F 9 -14.55 -85.58 -36.96
N ILE F 10 -13.34 -85.40 -37.49
CA ILE F 10 -12.92 -84.18 -38.18
C ILE F 10 -12.87 -84.49 -39.68
N PRO F 11 -13.22 -83.51 -40.55
CA PRO F 11 -13.01 -83.69 -41.99
C PRO F 11 -11.56 -83.99 -42.39
N VAL F 12 -11.40 -84.69 -43.52
CA VAL F 12 -10.13 -85.27 -43.95
C VAL F 12 -9.17 -84.17 -44.38
N GLU F 13 -9.69 -83.25 -45.18
CA GLU F 13 -8.95 -82.10 -45.70
C GLU F 13 -8.38 -81.29 -44.54
N ILE F 14 -9.26 -81.02 -43.57
CA ILE F 14 -8.92 -80.25 -42.38
C ILE F 14 -7.76 -80.91 -41.64
N GLN F 15 -7.90 -82.22 -41.47
CA GLN F 15 -6.90 -83.04 -40.78
C GLN F 15 -5.54 -82.91 -41.48
N GLN F 16 -5.59 -83.02 -42.80
CA GLN F 16 -4.41 -82.92 -43.65
C GLN F 16 -3.71 -81.56 -43.44
N ALA F 17 -4.49 -80.48 -43.44
CA ALA F 17 -3.95 -79.11 -43.31
C ALA F 17 -3.78 -78.70 -41.84
N GLN F 18 -2.90 -79.41 -41.14
CA GLN F 18 -2.63 -79.20 -39.71
C GLN F 18 -1.23 -79.69 -39.35
N GLN F 19 -0.77 -79.29 -38.16
CA GLN F 19 0.41 -79.87 -37.50
C GLN F 19 1.75 -79.73 -38.24
N GLU F 20 1.89 -80.46 -39.35
CA GLU F 20 3.15 -80.58 -40.10
C GLU F 20 3.71 -79.22 -40.54
N ILE F 21 2.83 -78.36 -41.06
CA ILE F 21 3.20 -77.00 -41.48
C ILE F 21 2.32 -76.01 -40.71
N LYS F 22 2.92 -74.90 -40.30
CA LYS F 22 2.20 -73.83 -39.61
C LYS F 22 1.58 -72.90 -40.65
N LEU F 23 0.45 -73.33 -41.19
CA LEU F 23 -0.19 -72.70 -42.35
C LEU F 23 -1.02 -71.47 -41.96
N PHE F 24 -1.60 -70.80 -42.95
CA PHE F 24 -2.48 -69.66 -42.73
C PHE F 24 -3.93 -70.15 -42.54
N ASN F 25 -4.85 -69.86 -43.47
CA ASN F 25 -6.23 -70.29 -43.36
C ASN F 25 -6.37 -71.69 -43.94
N LYS F 26 -5.78 -71.86 -45.13
CA LYS F 26 -5.61 -73.17 -45.77
C LYS F 26 -4.17 -73.40 -46.23
N TRP F 27 -3.65 -72.46 -47.02
CA TRP F 27 -2.31 -72.54 -47.65
C TRP F 27 -1.20 -71.97 -46.74
N SER F 28 0.05 -72.06 -47.21
CA SER F 28 1.24 -71.71 -46.43
C SER F 28 1.47 -70.20 -46.22
N PHE F 29 2.07 -69.87 -45.07
CA PHE F 29 2.36 -68.50 -44.67
C PHE F 29 3.83 -68.09 -44.89
N GLU F 30 4.65 -69.03 -45.35
CA GLU F 30 6.11 -68.84 -45.43
C GLU F 30 6.54 -67.98 -46.62
N ASP F 31 7.83 -67.67 -46.67
CA ASP F 31 8.46 -66.82 -47.71
C ASP F 31 8.04 -65.35 -47.50
N VAL F 32 7.71 -64.62 -48.56
CA VAL F 32 7.15 -63.25 -48.47
C VAL F 32 8.18 -62.18 -48.03
N GLU F 33 9.48 -62.52 -48.02
CA GLU F 33 10.48 -61.58 -47.53
C GLU F 33 10.51 -60.30 -48.39
N VAL F 34 10.41 -59.16 -47.73
CA VAL F 34 10.16 -57.86 -48.37
C VAL F 34 11.32 -57.42 -49.27
N LYS F 35 12.54 -57.48 -48.72
CA LYS F 35 13.76 -56.98 -49.37
C LYS F 35 13.69 -55.47 -49.62
N ASP F 36 13.33 -54.75 -48.57
CA ASP F 36 13.26 -53.29 -48.58
C ASP F 36 13.29 -52.83 -47.12
N ALA F 37 14.49 -52.49 -46.66
CA ALA F 37 14.69 -52.05 -45.28
C ALA F 37 13.89 -50.78 -45.02
N SER F 38 13.26 -50.72 -43.85
CA SER F 38 12.22 -49.75 -43.44
C SER F 38 10.94 -50.52 -43.26
N LEU F 39 10.49 -51.18 -44.33
CA LEU F 39 9.23 -51.90 -44.33
C LEU F 39 9.36 -53.34 -43.81
N VAL F 40 10.59 -53.78 -43.54
CA VAL F 40 10.85 -55.00 -42.76
C VAL F 40 10.68 -54.61 -41.28
N ASP F 41 10.19 -55.56 -40.48
CA ASP F 41 9.89 -55.39 -39.03
C ASP F 41 8.51 -54.75 -38.74
N TYR F 42 8.09 -53.80 -39.59
CA TYR F 42 6.80 -53.13 -39.42
C TYR F 42 5.71 -53.69 -40.36
N ILE F 43 6.12 -54.38 -41.42
CA ILE F 43 5.28 -55.36 -42.11
C ILE F 43 5.74 -56.73 -41.61
N GLN F 44 4.95 -57.35 -40.73
CA GLN F 44 5.34 -58.62 -40.09
C GLN F 44 4.60 -59.85 -40.66
N ILE F 45 5.32 -60.57 -41.52
CA ILE F 45 4.95 -61.92 -41.96
C ILE F 45 5.75 -62.96 -41.15
N SER F 46 6.64 -62.51 -40.26
CA SER F 46 7.42 -63.42 -39.40
C SER F 46 6.54 -64.22 -38.42
N LYS F 47 5.48 -63.60 -37.92
CA LYS F 47 4.54 -64.24 -36.99
C LYS F 47 3.48 -65.05 -37.76
N PRO F 48 3.49 -66.40 -37.66
CA PRO F 48 2.50 -67.20 -38.40
C PRO F 48 1.20 -67.43 -37.61
N ILE F 49 0.14 -66.73 -38.01
CA ILE F 49 -1.18 -66.80 -37.39
C ILE F 49 -2.13 -67.54 -38.36
N TYR F 50 -3.13 -68.24 -37.82
CA TYR F 50 -4.04 -69.07 -38.64
C TYR F 50 -5.33 -68.39 -39.12
N VAL F 51 -5.78 -67.35 -38.44
CA VAL F 51 -6.94 -66.55 -38.87
C VAL F 51 -6.68 -65.06 -38.65
N ALA F 52 -7.23 -64.22 -39.52
CA ALA F 52 -7.11 -62.77 -39.38
C ALA F 52 -8.05 -62.22 -38.30
N HIS F 53 -7.86 -62.71 -37.08
CA HIS F 53 -8.72 -62.37 -35.94
C HIS F 53 -7.99 -62.71 -34.66
N THR F 54 -7.78 -61.72 -33.81
CA THR F 54 -7.27 -61.92 -32.45
C THR F 54 -7.99 -60.97 -31.51
N ALA F 55 -7.82 -61.19 -30.21
CA ALA F 55 -8.25 -60.22 -29.20
C ALA F 55 -7.39 -58.97 -29.38
N GLY F 56 -6.08 -59.15 -29.33
CA GLY F 56 -5.12 -58.14 -29.74
C GLY F 56 -5.09 -56.87 -28.93
N ARG F 57 -4.33 -56.89 -27.84
CA ARG F 57 -4.03 -55.68 -27.06
C ARG F 57 -2.84 -54.97 -27.71
N TYR F 58 -3.07 -54.46 -28.92
CA TYR F 58 -2.02 -53.86 -29.74
C TYR F 58 -1.95 -52.35 -29.50
N ALA F 59 -3.11 -51.70 -29.54
CA ALA F 59 -3.23 -50.30 -29.16
C ALA F 59 -3.12 -50.17 -27.64
N ASN F 60 -1.90 -50.00 -27.16
CA ASN F 60 -1.59 -49.93 -25.73
C ASN F 60 -0.41 -49.01 -25.46
N LYS F 61 0.77 -49.42 -25.92
CA LYS F 61 2.02 -48.71 -25.63
C LYS F 61 2.38 -47.69 -26.72
N ARG F 62 2.86 -48.17 -27.87
CA ARG F 62 3.23 -47.28 -28.99
C ARG F 62 3.43 -48.05 -30.30
N PHE F 63 4.41 -48.94 -30.31
CA PHE F 63 4.84 -49.66 -31.51
C PHE F 63 4.33 -51.11 -31.57
N ARG F 64 3.44 -51.50 -30.65
CA ARG F 64 2.83 -52.84 -30.70
C ARG F 64 1.88 -53.02 -31.89
N LYS F 65 1.44 -51.91 -32.48
CA LYS F 65 0.74 -51.90 -33.77
C LYS F 65 1.56 -52.52 -34.90
N ALA F 66 2.88 -52.39 -34.82
CA ALA F 66 3.80 -53.03 -35.77
C ALA F 66 3.65 -54.55 -35.78
N GLN F 67 3.74 -55.14 -34.60
CA GLN F 67 3.72 -56.60 -34.44
C GLN F 67 2.35 -57.24 -34.70
N CYS F 68 1.29 -56.43 -34.78
CA CYS F 68 -0.02 -56.89 -35.26
C CYS F 68 0.09 -57.35 -36.72
N PRO F 69 -0.42 -58.56 -37.04
CA PRO F 69 -0.40 -59.10 -38.41
C PRO F 69 -1.01 -58.19 -39.50
N ILE F 70 -0.56 -58.42 -40.73
CA ILE F 70 -0.88 -57.58 -41.89
C ILE F 70 -2.33 -57.79 -42.30
N VAL F 71 -2.74 -59.05 -42.32
CA VAL F 71 -4.11 -59.44 -42.68
C VAL F 71 -5.11 -58.78 -41.73
N GLU F 72 -4.78 -58.86 -40.44
CA GLU F 72 -5.60 -58.27 -39.38
C GLU F 72 -5.78 -56.77 -39.61
N ARG F 73 -4.65 -56.13 -39.91
CA ARG F 73 -4.62 -54.69 -40.17
C ARG F 73 -5.54 -54.33 -41.33
N LEU F 74 -5.43 -55.13 -42.38
CA LEU F 74 -6.23 -54.96 -43.60
C LEU F 74 -7.72 -55.04 -43.26
N THR F 75 -8.05 -56.06 -42.46
CA THR F 75 -9.42 -56.31 -42.03
C THR F 75 -9.97 -55.09 -41.29
N ASN F 76 -9.14 -54.59 -40.38
CA ASN F 76 -9.46 -53.44 -39.56
C ASN F 76 -9.78 -52.23 -40.44
N SER F 77 -8.90 -52.03 -41.42
CA SER F 77 -9.02 -50.93 -42.38
C SER F 77 -10.36 -51.03 -43.12
N LEU F 78 -10.66 -52.25 -43.57
CA LEU F 78 -11.89 -52.54 -44.29
C LEU F 78 -13.11 -52.18 -43.45
N MET F 79 -13.04 -52.58 -42.18
CA MET F 79 -14.10 -52.30 -41.20
C MET F 79 -14.49 -50.82 -41.17
N MET F 80 -13.72 -49.87 -41.72
CA MET F 80 -14.17 -48.44 -41.85
C MET F 80 -15.62 -48.18 -42.34
N ASN F 81 -16.07 -46.96 -42.07
CA ASN F 81 -17.43 -46.46 -42.36
C ASN F 81 -18.52 -47.03 -41.45
N GLY F 82 -19.37 -46.13 -40.94
CA GLY F 82 -20.36 -46.44 -39.90
C GLY F 82 -21.30 -47.60 -40.20
N ARG F 83 -21.80 -47.63 -41.44
CA ARG F 83 -22.64 -48.73 -41.93
C ARG F 83 -21.99 -50.10 -41.69
N ASN F 84 -20.68 -50.17 -41.96
CA ASN F 84 -19.89 -51.39 -41.83
C ASN F 84 -19.02 -51.43 -40.56
N ASN F 85 -19.28 -50.53 -39.61
CA ASN F 85 -18.36 -50.34 -38.48
C ASN F 85 -18.54 -51.43 -37.43
N GLY F 86 -17.42 -51.84 -36.84
CA GLY F 86 -17.35 -53.13 -36.17
C GLY F 86 -17.43 -54.19 -37.27
N LYS F 87 -18.16 -55.27 -37.00
CA LYS F 87 -18.41 -56.33 -37.99
C LYS F 87 -17.09 -56.89 -38.54
N LYS F 88 -16.24 -57.35 -37.64
CA LYS F 88 -14.91 -57.80 -38.00
C LYS F 88 -14.94 -59.11 -38.79
N LEU F 89 -15.93 -59.95 -38.50
CA LEU F 89 -16.10 -61.23 -39.15
C LEU F 89 -16.25 -61.04 -40.66
N LYS F 90 -17.10 -60.08 -41.01
CA LYS F 90 -17.38 -59.73 -42.41
C LYS F 90 -16.09 -59.33 -43.12
N ALA F 91 -15.32 -58.48 -42.44
CA ALA F 91 -14.05 -57.98 -42.94
C ALA F 91 -13.10 -59.14 -43.23
N VAL F 92 -13.04 -60.06 -42.26
CA VAL F 92 -12.20 -61.24 -42.34
C VAL F 92 -12.57 -62.06 -43.57
N ARG F 93 -13.88 -62.25 -43.75
CA ARG F 93 -14.44 -63.00 -44.87
C ARG F 93 -14.00 -62.38 -46.19
N ILE F 94 -14.13 -61.06 -46.24
CA ILE F 94 -13.76 -60.27 -47.42
C ILE F 94 -12.29 -60.49 -47.76
N VAL F 95 -11.47 -60.42 -46.72
CA VAL F 95 -10.01 -60.61 -46.84
C VAL F 95 -9.71 -61.98 -47.44
N LYS F 96 -10.39 -62.98 -46.90
CA LYS F 96 -10.26 -64.37 -47.33
C LYS F 96 -10.57 -64.48 -48.83
N HIS F 97 -11.68 -63.87 -49.20
CA HIS F 97 -12.16 -63.86 -50.58
C HIS F 97 -11.09 -63.26 -51.51
N THR F 98 -10.56 -62.13 -51.06
CA THR F 98 -9.51 -61.41 -51.79
C THR F 98 -8.31 -62.31 -52.03
N LEU F 99 -7.92 -62.99 -50.95
CA LEU F 99 -6.78 -63.90 -50.97
C LEU F 99 -7.00 -65.01 -52.00
N GLU F 100 -8.21 -65.56 -51.97
CA GLU F 100 -8.63 -66.62 -52.88
C GLU F 100 -8.49 -66.16 -54.33
N ILE F 101 -8.99 -64.95 -54.56
CA ILE F 101 -8.96 -64.31 -55.88
C ILE F 101 -7.53 -64.20 -56.38
N ILE F 102 -6.66 -63.73 -55.48
CA ILE F 102 -5.25 -63.54 -55.77
C ILE F 102 -4.61 -64.86 -56.17
N ASN F 103 -4.95 -65.90 -55.40
CA ASN F 103 -4.45 -67.26 -55.64
C ASN F 103 -4.84 -67.73 -57.04
N VAL F 104 -6.11 -67.49 -57.36
CA VAL F 104 -6.68 -67.86 -58.65
C VAL F 104 -5.92 -67.19 -59.78
N LEU F 105 -5.64 -65.89 -59.61
CA LEU F 105 -4.95 -65.06 -60.59
C LEU F 105 -3.43 -65.30 -60.63
N THR F 106 -2.94 -65.87 -61.73
CA THR F 106 -1.50 -66.14 -61.96
C THR F 106 -0.82 -67.01 -60.89
N ASP F 107 -1.57 -67.93 -60.28
CA ASP F 107 -1.09 -68.73 -59.15
C ASP F 107 -0.53 -67.78 -58.06
N GLN F 108 0.73 -67.95 -57.66
CA GLN F 108 1.44 -66.99 -56.78
C GLN F 108 0.91 -66.97 -55.34
N ASN F 109 1.77 -66.61 -54.40
CA ASN F 109 1.34 -66.44 -53.01
C ASN F 109 0.57 -65.11 -52.84
N PRO F 110 -0.64 -65.17 -52.26
CA PRO F 110 -1.56 -64.06 -52.07
C PRO F 110 -0.98 -63.06 -51.04
N LEU F 111 -0.45 -63.61 -49.96
CA LEU F 111 0.16 -62.85 -48.88
C LEU F 111 1.31 -62.00 -49.44
N GLN F 112 2.13 -62.65 -50.25
CA GLN F 112 3.29 -62.01 -50.90
C GLN F 112 2.83 -60.81 -51.71
N VAL F 113 1.80 -61.06 -52.51
CA VAL F 113 1.21 -60.06 -53.38
C VAL F 113 0.76 -58.85 -52.58
N VAL F 114 0.07 -59.15 -51.48
CA VAL F 114 -0.46 -58.14 -50.57
C VAL F 114 0.68 -57.27 -50.04
N VAL F 115 1.74 -57.95 -49.62
CA VAL F 115 2.93 -57.30 -49.07
C VAL F 115 3.53 -56.34 -50.09
N ASP F 116 3.63 -56.84 -51.32
CA ASP F 116 4.17 -56.08 -52.44
C ASP F 116 3.37 -54.81 -52.65
N ALA F 117 2.05 -54.98 -52.64
CA ALA F 117 1.09 -53.89 -52.82
C ALA F 117 1.30 -52.82 -51.77
N ILE F 118 1.43 -53.29 -50.52
CA ILE F 118 1.65 -52.43 -49.36
C ILE F 118 2.91 -51.60 -49.56
N ILE F 119 3.96 -52.29 -49.98
CA ILE F 119 5.27 -51.68 -50.23
C ILE F 119 5.15 -50.56 -51.25
N ASN F 120 4.44 -50.89 -52.32
CA ASN F 120 4.22 -49.97 -53.43
C ASN F 120 3.50 -48.71 -52.94
N SER F 121 2.48 -48.94 -52.11
CA SER F 121 1.66 -47.88 -51.57
C SER F 121 2.26 -46.89 -50.57
N GLY F 122 3.32 -47.26 -49.85
CA GLY F 122 3.91 -46.35 -48.86
C GLY F 122 4.57 -45.12 -49.49
N PRO F 123 4.07 -43.90 -49.18
CA PRO F 123 4.73 -42.70 -49.71
C PRO F 123 6.06 -42.40 -49.04
N ARG F 124 7.07 -42.08 -49.85
CA ARG F 124 8.43 -41.86 -49.38
C ARG F 124 8.58 -40.55 -48.61
N GLU F 125 8.02 -39.48 -49.17
CA GLU F 125 8.08 -38.14 -48.58
C GLU F 125 6.72 -37.45 -48.66
N ASP F 126 6.23 -36.99 -47.52
CA ASP F 126 4.95 -36.26 -47.44
C ASP F 126 5.15 -34.85 -46.89
N THR F 127 4.26 -33.95 -47.29
CA THR F 127 4.28 -32.57 -46.80
C THR F 127 3.43 -32.41 -45.54
N THR F 128 3.86 -31.48 -44.69
CA THR F 128 3.13 -31.10 -43.47
C THR F 128 3.05 -29.58 -43.40
N ARG F 129 1.87 -29.07 -43.06
CA ARG F 129 1.64 -27.62 -43.08
C ARG F 129 2.35 -26.93 -41.91
N VAL F 130 3.13 -25.92 -42.24
CA VAL F 130 3.84 -25.10 -41.26
C VAL F 130 3.18 -23.72 -41.22
N GLY F 131 3.22 -23.09 -40.04
CA GLY F 131 2.73 -21.72 -39.89
C GLY F 131 3.57 -20.74 -40.68
N GLY F 132 4.72 -20.38 -40.12
CA GLY F 132 5.72 -19.54 -40.80
C GLY F 132 5.24 -18.14 -41.14
N GLY F 133 4.58 -17.49 -40.18
CA GLY F 133 4.07 -16.13 -40.36
C GLY F 133 2.55 -16.07 -40.52
N GLY F 134 2.03 -16.86 -41.45
CA GLY F 134 0.59 -16.84 -41.76
C GLY F 134 0.17 -17.67 -42.96
N ALA F 135 0.93 -17.56 -44.06
CA ALA F 135 0.63 -18.27 -45.30
C ALA F 135 0.79 -19.79 -45.17
N ALA F 136 0.21 -20.51 -46.13
CA ALA F 136 0.18 -21.98 -46.12
C ALA F 136 1.31 -22.61 -46.94
N ARG F 137 2.55 -22.30 -46.56
CA ARG F 137 3.73 -22.98 -47.12
C ARG F 137 3.83 -24.39 -46.50
N ARG F 138 4.14 -25.37 -47.35
CA ARG F 138 4.17 -26.77 -46.95
C ARG F 138 5.56 -27.37 -47.15
N GLN F 139 6.28 -27.60 -46.05
CA GLN F 139 7.62 -28.20 -46.10
C GLN F 139 7.50 -29.69 -46.34
N ALA F 140 8.29 -30.21 -47.29
CA ALA F 140 8.36 -31.65 -47.55
C ALA F 140 9.17 -32.34 -46.45
N VAL F 141 8.67 -33.49 -46.01
CA VAL F 141 9.20 -34.21 -44.85
C VAL F 141 9.23 -35.71 -45.17
N ASP F 142 10.23 -36.42 -44.63
CA ASP F 142 10.35 -37.87 -44.84
C ASP F 142 9.31 -38.60 -43.99
N VAL F 143 8.90 -39.78 -44.45
CA VAL F 143 7.82 -40.53 -43.79
C VAL F 143 8.42 -41.73 -43.04
N SER F 144 7.93 -41.94 -41.81
CA SER F 144 8.45 -42.99 -40.92
C SER F 144 7.81 -44.32 -41.33
N PRO F 145 8.56 -45.44 -41.19
CA PRO F 145 8.25 -46.64 -41.95
C PRO F 145 6.85 -47.15 -41.61
N LEU F 146 6.59 -47.21 -40.30
CA LEU F 146 5.31 -47.66 -39.75
C LEU F 146 4.18 -46.81 -40.31
N ARG F 147 4.41 -45.49 -40.26
CA ARG F 147 3.44 -44.50 -40.73
C ARG F 147 3.12 -44.74 -42.20
N ARG F 148 4.18 -44.94 -42.97
CA ARG F 148 4.08 -45.21 -44.41
C ARG F 148 3.21 -46.43 -44.67
N VAL F 149 3.50 -47.47 -43.91
CA VAL F 149 2.79 -48.75 -44.00
C VAL F 149 1.31 -48.54 -43.76
N ASN F 150 1.02 -47.78 -42.70
CA ASN F 150 -0.34 -47.46 -42.28
C ASN F 150 -1.08 -46.76 -43.42
N GLN F 151 -0.39 -45.78 -43.99
CA GLN F 151 -0.92 -44.98 -45.09
C GLN F 151 -1.28 -45.88 -46.27
N SER F 152 -0.36 -46.78 -46.58
CA SER F 152 -0.52 -47.74 -47.67
C SER F 152 -1.77 -48.58 -47.45
N ILE F 153 -1.89 -49.06 -46.23
CA ILE F 153 -3.01 -49.91 -45.81
C ILE F 153 -4.33 -49.16 -46.02
N ALA F 154 -4.33 -47.90 -45.58
CA ALA F 154 -5.50 -47.03 -45.70
C ALA F 154 -5.91 -46.90 -47.15
N LEU F 155 -4.90 -46.60 -47.96
CA LEU F 155 -5.16 -46.06 -49.29
C LEU F 155 -5.88 -47.11 -50.14
N LEU F 156 -5.35 -48.33 -50.06
CA LEU F 156 -5.89 -49.48 -50.78
C LEU F 156 -7.35 -49.70 -50.40
N THR F 157 -7.59 -49.66 -49.09
CA THR F 157 -8.92 -49.86 -48.53
C THR F 157 -9.89 -48.82 -49.08
N ILE F 158 -9.42 -47.58 -49.10
CA ILE F 158 -10.19 -46.44 -49.59
C ILE F 158 -10.58 -46.67 -51.05
N GLY F 159 -9.59 -47.10 -51.82
CA GLY F 159 -9.76 -47.38 -53.25
C GLY F 159 -10.84 -48.42 -53.45
N ALA F 160 -10.74 -49.48 -52.65
CA ALA F 160 -11.67 -50.60 -52.69
C ALA F 160 -13.09 -50.11 -52.43
N ARG F 161 -13.21 -49.27 -51.40
CA ARG F 161 -14.49 -48.71 -50.99
C ARG F 161 -15.10 -47.90 -52.14
N GLU F 162 -14.25 -47.09 -52.77
CA GLU F 162 -14.65 -46.25 -53.89
C GLU F 162 -15.19 -47.12 -55.03
N ALA F 163 -14.46 -48.18 -55.31
CA ALA F 163 -14.81 -49.13 -56.36
C ALA F 163 -16.20 -49.73 -56.09
N ALA F 164 -16.38 -50.13 -54.84
CA ALA F 164 -17.64 -50.71 -54.37
C ALA F 164 -18.80 -49.75 -54.60
N PHE F 165 -18.65 -48.50 -54.17
CA PHE F 165 -19.77 -47.53 -54.16
C PHE F 165 -20.53 -47.50 -55.49
N ARG F 166 -21.76 -48.01 -55.46
CA ARG F 166 -22.58 -48.24 -56.66
C ARG F 166 -21.83 -49.13 -57.67
N ASN F 167 -21.72 -50.43 -57.36
CA ASN F 167 -20.99 -51.37 -58.21
C ASN F 167 -21.26 -52.86 -57.94
N ILE F 168 -21.19 -53.66 -59.00
CA ILE F 168 -21.11 -55.14 -58.90
C ILE F 168 -19.86 -55.59 -58.18
N LYS F 169 -18.74 -54.92 -58.46
CA LYS F 169 -17.44 -55.40 -58.07
C LYS F 169 -17.43 -55.46 -56.55
N THR F 170 -17.60 -56.68 -56.04
CA THR F 170 -17.74 -56.93 -54.62
C THR F 170 -16.48 -56.44 -53.94
N ILE F 171 -16.62 -55.76 -52.81
CA ILE F 171 -15.52 -54.96 -52.26
C ILE F 171 -14.24 -55.76 -52.27
N ALA F 172 -14.34 -57.05 -51.92
CA ALA F 172 -13.21 -57.96 -51.85
C ALA F 172 -12.49 -58.00 -53.19
N GLU F 173 -13.25 -58.14 -54.22
CA GLU F 173 -12.70 -58.23 -55.58
C GLU F 173 -11.97 -56.93 -55.93
N THR F 174 -12.58 -55.84 -55.60
CA THR F 174 -11.99 -54.51 -55.84
C THR F 174 -10.62 -54.42 -55.15
N LEU F 175 -10.62 -54.86 -53.90
CA LEU F 175 -9.42 -54.86 -53.06
C LEU F 175 -8.32 -55.67 -53.73
N ALA F 176 -8.71 -56.86 -54.19
CA ALA F 176 -7.81 -57.79 -54.86
C ALA F 176 -7.18 -57.13 -56.08
N GLU F 177 -8.04 -56.48 -56.86
CA GLU F 177 -7.64 -55.78 -58.08
C GLU F 177 -6.59 -54.72 -57.76
N GLU F 178 -6.89 -53.96 -56.71
CA GLU F 178 -6.03 -52.88 -56.24
C GLU F 178 -4.65 -53.43 -55.89
N LEU F 179 -4.67 -54.54 -55.15
CA LEU F 179 -3.46 -55.22 -54.70
C LEU F 179 -2.61 -55.63 -55.91
N ILE F 180 -3.29 -56.20 -56.89
CA ILE F 180 -2.67 -56.66 -58.13
C ILE F 180 -1.97 -55.50 -58.83
N ASN F 181 -2.70 -54.39 -58.91
CA ASN F 181 -2.21 -53.17 -59.54
C ASN F 181 -0.93 -52.69 -58.85
N ALA F 182 -0.99 -52.69 -57.52
CA ALA F 182 0.12 -52.27 -56.69
C ALA F 182 1.35 -53.13 -56.96
N ALA F 183 1.11 -54.43 -57.04
CA ALA F 183 2.15 -55.42 -57.31
C ALA F 183 2.83 -55.13 -58.64
N LYS F 184 2.03 -54.84 -59.67
CA LYS F 184 2.57 -54.54 -61.00
C LYS F 184 2.53 -53.03 -61.20
N GLY F 185 3.20 -52.32 -60.29
CA GLY F 185 3.16 -50.85 -60.14
C GLY F 185 2.68 -50.06 -61.33
N SER F 186 1.37 -50.10 -61.56
CA SER F 186 0.74 -49.64 -62.80
C SER F 186 0.37 -48.17 -62.81
N SER F 187 0.02 -47.64 -61.64
CA SER F 187 -0.61 -46.31 -61.49
C SER F 187 -2.02 -46.25 -62.12
N THR F 188 -2.67 -47.41 -62.22
CA THR F 188 -4.09 -47.52 -62.54
C THR F 188 -4.93 -47.54 -61.26
N SER F 189 -4.34 -48.00 -60.16
CA SER F 189 -5.02 -48.04 -58.86
C SER F 189 -5.07 -46.62 -58.25
N TYR F 190 -5.80 -46.52 -57.15
CA TYR F 190 -6.12 -45.23 -56.52
C TYR F 190 -5.02 -44.85 -55.54
N ALA F 191 -4.64 -45.83 -54.72
CA ALA F 191 -3.60 -45.67 -53.70
C ALA F 191 -2.29 -45.24 -54.36
N ILE F 192 -1.96 -45.94 -55.44
CA ILE F 192 -0.74 -45.68 -56.20
C ILE F 192 -0.73 -44.24 -56.70
N LYS F 193 -1.87 -43.84 -57.26
CA LYS F 193 -2.07 -42.50 -57.80
C LYS F 193 -1.82 -41.46 -56.71
N LYS F 194 -2.41 -41.71 -55.55
CA LYS F 194 -2.31 -40.84 -54.39
C LYS F 194 -0.84 -40.67 -54.00
N LYS F 195 -0.14 -41.80 -53.95
CA LYS F 195 1.28 -41.85 -53.61
C LYS F 195 2.08 -40.97 -54.57
N ASP F 196 1.78 -41.14 -55.84
CA ASP F 196 2.44 -40.40 -56.92
C ASP F 196 2.26 -38.90 -56.72
N GLU F 197 1.01 -38.54 -56.42
CA GLU F 197 0.62 -37.15 -56.17
C GLU F 197 1.45 -36.56 -55.03
N LEU F 198 1.52 -37.35 -53.96
CA LEU F 198 2.26 -36.97 -52.75
C LEU F 198 3.73 -36.71 -53.10
N GLU F 199 4.28 -37.62 -53.88
CA GLU F 199 5.68 -37.54 -54.33
C GLU F 199 5.92 -36.24 -55.09
N ARG F 200 4.98 -35.97 -56.00
CA ARG F 200 5.03 -34.77 -56.84
C ARG F 200 5.04 -33.52 -55.96
N VAL F 201 4.16 -33.52 -54.98
CA VAL F 201 4.01 -32.42 -54.04
C VAL F 201 5.33 -32.17 -53.31
N ALA F 202 5.92 -33.28 -52.85
CA ALA F 202 7.19 -33.26 -52.13
C ALA F 202 8.28 -32.61 -52.99
N LYS F 203 8.31 -33.05 -54.24
CA LYS F 203 9.28 -32.57 -55.23
C LYS F 203 9.14 -31.06 -55.39
N SER F 204 7.88 -30.63 -55.53
CA SER F 204 7.54 -29.22 -55.68
C SER F 204 8.08 -28.40 -54.51
N ASN F 205 7.89 -28.91 -53.29
CA ASN F 205 8.34 -28.19 -52.08
C ASN F 205 9.66 -28.72 -51.51
N ARG F 206 10.72 -28.64 -52.33
CA ARG F 206 12.08 -29.02 -51.93
C ARG F 206 13.10 -28.14 -52.64
N MET G 1 -48.12 109.39 4.46
CA MET G 1 -48.11 108.30 5.48
C MET G 1 -47.87 108.90 6.89
N LYS G 2 -47.21 108.18 7.79
CA LYS G 2 -46.96 108.71 9.15
C LYS G 2 -45.85 109.76 9.13
N LEU G 3 -45.83 110.59 10.17
CA LEU G 3 -44.68 111.44 10.46
C LEU G 3 -44.29 111.35 11.93
N ASN G 4 -43.05 111.72 12.18
CA ASN G 4 -42.34 111.39 13.40
C ASN G 4 -41.65 112.66 13.92
N ILE G 5 -42.45 113.49 14.59
CA ILE G 5 -42.09 114.85 14.92
C ILE G 5 -41.83 115.00 16.42
N SER G 6 -40.73 115.66 16.75
CA SER G 6 -40.20 115.77 18.11
C SER G 6 -39.55 117.12 18.37
N TYR G 7 -39.92 117.74 19.50
CA TYR G 7 -39.36 119.02 19.92
C TYR G 7 -38.22 118.78 20.92
N PRO G 8 -37.08 119.48 20.76
CA PRO G 8 -35.94 119.28 21.68
C PRO G 8 -36.13 119.79 23.12
N ILE G 9 -36.28 121.10 23.29
CA ILE G 9 -36.18 121.75 24.62
C ILE G 9 -37.28 121.31 25.59
N ASN G 10 -38.53 121.37 25.13
CA ASN G 10 -39.68 120.89 25.92
C ASN G 10 -39.65 119.39 26.21
N GLY G 11 -39.10 118.62 25.27
CA GLY G 11 -39.05 117.16 25.38
C GLY G 11 -40.41 116.54 25.15
N THR G 12 -41.11 117.04 24.14
CA THR G 12 -42.49 116.64 23.82
C THR G 12 -42.67 116.51 22.32
N GLN G 13 -43.29 115.41 21.92
CA GLN G 13 -43.18 114.84 20.57
C GLN G 13 -44.50 114.17 20.22
N LYS G 14 -44.80 113.95 18.94
CA LYS G 14 -46.09 113.30 18.59
C LYS G 14 -46.18 112.59 17.24
N CYS G 15 -47.12 111.63 17.20
CA CYS G 15 -47.62 111.04 15.95
C CYS G 15 -48.38 112.09 15.15
N ILE G 16 -48.06 112.20 13.87
CA ILE G 16 -48.91 112.91 12.92
C ILE G 16 -49.09 112.01 11.71
N GLU G 17 -50.23 111.31 11.69
CA GLU G 17 -50.64 110.46 10.57
C GLU G 17 -51.15 111.37 9.45
N ILE G 18 -50.63 111.16 8.25
CA ILE G 18 -50.99 111.99 7.09
C ILE G 18 -51.38 111.11 5.90
N ASP G 19 -52.69 110.92 5.71
CA ASP G 19 -53.22 110.22 4.54
C ASP G 19 -53.23 111.12 3.28
N ASP G 20 -53.34 112.44 3.48
CA ASP G 20 -53.32 113.40 2.37
C ASP G 20 -51.94 113.51 1.74
N GLU G 21 -51.85 113.23 0.44
CA GLU G 21 -50.58 113.00 -0.24
C GLU G 21 -49.80 114.28 -0.54
N HIS G 22 -50.54 115.37 -0.72
CA HIS G 22 -49.96 116.67 -1.01
C HIS G 22 -48.99 117.08 0.09
N ARG G 23 -49.45 116.91 1.32
CA ARG G 23 -48.66 117.23 2.51
C ARG G 23 -47.35 116.46 2.50
N VAL G 24 -47.47 115.17 2.21
CA VAL G 24 -46.33 114.26 2.16
C VAL G 24 -45.31 114.74 1.13
N ARG G 25 -45.85 115.12 -0.03
CA ARG G 25 -45.05 115.59 -1.15
C ARG G 25 -44.03 116.73 -0.92
N VAL G 26 -44.02 117.37 0.24
CA VAL G 26 -42.98 118.38 0.54
C VAL G 26 -41.58 117.75 0.65
N PHE G 27 -41.50 116.60 1.33
CA PHE G 27 -40.22 115.99 1.70
C PHE G 27 -39.53 115.17 0.61
N TYR G 28 -40.21 114.91 -0.51
CA TYR G 28 -39.68 114.04 -1.58
C TYR G 28 -38.37 114.58 -2.18
N ASP G 29 -37.40 113.69 -2.35
CA ASP G 29 -36.08 114.01 -2.90
C ASP G 29 -35.25 114.99 -2.04
N LYS G 30 -35.49 114.99 -0.73
CA LYS G 30 -34.59 115.60 0.25
C LYS G 30 -33.70 114.48 0.78
N ARG G 31 -32.71 114.84 1.59
CA ARG G 31 -31.75 113.88 2.13
C ARG G 31 -31.59 114.11 3.64
N ILE G 32 -31.29 113.03 4.37
CA ILE G 32 -31.16 113.09 5.83
C ILE G 32 -30.07 114.09 6.27
N GLY G 33 -30.50 115.15 6.96
CA GLY G 33 -29.61 116.25 7.37
C GLY G 33 -29.89 117.52 6.58
N GLN G 34 -31.14 117.99 6.65
CA GLN G 34 -31.59 119.21 5.96
C GLN G 34 -32.69 119.91 6.79
N GLU G 35 -33.11 121.09 6.32
CA GLU G 35 -34.14 121.91 7.00
C GLU G 35 -35.45 121.94 6.20
N VAL G 36 -36.57 122.04 6.90
CA VAL G 36 -37.92 122.13 6.28
C VAL G 36 -38.76 123.20 6.98
N ASP G 37 -39.66 123.84 6.21
CA ASP G 37 -40.61 124.81 6.75
C ASP G 37 -41.90 124.15 7.24
N GLY G 38 -42.69 124.90 8.01
CA GLY G 38 -43.93 124.39 8.61
C GLY G 38 -45.16 124.45 7.73
N GLU G 39 -45.31 125.54 6.98
CA GLU G 39 -46.56 125.87 6.28
C GLU G 39 -46.94 124.92 5.14
N SER G 40 -45.94 124.53 4.34
CA SER G 40 -46.16 123.60 3.23
C SER G 40 -46.51 122.18 3.68
N VAL G 41 -46.01 121.79 4.86
CA VAL G 41 -46.23 120.45 5.42
C VAL G 41 -47.71 120.24 5.82
N GLY G 42 -48.36 121.28 6.34
CA GLY G 42 -49.77 121.18 6.68
C GLY G 42 -50.41 122.49 7.13
N ASP G 43 -51.69 122.42 7.46
CA ASP G 43 -52.46 123.56 7.99
C ASP G 43 -52.29 123.72 9.50
N GLU G 44 -52.14 122.59 10.20
CA GLU G 44 -51.90 122.59 11.65
C GLU G 44 -50.53 123.17 12.01
N PHE G 45 -49.51 122.84 11.21
CA PHE G 45 -48.18 123.43 11.34
C PHE G 45 -48.06 124.68 10.48
N LYS G 46 -47.86 125.84 11.12
CA LYS G 46 -47.64 127.11 10.41
C LYS G 46 -46.69 128.02 11.19
N GLY G 47 -45.60 128.43 10.54
CA GLY G 47 -44.52 129.18 11.18
C GLY G 47 -43.38 128.31 11.69
N TYR G 48 -43.67 127.03 11.94
CA TYR G 48 -42.68 126.07 12.44
C TYR G 48 -41.53 125.82 11.48
N VAL G 49 -40.44 125.26 12.02
CA VAL G 49 -39.32 124.80 11.20
C VAL G 49 -38.91 123.38 11.61
N PHE G 50 -39.13 122.40 10.72
CA PHE G 50 -38.65 121.04 10.91
C PHE G 50 -37.19 120.95 10.50
N LYS G 51 -36.50 119.96 11.05
CA LYS G 51 -35.16 119.57 10.60
C LYS G 51 -35.28 118.10 10.22
N ILE G 52 -35.12 117.80 8.94
CA ILE G 52 -35.23 116.42 8.46
C ILE G 52 -33.93 115.65 8.79
N ALA G 53 -34.06 114.73 9.74
CA ALA G 53 -33.03 113.75 10.05
C ALA G 53 -33.71 112.48 10.55
N GLY G 54 -33.38 111.35 9.93
CA GLY G 54 -34.00 110.06 10.22
C GLY G 54 -35.26 109.78 9.41
N GLY G 55 -35.55 108.49 9.23
CA GLY G 55 -36.78 108.04 8.57
C GLY G 55 -36.82 106.52 8.45
N ASN G 56 -37.81 105.99 7.72
CA ASN G 56 -37.81 104.57 7.36
C ASN G 56 -38.69 104.21 6.16
N ASP G 57 -38.11 103.48 5.22
CA ASP G 57 -38.81 102.78 4.13
C ASP G 57 -39.87 101.80 4.63
N LYS G 58 -40.78 101.41 3.74
CA LYS G 58 -41.64 100.23 3.93
C LYS G 58 -40.79 98.97 4.08
N GLN G 59 -41.43 97.85 4.43
CA GLN G 59 -40.78 96.56 4.74
C GLN G 59 -40.00 96.62 6.06
N GLY G 60 -39.14 97.63 6.21
CA GLY G 60 -38.63 98.08 7.52
C GLY G 60 -37.13 98.08 7.70
N PHE G 61 -36.41 98.69 6.76
CA PHE G 61 -34.96 98.91 6.86
C PHE G 61 -34.68 100.39 7.02
N PRO G 62 -33.93 100.79 8.07
CA PRO G 62 -33.88 102.19 8.45
C PRO G 62 -33.05 103.07 7.49
N MET G 63 -33.45 104.33 7.40
CA MET G 63 -32.78 105.31 6.54
C MET G 63 -31.47 105.75 7.20
N LYS G 64 -30.36 105.15 6.77
CA LYS G 64 -29.05 105.50 7.33
C LYS G 64 -28.49 106.74 6.66
N GLN G 65 -27.88 107.62 7.46
CA GLN G 65 -27.36 108.90 6.96
C GLN G 65 -26.06 108.72 6.18
N GLY G 66 -25.89 109.56 5.15
CA GLY G 66 -24.68 109.55 4.32
C GLY G 66 -24.51 108.37 3.36
N VAL G 67 -25.56 107.57 3.19
CA VAL G 67 -25.52 106.40 2.32
C VAL G 67 -25.84 106.77 0.87
N LEU G 68 -26.70 107.78 0.68
CA LEU G 68 -27.20 108.21 -0.63
C LEU G 68 -28.12 107.17 -1.28
N LEU G 69 -28.66 107.51 -2.46
CA LEU G 69 -29.75 106.77 -3.13
C LEU G 69 -31.08 106.83 -2.35
N PRO G 70 -32.21 106.65 -3.06
CA PRO G 70 -33.49 106.41 -2.41
C PRO G 70 -33.85 104.92 -2.44
N THR G 71 -32.91 104.07 -2.00
CA THR G 71 -33.00 102.62 -2.22
C THR G 71 -32.59 101.76 -1.02
N ARG G 72 -33.02 100.50 -1.10
CA ARG G 72 -32.75 99.46 -0.11
C ARG G 72 -31.44 98.77 -0.50
N VAL G 73 -30.46 98.78 0.40
CA VAL G 73 -29.10 98.31 0.10
C VAL G 73 -28.54 97.44 1.24
N LYS G 74 -28.15 96.20 0.93
CA LYS G 74 -27.47 95.33 1.91
C LYS G 74 -26.04 95.85 2.14
N LEU G 75 -25.70 96.05 3.41
CA LEU G 75 -24.45 96.74 3.77
C LEU G 75 -23.80 96.15 5.03
N LEU G 76 -22.47 96.05 4.99
CA LEU G 76 -21.67 95.54 6.10
C LEU G 76 -21.46 96.62 7.17
N LEU G 77 -21.85 96.31 8.41
CA LEU G 77 -21.85 97.27 9.52
C LEU G 77 -21.19 96.70 10.79
N ALA G 78 -20.12 97.34 11.24
CA ALA G 78 -19.43 96.99 12.49
C ALA G 78 -19.87 97.87 13.65
N LYS G 79 -19.32 97.62 14.85
CA LYS G 79 -19.54 98.46 16.03
C LYS G 79 -18.97 99.86 15.80
N GLY G 80 -19.62 100.85 16.39
CA GLY G 80 -19.27 102.26 16.21
C GLY G 80 -20.28 103.03 15.36
N HIS G 81 -20.88 102.36 14.38
CA HIS G 81 -21.89 102.99 13.52
C HIS G 81 -23.27 102.88 14.17
N SER G 82 -24.25 103.47 13.49
CA SER G 82 -25.66 103.14 13.71
C SER G 82 -26.01 101.90 12.86
N CYS G 83 -27.15 101.28 13.18
CA CYS G 83 -27.77 100.18 12.40
C CYS G 83 -27.25 98.77 12.69
N TYR G 84 -26.51 98.59 13.79
CA TYR G 84 -26.16 97.25 14.27
C TYR G 84 -25.80 97.28 15.75
N ARG G 85 -26.56 96.54 16.56
CA ARG G 85 -26.20 96.27 17.95
C ARG G 85 -25.37 94.98 17.94
N PRO G 86 -24.02 95.10 18.02
CA PRO G 86 -23.20 93.91 17.82
C PRO G 86 -23.19 93.01 19.06
N ARG G 87 -23.69 91.79 18.89
CA ARG G 87 -23.86 90.85 20.02
C ARG G 87 -22.58 90.13 20.45
N ARG G 88 -21.50 90.32 19.69
CA ARG G 88 -20.16 89.90 20.11
C ARG G 88 -19.25 91.13 20.11
N ASN G 89 -18.49 91.31 21.19
CA ASN G 89 -17.61 92.47 21.36
C ASN G 89 -16.56 92.55 20.25
N GLY G 90 -16.89 93.26 19.19
CA GLY G 90 -16.08 93.32 17.98
C GLY G 90 -16.59 92.33 16.96
N GLU G 91 -17.72 92.67 16.35
CA GLU G 91 -18.37 91.82 15.36
C GLU G 91 -18.97 92.67 14.25
N ARG G 92 -18.50 92.43 13.03
CA ARG G 92 -19.10 93.00 11.83
C ARG G 92 -20.26 92.12 11.36
N LYS G 93 -21.23 92.72 10.68
CA LYS G 93 -22.41 91.98 10.20
C LYS G 93 -23.11 92.77 9.10
N ARG G 94 -23.56 92.07 8.07
CA ARG G 94 -24.19 92.72 6.91
C ARG G 94 -25.68 92.81 7.08
N LYS G 95 -26.15 94.02 7.38
CA LYS G 95 -27.58 94.30 7.53
C LYS G 95 -27.99 95.14 6.33
N SER G 96 -29.25 94.97 5.91
CA SER G 96 -29.83 95.86 4.90
C SER G 96 -30.11 97.21 5.52
N VAL G 97 -29.99 98.25 4.69
CA VAL G 97 -30.10 99.62 5.13
C VAL G 97 -30.72 100.44 4.01
N ARG G 98 -31.56 101.39 4.38
CA ARG G 98 -32.21 102.27 3.43
C ARG G 98 -31.34 103.51 3.25
N GLY G 99 -31.19 103.95 2.00
CA GLY G 99 -30.43 105.15 1.68
C GLY G 99 -30.93 106.42 2.37
N ALA G 100 -30.09 107.45 2.38
CA ALA G 100 -30.38 108.70 3.10
C ALA G 100 -31.40 109.63 2.44
N ILE G 101 -31.77 109.34 1.18
CA ILE G 101 -32.64 110.20 0.38
C ILE G 101 -34.10 109.76 0.49
N VAL G 102 -35.00 110.75 0.44
CA VAL G 102 -36.44 110.54 0.62
C VAL G 102 -37.10 110.21 -0.71
N GLY G 103 -37.76 109.05 -0.77
CA GLY G 103 -38.56 108.61 -1.92
C GLY G 103 -40.00 108.29 -1.53
N PRO G 104 -40.72 107.53 -2.38
CA PRO G 104 -42.14 107.23 -2.14
C PRO G 104 -42.42 106.12 -1.12
N ASP G 105 -41.51 105.16 -0.99
CA ASP G 105 -41.74 103.98 -0.15
C ASP G 105 -41.68 104.25 1.36
N LEU G 106 -41.28 105.44 1.77
CA LEU G 106 -41.23 105.80 3.19
C LEU G 106 -42.61 105.95 3.81
N ALA G 107 -42.86 105.17 4.85
CA ALA G 107 -44.00 105.39 5.74
C ALA G 107 -43.71 106.54 6.72
N VAL G 108 -42.42 106.80 7.00
CA VAL G 108 -42.01 107.75 8.05
C VAL G 108 -40.76 108.55 7.71
N LEU G 109 -40.85 109.86 7.94
CA LEU G 109 -39.69 110.76 8.01
C LEU G 109 -39.63 111.33 9.43
N ALA G 110 -38.50 111.12 10.11
CA ALA G 110 -38.27 111.73 11.42
C ALA G 110 -37.91 113.20 11.24
N LEU G 111 -38.50 114.05 12.06
CA LEU G 111 -38.43 115.51 11.89
C LEU G 111 -38.24 116.23 13.22
N ILE G 112 -37.12 116.90 13.41
CA ILE G 112 -36.88 117.65 14.66
C ILE G 112 -37.56 119.02 14.53
N ILE G 113 -38.65 119.23 15.27
CA ILE G 113 -39.39 120.50 15.22
C ILE G 113 -38.58 121.60 15.95
N THR G 114 -37.62 122.18 15.23
CA THR G 114 -36.60 123.05 15.83
C THR G 114 -37.17 124.40 16.31
N LYS G 115 -37.53 125.25 15.35
CA LYS G 115 -38.05 126.59 15.65
C LYS G 115 -39.58 126.60 15.62
N LYS G 116 -40.17 127.28 16.60
CA LYS G 116 -41.63 127.32 16.79
C LYS G 116 -42.35 128.15 15.73
N GLY G 117 -43.67 128.00 15.71
CA GLY G 117 -44.56 128.70 14.78
C GLY G 117 -45.72 129.37 15.48
N GLU G 118 -46.94 128.98 15.09
CA GLU G 118 -48.16 129.61 15.58
C GLU G 118 -48.98 128.69 16.48
N GLN G 119 -49.48 127.59 15.91
CA GLN G 119 -50.42 126.69 16.59
C GLN G 119 -49.71 125.62 17.41
N GLU G 120 -49.79 125.73 18.73
CA GLU G 120 -49.28 124.69 19.64
C GLU G 120 -50.30 123.54 19.69
N ILE G 121 -49.84 122.32 19.47
CA ILE G 121 -50.72 121.17 19.21
C ILE G 121 -50.92 120.32 20.46
N GLU G 122 -52.09 120.45 21.08
CA GLU G 122 -52.50 119.63 22.25
C GLU G 122 -51.49 119.61 23.41
N GLY G 123 -50.48 118.74 23.31
CA GLY G 123 -49.40 118.66 24.31
C GLY G 123 -48.03 118.32 23.74
N ILE G 124 -47.76 118.76 22.51
CA ILE G 124 -46.42 118.64 21.89
C ILE G 124 -45.55 119.88 22.18
N THR G 125 -46.19 121.04 22.27
CA THR G 125 -45.50 122.30 22.61
C THR G 125 -46.22 123.11 23.71
N ASN G 126 -47.13 122.46 24.45
CA ASN G 126 -47.83 123.09 25.58
C ASN G 126 -47.26 122.56 26.89
N ASP G 127 -47.33 121.23 27.06
CA ASP G 127 -46.76 120.56 28.23
C ASP G 127 -45.26 120.37 28.04
N THR G 128 -44.57 120.09 29.15
CA THR G 128 -43.13 119.88 29.15
C THR G 128 -42.77 118.68 30.03
N VAL G 129 -42.22 117.64 29.43
CA VAL G 129 -41.74 116.47 30.15
C VAL G 129 -40.37 116.84 30.70
N PRO G 130 -40.20 116.85 32.04
CA PRO G 130 -38.90 117.17 32.59
C PRO G 130 -37.92 116.02 32.46
N LYS G 131 -36.68 116.30 32.85
CA LYS G 131 -35.59 115.34 32.74
C LYS G 131 -35.70 114.27 33.81
N ARG G 132 -35.62 113.00 33.40
CA ARG G 132 -35.71 111.88 34.34
C ARG G 132 -34.48 111.85 35.24
N LEU G 133 -33.31 111.90 34.62
CA LEU G 133 -32.04 111.90 35.32
C LEU G 133 -31.48 113.32 35.43
N GLY G 134 -30.46 113.47 36.25
CA GLY G 134 -29.80 114.76 36.48
C GLY G 134 -28.33 114.57 36.80
N PRO G 135 -27.55 115.67 36.86
CA PRO G 135 -26.09 115.58 36.88
C PRO G 135 -25.55 114.61 37.92
N LYS G 136 -24.69 113.71 37.45
CA LYS G 136 -24.22 112.57 38.23
C LYS G 136 -22.83 112.82 38.84
N ARG G 137 -21.97 113.51 38.10
CA ARG G 137 -20.63 113.88 38.57
C ARG G 137 -20.74 115.19 39.34
N ALA G 138 -19.79 115.45 40.23
CA ALA G 138 -19.73 116.71 40.98
C ALA G 138 -19.59 117.88 40.00
N ASN G 139 -18.67 117.72 39.07
CA ASN G 139 -18.38 118.72 38.04
C ASN G 139 -19.65 119.03 37.24
N ASN G 140 -20.32 117.96 36.84
CA ASN G 140 -21.55 118.04 36.07
C ASN G 140 -22.60 118.86 36.83
N ILE G 141 -22.73 118.53 38.11
CA ILE G 141 -23.67 119.19 39.02
C ILE G 141 -23.39 120.69 39.07
N ARG G 142 -22.11 121.00 39.22
CA ARG G 142 -21.61 122.37 39.29
C ARG G 142 -22.02 123.13 38.03
N LYS G 143 -21.78 122.49 36.90
CA LYS G 143 -22.09 123.03 35.57
C LYS G 143 -23.56 123.37 35.47
N PHE G 144 -24.37 122.41 35.91
CA PHE G 144 -25.83 122.53 35.91
C PHE G 144 -26.26 123.75 36.72
N PHE G 145 -25.66 123.86 37.90
CA PHE G 145 -26.00 124.92 38.81
C PHE G 145 -25.54 126.36 38.50
N GLY G 146 -24.22 126.54 38.51
CA GLY G 146 -23.55 127.84 38.44
C GLY G 146 -23.04 128.20 39.82
N LEU G 147 -22.04 127.47 40.29
CA LEU G 147 -21.61 127.50 41.71
C LEU G 147 -20.13 127.82 41.96
N THR G 148 -19.23 127.08 41.31
CA THR G 148 -17.77 127.10 41.56
C THR G 148 -17.37 126.21 42.75
N LYS G 149 -16.07 125.96 42.89
CA LYS G 149 -15.52 124.98 43.87
C LYS G 149 -15.81 125.32 45.35
N GLU G 150 -15.87 126.60 45.68
CA GLU G 150 -15.98 127.05 47.08
C GLU G 150 -17.32 126.79 47.78
N ASP G 151 -18.37 126.46 47.01
CA ASP G 151 -19.73 126.28 47.57
C ASP G 151 -19.92 125.03 48.47
N ASP G 152 -19.04 124.03 48.32
CA ASP G 152 -19.05 122.80 49.18
C ASP G 152 -20.25 121.87 48.87
N VAL G 153 -20.30 120.70 49.51
CA VAL G 153 -21.04 119.54 48.96
C VAL G 153 -21.70 118.52 49.97
N ARG G 154 -22.71 117.78 49.46
CA ARG G 154 -23.93 117.04 50.12
C ARG G 154 -25.56 117.38 49.73
N ASP G 155 -25.89 118.49 49.00
CA ASP G 155 -27.23 119.08 48.48
C ASP G 155 -27.76 118.86 47.06
N TYR G 156 -27.17 119.60 46.10
CA TYR G 156 -27.88 120.14 44.91
C TYR G 156 -28.31 119.03 43.98
N VAL G 157 -29.39 118.39 44.40
CA VAL G 157 -29.74 117.06 43.98
C VAL G 157 -31.23 116.91 44.20
N ILE G 158 -31.89 116.21 43.29
CA ILE G 158 -33.34 116.09 43.31
C ILE G 158 -33.70 114.82 44.08
N ARG G 159 -33.68 114.93 45.42
CA ARG G 159 -34.09 113.82 46.28
C ARG G 159 -35.58 113.60 46.12
N ARG G 160 -35.99 112.35 46.13
CA ARG G 160 -37.40 112.01 45.88
C ARG G 160 -38.09 111.65 47.18
N GLU G 161 -39.42 111.70 47.18
CA GLU G 161 -40.25 111.24 48.28
C GLU G 161 -41.31 110.27 47.76
N VAL G 162 -41.15 108.98 48.06
CA VAL G 162 -42.03 107.93 47.51
C VAL G 162 -42.67 107.14 48.66
N THR G 163 -43.83 106.54 48.36
CA THR G 163 -44.61 105.80 49.33
C THR G 163 -44.86 104.34 48.89
N LYS G 164 -44.68 103.40 49.81
CA LYS G 164 -45.15 102.02 49.61
C LYS G 164 -46.67 102.00 49.77
N GLY G 165 -47.13 102.58 50.89
CA GLY G 165 -48.56 102.75 51.15
C GLY G 165 -48.79 103.79 52.23
N ASP G 166 -48.54 103.39 53.48
CA ASP G 166 -48.62 104.30 54.63
C ASP G 166 -47.29 105.02 54.88
N LYS G 167 -46.19 104.28 54.78
CA LYS G 167 -44.84 104.83 54.94
C LYS G 167 -44.48 105.67 53.72
N SER G 168 -43.83 106.81 53.96
CA SER G 168 -43.47 107.77 52.89
C SER G 168 -42.04 108.25 53.14
N TYR G 169 -41.11 107.87 52.26
CA TYR G 169 -39.67 108.11 52.52
C TYR G 169 -38.86 108.52 51.29
N THR G 170 -37.61 108.93 51.55
CA THR G 170 -36.79 109.71 50.61
C THR G 170 -35.76 108.90 49.82
N LYS G 171 -35.67 109.18 48.51
CA LYS G 171 -34.57 108.69 47.66
C LYS G 171 -33.53 109.76 47.44
N ALA G 172 -32.30 109.30 47.25
CA ALA G 172 -31.19 110.14 46.81
C ALA G 172 -30.30 109.38 45.79
N PRO G 173 -29.36 110.08 45.12
CA PRO G 173 -28.52 109.50 44.06
C PRO G 173 -27.38 108.57 44.48
N LYS G 174 -26.29 108.57 43.72
CA LYS G 174 -25.00 108.03 44.18
C LYS G 174 -23.81 108.84 43.59
N ILE G 175 -23.93 110.18 43.61
CA ILE G 175 -23.06 111.15 42.88
C ILE G 175 -21.54 110.86 42.92
N GLN G 176 -20.84 111.12 41.81
CA GLN G 176 -19.44 110.70 41.61
C GLN G 176 -18.46 111.87 41.55
N ARG G 177 -17.20 111.57 41.89
CA ARG G 177 -16.07 112.51 41.80
C ARG G 177 -16.18 113.61 42.86
N LEU G 178 -15.11 113.79 43.62
CA LEU G 178 -15.09 114.82 44.67
C LEU G 178 -13.67 114.92 45.23
N VAL G 179 -13.45 115.96 46.01
CA VAL G 179 -12.43 115.93 47.05
C VAL G 179 -13.02 115.14 48.21
N THR G 180 -13.07 113.81 48.06
CA THR G 180 -13.58 112.96 49.11
C THR G 180 -12.42 112.75 50.09
N PRO G 181 -12.71 112.80 51.41
CA PRO G 181 -11.66 112.65 52.42
C PRO G 181 -10.97 111.29 52.27
N GLN G 182 -11.80 110.27 52.12
CA GLN G 182 -11.34 108.89 51.97
C GLN G 182 -10.42 108.79 50.75
N ARG G 183 -10.88 109.38 49.66
CA ARG G 183 -10.15 109.40 48.39
C ARG G 183 -8.77 110.02 48.58
N LEU G 184 -8.79 111.16 49.27
CA LEU G 184 -7.57 111.92 49.57
C LEU G 184 -6.58 111.06 50.33
N GLN G 185 -7.11 110.38 51.35
CA GLN G 185 -6.34 109.50 52.22
C GLN G 185 -5.67 108.41 51.38
N ARG G 186 -6.47 107.82 50.50
CA ARG G 186 -6.02 106.75 49.60
C ARG G 186 -4.85 107.23 48.76
N LYS G 187 -5.04 108.43 48.20
CA LYS G 187 -4.04 109.07 47.35
C LYS G 187 -2.72 109.23 48.11
N ARG G 188 -2.86 109.73 49.33
CA ARG G 188 -1.72 109.97 50.22
C ARG G 188 -0.96 108.67 50.45
N GLN G 189 -1.74 107.62 50.73
CA GLN G 189 -1.19 106.28 51.00
C GLN G 189 -0.38 105.80 49.79
N GLN G 190 -0.97 105.99 48.62
CA GLN G 190 -0.36 105.60 47.35
C GLN G 190 0.98 106.30 47.18
N LYS G 191 0.96 107.61 47.45
CA LYS G 191 2.14 108.46 47.36
C LYS G 191 3.25 107.93 48.26
N SER G 192 2.85 107.62 49.48
CA SER G 192 3.75 107.10 50.51
C SER G 192 4.42 105.81 50.02
N LEU G 193 3.57 104.94 49.47
CA LEU G 193 4.03 103.66 48.94
C LEU G 193 5.08 103.86 47.85
N LYS G 194 4.77 104.80 46.96
CA LYS G 194 5.64 105.15 45.85
C LYS G 194 7.02 105.61 46.37
N ILE G 195 6.96 106.46 47.39
CA ILE G 195 8.14 107.03 47.99
C ILE G 195 8.99 105.96 48.61
N LYS G 196 8.29 105.37 49.57
CA LYS G 196 8.90 104.50 50.56
C LYS G 196 9.60 103.33 49.86
N ASN G 197 8.86 102.74 48.91
CA ASN G 197 9.34 101.61 48.12
C ASN G 197 10.64 101.97 47.41
N ALA G 198 10.61 103.15 46.79
CA ALA G 198 11.74 103.69 46.04
C ALA G 198 12.96 103.80 46.95
N GLN G 199 12.71 104.36 48.13
CA GLN G 199 13.74 104.57 49.15
C GLN G 199 14.39 103.24 49.52
N ALA G 200 13.52 102.26 49.75
CA ALA G 200 13.93 100.91 50.13
C ALA G 200 14.84 100.32 49.06
N GLN G 201 14.41 100.49 47.81
CA GLN G 201 15.13 100.00 46.64
C GLN G 201 16.53 100.60 46.60
N ARG G 202 16.57 101.91 46.82
CA ARG G 202 17.81 102.68 46.82
C ARG G 202 18.78 102.13 47.87
N GLU G 203 18.21 101.90 49.05
CA GLU G 203 18.96 101.37 50.20
C GLU G 203 19.59 100.03 49.84
N ALA G 204 18.75 99.19 49.24
CA ALA G 204 19.14 97.85 48.82
C ALA G 204 20.32 97.93 47.85
N ALA G 205 20.18 98.83 46.89
CA ALA G 205 21.19 99.07 45.85
C ALA G 205 22.51 99.45 46.50
N ALA G 206 22.42 100.36 47.46
CA ALA G 206 23.58 100.87 48.20
C ALA G 206 24.30 99.70 48.90
N GLU G 207 23.49 98.88 49.54
CA GLU G 207 23.98 97.72 50.28
C GLU G 207 24.75 96.78 49.34
N TYR G 208 24.13 96.54 48.19
CA TYR G 208 24.68 95.67 47.18
C TYR G 208 26.03 96.20 46.70
N ALA G 209 26.08 97.51 46.47
CA ALA G 209 27.29 98.21 46.04
C ALA G 209 28.41 97.98 47.06
N GLN G 210 28.04 98.16 48.33
CA GLN G 210 28.97 97.99 49.43
C GLN G 210 29.56 96.58 49.44
N LEU G 211 28.66 95.62 49.27
CA LEU G 211 29.01 94.21 49.25
C LEU G 211 30.01 93.92 48.12
N LEU G 212 29.68 94.48 46.96
CA LEU G 212 30.50 94.34 45.75
C LEU G 212 31.90 94.87 46.01
N ALA G 213 31.96 96.05 46.64
CA ALA G 213 33.22 96.71 46.99
C ALA G 213 34.06 95.79 47.86
N LYS G 214 33.40 95.23 48.87
CA LYS G 214 34.04 94.32 49.82
C LYS G 214 34.65 93.12 49.10
N ARG G 215 33.85 92.56 48.21
CA ARG G 215 34.22 91.41 47.40
C ARG G 215 35.47 91.72 46.58
N LEU G 216 35.44 92.90 45.96
CA LEU G 216 36.52 93.40 45.12
C LEU G 216 37.82 93.47 45.94
N SER G 217 37.68 94.03 47.14
CA SER G 217 38.79 94.19 48.06
C SER G 217 39.41 92.83 48.38
N GLU G 218 38.53 91.88 48.68
CA GLU G 218 38.91 90.52 49.01
C GLU G 218 39.72 89.90 47.87
N ARG G 219 39.18 90.08 46.67
CA ARG G 219 39.79 89.58 45.43
C ARG G 219 41.20 90.14 45.28
N LYS G 220 41.30 91.44 45.50
CA LYS G 220 42.58 92.17 45.40
C LYS G 220 43.60 91.57 46.36
N ALA G 221 43.14 91.34 47.59
CA ALA G 221 43.95 90.78 48.66
C ALA G 221 44.49 89.41 48.24
N GLU G 222 43.58 88.61 47.70
CA GLU G 222 43.90 87.25 47.23
C GLU G 222 44.98 87.30 46.17
N LYS G 223 44.81 88.23 45.24
CA LYS G 223 45.73 88.44 44.13
C LYS G 223 47.12 88.81 44.62
N ALA G 224 47.28 89.88 45.39
CA ALA G 224 48.63 90.43 45.62
C ALA G 224 49.55 89.44 46.34
N GLU G 225 50.28 88.63 45.56
CA GLU G 225 51.12 87.55 46.10
C GLU G 225 52.33 87.23 45.21
N VAL G 226 52.08 86.62 44.04
CA VAL G 226 53.16 86.20 43.13
C VAL G 226 53.57 87.39 42.26
N PRO H 1 88.84 47.86 25.53
CA PRO H 1 87.59 47.31 25.02
C PRO H 1 86.73 46.57 26.08
N GLN H 2 86.88 46.93 27.35
CA GLN H 2 86.23 46.23 28.45
C GLN H 2 84.78 46.67 28.62
N ALA H 3 84.59 47.98 28.79
CA ALA H 3 83.25 48.58 28.92
C ALA H 3 82.95 49.43 27.68
N LYS H 4 83.26 48.87 26.51
CA LYS H 4 83.18 49.58 25.23
C LYS H 4 82.25 48.88 24.23
N ILE H 5 82.49 47.59 23.99
CA ILE H 5 81.68 46.77 23.07
C ILE H 5 80.45 46.14 23.76
N LEU H 6 79.72 46.93 24.53
CA LEU H 6 78.58 46.46 25.33
C LEU H 6 77.39 47.42 25.35
N SER H 7 77.31 48.33 24.37
CA SER H 7 76.28 49.40 24.32
C SER H 7 76.24 50.26 25.61
N GLN H 8 75.71 49.70 26.69
CA GLN H 8 75.77 50.28 28.02
C GLN H 8 76.32 49.20 28.97
N ALA H 9 77.39 49.53 29.70
CA ALA H 9 78.17 48.54 30.46
C ALA H 9 78.23 48.82 31.97
N PRO H 10 77.34 48.20 32.76
CA PRO H 10 77.44 48.21 34.23
C PRO H 10 77.97 46.92 34.89
N THR H 11 77.47 45.76 34.46
CA THR H 11 77.60 44.51 35.25
C THR H 11 78.94 43.75 35.13
N GLU H 12 79.13 42.82 36.06
CA GLU H 12 80.33 41.99 36.21
C GLU H 12 80.37 40.94 35.10
N LEU H 13 79.21 40.32 34.88
CA LEU H 13 79.05 39.29 33.86
C LEU H 13 79.41 39.86 32.48
N GLU H 14 78.89 41.05 32.22
CA GLU H 14 79.11 41.76 30.96
C GLU H 14 80.62 41.98 30.75
N LEU H 15 81.26 42.44 31.82
CA LEU H 15 82.69 42.72 31.82
C LEU H 15 83.47 41.45 31.46
N GLN H 16 83.07 40.36 32.10
CA GLN H 16 83.69 39.05 31.90
C GLN H 16 83.59 38.64 30.43
N VAL H 17 82.38 38.83 29.89
CA VAL H 17 82.08 38.51 28.50
C VAL H 17 83.00 39.29 27.56
N ALA H 18 83.13 40.58 27.86
CA ALA H 18 83.97 41.50 27.10
C ALA H 18 85.41 41.01 27.09
N GLN H 19 85.87 40.64 28.28
CA GLN H 19 87.23 40.12 28.47
C GLN H 19 87.47 38.89 27.60
N ALA H 20 86.48 37.99 27.64
CA ALA H 20 86.51 36.75 26.88
C ALA H 20 86.65 37.05 25.37
N PHE H 21 85.84 38.01 24.94
CA PHE H 21 85.81 38.45 23.54
C PHE H 21 87.20 38.95 23.12
N ILE H 22 87.77 39.76 24.01
CA ILE H 22 89.09 40.36 23.80
C ILE H 22 90.14 39.24 23.61
N ASP H 23 90.05 38.26 24.50
CA ASP H 23 90.95 37.11 24.51
C ASP H 23 90.86 36.37 23.17
N LEU H 24 89.63 36.16 22.74
CA LEU H 24 89.31 35.49 21.48
C LEU H 24 89.97 36.21 20.32
N GLU H 25 89.80 37.54 20.33
CA GLU H 25 90.36 38.43 19.32
C GLU H 25 91.85 38.27 19.23
N ASN H 26 92.52 38.20 20.39
CA ASN H 26 93.97 37.86 20.42
C ASN H 26 94.48 36.92 19.28
N ASN H 27 93.71 35.91 18.87
CA ASN H 27 94.07 35.05 17.71
C ASN H 27 94.34 35.81 16.40
N SER H 28 93.31 36.44 15.84
CA SER H 28 93.42 37.39 14.71
C SER H 28 93.80 36.82 13.32
N PRO H 29 92.91 36.00 12.71
CA PRO H 29 92.86 35.89 11.25
C PRO H 29 91.70 36.73 10.67
N GLU H 30 90.46 36.28 10.89
CA GLU H 30 89.23 37.09 10.65
C GLU H 30 88.29 37.18 11.86
N LEU H 31 88.51 36.31 12.83
CA LEU H 31 87.74 36.24 14.06
C LEU H 31 87.78 37.59 14.77
N LYS H 32 88.99 38.13 14.88
CA LYS H 32 89.23 39.42 15.53
C LYS H 32 88.41 40.51 14.85
N ALA H 33 88.47 40.50 13.52
CA ALA H 33 87.76 41.47 12.69
C ALA H 33 86.27 41.41 12.97
N ASP H 34 85.77 40.18 13.00
CA ASP H 34 84.35 39.91 13.26
C ASP H 34 83.94 40.49 14.61
N LEU H 35 84.78 40.22 15.60
CA LEU H 35 84.56 40.69 16.96
C LEU H 35 84.46 42.20 17.00
N ARG H 36 85.41 42.84 16.29
CA ARG H 36 85.47 44.30 16.17
C ARG H 36 84.14 44.85 15.64
N ALA H 37 83.44 44.17 14.73
CA ALA H 37 82.08 44.59 14.36
C ALA H 37 80.95 43.82 15.08
N LEU H 38 81.08 43.61 16.39
CA LEU H 38 80.07 42.90 17.20
C LEU H 38 80.01 43.43 18.64
N GLN H 39 78.79 43.57 19.17
CA GLN H 39 78.56 44.04 20.54
C GLN H 39 77.42 43.29 21.21
N PHE H 40 77.22 43.55 22.50
CA PHE H 40 76.09 43.04 23.28
C PHE H 40 75.23 44.21 23.76
N LYS H 41 73.91 44.06 23.69
CA LYS H 41 73.00 45.03 24.31
C LYS H 41 73.02 44.80 25.82
N SER H 42 72.83 43.55 26.21
CA SER H 42 72.91 43.11 27.61
C SER H 42 73.13 41.60 27.67
N ILE H 43 73.24 41.05 28.88
CA ILE H 43 73.34 39.60 29.10
C ILE H 43 72.31 39.19 30.15
N ARG H 44 71.73 38.01 29.97
CA ARG H 44 70.74 37.47 30.90
C ARG H 44 71.02 36.00 31.18
N GLU H 45 70.89 35.61 32.45
CA GLU H 45 71.27 34.30 32.96
C GLU H 45 70.02 33.47 33.27
N ILE H 46 69.98 32.25 32.74
CA ILE H 46 68.86 31.32 32.95
C ILE H 46 69.36 30.05 33.64
N GLU H 47 68.76 29.75 34.80
CA GLU H 47 69.07 28.54 35.55
C GLU H 47 68.31 27.35 34.93
N VAL H 48 69.06 26.40 34.37
CA VAL H 48 68.49 25.21 33.76
C VAL H 48 68.25 24.16 34.84
N ALA H 49 67.10 23.49 34.76
CA ALA H 49 66.70 22.50 35.77
C ALA H 49 67.48 21.18 35.60
N GLY H 50 68.72 21.17 36.08
CA GLY H 50 69.56 19.98 36.06
C GLY H 50 71.05 20.27 35.96
N GLY H 51 71.59 20.96 36.98
CA GLY H 51 73.03 21.21 37.08
C GLY H 51 73.55 22.37 36.26
N LYS H 52 73.42 22.27 34.94
CA LYS H 52 73.92 23.26 33.99
C LYS H 52 73.18 24.61 34.08
N LYS H 53 73.70 25.60 33.37
CA LYS H 53 73.09 26.93 33.25
C LYS H 53 73.16 27.44 31.82
N ALA H 54 72.34 28.45 31.53
CA ALA H 54 72.23 29.02 30.18
C ALA H 54 72.47 30.52 30.19
N LEU H 55 73.17 31.01 29.17
CA LEU H 55 73.50 32.42 29.03
C LEU H 55 72.85 33.00 27.78
N ALA H 56 71.70 33.66 27.98
CA ALA H 56 71.04 34.41 26.91
C ALA H 56 71.78 35.74 26.77
N VAL H 57 72.76 35.76 25.87
CA VAL H 57 73.52 37.00 25.60
C VAL H 57 72.81 37.79 24.49
N PHE H 58 72.32 38.98 24.85
CA PHE H 58 71.49 39.79 23.95
C PHE H 58 72.34 40.66 23.01
N VAL H 59 71.94 40.66 21.74
CA VAL H 59 72.64 41.31 20.65
C VAL H 59 71.72 42.42 20.09
N PRO H 60 72.29 43.54 19.58
CA PRO H 60 71.50 44.64 19.00
C PRO H 60 70.37 44.27 18.03
N VAL H 61 70.70 43.48 16.99
CA VAL H 61 69.81 43.00 15.88
C VAL H 61 70.46 43.26 14.51
N PRO H 62 70.96 44.50 14.27
CA PRO H 62 71.80 44.69 13.07
C PRO H 62 73.08 43.84 13.07
N SER H 63 73.64 43.61 14.26
CA SER H 63 74.80 42.72 14.44
C SER H 63 74.51 41.23 14.47
N LEU H 64 73.22 40.90 14.53
CA LEU H 64 72.74 39.53 14.57
C LEU H 64 73.24 38.76 13.35
N ALA H 65 73.10 39.40 12.20
CA ALA H 65 73.52 38.84 10.92
C ALA H 65 75.01 38.50 10.95
N ALA H 66 75.77 39.47 11.46
CA ALA H 66 77.22 39.35 11.58
C ALA H 66 77.58 38.14 12.44
N TYR H 67 76.88 38.04 13.57
CA TYR H 67 77.07 36.95 14.53
C TYR H 67 76.83 35.60 13.85
N HIS H 68 75.73 35.55 13.09
CA HIS H 68 75.33 34.36 12.36
C HIS H 68 76.43 33.93 11.40
N LYS H 69 76.94 34.93 10.68
CA LYS H 69 78.03 34.74 9.70
C LYS H 69 79.24 34.10 10.39
N VAL H 70 79.54 34.47 11.64
CA VAL H 70 80.46 33.68 12.47
C VAL H 70 79.68 32.60 13.27
N GLN H 71 79.04 33.04 14.35
CA GLN H 71 78.32 32.21 15.33
C GLN H 71 79.04 30.96 15.82
N ILE H 72 78.98 29.87 15.05
CA ILE H 72 79.10 28.55 15.67
C ILE H 72 80.42 28.42 16.40
N LYS H 73 81.47 28.77 15.67
CA LYS H 73 82.84 28.72 16.16
C LYS H 73 82.99 29.57 17.42
N LEU H 74 82.45 30.78 17.33
CA LEU H 74 82.48 31.76 18.42
C LEU H 74 81.81 31.17 19.66
N THR H 75 80.65 30.58 19.43
CA THR H 75 79.85 29.96 20.48
C THR H 75 80.65 28.86 21.18
N ARG H 76 81.29 28.04 20.36
CA ARG H 76 82.12 26.94 20.83
C ARG H 76 83.23 27.47 21.74
N GLU H 77 83.87 28.52 21.27
CA GLU H 77 84.97 29.17 21.97
C GLU H 77 84.49 29.65 23.35
N LEU H 78 83.32 30.29 23.34
CA LEU H 78 82.71 30.82 24.54
C LEU H 78 82.47 29.70 25.55
N GLU H 79 81.93 28.60 25.04
CA GLU H 79 81.63 27.41 25.84
C GLU H 79 82.90 26.89 26.50
N LYS H 80 83.95 26.81 25.70
CA LYS H 80 85.26 26.34 26.15
C LYS H 80 85.77 27.21 27.30
N LYS H 81 85.65 28.51 27.09
CA LYS H 81 86.07 29.51 28.07
C LYS H 81 85.33 29.31 29.40
N PHE H 82 83.99 29.26 29.32
CA PHE H 82 83.11 29.21 30.49
C PHE H 82 82.44 27.85 30.61
N GLN H 83 83.05 26.98 31.43
CA GLN H 83 82.58 25.60 31.60
C GLN H 83 81.24 25.51 32.35
N ASP H 84 80.58 24.36 32.18
CA ASP H 84 79.31 24.02 32.84
C ASP H 84 78.12 24.92 32.46
N ARG H 85 78.23 25.66 31.37
CA ARG H 85 77.19 26.62 30.96
C ARG H 85 77.07 26.70 29.44
N HIS H 86 75.83 26.72 28.95
CA HIS H 86 75.55 26.91 27.53
C HIS H 86 75.35 28.39 27.22
N VAL H 87 75.58 28.74 25.95
CA VAL H 87 75.50 30.12 25.49
C VAL H 87 74.49 30.21 24.34
N ILE H 88 73.64 31.22 24.40
CA ILE H 88 72.70 31.53 23.33
C ILE H 88 72.86 33.00 22.95
N PHE H 89 73.30 33.23 21.73
CA PHE H 89 73.44 34.58 21.18
C PHE H 89 72.09 35.05 20.67
N LEU H 90 71.32 35.60 21.61
CA LEU H 90 69.93 35.95 21.41
C LEU H 90 69.89 37.41 20.97
N ALA H 91 68.78 37.81 20.35
CA ALA H 91 68.59 39.20 19.91
C ALA H 91 67.72 39.97 20.89
N GLU H 92 68.17 41.18 21.25
CA GLU H 92 67.35 42.13 22.01
C GLU H 92 66.29 42.70 21.07
N ARG H 93 65.06 42.20 21.22
CA ARG H 93 63.93 42.67 20.42
C ARG H 93 62.96 43.48 21.26
N ARG H 94 62.30 44.45 20.63
CA ARG H 94 61.62 45.53 21.32
C ARG H 94 60.31 45.10 21.98
N ILE H 95 59.38 44.66 21.13
CA ILE H 95 57.98 44.38 21.53
C ILE H 95 57.26 45.66 21.93
N LEU H 96 56.94 46.45 20.91
CA LEU H 96 55.99 47.54 21.05
C LEU H 96 54.63 46.85 21.12
N PRO H 97 53.89 47.03 22.24
CA PRO H 97 52.66 46.26 22.48
C PRO H 97 51.49 46.64 21.58
N LYS H 98 50.38 45.92 21.71
CA LYS H 98 49.15 46.23 20.97
C LYS H 98 48.47 47.43 21.60
N PRO H 99 48.07 48.43 20.76
CA PRO H 99 47.31 49.56 21.28
C PRO H 99 45.83 49.23 21.45
N SER H 100 45.22 49.79 22.49
CA SER H 100 43.78 49.67 22.74
C SER H 100 42.98 50.56 21.80
N ARG H 101 41.66 50.51 21.93
CA ARG H 101 40.74 51.36 21.17
C ARG H 101 40.93 52.83 21.55
N LYS H 102 40.94 53.08 22.86
CA LYS H 102 41.12 54.43 23.41
C LYS H 102 42.56 54.94 23.33
N SER H 103 43.53 54.03 23.32
CA SER H 103 44.96 54.38 23.41
C SER H 103 45.51 55.11 22.18
N ARG H 104 46.73 55.61 22.31
CA ARG H 104 47.32 56.54 21.35
C ARG H 104 48.05 55.86 20.20
N GLN H 105 47.93 56.45 19.02
CA GLN H 105 48.62 55.98 17.83
C GLN H 105 50.06 56.46 17.86
N THR H 106 50.98 55.53 18.15
CA THR H 106 52.42 55.79 18.08
C THR H 106 52.87 55.47 16.66
N GLN H 107 52.37 56.28 15.72
CA GLN H 107 52.48 56.05 14.26
C GLN H 107 52.51 54.58 13.81
N LYS H 108 51.63 53.77 14.40
CA LYS H 108 51.53 52.32 14.14
C LYS H 108 52.75 51.52 14.63
N ARG H 109 52.53 50.25 14.97
CA ARG H 109 53.63 49.32 15.22
C ARG H 109 54.00 48.60 13.91
N PRO H 110 55.19 47.97 13.87
CA PRO H 110 55.47 46.98 12.84
C PRO H 110 55.11 45.56 13.29
N ARG H 111 54.62 44.73 12.36
CA ARG H 111 54.36 43.31 12.66
C ARG H 111 55.62 42.48 12.92
N SER H 112 56.79 43.04 12.59
CA SER H 112 58.04 42.51 13.09
C SER H 112 58.07 42.57 14.63
N ARG H 113 57.58 43.67 15.20
CA ARG H 113 57.61 43.89 16.66
C ARG H 113 56.49 43.21 17.46
N THR H 114 55.51 42.61 16.79
CA THR H 114 54.39 41.98 17.50
C THR H 114 54.88 40.80 18.34
N LEU H 115 54.26 40.61 19.49
CA LEU H 115 54.86 39.80 20.56
C LEU H 115 55.16 38.40 20.06
N THR H 116 54.14 37.82 19.44
CA THR H 116 54.21 36.46 18.89
C THR H 116 55.36 36.36 17.89
N ALA H 117 55.39 37.36 17.00
CA ALA H 117 56.42 37.44 15.96
C ALA H 117 57.81 37.47 16.57
N VAL H 118 57.93 38.31 17.60
CA VAL H 118 59.19 38.48 18.33
C VAL H 118 59.65 37.14 18.90
N HIS H 119 58.70 36.45 19.52
CA HIS H 119 58.93 35.16 20.15
C HIS H 119 59.45 34.16 19.11
N ASP H 120 58.78 34.17 17.97
CA ASP H 120 59.13 33.29 16.85
C ASP H 120 60.57 33.53 16.40
N LYS H 121 60.89 34.82 16.28
CA LYS H 121 62.22 35.28 15.87
C LYS H 121 63.27 34.76 16.84
N ILE H 122 62.97 34.91 18.12
CA ILE H 122 63.84 34.48 19.22
C ILE H 122 64.11 32.98 19.09
N LEU H 123 63.04 32.24 18.86
CA LEU H 123 63.09 30.78 18.73
C LEU H 123 64.03 30.40 17.58
N GLU H 124 63.84 31.10 16.47
CA GLU H 124 64.64 30.89 15.25
C GLU H 124 66.12 31.10 15.56
N ASP H 125 66.39 32.20 16.26
CA ASP H 125 67.74 32.57 16.65
C ASP H 125 68.38 31.48 17.48
N LEU H 126 67.61 31.01 18.43
CA LEU H 126 68.15 30.44 19.64
C LEU H 126 68.59 29.08 19.27
N VAL H 127 67.73 28.34 18.60
CA VAL H 127 68.14 27.09 17.99
C VAL H 127 69.16 27.44 16.90
N PHE H 128 70.25 26.68 16.87
CA PHE H 128 71.45 27.04 16.10
C PHE H 128 71.25 27.07 14.58
N PRO H 129 72.31 27.42 13.84
CA PRO H 129 72.48 27.02 12.44
C PRO H 129 72.19 25.51 12.27
N THR H 130 70.90 25.22 12.21
CA THR H 130 70.33 23.87 12.30
C THR H 130 68.97 23.86 11.61
N GLU H 131 68.13 24.82 12.01
CA GLU H 131 66.87 25.20 11.36
C GLU H 131 65.69 24.33 11.79
N ILE H 132 64.57 25.02 12.03
CA ILE H 132 63.32 24.39 12.45
C ILE H 132 62.60 23.92 11.20
N VAL H 133 62.18 22.66 11.18
CA VAL H 133 61.32 22.15 10.11
C VAL H 133 59.93 22.73 10.30
N GLY H 134 59.37 22.54 11.49
CA GLY H 134 58.04 23.04 11.83
C GLY H 134 57.76 23.02 13.32
N LYS H 135 56.59 23.53 13.68
CA LYS H 135 56.14 23.59 15.07
C LYS H 135 54.76 22.98 15.19
N ARG H 136 54.60 22.06 16.15
CA ARG H 136 53.27 21.72 16.66
C ARG H 136 53.05 22.56 17.91
N VAL H 137 51.79 22.85 18.21
CA VAL H 137 51.38 23.45 19.48
C VAL H 137 50.27 22.59 20.04
N ARG H 138 50.49 22.01 21.22
CA ARG H 138 49.49 21.14 21.86
C ARG H 138 48.74 21.88 22.97
N TYR H 139 47.41 21.96 22.80
CA TYR H 139 46.49 22.47 23.81
C TYR H 139 45.97 21.26 24.58
N LEU H 140 46.41 21.12 25.83
CA LEU H 140 46.09 19.94 26.64
C LEU H 140 44.79 20.09 27.40
N VAL H 141 44.29 18.95 27.89
CA VAL H 141 42.95 18.84 28.48
C VAL H 141 42.78 19.76 29.69
N GLY H 142 43.83 19.89 30.49
CA GLY H 142 43.87 20.85 31.59
C GLY H 142 43.80 22.29 31.12
N GLY H 143 44.58 22.60 30.07
CA GLY H 143 44.62 23.94 29.47
C GLY H 143 46.01 24.54 29.52
N ASN H 144 46.96 23.87 28.86
CA ASN H 144 48.37 24.30 28.80
C ASN H 144 48.87 24.22 27.37
N LYS H 145 49.23 25.37 26.79
CA LYS H 145 49.88 25.40 25.48
C LYS H 145 51.29 24.86 25.59
N ILE H 146 51.57 23.79 24.86
CA ILE H 146 52.91 23.20 24.79
C ILE H 146 53.40 23.26 23.35
N GLN H 147 54.34 24.16 23.08
CA GLN H 147 55.01 24.20 21.78
C GLN H 147 55.96 23.01 21.67
N LYS H 148 55.96 22.40 20.49
CA LYS H 148 56.75 21.21 20.20
C LYS H 148 57.45 21.47 18.87
N ILE H 149 58.78 21.56 18.91
CA ILE H 149 59.57 22.00 17.78
C ILE H 149 60.17 20.79 17.06
N LEU H 150 59.90 20.70 15.75
CA LEU H 150 60.53 19.70 14.88
C LEU H 150 61.82 20.30 14.31
N LEU H 151 62.94 19.67 14.63
CA LEU H 151 64.27 20.14 14.17
C LEU H 151 64.74 19.37 12.94
N ASN H 152 65.42 20.06 12.03
CA ASN H 152 65.87 19.46 10.77
C ASN H 152 67.02 18.50 11.01
N SER H 153 66.86 17.26 10.56
CA SER H 153 67.78 16.15 10.88
C SER H 153 69.23 16.30 10.40
N LYS H 154 69.47 17.20 9.44
CA LYS H 154 70.83 17.57 9.05
C LYS H 154 71.50 18.37 10.17
N ASP H 155 72.80 18.15 10.35
CA ASP H 155 73.58 18.66 11.49
C ASP H 155 73.05 18.09 12.83
N VAL H 156 72.33 18.88 13.62
CA VAL H 156 71.79 18.45 14.94
C VAL H 156 72.87 17.92 15.90
N GLN H 157 74.08 18.49 15.82
CA GLN H 157 75.19 18.11 16.70
C GLN H 157 75.38 19.11 17.84
N HIS H 158 75.09 20.38 17.58
CA HIS H 158 75.24 21.45 18.58
C HIS H 158 74.05 21.42 19.54
N ILE H 159 72.85 21.42 18.97
CA ILE H 159 71.59 21.33 19.72
C ILE H 159 71.44 20.06 20.58
N ASP H 160 71.95 18.93 20.09
CA ASP H 160 71.73 17.59 20.69
C ASP H 160 71.59 17.55 22.22
N ASN H 161 72.57 18.13 22.92
CA ASN H 161 72.60 18.15 24.39
C ASN H 161 71.93 19.38 25.04
N LYS H 162 71.75 20.45 24.26
CA LYS H 162 71.25 21.73 24.77
C LYS H 162 69.72 21.89 24.79
N LEU H 163 68.95 20.83 24.50
CA LEU H 163 67.54 21.03 24.14
C LEU H 163 66.76 21.53 25.35
N GLU H 164 66.97 20.85 26.46
CA GLU H 164 66.33 21.16 27.74
C GLU H 164 66.63 22.60 28.15
N SER H 165 67.92 22.93 28.03
CA SER H 165 68.43 24.25 28.37
C SER H 165 67.72 25.32 27.54
N PHE H 166 67.64 25.03 26.25
CA PHE H 166 67.00 25.92 25.28
C PHE H 166 65.54 26.18 25.67
N GLN H 167 64.86 25.08 26.01
CA GLN H 167 63.46 25.10 26.43
C GLN H 167 63.29 26.02 27.63
N ALA H 168 64.18 25.83 28.59
CA ALA H 168 64.19 26.60 29.84
C ALA H 168 64.33 28.08 29.54
N VAL H 169 65.27 28.38 28.65
CA VAL H 169 65.56 29.75 28.22
C VAL H 169 64.30 30.39 27.63
N TYR H 170 63.65 29.62 26.76
CA TYR H 170 62.43 30.04 26.08
C TYR H 170 61.35 30.39 27.10
N ASN H 171 61.21 29.50 28.07
CA ASN H 171 60.24 29.64 29.16
C ASN H 171 60.48 30.95 29.91
N LYS H 172 61.75 31.17 30.23
CA LYS H 172 62.19 32.35 30.95
C LYS H 172 61.81 33.61 30.18
N LEU H 173 62.09 33.58 28.88
CA LEU H 173 61.80 34.67 27.98
C LEU H 173 60.30 34.99 27.97
N THR H 174 59.50 33.96 27.75
CA THR H 174 58.10 34.09 27.40
C THR H 174 57.18 33.63 28.53
N GLY H 175 57.32 32.35 28.89
CA GLY H 175 56.39 31.65 29.78
C GLY H 175 55.89 30.34 29.18
N LYS H 176 55.97 30.23 27.86
CA LYS H 176 55.51 29.04 27.14
C LYS H 176 56.47 27.88 27.37
N GLN H 177 55.92 26.68 27.61
CA GLN H 177 56.73 25.47 27.78
C GLN H 177 57.04 24.88 26.41
N ILE H 178 58.32 24.91 26.03
CA ILE H 178 58.77 24.38 24.75
C ILE H 178 59.25 22.93 24.95
N VAL H 179 59.10 22.14 23.90
CA VAL H 179 59.65 20.78 23.84
C VAL H 179 60.29 20.62 22.46
N PHE H 180 61.35 19.83 22.38
CA PHE H 180 62.06 19.61 21.11
C PHE H 180 61.94 18.17 20.62
N GLU H 181 62.04 18.02 19.31
CA GLU H 181 61.81 16.74 18.64
C GLU H 181 62.53 16.71 17.28
N ILE H 182 62.93 15.51 16.85
CA ILE H 182 63.62 15.31 15.57
C ILE H 182 62.97 14.12 14.85
N PRO H 183 62.51 14.31 13.59
CA PRO H 183 61.96 13.21 12.80
C PRO H 183 63.04 12.40 12.09
N SER H 184 62.70 11.17 11.71
CA SER H 184 63.63 10.28 10.99
C SER H 184 63.67 10.63 9.51
N GLY I 1 -4.63 84.45 4.65
CA GLY I 1 -4.76 84.36 3.16
C GLY I 1 -3.40 84.19 2.51
N ILE I 2 -2.62 85.26 2.54
CA ILE I 2 -1.21 85.21 2.16
C ILE I 2 -0.52 84.53 3.32
N SER I 3 -0.03 83.31 3.09
CA SER I 3 0.51 82.47 4.15
C SER I 3 2.00 82.25 3.99
N ARG I 4 2.58 81.68 5.05
CA ARG I 4 4.00 81.35 5.10
C ARG I 4 4.14 79.85 5.42
N ASP I 5 3.28 79.05 4.78
CA ASP I 5 3.25 77.60 5.00
C ASP I 5 4.35 76.90 4.21
N SER I 6 5.03 75.97 4.87
CA SER I 6 5.85 74.97 4.19
C SER I 6 5.02 73.70 3.88
N ARG I 7 3.75 73.69 4.28
CA ARG I 7 2.76 72.71 3.78
C ARG I 7 2.71 72.75 2.26
N HIS I 8 2.37 73.92 1.70
CA HIS I 8 2.58 74.16 0.27
C HIS I 8 4.08 74.39 0.06
N LYS I 9 4.53 74.19 -1.17
CA LYS I 9 5.96 74.12 -1.59
C LYS I 9 6.36 72.68 -1.85
N ARG I 10 5.56 72.00 -2.67
CA ARG I 10 5.80 70.60 -3.04
C ARG I 10 6.63 69.90 -1.95
N ALA I 11 7.92 69.64 -2.19
CA ALA I 11 8.80 69.10 -1.15
C ALA I 11 10.26 69.24 -1.55
N ALA I 12 11.16 68.87 -0.65
CA ALA I 12 12.60 68.79 -0.96
C ALA I 12 12.88 67.95 -2.20
N THR I 13 12.17 66.82 -2.31
CA THR I 13 12.23 65.95 -3.47
C THR I 13 11.41 66.52 -4.62
N GLY I 14 10.11 66.71 -4.38
CA GLY I 14 9.18 67.15 -5.43
C GLY I 14 7.71 66.73 -5.29
N ALA I 15 7.44 65.71 -4.49
CA ALA I 15 6.07 65.22 -4.27
C ALA I 15 5.11 66.34 -3.86
N LYS I 16 3.94 66.37 -4.49
CA LYS I 16 2.94 67.39 -4.23
C LYS I 16 2.28 67.13 -2.88
N ARG I 17 2.70 67.91 -1.87
CA ARG I 17 2.12 67.81 -0.53
C ARG I 17 0.65 68.25 -0.57
N ALA I 18 -0.24 67.32 -0.26
CA ALA I 18 -1.68 67.60 -0.24
C ALA I 18 -2.02 68.61 0.84
N GLN I 19 -3.13 69.32 0.64
CA GLN I 19 -3.54 70.41 1.54
C GLN I 19 -3.99 69.86 2.89
N PHE I 20 -3.00 69.59 3.74
CA PHE I 20 -3.23 69.14 5.10
C PHE I 20 -3.63 70.37 5.92
N ARG I 21 -4.84 70.35 6.45
CA ARG I 21 -5.48 71.48 7.15
C ARG I 21 -5.64 72.76 6.30
N LYS I 22 -6.66 73.55 6.66
CA LYS I 22 -6.82 74.90 6.13
C LYS I 22 -5.81 75.77 6.84
N LYS I 23 -5.11 76.64 6.11
CA LYS I 23 -4.01 77.43 6.70
C LYS I 23 -4.46 78.28 7.89
N ARG I 24 -3.51 78.52 8.79
CA ARG I 24 -3.78 79.10 10.10
C ARG I 24 -3.45 80.57 10.09
N LYS I 25 -3.85 81.29 11.15
CA LYS I 25 -3.48 82.69 11.30
C LYS I 25 -2.01 82.83 11.68
N PHE I 26 -1.55 82.06 12.65
CA PHE I 26 -0.13 82.15 13.06
C PHE I 26 0.88 82.00 11.92
N GLU I 27 0.48 81.31 10.84
CA GLU I 27 1.26 81.22 9.60
C GLU I 27 1.17 82.43 8.65
N LEU I 28 0.37 83.46 8.98
CA LEU I 28 0.04 84.52 8.01
C LEU I 28 1.20 85.45 7.66
N GLY I 29 1.05 86.14 6.54
CA GLY I 29 1.94 87.21 6.12
C GLY I 29 1.11 88.29 5.46
N ARG I 30 1.28 89.55 5.88
CA ARG I 30 0.42 90.64 5.43
C ARG I 30 0.87 91.19 4.08
N GLN I 31 0.04 92.06 3.52
CA GLN I 31 0.33 92.75 2.27
C GLN I 31 1.50 93.70 2.45
N ALA I 32 2.33 93.83 1.42
CA ALA I 32 3.55 94.63 1.47
C ALA I 32 3.24 96.12 1.56
N ALA I 33 4.08 96.85 2.29
CA ALA I 33 3.92 98.29 2.51
C ALA I 33 4.50 99.08 1.35
N ASN I 34 5.74 98.72 0.96
CA ASN I 34 6.52 99.44 -0.07
C ASN I 34 6.38 100.96 -0.01
N THR I 35 6.91 101.53 1.06
CA THR I 35 6.80 102.97 1.33
C THR I 35 7.55 103.81 0.29
N LYS I 36 6.88 104.82 -0.24
CA LYS I 36 7.45 105.75 -1.23
C LYS I 36 8.02 106.95 -0.44
N ILE I 37 8.15 108.11 -1.10
CA ILE I 37 8.44 109.38 -0.41
C ILE I 37 7.47 110.44 -0.92
N GLY I 38 6.41 110.70 -0.17
CA GLY I 38 5.36 111.64 -0.59
C GLY I 38 4.28 111.87 0.46
N THR I 39 4.52 112.84 1.34
CA THR I 39 3.73 113.10 2.57
C THR I 39 3.88 111.98 3.61
N LYS I 40 4.06 112.36 4.87
CA LYS I 40 4.26 111.39 5.96
C LYS I 40 2.96 110.67 6.30
N ARG I 41 2.94 109.34 6.12
CA ARG I 41 1.79 108.50 6.49
C ARG I 41 2.23 107.22 7.20
N ILE I 42 1.53 106.89 8.27
CA ILE I 42 1.76 105.65 9.03
C ILE I 42 0.41 105.02 9.39
N HIS I 43 0.35 103.69 9.24
CA HIS I 43 -0.76 102.88 9.71
C HIS I 43 -0.20 101.74 10.55
N PRO I 44 -0.62 101.63 11.82
CA PRO I 44 -0.24 100.44 12.59
C PRO I 44 -1.08 99.22 12.22
N VAL I 45 -0.62 98.05 12.65
CA VAL I 45 -1.32 96.79 12.43
C VAL I 45 -1.17 95.93 13.68
N ARG I 46 -2.30 95.55 14.29
CA ARG I 46 -2.29 94.72 15.49
C ARG I 46 -1.82 93.31 15.12
N THR I 47 -0.63 92.96 15.61
CA THR I 47 0.07 91.74 15.22
C THR I 47 -0.26 90.59 16.18
N ARG I 48 0.55 89.54 16.17
CA ARG I 48 0.50 88.52 17.21
C ARG I 48 0.91 89.11 18.57
N GLY I 49 0.28 88.60 19.63
CA GLY I 49 0.44 89.13 20.98
C GLY I 49 -0.03 90.56 21.16
N GLY I 50 -0.99 91.00 20.35
CA GLY I 50 -1.31 92.41 20.22
C GLY I 50 -0.18 93.11 19.50
N ASN I 51 0.57 93.95 20.21
CA ASN I 51 1.85 94.52 19.74
C ASN I 51 1.77 95.26 18.39
N GLN I 52 1.54 96.57 18.43
CA GLN I 52 1.49 97.36 17.20
C GLN I 52 2.84 97.39 16.48
N LYS I 53 2.76 97.54 15.17
CA LYS I 53 3.88 97.35 14.27
C LYS I 53 3.71 98.33 13.12
N PHE I 54 4.31 99.52 13.28
CA PHE I 54 4.03 100.66 12.40
C PHE I 54 4.55 100.42 10.99
N ARG I 55 3.64 100.54 10.01
CA ARG I 55 3.96 100.39 8.61
C ARG I 55 4.18 101.78 8.05
N ALA I 56 5.41 102.06 7.61
CA ALA I 56 5.71 103.32 6.93
C ALA I 56 4.95 103.34 5.61
N LEU I 57 4.35 104.49 5.29
CA LEU I 57 3.70 104.69 4.00
C LEU I 57 4.07 106.08 3.50
N ARG I 58 4.72 106.12 2.34
CA ARG I 58 5.17 107.36 1.72
C ARG I 58 6.12 108.19 2.62
N ILE I 59 6.89 107.50 3.47
CA ILE I 59 7.67 108.15 4.53
C ILE I 59 8.68 109.17 4.01
N GLU I 60 8.54 110.39 4.49
CA GLU I 60 9.55 111.44 4.34
C GLU I 60 10.34 111.46 5.64
N THR I 61 11.63 111.79 5.53
CA THR I 61 12.52 112.05 6.68
C THR I 61 12.95 110.81 7.48
N GLY I 62 14.01 110.97 8.26
CA GLY I 62 14.54 109.92 9.13
C GLY I 62 15.96 110.23 9.56
N ASN I 63 16.37 109.72 10.72
CA ASN I 63 17.73 109.98 11.23
C ASN I 63 18.78 109.04 10.62
N PHE I 64 19.45 109.53 9.58
CA PHE I 64 20.57 108.83 8.98
C PHE I 64 21.82 109.17 9.77
N SER I 65 22.71 108.20 9.93
CA SER I 65 23.83 108.32 10.87
C SER I 65 25.21 108.31 10.22
N TRP I 66 26.09 109.16 10.77
CA TRP I 66 27.54 109.08 10.57
C TRP I 66 28.10 107.88 11.31
N ALA I 67 29.26 107.40 10.85
CA ALA I 67 30.09 106.44 11.59
C ALA I 67 31.24 107.16 12.26
N SER I 68 32.02 107.88 11.46
CA SER I 68 33.25 108.55 11.89
C SER I 68 33.01 109.52 13.04
N GLU I 69 32.02 110.39 12.87
CA GLU I 69 31.65 111.37 13.91
C GLU I 69 30.86 110.73 15.04
N GLY I 70 29.91 109.87 14.69
CA GLY I 70 29.02 109.22 15.68
C GLY I 70 27.82 110.08 15.96
N VAL I 71 27.01 110.33 14.93
CA VAL I 71 25.86 111.25 15.00
C VAL I 71 24.77 110.99 13.96
N ALA I 72 23.58 111.53 14.22
CA ALA I 72 22.44 111.49 13.30
C ALA I 72 21.48 112.64 13.61
N ARG I 73 20.64 113.01 12.64
CA ARG I 73 19.82 114.23 12.71
C ARG I 73 18.41 114.14 12.12
N LYS I 74 17.59 115.14 12.44
CA LYS I 74 16.22 115.27 11.93
C LYS I 74 16.27 115.65 10.44
N THR I 75 16.56 114.65 9.61
CA THR I 75 16.97 114.87 8.23
C THR I 75 16.00 114.28 7.22
N ARG I 76 15.75 115.03 6.15
CA ARG I 76 14.83 114.62 5.09
C ARG I 76 15.54 113.73 4.06
N ILE I 77 14.74 112.92 3.37
CA ILE I 77 15.20 112.06 2.28
C ILE I 77 14.77 112.75 0.99
N THR I 78 15.49 112.49 -0.11
CA THR I 78 15.15 113.07 -1.41
C THR I 78 14.52 112.03 -2.33
N GLY I 79 15.27 110.95 -2.61
CA GLY I 79 14.80 109.90 -3.51
C GLY I 79 15.52 108.58 -3.33
N VAL I 80 14.92 107.51 -3.87
CA VAL I 80 15.51 106.18 -3.89
C VAL I 80 16.51 106.15 -5.03
N VAL I 81 17.78 106.05 -4.67
CA VAL I 81 18.89 106.27 -5.60
C VAL I 81 19.34 104.94 -6.22
N TYR I 82 19.48 103.90 -5.39
CA TYR I 82 19.75 102.54 -5.89
C TYR I 82 19.39 101.43 -4.88
N HIS I 83 18.44 100.58 -5.24
CA HIS I 83 18.04 99.44 -4.40
C HIS I 83 18.60 98.14 -4.98
N PRO I 84 19.45 97.44 -4.22
CA PRO I 84 20.15 96.27 -4.79
C PRO I 84 19.36 94.98 -4.94
N SER I 85 18.13 94.90 -4.44
CA SER I 85 17.32 93.70 -4.68
C SER I 85 16.69 93.78 -6.07
N ASN I 86 16.02 94.91 -6.34
CA ASN I 86 15.20 95.06 -7.55
C ASN I 86 15.12 96.53 -7.99
N ASN I 87 15.23 96.76 -9.29
CA ASN I 87 15.19 98.11 -9.88
C ASN I 87 13.77 98.67 -10.08
N GLU I 88 12.76 97.79 -10.00
CA GLU I 88 11.35 98.21 -9.98
C GLU I 88 11.07 99.15 -8.79
N LEU I 89 11.79 98.95 -7.68
CA LEU I 89 11.70 99.83 -6.50
C LEU I 89 12.38 101.21 -6.68
N VAL I 90 13.07 101.42 -7.80
CA VAL I 90 13.68 102.71 -8.16
C VAL I 90 12.81 103.53 -9.12
N ARG I 91 12.13 102.85 -10.06
CA ARG I 91 11.11 103.49 -10.91
C ARG I 91 9.96 104.02 -10.07
N THR I 92 9.33 103.12 -9.32
CA THR I 92 8.24 103.45 -8.40
C THR I 92 8.76 104.28 -7.22
N ASN I 93 10.05 104.13 -6.94
CA ASN I 93 10.78 104.96 -5.97
C ASN I 93 10.40 104.56 -4.54
N THR I 94 10.24 103.26 -4.33
CA THR I 94 9.80 102.71 -3.05
C THR I 94 10.99 102.45 -2.11
N LEU I 95 11.20 103.42 -1.23
CA LEU I 95 12.09 103.32 -0.06
C LEU I 95 11.95 101.98 0.67
N THR I 96 13.09 101.40 1.06
CA THR I 96 13.11 100.14 1.81
C THR I 96 14.45 99.97 2.56
N LYS I 97 14.60 98.87 3.30
CA LYS I 97 15.86 98.57 4.00
C LYS I 97 16.97 98.28 2.99
N ALA I 98 18.18 98.75 3.31
CA ALA I 98 19.37 98.67 2.46
C ALA I 98 19.21 99.17 1.01
N ALA I 99 18.27 100.08 0.78
CA ALA I 99 18.19 100.83 -0.47
C ALA I 99 19.04 102.07 -0.26
N ILE I 100 19.78 102.46 -1.28
CA ILE I 100 20.65 103.63 -1.20
C ILE I 100 19.83 104.86 -1.55
N VAL I 101 20.02 105.93 -0.78
CA VAL I 101 19.22 107.14 -0.88
C VAL I 101 20.06 108.39 -0.70
N GLN I 102 19.48 109.52 -1.14
CA GLN I 102 20.09 110.83 -1.01
C GLN I 102 19.40 111.63 0.10
N ILE I 103 20.22 112.26 0.94
CA ILE I 103 19.86 112.82 2.23
C ILE I 103 19.95 114.34 2.15
N ASP I 104 18.93 115.03 2.66
CA ASP I 104 18.77 116.49 2.56
C ASP I 104 20.02 117.27 2.96
N ALA I 105 20.67 116.81 4.03
CA ALA I 105 22.04 117.13 4.36
C ALA I 105 22.25 118.46 5.08
N THR I 106 21.28 119.35 4.94
CA THR I 106 21.30 120.67 5.55
C THR I 106 21.45 120.55 7.07
N PRO I 107 20.65 119.64 7.65
CA PRO I 107 20.67 119.39 9.08
C PRO I 107 22.05 118.95 9.53
N PHE I 108 22.62 118.03 8.76
CA PHE I 108 23.96 117.48 9.01
C PHE I 108 24.98 118.61 9.04
N ARG I 109 24.88 119.47 8.03
CA ARG I 109 25.77 120.61 7.86
C ARG I 109 25.71 121.51 9.10
N GLN I 110 24.48 121.78 9.51
CA GLN I 110 24.19 122.62 10.68
C GLN I 110 24.86 122.04 11.92
N TRP I 111 24.69 120.74 12.08
CA TRP I 111 25.24 120.01 13.21
C TRP I 111 26.77 120.13 13.23
N TYR I 112 27.36 119.97 12.05
CA TYR I 112 28.80 120.08 11.86
C TYR I 112 29.30 121.46 12.29
N GLU I 113 28.56 122.47 11.84
CA GLU I 113 28.84 123.88 12.16
C GLU I 113 28.86 124.08 13.67
N SER I 114 27.97 123.42 14.41
CA SER I 114 28.11 123.34 15.88
C SER I 114 29.32 122.47 16.29
N HIS I 115 29.29 121.18 15.93
CA HIS I 115 30.35 120.20 16.29
C HIS I 115 31.80 120.69 16.11
N TYR I 116 32.24 120.75 14.85
CA TYR I 116 33.61 121.20 14.52
C TYR I 116 33.59 122.66 14.13
N GLY I 117 32.73 123.00 13.17
CA GLY I 117 32.57 124.39 12.71
C GLY I 117 33.64 124.81 11.72
N GLN I 118 33.87 123.97 10.72
CA GLN I 118 34.83 124.25 9.63
C GLN I 118 34.19 124.29 8.23
N SER I 119 32.92 123.88 8.11
CA SER I 119 32.15 123.89 6.85
C SER I 119 32.57 122.80 5.84
N LEU I 120 31.58 122.31 5.09
CA LEU I 120 31.79 121.28 4.06
C LEU I 120 31.14 121.72 2.75
N GLY I 121 31.75 121.32 1.64
CA GLY I 121 31.29 121.69 0.29
C GLY I 121 32.41 122.21 -0.57
N LYS I 122 33.15 123.20 -0.04
CA LYS I 122 34.29 123.80 -0.75
C LYS I 122 35.50 122.88 -0.71
N THR I 135 33.51 136.04 17.51
CA THR I 135 32.48 135.08 17.86
C THR I 135 32.36 134.92 19.39
N SER I 136 33.29 134.16 19.98
CA SER I 136 33.28 133.88 21.42
C SER I 136 34.60 133.23 21.85
N LYS I 137 35.20 133.73 22.92
CA LYS I 137 36.64 133.54 23.21
C LYS I 137 37.14 132.19 23.79
N ASN I 138 36.35 131.53 24.63
CA ASN I 138 36.73 130.22 25.23
C ASN I 138 36.31 129.02 24.37
N THR I 139 35.19 129.21 23.66
CA THR I 139 34.69 128.35 22.62
C THR I 139 35.68 128.22 21.49
N GLU I 140 36.48 129.25 21.22
CA GLU I 140 37.58 129.18 20.25
C GLU I 140 38.54 128.05 20.64
N ARG I 141 38.87 128.03 21.92
CA ARG I 141 39.80 127.04 22.47
C ARG I 141 39.24 125.63 22.26
N LYS I 142 37.95 125.49 22.54
CA LYS I 142 37.23 124.23 22.38
C LYS I 142 37.32 123.75 20.93
N TRP I 143 37.07 124.68 20.03
CA TRP I 143 37.11 124.45 18.58
C TRP I 143 38.48 123.91 18.18
N ALA I 144 39.51 124.61 18.69
CA ALA I 144 40.90 124.26 18.42
C ALA I 144 41.19 122.84 18.87
N ALA I 145 40.72 122.53 20.07
CA ALA I 145 40.89 121.21 20.67
C ALA I 145 40.28 120.13 19.78
N ARG I 146 39.06 120.41 19.31
CA ARG I 146 38.37 119.57 18.31
C ARG I 146 38.94 119.82 16.90
N ALA I 147 38.36 119.16 15.90
CA ALA I 147 38.67 119.38 14.48
C ALA I 147 40.03 118.82 14.06
N ALA I 148 40.21 118.67 12.75
CA ALA I 148 41.32 117.91 12.17
C ALA I 148 41.39 116.46 12.69
N GLU I 149 40.22 115.90 13.01
CA GLU I 149 40.10 114.54 13.52
C GLU I 149 39.67 113.63 12.37
N ALA I 150 38.56 113.99 11.73
CA ALA I 150 38.03 113.30 10.55
C ALA I 150 38.17 114.19 9.33
N LYS I 151 38.87 113.70 8.30
CA LYS I 151 39.06 114.44 7.05
C LYS I 151 37.95 114.20 6.02
N ILE I 152 37.24 113.07 6.15
CA ILE I 152 36.07 112.73 5.31
C ILE I 152 36.50 112.26 3.91
N GLU I 153 35.76 111.30 3.36
CA GLU I 153 36.18 110.54 2.16
C GLU I 153 35.67 111.10 0.81
N HIS I 154 35.80 112.41 0.61
CA HIS I 154 35.67 113.10 -0.70
C HIS I 154 34.25 113.08 -1.26
N ALA I 155 33.77 111.87 -1.52
CA ALA I 155 32.43 111.63 -2.04
C ALA I 155 31.39 112.22 -1.09
N VAL I 156 31.59 111.95 0.19
CA VAL I 156 30.69 112.41 1.25
C VAL I 156 30.63 113.94 1.23
N ASP I 157 31.81 114.55 1.13
CA ASP I 157 31.96 116.00 1.10
C ASP I 157 31.17 116.59 -0.07
N SER I 158 31.34 115.94 -1.22
CA SER I 158 30.67 116.34 -2.46
C SER I 158 29.15 116.31 -2.27
N GLN I 159 28.70 115.22 -1.68
CA GLN I 159 27.27 115.00 -1.41
C GLN I 159 26.73 116.13 -0.53
N PHE I 160 27.49 116.44 0.51
CA PHE I 160 27.17 117.51 1.48
C PHE I 160 27.00 118.83 0.74
N GLY I 161 27.97 119.11 -0.13
CA GLY I 161 28.00 120.33 -0.92
C GLY I 161 26.74 120.44 -1.77
N ALA I 162 26.41 119.32 -2.41
CA ALA I 162 25.23 119.22 -3.27
C ALA I 162 23.96 119.54 -2.48
N GLY I 163 23.88 118.95 -1.28
CA GLY I 163 22.67 118.89 -0.46
C GLY I 163 22.00 117.53 -0.54
N ARG I 164 22.76 116.48 -0.86
CA ARG I 164 22.23 115.14 -1.14
C ARG I 164 23.21 114.03 -0.73
N LEU I 165 23.27 113.73 0.57
CA LEU I 165 24.18 112.69 1.13
C LEU I 165 23.80 111.25 0.78
N TYR I 166 24.77 110.46 0.33
CA TYR I 166 24.50 109.06 0.01
C TYR I 166 24.46 108.21 1.27
N ALA I 167 23.28 107.63 1.51
CA ALA I 167 23.06 106.74 2.65
C ALA I 167 22.48 105.43 2.16
N ALA I 168 22.47 104.44 3.05
CA ALA I 168 21.70 103.21 2.87
C ALA I 168 20.77 103.12 4.06
N ILE I 169 19.45 103.04 3.80
CA ILE I 169 18.47 103.00 4.91
C ILE I 169 18.50 101.59 5.45
N SER I 170 18.55 101.46 6.78
CA SER I 170 18.74 100.17 7.43
C SER I 170 17.67 99.81 8.49
N SER I 171 16.86 100.79 8.91
CA SER I 171 15.59 100.48 9.54
C SER I 171 14.67 99.86 8.48
N ARG I 172 13.97 98.80 8.86
CA ARG I 172 12.96 98.20 7.98
C ARG I 172 11.66 99.02 8.21
N PRO I 173 11.33 99.95 7.28
CA PRO I 173 10.20 100.85 7.57
C PRO I 173 8.82 100.21 7.49
N GLY I 174 8.70 99.07 6.79
CA GLY I 174 7.47 98.27 6.78
C GLY I 174 7.16 97.59 8.11
N GLN I 175 8.20 97.35 8.91
CA GLN I 175 8.08 96.77 10.25
C GLN I 175 8.09 97.86 11.33
N SER I 176 9.06 98.75 11.24
CA SER I 176 9.34 99.73 12.30
C SER I 176 8.46 100.98 12.26
N GLY I 177 8.20 101.47 11.05
CA GLY I 177 7.52 102.76 10.85
C GLY I 177 8.49 103.89 10.59
N ARG I 178 9.60 103.89 11.33
CA ARG I 178 10.66 104.88 11.15
C ARG I 178 11.48 104.53 9.91
N CYS I 179 12.13 105.55 9.34
CA CYS I 179 12.89 105.42 8.10
C CYS I 179 14.33 105.88 8.34
N ASP I 180 14.95 105.28 9.34
CA ASP I 180 16.26 105.68 9.83
C ASP I 180 17.33 104.79 9.18
N GLY I 181 18.43 105.43 8.78
CA GLY I 181 19.43 104.79 7.92
C GLY I 181 20.87 105.13 8.21
N TYR I 182 21.70 105.09 7.16
CA TYR I 182 23.14 105.18 7.34
C TYR I 182 23.96 105.90 6.27
N ILE I 183 24.59 107.01 6.64
CA ILE I 183 25.51 107.72 5.73
C ILE I 183 26.63 106.78 5.30
N LEU I 184 26.81 106.65 3.99
CA LEU I 184 27.75 105.67 3.43
C LEU I 184 29.17 106.19 3.48
N GLU I 185 30.09 105.33 3.93
CA GLU I 185 31.52 105.65 4.05
C GLU I 185 32.37 104.47 3.59
N GLY I 186 33.56 104.77 3.05
CA GLY I 186 34.58 103.77 2.78
C GLY I 186 34.36 102.89 1.56
N GLU I 187 34.48 101.58 1.76
CA GLU I 187 34.54 100.61 0.67
C GLU I 187 33.13 100.34 0.13
N GLU I 188 32.22 100.10 1.07
CA GLU I 188 30.82 99.82 0.77
C GLU I 188 30.21 100.98 -0.04
N LEU I 189 30.48 102.18 0.45
CA LEU I 189 30.02 103.43 -0.18
C LEU I 189 30.48 103.50 -1.62
N ALA I 190 31.77 103.22 -1.79
CA ALA I 190 32.43 103.23 -3.09
C ALA I 190 31.73 102.27 -4.05
N PHE I 191 31.49 101.07 -3.53
CA PHE I 191 30.83 100.00 -4.27
C PHE I 191 29.45 100.47 -4.75
N TYR I 192 28.72 101.08 -3.83
CA TYR I 192 27.38 101.58 -4.08
C TYR I 192 27.42 102.62 -5.22
N LEU I 193 28.39 103.51 -5.12
CA LEU I 193 28.61 104.57 -6.11
C LEU I 193 28.83 103.96 -7.49
N ARG I 194 29.69 102.94 -7.51
CA ARG I 194 30.04 102.23 -8.74
C ARG I 194 28.79 101.63 -9.37
N ARG I 195 27.98 101.00 -8.52
CA ARG I 195 26.75 100.36 -8.94
C ARG I 195 25.82 101.39 -9.58
N LEU I 196 25.70 102.52 -8.91
CA LEU I 196 24.87 103.65 -9.37
C LEU I 196 25.30 104.08 -10.76
N THR I 197 26.62 104.23 -10.90
CA THR I 197 27.23 104.66 -12.16
C THR I 197 26.87 103.69 -13.27
N ALA I 198 27.00 102.41 -12.95
CA ALA I 198 26.70 101.32 -13.89
C ALA I 198 25.25 101.42 -14.36
N LYS I 199 24.37 101.62 -13.38
CA LYS I 199 22.93 101.75 -13.62
C LYS I 199 22.65 102.91 -14.59
N LYS I 200 23.23 104.07 -14.30
CA LYS I 200 22.99 105.29 -15.09
C LYS I 200 23.89 105.35 -16.33
N PRO J 1 -16.51 59.36 29.74
CA PRO J 1 -15.26 59.77 30.34
C PRO J 1 -15.26 59.75 31.87
N ARG J 2 -14.90 58.59 32.42
CA ARG J 2 -14.34 58.46 33.76
C ARG J 2 -13.04 57.68 33.61
N ALA J 3 -13.20 56.41 33.24
CA ALA J 3 -12.13 55.46 32.94
C ALA J 3 -12.84 54.15 32.61
N PRO J 4 -12.28 53.34 31.70
CA PRO J 4 -12.86 52.00 31.51
C PRO J 4 -12.71 51.13 32.77
N ARG J 5 -13.84 50.70 33.32
CA ARG J 5 -13.86 49.69 34.38
C ARG J 5 -13.36 48.41 33.73
N THR J 6 -12.29 47.84 34.28
CA THR J 6 -11.68 46.65 33.71
C THR J 6 -12.38 45.38 34.12
N TYR J 7 -12.33 44.40 33.23
CA TYR J 7 -12.79 43.04 33.52
C TYR J 7 -11.91 42.03 32.84
N SER J 8 -12.07 40.77 33.23
CA SER J 8 -11.46 39.65 32.57
C SER J 8 -12.52 38.61 32.29
N LYS J 9 -12.62 38.16 31.04
CA LYS J 9 -13.31 36.91 30.75
C LYS J 9 -12.41 35.86 31.35
N THR J 10 -12.58 35.70 32.66
CA THR J 10 -11.62 35.02 33.49
C THR J 10 -11.53 33.55 33.14
N TYR J 11 -12.67 32.90 33.08
CA TYR J 11 -12.75 31.47 33.30
C TYR J 11 -13.08 30.69 32.03
N SER J 12 -12.07 29.97 31.54
CA SER J 12 -11.91 29.64 30.12
C SER J 12 -12.20 28.19 29.74
N THR J 13 -13.05 28.04 28.73
CA THR J 13 -13.32 26.76 28.04
C THR J 13 -12.08 25.97 27.60
N PRO J 14 -12.16 24.62 27.54
CA PRO J 14 -11.08 23.80 27.00
C PRO J 14 -10.99 23.87 25.48
N LYS J 15 -9.85 23.46 24.92
CA LYS J 15 -9.56 23.62 23.50
C LYS J 15 -10.26 22.61 22.60
N ARG J 16 -10.52 21.40 23.11
CA ARG J 16 -11.47 20.48 22.46
C ARG J 16 -12.73 20.39 23.31
N PRO J 17 -13.90 20.15 22.70
CA PRO J 17 -15.11 19.98 23.51
C PRO J 17 -15.27 18.59 24.12
N TYR J 18 -15.19 17.55 23.30
CA TYR J 18 -15.66 16.21 23.64
C TYR J 18 -14.56 15.16 23.84
N GLU J 19 -13.51 15.51 24.58
CA GLU J 19 -12.52 14.51 25.01
C GLU J 19 -13.18 13.74 26.16
N SER J 20 -13.65 12.54 25.84
CA SER J 20 -14.65 11.81 26.60
C SER J 20 -14.17 11.57 28.02
N ALA J 21 -12.93 11.10 28.10
CA ALA J 21 -12.25 10.80 29.37
C ALA J 21 -12.22 12.04 30.25
N ARG J 22 -11.83 13.14 29.62
CA ARG J 22 -11.72 14.45 30.28
C ARG J 22 -13.07 14.84 30.88
N LEU J 23 -14.10 14.68 30.06
CA LEU J 23 -15.48 15.01 30.42
C LEU J 23 -15.88 14.20 31.66
N ASP J 24 -15.57 12.92 31.60
CA ASP J 24 -15.88 11.98 32.67
C ASP J 24 -15.22 12.43 33.98
N ALA J 25 -13.95 12.80 33.86
CA ALA J 25 -13.14 13.27 34.98
C ALA J 25 -13.80 14.49 35.62
N GLU J 26 -14.20 15.42 34.75
CA GLU J 26 -14.86 16.67 35.15
C GLU J 26 -16.12 16.36 35.95
N LEU J 27 -16.90 15.43 35.41
CA LEU J 27 -18.16 15.02 36.02
C LEU J 27 -17.91 14.46 37.42
N LYS J 28 -16.88 13.62 37.51
CA LYS J 28 -16.48 12.99 38.76
C LYS J 28 -16.13 14.06 39.80
N LEU J 29 -15.36 15.04 39.35
CA LEU J 29 -14.92 16.16 40.18
C LEU J 29 -16.12 16.90 40.73
N ALA J 30 -17.06 17.17 39.83
CA ALA J 30 -18.30 17.87 40.16
C ALA J 30 -19.07 17.12 41.25
N GLY J 31 -19.17 15.82 41.05
CA GLY J 31 -19.85 14.92 41.98
C GLY J 31 -19.22 15.00 43.36
N GLU J 32 -17.89 14.95 43.36
CA GLU J 32 -17.10 15.01 44.59
C GLU J 32 -17.38 16.31 45.34
N TYR J 33 -17.36 17.44 44.63
CA TYR J 33 -17.42 18.75 45.27
C TYR J 33 -18.64 19.56 44.83
N GLY J 34 -19.76 18.87 44.59
CA GLY J 34 -21.06 19.46 44.28
C GLY J 34 -21.09 20.80 43.57
N LEU J 35 -20.79 20.79 42.27
CA LEU J 35 -20.78 22.01 41.45
C LEU J 35 -22.03 22.07 40.59
N LYS J 36 -22.48 23.29 40.27
CA LYS J 36 -23.62 23.46 39.36
C LYS J 36 -23.23 23.17 37.91
N ASN J 37 -22.02 23.57 37.52
CA ASN J 37 -21.55 23.38 36.14
C ASN J 37 -20.08 23.01 36.02
N LYS J 38 -19.71 22.59 34.81
CA LYS J 38 -18.31 22.55 34.36
C LYS J 38 -17.61 23.90 34.37
N ARG J 39 -18.41 24.96 34.35
CA ARG J 39 -17.93 26.34 34.35
C ARG J 39 -17.01 26.58 35.54
N GLU J 40 -17.48 26.13 36.70
CA GLU J 40 -16.74 26.29 37.95
C GLU J 40 -15.37 25.61 37.84
N ILE J 41 -15.40 24.39 37.31
CA ILE J 41 -14.20 23.59 37.12
C ILE J 41 -13.19 24.33 36.24
N TYR J 42 -13.73 24.88 35.15
CA TYR J 42 -12.95 25.62 34.17
C TYR J 42 -12.27 26.81 34.84
N ARG J 43 -13.05 27.52 35.64
CA ARG J 43 -12.60 28.69 36.40
C ARG J 43 -11.42 28.31 37.29
N ILE J 44 -11.62 27.20 38.00
CA ILE J 44 -10.62 26.67 38.92
C ILE J 44 -9.31 26.40 38.18
N SER J 45 -9.47 25.74 37.04
CA SER J 45 -8.33 25.38 36.18
C SER J 45 -7.56 26.63 35.78
N PHE J 46 -8.32 27.63 35.35
CA PHE J 46 -7.76 28.92 34.92
C PHE J 46 -6.95 29.56 36.04
N GLN J 47 -7.53 29.52 37.23
CA GLN J 47 -6.90 30.07 38.44
C GLN J 47 -5.55 29.37 38.67
N LEU J 48 -5.61 28.07 38.60
CA LEU J 48 -4.45 27.24 38.85
C LEU J 48 -3.45 27.40 37.75
N SER J 49 -4.00 27.49 36.53
CA SER J 49 -3.23 27.63 35.31
C SER J 49 -2.32 28.84 35.39
N LYS J 50 -2.91 29.95 35.82
CA LYS J 50 -2.23 31.23 35.96
C LYS J 50 -1.03 31.07 36.91
N ILE J 51 -1.32 30.42 38.03
CA ILE J 51 -0.32 30.19 39.07
C ILE J 51 0.86 29.39 38.51
N ARG J 52 0.50 28.35 37.76
CA ARG J 52 1.48 27.46 37.12
C ARG J 52 2.39 28.26 36.19
N ARG J 53 1.74 29.11 35.40
CA ARG J 53 2.42 29.97 34.43
C ARG J 53 3.44 30.85 35.14
N ALA J 54 2.97 31.45 36.24
CA ALA J 54 3.78 32.34 37.06
C ALA J 54 5.02 31.61 37.57
N ALA J 55 4.78 30.40 38.06
CA ALA J 55 5.83 29.53 38.59
C ALA J 55 6.89 29.27 37.53
N ARG J 56 6.39 28.93 36.35
CA ARG J 56 7.23 28.64 35.18
C ARG J 56 8.13 29.83 34.86
N ASP J 57 7.50 31.00 34.86
CA ASP J 57 8.18 32.26 34.57
C ASP J 57 9.32 32.48 35.56
N LEU J 58 8.99 32.26 36.83
CA LEU J 58 9.92 32.42 37.93
C LEU J 58 11.14 31.51 37.73
N LEU J 59 10.83 30.26 37.38
CA LEU J 59 11.85 29.25 37.15
C LEU J 59 12.79 29.67 36.03
N THR J 60 12.19 30.19 34.96
CA THR J 60 12.91 30.68 33.79
C THR J 60 13.89 31.76 34.19
N ARG J 61 13.78 32.38 35.37
CA ARG J 61 14.90 33.14 35.94
C ARG J 61 15.60 32.42 37.11
N ASP J 62 16.78 32.89 37.50
CA ASP J 62 17.63 32.25 38.53
C ASP J 62 17.15 32.44 39.97
N GLU J 63 16.74 31.37 40.64
CA GLU J 63 16.42 31.43 42.09
C GLU J 63 17.69 31.68 42.92
N LYS J 64 17.67 32.79 43.66
CA LYS J 64 18.82 33.49 44.29
C LYS J 64 18.72 34.97 43.87
N ASP J 65 18.55 35.18 42.57
CA ASP J 65 18.31 36.51 41.98
C ASP J 65 16.90 37.03 42.35
N PRO J 66 16.62 38.33 42.13
CA PRO J 66 15.72 39.05 43.03
C PRO J 66 14.23 38.88 42.88
N LYS J 67 13.74 39.16 41.68
CA LYS J 67 12.30 39.10 41.36
C LYS J 67 11.77 37.70 41.64
N ARG J 68 12.52 36.72 41.17
CA ARG J 68 12.20 35.30 41.34
C ARG J 68 12.05 34.97 42.82
N LEU J 69 13.05 35.43 43.58
CA LEU J 69 13.12 35.20 45.01
C LEU J 69 11.88 35.77 45.69
N PHE J 70 11.53 36.99 45.28
CA PHE J 70 10.63 37.73 46.10
C PHE J 70 9.22 37.41 45.72
N GLU J 71 8.93 37.63 44.45
CA GLU J 71 7.58 37.47 43.91
C GLU J 71 7.10 36.04 44.13
N GLY J 72 7.99 35.10 43.82
CA GLY J 72 7.72 33.68 43.97
C GLY J 72 7.36 33.35 45.41
N ASN J 73 8.18 33.89 46.31
CA ASN J 73 8.02 33.71 47.75
C ASN J 73 6.63 34.19 48.19
N ALA J 74 6.29 35.39 47.71
CA ALA J 74 5.02 36.03 48.01
C ALA J 74 3.86 35.14 47.57
N LEU J 75 3.99 34.61 46.36
CA LEU J 75 2.99 33.72 45.75
C LEU J 75 2.78 32.50 46.63
N ILE J 76 3.92 31.93 47.05
CA ILE J 76 3.93 30.74 47.91
C ILE J 76 3.18 31.01 49.21
N ARG J 77 3.49 32.17 49.78
CA ARG J 77 2.88 32.62 51.04
C ARG J 77 1.36 32.69 50.89
N ARG J 78 0.96 33.30 49.77
CA ARG J 78 -0.45 33.49 49.43
C ARG J 78 -1.15 32.13 49.37
N LEU J 79 -0.49 31.21 48.68
CA LEU J 79 -1.00 29.86 48.50
C LEU J 79 -1.22 29.18 49.86
N VAL J 80 -0.21 29.33 50.71
CA VAL J 80 -0.24 28.76 52.04
C VAL J 80 -1.43 29.30 52.84
N ARG J 81 -1.61 30.62 52.74
CA ARG J 81 -2.70 31.32 53.41
C ARG J 81 -4.04 30.76 52.96
N ILE J 82 -4.16 30.59 51.64
CA ILE J 82 -5.37 30.06 51.03
C ILE J 82 -5.68 28.66 51.58
N GLY J 83 -4.62 27.86 51.74
CA GLY J 83 -4.67 26.53 52.32
C GLY J 83 -4.65 25.41 51.30
N VAL J 84 -4.21 25.73 50.08
CA VAL J 84 -4.05 24.74 49.01
C VAL J 84 -2.67 24.10 49.17
N LEU J 85 -1.65 24.95 49.30
CA LEU J 85 -0.31 24.47 49.63
C LEU J 85 -0.24 23.93 51.06
N SER J 86 0.59 22.91 51.25
CA SER J 86 0.89 22.38 52.58
C SER J 86 2.00 23.21 53.23
N GLU J 87 2.33 22.87 54.47
CA GLU J 87 3.41 23.51 55.21
C GLU J 87 4.76 22.83 54.94
N ASP J 88 4.71 21.55 54.57
CA ASP J 88 5.90 20.82 54.09
C ASP J 88 6.40 21.38 52.76
N LYS J 89 5.46 21.79 51.90
CA LYS J 89 5.76 22.27 50.56
C LYS J 89 5.68 23.79 50.45
N LYS J 90 6.83 24.45 50.46
CA LYS J 90 6.95 25.89 50.23
C LYS J 90 8.21 26.19 49.41
N LYS J 91 8.34 25.48 48.28
CA LYS J 91 9.56 25.52 47.47
C LYS J 91 9.28 25.89 46.00
N LEU J 92 8.16 26.54 45.72
CA LEU J 92 7.80 27.03 44.37
C LEU J 92 7.57 25.90 43.36
N ASP J 93 8.59 25.08 43.14
CA ASP J 93 8.50 23.88 42.30
C ASP J 93 7.43 22.88 42.79
N TYR J 94 7.05 22.97 44.07
CA TYR J 94 5.88 22.25 44.60
C TYR J 94 4.54 22.88 44.16
N VAL J 95 4.46 24.21 44.11
CA VAL J 95 3.27 24.91 43.60
C VAL J 95 2.98 24.47 42.18
N LEU J 96 4.02 24.52 41.35
CA LEU J 96 3.97 24.07 39.95
C LEU J 96 2.97 22.94 39.67
N ALA J 97 2.90 21.96 40.58
CA ALA J 97 1.87 20.92 40.56
C ALA J 97 0.98 21.00 41.82
N LEU J 98 -0.07 21.80 41.74
CA LEU J 98 -1.07 21.94 42.82
C LEU J 98 -2.30 21.06 42.62
N LYS J 99 -2.82 21.05 41.39
CA LYS J 99 -4.01 20.27 41.01
C LYS J 99 -5.33 20.96 41.42
N VAL J 100 -6.34 20.82 40.57
CA VAL J 100 -7.64 21.48 40.73
C VAL J 100 -8.46 20.94 41.90
N GLU J 101 -8.26 19.65 42.18
CA GLU J 101 -8.95 18.95 43.25
C GLU J 101 -8.68 19.65 44.58
N ASP J 102 -7.41 19.95 44.80
CA ASP J 102 -6.95 20.62 46.02
C ASP J 102 -7.67 21.96 46.19
N PHE J 103 -7.70 22.69 45.09
CA PHE J 103 -8.35 24.01 45.04
C PHE J 103 -9.81 23.90 45.44
N LEU J 104 -10.47 22.90 44.86
CA LEU J 104 -11.87 22.62 45.10
C LEU J 104 -12.11 22.35 46.58
N GLU J 105 -11.23 21.53 47.14
CA GLU J 105 -11.30 21.15 48.54
C GLU J 105 -11.20 22.36 49.44
N ARG J 106 -10.57 23.46 49.04
CA ARG J 106 -10.48 24.64 49.92
C ARG J 106 -11.72 25.55 49.98
N ARG J 107 -12.76 25.24 49.20
CA ARG J 107 -13.96 26.08 49.13
C ARG J 107 -14.83 26.02 50.38
N LEU J 108 -15.57 27.10 50.62
CA LEU J 108 -16.56 27.15 51.70
C LEU J 108 -17.72 26.21 51.38
N GLN J 109 -17.88 25.87 50.10
CA GLN J 109 -18.57 24.63 49.72
C GLN J 109 -18.27 23.48 50.69
N THR J 110 -17.02 23.02 50.64
CA THR J 110 -16.62 21.76 51.26
C THR J 110 -16.20 21.96 52.70
N GLN J 111 -15.59 23.10 53.02
CA GLN J 111 -15.20 23.41 54.41
C GLN J 111 -16.38 23.59 55.37
N VAL J 112 -17.61 23.63 54.85
CA VAL J 112 -18.80 23.35 55.66
C VAL J 112 -18.89 21.84 55.89
N TYR J 113 -18.96 21.08 54.80
CA TYR J 113 -19.13 19.62 54.85
C TYR J 113 -18.02 18.90 55.62
N LYS J 114 -16.77 19.26 55.32
CA LYS J 114 -15.59 18.73 56.03
C LYS J 114 -15.65 18.92 57.54
N LEU J 115 -16.21 20.05 57.98
CA LEU J 115 -16.37 20.35 59.41
C LEU J 115 -17.71 19.87 60.00
N GLY J 116 -18.37 18.93 59.33
CA GLY J 116 -19.70 18.47 59.74
C GLY J 116 -20.77 19.45 59.28
N LEU J 117 -21.43 20.10 60.23
CA LEU J 117 -22.48 21.11 59.97
C LEU J 117 -23.63 20.60 59.09
N ALA J 118 -23.36 20.45 57.79
CA ALA J 118 -24.38 20.13 56.80
C ALA J 118 -24.87 18.69 56.85
N LYS J 119 -24.02 17.75 56.42
CA LYS J 119 -24.39 16.39 55.99
C LYS J 119 -24.76 16.39 54.50
N SER J 120 -23.76 16.07 53.66
CA SER J 120 -23.90 15.73 52.22
C SER J 120 -23.74 16.88 51.20
N VAL J 121 -22.64 17.64 51.30
CA VAL J 121 -22.07 18.46 50.17
C VAL J 121 -23.09 19.45 49.54
N HIS J 122 -24.05 18.84 48.82
CA HIS J 122 -25.15 19.56 48.19
C HIS J 122 -25.94 20.33 49.25
N HIS J 123 -26.24 19.64 50.34
CA HIS J 123 -26.98 20.21 51.46
C HIS J 123 -26.26 21.44 52.01
N ALA J 124 -24.95 21.27 52.19
CA ALA J 124 -24.07 22.33 52.68
C ALA J 124 -24.16 23.56 51.78
N ARG J 125 -24.07 23.29 50.50
CA ARG J 125 -24.15 24.33 49.45
C ARG J 125 -25.45 25.11 49.57
N VAL J 126 -26.52 24.34 49.70
CA VAL J 126 -27.88 24.88 49.82
C VAL J 126 -27.97 25.82 51.03
N LEU J 127 -27.42 25.34 52.14
CA LEU J 127 -27.38 26.08 53.41
C LEU J 127 -26.67 27.41 53.22
N ILE J 128 -25.52 27.33 52.55
CA ILE J 128 -24.69 28.49 52.26
C ILE J 128 -25.48 29.53 51.47
N SER J 129 -26.16 29.02 50.45
CA SER J 129 -26.99 29.84 49.56
C SER J 129 -28.07 30.58 50.37
N GLN J 130 -28.74 29.82 51.23
CA GLN J 130 -29.94 30.28 51.98
C GLN J 130 -29.62 31.09 53.24
N ARG J 131 -28.58 31.93 53.19
CA ARG J 131 -28.29 32.88 54.26
C ARG J 131 -27.99 32.27 55.64
N HIS J 132 -27.35 31.10 55.62
CA HIS J 132 -26.71 30.54 56.82
C HIS J 132 -25.20 30.58 56.57
N ILE J 133 -24.42 30.15 57.55
CA ILE J 133 -22.94 30.14 57.49
C ILE J 133 -22.35 31.56 57.45
N ALA J 134 -21.65 31.92 58.51
CA ALA J 134 -20.89 33.17 58.59
C ALA J 134 -19.45 32.81 58.92
N VAL J 135 -18.53 33.06 57.98
CA VAL J 135 -17.13 32.69 58.14
C VAL J 135 -16.51 33.42 59.34
N GLY J 136 -16.72 34.73 59.38
CA GLY J 136 -16.45 35.52 60.59
C GLY J 136 -17.76 35.56 61.37
N LYS J 137 -18.32 36.75 61.48
CA LYS J 137 -19.73 36.94 61.87
C LYS J 137 -20.40 37.80 60.82
N GLN J 138 -20.16 37.41 59.56
CA GLN J 138 -20.59 38.12 58.37
C GLN J 138 -20.97 37.03 57.36
N ILE J 139 -22.22 37.04 56.93
CA ILE J 139 -22.84 35.87 56.27
C ILE J 139 -22.35 35.67 54.84
N VAL J 140 -21.51 34.66 54.64
CA VAL J 140 -21.10 34.25 53.30
C VAL J 140 -22.22 33.44 52.67
N ASN J 141 -22.62 33.81 51.45
CA ASN J 141 -23.51 32.97 50.64
C ASN J 141 -22.98 32.70 49.22
N ILE J 142 -21.66 32.75 49.07
CA ILE J 142 -20.98 32.23 47.90
C ILE J 142 -20.42 30.86 48.25
N PRO J 143 -20.81 29.81 47.51
CA PRO J 143 -20.20 28.49 47.62
C PRO J 143 -18.69 28.46 47.33
N SER J 144 -18.29 29.13 46.25
CA SER J 144 -16.88 29.22 45.81
C SER J 144 -16.17 30.41 46.48
N PHE J 145 -16.10 30.34 47.80
CA PHE J 145 -15.57 31.42 48.65
C PHE J 145 -14.06 31.28 48.83
N MET J 146 -13.58 30.04 48.92
CA MET J 146 -12.20 29.69 49.26
C MET J 146 -11.87 30.14 50.69
N VAL J 147 -11.84 29.18 51.62
CA VAL J 147 -11.68 29.51 53.05
C VAL J 147 -10.20 29.77 53.35
N ARG J 148 -9.94 30.65 54.31
CA ARG J 148 -8.58 31.15 54.58
C ARG J 148 -7.71 30.26 55.49
N LEU J 149 -8.19 29.07 55.90
CA LEU J 149 -7.46 28.17 56.83
C LEU J 149 -7.22 28.80 58.22
N GLU J 150 -6.61 29.99 58.22
CA GLU J 150 -6.54 30.86 59.40
C GLU J 150 -7.93 31.21 59.96
N SER J 151 -8.94 31.27 59.08
CA SER J 151 -10.34 31.49 59.48
C SER J 151 -11.26 30.31 59.12
N GLU J 152 -10.73 29.09 59.22
CA GLU J 152 -11.51 27.86 58.98
C GLU J 152 -12.11 27.35 60.28
N LYS J 153 -11.35 27.44 61.36
CA LYS J 153 -11.84 27.19 62.73
C LYS J 153 -13.02 28.11 63.10
N HIS J 154 -13.00 29.33 62.56
CA HIS J 154 -14.06 30.33 62.81
C HIS J 154 -15.36 30.10 62.02
N ILE J 155 -15.38 29.15 61.08
CA ILE J 155 -16.62 28.86 60.31
C ILE J 155 -17.65 28.30 61.28
N ASP J 156 -18.73 29.05 61.47
CA ASP J 156 -19.85 28.63 62.32
C ASP J 156 -21.13 28.73 61.54
N PHE J 157 -22.22 28.30 62.16
CA PHE J 157 -23.57 28.65 61.69
C PHE J 157 -23.81 30.12 62.03
N ALA J 158 -24.72 30.74 61.29
CA ALA J 158 -24.94 32.19 61.37
C ALA J 158 -25.42 32.64 62.75
N ARG J 159 -24.99 33.83 63.17
CA ARG J 159 -25.47 34.46 64.42
C ARG J 159 -26.99 34.55 64.42
N THR J 160 -27.53 35.13 63.34
CA THR J 160 -28.96 35.17 63.10
C THR J 160 -29.40 33.88 62.39
N SER J 161 -30.71 33.73 62.17
CA SER J 161 -31.29 32.56 61.48
C SER J 161 -31.21 31.29 62.35
N PRO J 162 -31.86 30.18 61.91
CA PRO J 162 -31.80 28.93 62.69
C PRO J 162 -30.48 28.18 62.57
N PHE J 163 -30.43 26.99 63.18
CA PHE J 163 -29.23 26.13 63.20
C PHE J 163 -28.16 26.69 64.13
N GLY J 164 -27.77 27.95 63.92
CA GLY J 164 -27.12 28.76 64.95
C GLY J 164 -28.05 28.94 66.16
N GLY J 165 -29.34 29.14 65.89
CA GLY J 165 -30.40 29.02 66.89
C GLY J 165 -30.93 30.32 67.46
N ALA J 166 -30.94 31.38 66.64
CA ALA J 166 -31.50 32.67 67.05
C ALA J 166 -33.01 32.68 66.88
N ARG J 167 -33.45 32.32 65.67
CA ARG J 167 -34.87 32.23 65.34
C ARG J 167 -35.18 30.88 64.71
N PRO J 168 -36.40 30.35 64.93
CA PRO J 168 -36.68 28.99 64.50
C PRO J 168 -36.82 28.92 62.98
N GLY J 169 -37.65 29.81 62.40
CA GLY J 169 -37.61 30.18 60.97
C GLY J 169 -38.77 29.90 59.91
N ARG J 170 -39.92 30.52 60.02
CA ARG J 170 -40.96 30.51 58.92
C ARG J 170 -41.94 29.29 58.97
N VAL J 171 -41.51 28.12 58.49
CA VAL J 171 -42.32 26.89 58.56
C VAL J 171 -42.64 26.58 60.02
N ALA J 172 -41.62 26.69 60.87
CA ALA J 172 -41.75 26.42 62.30
C ALA J 172 -42.81 27.34 62.91
N ARG J 173 -42.70 28.62 62.54
CA ARG J 173 -43.61 29.67 63.00
C ARG J 173 -45.04 29.30 62.63
N LYS J 174 -45.21 28.89 61.38
CA LYS J 174 -46.50 28.51 60.82
C LYS J 174 -47.10 27.36 61.65
N ARG J 175 -46.25 26.38 61.92
CA ARG J 175 -46.64 25.21 62.68
C ARG J 175 -47.13 25.62 64.07
N ALA J 176 -46.37 26.50 64.69
CA ALA J 176 -46.67 27.04 66.01
C ALA J 176 -48.05 27.69 66.01
N ALA J 177 -48.27 28.51 64.99
CA ALA J 177 -49.53 29.24 64.80
C ALA J 177 -50.69 28.26 64.72
N ALA J 178 -50.48 27.22 63.92
CA ALA J 178 -51.47 26.17 63.71
C ALA J 178 -51.84 25.51 65.04
N ALA J 179 -50.81 25.19 65.80
CA ALA J 179 -50.93 24.56 67.11
C ALA J 179 -51.79 25.44 68.03
N GLY J 180 -51.46 26.73 68.02
CA GLY J 180 -52.16 27.73 68.82
C GLY J 180 -53.64 27.75 68.48
N GLY J 181 -53.90 27.75 67.17
CA GLY J 181 -55.26 27.76 66.63
C GLY J 181 -56.04 26.56 67.14
N GLU J 182 -55.38 25.40 67.06
CA GLU J 182 -55.94 24.13 67.50
C GLU J 182 -56.34 24.20 68.97
N MET K 1 -67.15 -25.35 7.53
CA MET K 1 -67.92 -24.67 8.63
C MET K 1 -69.38 -25.10 8.66
N LEU K 2 -70.02 -25.14 7.49
CA LEU K 2 -71.39 -25.64 7.36
C LEU K 2 -71.47 -27.13 7.71
N ILE K 3 -71.64 -27.41 9.00
CA ILE K 3 -71.63 -28.77 9.54
C ILE K 3 -73.03 -29.12 10.05
N PRO K 4 -73.53 -30.33 9.69
CA PRO K 4 -74.64 -30.90 10.45
C PRO K 4 -74.14 -31.25 11.86
N LYS K 5 -74.74 -30.61 12.86
CA LYS K 5 -74.15 -30.48 14.20
C LYS K 5 -73.82 -31.83 14.86
N GLU K 6 -74.61 -32.83 14.50
CA GLU K 6 -74.46 -34.19 15.00
C GLU K 6 -73.06 -34.71 14.70
N ASP K 7 -72.65 -34.50 13.44
CA ASP K 7 -71.34 -34.93 12.95
C ASP K 7 -70.24 -34.29 13.79
N ARG K 8 -70.39 -32.99 14.02
CA ARG K 8 -69.44 -32.20 14.80
C ARG K 8 -69.30 -32.78 16.20
N LYS K 9 -70.46 -33.08 16.80
CA LYS K 9 -70.55 -33.65 18.14
C LYS K 9 -69.78 -34.96 18.20
N LYS K 10 -70.02 -35.78 17.19
CA LYS K 10 -69.38 -37.10 17.06
C LYS K 10 -67.86 -36.94 17.04
N ILE K 11 -67.43 -36.00 16.21
CA ILE K 11 -66.02 -35.69 16.04
C ILE K 11 -65.38 -35.31 17.38
N TYR K 12 -66.09 -34.44 18.08
CA TYR K 12 -65.67 -33.95 19.39
C TYR K 12 -65.48 -35.12 20.36
N GLN K 13 -66.48 -36.00 20.35
CA GLN K 13 -66.49 -37.19 21.20
C GLN K 13 -65.26 -38.05 20.92
N HIS K 14 -65.01 -38.25 19.64
CA HIS K 14 -63.88 -39.04 19.16
C HIS K 14 -62.57 -38.46 19.67
N LEU K 15 -62.46 -37.15 19.55
CA LEU K 15 -61.29 -36.38 19.99
C LEU K 15 -61.05 -36.62 21.48
N PHE K 16 -62.14 -36.51 22.23
CA PHE K 16 -62.11 -36.68 23.68
C PHE K 16 -61.59 -38.07 24.03
N GLN K 17 -62.13 -39.06 23.32
CA GLN K 17 -61.75 -40.47 23.50
C GLN K 17 -60.25 -40.64 23.29
N GLU K 18 -59.79 -40.04 22.20
CA GLU K 18 -58.39 -40.11 21.82
C GLU K 18 -57.45 -39.47 22.84
N GLY K 19 -57.69 -38.18 23.09
CA GLY K 19 -56.68 -37.26 23.61
C GLY K 19 -55.74 -36.74 22.52
N VAL K 20 -56.17 -36.86 21.25
CA VAL K 20 -55.32 -36.64 20.06
C VAL K 20 -56.19 -36.69 18.79
N LEU K 21 -55.68 -36.19 17.67
CA LEU K 21 -56.33 -36.44 16.37
C LEU K 21 -55.32 -36.36 15.22
N VAL K 22 -55.38 -37.33 14.31
CA VAL K 22 -54.56 -37.34 13.10
C VAL K 22 -55.47 -37.32 11.88
N ALA K 23 -55.31 -36.29 11.05
CA ALA K 23 -56.08 -36.18 9.81
C ALA K 23 -55.13 -36.13 8.62
N LYS K 24 -55.70 -36.36 7.44
CA LYS K 24 -54.98 -36.12 6.18
C LYS K 24 -55.09 -34.63 5.83
N LYS K 25 -54.33 -34.20 4.82
CA LYS K 25 -54.52 -32.89 4.19
C LYS K 25 -55.29 -33.08 2.88
N ASP K 26 -56.28 -33.97 2.92
CA ASP K 26 -56.97 -34.45 1.72
C ASP K 26 -58.42 -34.01 1.75
N PHE K 27 -58.69 -32.89 1.08
CA PHE K 27 -60.05 -32.46 0.80
C PHE K 27 -60.55 -33.30 -0.39
N ASN K 28 -61.86 -33.29 -0.59
CA ASN K 28 -62.56 -34.23 -1.51
C ASN K 28 -62.66 -35.69 -1.03
N GLN K 29 -62.10 -36.04 0.14
CA GLN K 29 -62.17 -37.41 0.65
C GLN K 29 -63.55 -37.63 1.28
N PRO K 30 -64.28 -38.68 0.85
CA PRO K 30 -65.69 -38.84 1.22
C PRO K 30 -65.94 -39.10 2.71
N LYS K 31 -65.10 -39.94 3.33
CA LYS K 31 -65.22 -40.24 4.76
C LYS K 31 -63.87 -40.52 5.42
N HIS K 32 -63.71 -40.02 6.64
CA HIS K 32 -62.48 -40.15 7.43
C HIS K 32 -62.34 -41.57 7.97
N GLU K 33 -61.11 -41.93 8.34
CA GLU K 33 -60.85 -43.18 9.06
C GLU K 33 -61.40 -43.03 10.47
N GLU K 34 -61.91 -44.13 11.03
CA GLU K 34 -62.51 -44.16 12.38
C GLU K 34 -63.88 -43.46 12.44
N ILE K 35 -63.91 -42.15 12.26
CA ILE K 35 -65.14 -41.35 12.36
C ILE K 35 -65.92 -41.47 11.04
N ASP K 36 -67.24 -41.53 11.13
CA ASP K 36 -68.11 -41.60 9.95
C ASP K 36 -68.57 -40.20 9.53
N THR K 37 -67.60 -39.36 9.19
CA THR K 37 -67.83 -38.00 8.68
C THR K 37 -66.78 -37.68 7.64
N LYS K 38 -67.02 -36.59 6.90
CA LYS K 38 -66.05 -36.10 5.92
C LYS K 38 -64.80 -35.56 6.65
N ASN K 39 -63.64 -35.90 6.11
CA ASN K 39 -62.32 -35.53 6.64
C ASN K 39 -62.18 -34.02 6.63
N LEU K 40 -62.66 -33.40 5.55
CA LEU K 40 -62.60 -31.96 5.35
C LEU K 40 -63.28 -31.25 6.52
N PHE K 41 -64.46 -31.75 6.87
CA PHE K 41 -65.27 -31.18 7.95
C PHE K 41 -64.48 -31.21 9.26
N VAL K 42 -63.87 -32.37 9.50
CA VAL K 42 -63.07 -32.61 10.70
C VAL K 42 -61.94 -31.60 10.79
N ILE K 43 -61.26 -31.43 9.65
CA ILE K 43 -60.14 -30.51 9.51
C ILE K 43 -60.58 -29.10 9.87
N LYS K 44 -61.72 -28.71 9.31
CA LYS K 44 -62.32 -27.40 9.53
C LYS K 44 -62.57 -27.17 11.01
N ALA K 45 -63.14 -28.18 11.63
CA ALA K 45 -63.46 -28.16 13.06
C ALA K 45 -62.20 -27.93 13.88
N LEU K 46 -61.16 -28.68 13.52
CA LEU K 46 -59.87 -28.61 14.18
C LEU K 46 -59.30 -27.19 14.09
N GLN K 47 -59.40 -26.63 12.88
CA GLN K 47 -58.93 -25.28 12.58
C GLN K 47 -59.63 -24.27 13.49
N SER K 48 -60.94 -24.44 13.57
CA SER K 48 -61.81 -23.58 14.38
C SER K 48 -61.36 -23.61 15.84
N LEU K 49 -61.12 -24.82 16.31
CA LEU K 49 -60.69 -25.08 17.68
C LEU K 49 -59.38 -24.34 17.96
N THR K 50 -58.46 -24.48 17.01
CA THR K 50 -57.14 -23.85 17.09
C THR K 50 -57.28 -22.34 17.20
N SER K 51 -58.15 -21.80 16.36
CA SER K 51 -58.45 -20.36 16.32
C SER K 51 -58.93 -19.89 17.69
N LYS K 52 -59.76 -20.65 18.39
CA LYS K 52 -60.12 -20.30 19.78
C LYS K 52 -59.27 -21.08 20.82
N GLY K 53 -57.96 -21.13 20.59
CA GLY K 53 -57.01 -21.80 21.50
C GLY K 53 -57.08 -23.32 21.43
N PHE K 54 -57.17 -23.95 22.60
CA PHE K 54 -57.54 -25.36 22.74
C PHE K 54 -56.59 -26.40 22.10
N VAL K 55 -56.60 -26.49 20.77
CA VAL K 55 -55.87 -27.52 20.03
C VAL K 55 -54.52 -26.98 19.55
N LYS K 56 -53.53 -27.87 19.43
CA LYS K 56 -52.22 -27.55 18.83
C LYS K 56 -52.04 -28.36 17.54
N THR K 57 -51.75 -27.67 16.43
CA THR K 57 -51.78 -28.28 15.09
C THR K 57 -50.40 -28.29 14.38
N GLN K 58 -50.09 -29.41 13.71
CA GLN K 58 -48.89 -29.55 12.87
C GLN K 58 -49.31 -30.09 11.49
N PHE K 59 -48.73 -29.53 10.43
CA PHE K 59 -49.18 -29.79 9.03
C PHE K 59 -48.22 -30.69 8.23
N SER K 60 -47.41 -31.49 8.91
CA SER K 60 -46.28 -32.19 8.29
C SER K 60 -46.65 -33.41 7.44
N TRP K 61 -46.13 -33.45 6.21
CA TRP K 61 -46.23 -34.61 5.30
C TRP K 61 -47.67 -35.02 4.98
N GLN K 62 -48.47 -34.04 4.55
CA GLN K 62 -49.88 -34.26 4.19
C GLN K 62 -50.73 -34.86 5.33
N TYR K 63 -50.25 -34.72 6.57
CA TYR K 63 -50.91 -35.27 7.75
C TYR K 63 -51.01 -34.19 8.81
N TYR K 64 -52.23 -33.72 9.08
CA TYR K 64 -52.48 -32.81 10.20
C TYR K 64 -52.46 -33.59 11.52
N TYR K 65 -51.69 -33.08 12.49
CA TYR K 65 -51.63 -33.66 13.85
C TYR K 65 -52.20 -32.70 14.88
N TYR K 66 -52.93 -33.24 15.85
CA TYR K 66 -53.71 -32.46 16.80
C TYR K 66 -53.64 -33.00 18.23
N THR K 67 -53.34 -32.11 19.18
CA THR K 67 -53.33 -32.41 20.62
C THR K 67 -54.05 -31.31 21.40
N LEU K 68 -54.73 -31.70 22.47
CA LEU K 68 -55.55 -30.79 23.28
C LEU K 68 -54.76 -30.24 24.48
N THR K 69 -54.85 -28.92 24.69
CA THR K 69 -54.32 -28.28 25.91
C THR K 69 -55.33 -28.42 27.05
N GLU K 70 -54.96 -28.01 28.27
CA GLU K 70 -55.84 -28.18 29.43
C GLU K 70 -57.17 -27.46 29.19
N GLU K 71 -57.04 -26.21 28.75
CA GLU K 71 -58.18 -25.34 28.46
C GLU K 71 -59.09 -26.00 27.41
N GLY K 72 -58.44 -26.51 26.36
CA GLY K 72 -59.13 -27.18 25.25
C GLY K 72 -59.93 -28.36 25.78
N VAL K 73 -59.26 -29.15 26.62
CA VAL K 73 -59.85 -30.33 27.24
C VAL K 73 -61.11 -29.95 28.02
N VAL K 74 -60.96 -28.89 28.80
CA VAL K 74 -62.05 -28.37 29.64
C VAL K 74 -63.25 -28.00 28.76
N TYR K 75 -62.94 -27.30 27.67
CA TYR K 75 -63.94 -26.85 26.71
C TYR K 75 -64.71 -28.05 26.15
N LEU K 76 -63.94 -29.06 25.78
CA LEU K 76 -64.48 -30.31 25.21
C LEU K 76 -65.45 -30.95 26.20
N ARG K 77 -65.00 -31.00 27.45
CA ARG K 77 -65.78 -31.58 28.55
C ARG K 77 -67.11 -30.85 28.68
N GLU K 78 -67.02 -29.53 28.65
CA GLU K 78 -68.18 -28.65 28.77
C GLU K 78 -69.18 -28.95 27.66
N TYR K 79 -68.64 -29.07 26.44
CA TYR K 79 -69.43 -29.36 25.25
C TYR K 79 -70.18 -30.68 25.42
N LEU K 80 -69.45 -31.67 25.91
CA LEU K 80 -69.98 -33.01 26.13
C LEU K 80 -71.05 -33.13 27.23
N ASN K 81 -70.57 -32.82 28.44
CA ASN K 81 -71.21 -32.98 29.77
C ASN K 81 -70.25 -33.61 30.79
N LEU K 82 -69.54 -34.66 30.38
CA LEU K 82 -68.72 -35.51 31.28
C LEU K 82 -67.91 -34.72 32.32
N PRO K 83 -68.05 -35.05 33.62
CA PRO K 83 -67.59 -34.13 34.66
C PRO K 83 -66.07 -34.17 34.95
N GLU K 84 -65.59 -35.25 35.57
CA GLU K 84 -64.20 -35.34 36.02
C GLU K 84 -63.76 -36.80 36.19
N HIS K 85 -62.45 -37.02 36.12
CA HIS K 85 -61.83 -38.36 36.12
C HIS K 85 -62.27 -39.13 34.88
N ILE K 86 -61.75 -38.72 33.73
CA ILE K 86 -62.23 -39.15 32.41
C ILE K 86 -61.05 -39.60 31.52
N PHE K 87 -61.33 -39.90 30.25
CA PHE K 87 -60.37 -40.58 29.37
C PHE K 87 -59.11 -39.78 28.97
N PRO K 88 -59.24 -38.88 27.98
CA PRO K 88 -58.18 -38.42 27.06
C PRO K 88 -56.89 -39.28 27.00
N ALA K 89 -55.72 -38.64 26.92
CA ALA K 89 -54.44 -39.31 27.12
C ALA K 89 -53.50 -38.46 28.00
N THR K 90 -54.09 -37.72 28.93
CA THR K 90 -53.35 -36.92 29.90
C THR K 90 -52.73 -37.83 30.98
N TYR K 91 -53.39 -38.96 31.24
CA TYR K 91 -52.86 -40.01 32.13
C TYR K 91 -53.24 -41.39 31.59
N LEU K 92 -52.52 -42.41 32.08
CA LEU K 92 -52.72 -43.79 31.62
C LEU K 92 -54.05 -44.37 32.09
N ALA K 93 -54.54 -45.36 31.35
CA ALA K 93 -55.79 -46.05 31.68
C ALA K 93 -55.64 -46.94 32.91
N GLY K 94 -54.55 -47.71 32.94
CA GLY K 94 -54.21 -48.55 34.10
C GLY K 94 -52.71 -48.78 34.20
N GLN K 95 -52.22 -49.75 33.44
CA GLN K 95 -50.79 -50.07 33.37
C GLN K 95 -50.40 -50.38 31.91
N SER K 96 -49.81 -49.39 31.24
CA SER K 96 -49.37 -49.54 29.85
C SER K 96 -48.33 -48.47 29.49
N SER L 1 33.67 74.91 -3.91
CA SER L 1 33.06 75.23 -5.24
C SER L 1 32.68 76.71 -5.36
N THR L 2 32.95 77.30 -6.52
CA THR L 2 32.70 78.73 -6.82
C THR L 2 33.68 79.65 -6.05
N GLU L 3 33.23 80.47 -5.10
CA GLU L 3 34.10 81.33 -4.26
C GLU L 3 34.87 82.39 -5.06
N LEU L 4 35.83 83.06 -4.39
CA LEU L 4 36.92 83.87 -5.01
C LEU L 4 36.64 85.37 -5.19
N THR L 5 35.46 85.72 -5.69
CA THR L 5 35.14 87.10 -6.06
C THR L 5 34.95 88.08 -4.89
N VAL L 6 34.61 87.55 -3.71
CA VAL L 6 34.41 88.34 -2.47
C VAL L 6 33.15 89.23 -2.57
N GLN L 7 33.30 90.46 -3.07
CA GLN L 7 32.20 91.42 -3.13
C GLN L 7 31.67 91.37 -4.56
N SER L 8 30.59 90.63 -4.77
CA SER L 8 30.10 90.32 -6.11
C SER L 8 28.63 89.91 -6.14
N GLU L 9 27.77 90.79 -5.62
CA GLU L 9 26.33 90.66 -5.77
C GLU L 9 25.83 91.98 -6.33
N ARG L 10 24.51 92.08 -6.52
CA ARG L 10 23.86 93.36 -6.79
C ARG L 10 24.13 94.27 -5.59
N ALA L 11 23.81 93.76 -4.40
CA ALA L 11 24.21 94.40 -3.15
C ALA L 11 25.71 94.20 -2.90
N PHE L 12 26.19 94.78 -1.80
CA PHE L 12 27.55 94.53 -1.33
C PHE L 12 27.49 94.21 0.16
N GLN L 13 28.33 93.27 0.57
CA GLN L 13 28.11 92.54 1.83
C GLN L 13 29.24 92.71 2.85
N LYS L 14 28.83 92.99 4.09
CA LYS L 14 29.72 93.10 5.24
C LYS L 14 29.21 92.19 6.34
N GLN L 15 30.05 92.01 7.37
CA GLN L 15 29.60 91.38 8.61
C GLN L 15 28.75 92.43 9.33
N PRO L 16 27.47 92.14 9.59
CA PRO L 16 26.51 93.15 10.04
C PRO L 16 26.85 93.73 11.41
N HIS L 17 26.50 95.00 11.62
CA HIS L 17 26.84 95.73 12.87
C HIS L 17 28.34 95.79 13.23
N ILE L 18 29.21 95.34 12.31
CA ILE L 18 30.66 95.21 12.54
C ILE L 18 31.33 96.18 11.58
N PHE L 19 32.34 96.89 12.08
CA PHE L 19 32.77 98.15 11.49
C PHE L 19 34.23 98.18 11.05
N THR L 20 34.43 98.69 9.83
CA THR L 20 35.76 98.92 9.24
C THR L 20 36.02 100.43 9.31
N ASN L 21 36.53 100.88 10.45
CA ASN L 21 36.64 102.32 10.74
C ASN L 21 37.62 103.02 9.78
N PRO L 22 37.12 103.99 8.98
CA PRO L 22 38.00 104.70 8.04
C PRO L 22 38.88 105.78 8.67
N LYS L 23 38.46 106.35 9.81
CA LYS L 23 39.30 107.26 10.59
C LYS L 23 40.52 106.55 11.15
N ALA L 24 40.26 105.43 11.84
CA ALA L 24 41.33 104.57 12.37
C ALA L 24 42.09 103.90 11.23
N LYS L 25 43.37 103.62 11.46
CA LYS L 25 44.29 103.15 10.42
C LYS L 25 45.04 101.89 10.85
N ALA L 26 44.34 100.77 10.75
CA ALA L 26 44.93 99.44 10.99
C ALA L 26 45.42 98.83 9.68
N ASN L 27 46.25 97.80 9.78
CA ASN L 27 46.75 97.08 8.61
C ASN L 27 45.69 96.19 7.96
N ARG L 28 44.88 95.54 8.80
CA ARG L 28 43.79 94.68 8.33
C ARG L 28 42.66 95.44 7.63
N LYS L 29 42.43 96.70 8.03
CA LYS L 29 41.26 97.51 7.62
C LYS L 29 39.94 96.87 8.04
N THR L 30 39.58 95.77 7.40
CA THR L 30 38.39 94.99 7.75
C THR L 30 38.54 94.34 9.11
N LYS L 31 37.82 94.86 10.11
CA LYS L 31 37.79 94.28 11.44
C LYS L 31 37.04 92.96 11.39
N ARG L 32 37.79 91.88 11.17
CA ARG L 32 37.22 90.55 11.07
C ARG L 32 36.78 90.06 12.45
N TRP L 33 35.47 90.18 12.71
CA TRP L 33 34.84 89.51 13.85
C TRP L 33 34.83 88.01 13.57
N TYR L 34 35.02 87.22 14.63
CA TYR L 34 34.83 85.77 14.53
C TYR L 34 34.29 85.15 15.81
N LYS L 35 33.69 83.98 15.61
CA LYS L 35 32.99 83.22 16.63
C LYS L 35 33.87 82.05 17.01
N ASN L 36 33.89 81.73 18.29
CA ASN L 36 34.39 80.45 18.77
C ASN L 36 33.15 79.59 19.00
N VAL L 37 32.99 78.52 18.23
CA VAL L 37 31.76 77.72 18.26
C VAL L 37 31.66 76.79 19.47
N GLY L 38 32.80 76.31 19.97
CA GLY L 38 32.82 75.46 21.15
C GLY L 38 32.50 74.01 20.84
N LEU L 39 32.04 73.27 21.85
CA LEU L 39 31.82 71.82 21.79
C LEU L 39 33.09 71.02 21.45
N GLY L 40 34.27 71.59 21.71
CA GLY L 40 35.53 71.03 21.25
C GLY L 40 35.70 71.05 19.74
N PHE L 41 35.38 72.18 19.13
CA PHE L 41 35.66 72.42 17.70
C PHE L 41 36.48 73.68 17.56
N LYS L 42 37.60 73.57 16.84
CA LYS L 42 38.51 74.69 16.64
C LYS L 42 37.99 75.62 15.55
N THR L 43 38.28 76.91 15.68
CA THR L 43 38.04 77.88 14.62
C THR L 43 39.12 77.68 13.57
N PRO L 44 38.75 77.30 12.33
CA PRO L 44 39.77 77.14 11.30
C PRO L 44 40.38 78.47 10.89
N LYS L 45 41.69 78.50 10.66
CA LYS L 45 42.41 79.74 10.34
C LYS L 45 41.96 80.39 9.03
N THR L 46 41.59 79.55 8.06
CA THR L 46 40.96 80.02 6.81
C THR L 46 39.80 81.00 7.04
N ALA L 47 39.02 80.76 8.10
CA ALA L 47 37.92 81.66 8.47
C ALA L 47 38.41 82.99 9.05
N ILE L 48 39.36 82.94 9.97
CA ILE L 48 39.85 84.13 10.67
C ILE L 48 40.79 84.98 9.77
N GLU L 49 41.61 84.31 8.97
CA GLU L 49 42.57 85.00 8.09
C GLU L 49 41.95 85.69 6.88
N GLY L 50 40.92 85.07 6.29
CA GLY L 50 40.49 85.39 4.93
C GLY L 50 39.70 86.67 4.69
N SER L 51 38.52 86.54 4.08
CA SER L 51 37.84 87.67 3.44
C SER L 51 36.32 87.50 3.24
N TYR L 52 35.87 86.32 2.83
CA TYR L 52 34.43 86.01 2.63
C TYR L 52 33.53 86.37 3.82
N ILE L 53 32.26 86.66 3.55
CA ILE L 53 31.32 87.07 4.60
C ILE L 53 30.53 85.86 5.12
N ASP L 54 29.47 85.48 4.39
CA ASP L 54 28.47 84.47 4.83
C ASP L 54 27.74 84.78 6.13
N LYS L 55 26.42 84.99 6.01
CA LYS L 55 25.52 84.96 7.16
C LYS L 55 25.50 83.55 7.75
N LYS L 56 25.52 82.58 6.84
CA LYS L 56 25.32 81.17 7.17
C LYS L 56 26.60 80.41 7.58
N CYS L 57 27.72 81.12 7.69
CA CYS L 57 28.94 80.57 8.29
C CYS L 57 28.80 80.50 9.81
N PRO L 58 29.22 79.37 10.43
CA PRO L 58 29.15 79.29 11.88
C PRO L 58 30.33 79.95 12.63
N PHE L 59 31.38 80.34 11.91
CA PHE L 59 32.57 80.98 12.49
C PHE L 59 32.69 82.48 12.21
N THR L 60 32.10 82.95 11.11
CA THR L 60 32.21 84.36 10.71
C THR L 60 30.83 85.01 10.55
N GLY L 61 29.81 84.42 11.17
CA GLY L 61 28.42 84.83 10.96
C GLY L 61 27.56 84.77 12.21
N LEU L 62 26.24 84.75 11.99
CA LEU L 62 25.25 84.79 13.05
C LEU L 62 24.59 83.43 13.35
N VAL L 63 24.90 82.41 12.54
CA VAL L 63 24.43 81.05 12.81
C VAL L 63 25.20 80.50 14.01
N SER L 64 24.45 79.89 14.94
CA SER L 64 25.02 79.35 16.18
C SER L 64 24.77 77.85 16.21
N ILE L 65 25.81 77.08 16.50
CA ILE L 65 25.70 75.62 16.52
C ILE L 65 25.04 75.19 17.82
N ARG L 66 23.97 74.40 17.70
CA ARG L 66 23.31 73.81 18.86
C ARG L 66 22.39 72.66 18.45
N GLY L 67 22.07 71.82 19.42
CA GLY L 67 21.31 70.60 19.17
C GLY L 67 22.27 69.49 18.80
N LYS L 68 21.96 68.78 17.72
CA LYS L 68 22.69 67.57 17.35
C LYS L 68 23.95 67.88 16.56
N ILE L 69 24.91 66.96 16.65
CA ILE L 69 26.17 67.03 15.92
C ILE L 69 26.31 65.73 15.16
N LEU L 70 26.00 65.78 13.86
CA LEU L 70 26.10 64.61 13.00
C LEU L 70 27.47 64.58 12.35
N THR L 71 27.77 63.46 11.71
CA THR L 71 28.89 63.35 10.79
C THR L 71 28.41 62.62 9.55
N GLY L 72 29.26 62.55 8.54
CA GLY L 72 28.92 61.80 7.32
C GLY L 72 29.79 62.13 6.12
N THR L 73 29.84 61.20 5.19
CA THR L 73 30.54 61.40 3.92
C THR L 73 29.74 62.35 3.03
N VAL L 74 30.45 63.08 2.18
CA VAL L 74 29.84 64.03 1.25
C VAL L 74 29.62 63.38 -0.11
N VAL L 75 28.38 63.48 -0.61
CA VAL L 75 28.03 62.95 -1.93
C VAL L 75 28.17 64.04 -2.98
N SER L 76 27.52 65.17 -2.75
CA SER L 76 27.43 66.24 -3.75
C SER L 76 27.94 67.58 -3.21
N THR L 77 28.82 68.21 -4.00
CA THR L 77 29.41 69.51 -3.72
C THR L 77 28.99 70.54 -4.79
N ARG L 78 27.96 70.21 -5.57
CA ARG L 78 27.68 70.90 -6.82
C ARG L 78 27.03 72.27 -6.63
N MET L 79 26.13 72.39 -5.64
CA MET L 79 25.48 73.68 -5.35
C MET L 79 26.42 74.64 -4.63
N HIS L 80 25.99 75.90 -4.51
CA HIS L 80 26.83 76.99 -4.01
C HIS L 80 26.84 77.10 -2.49
N ARG L 81 28.03 76.99 -1.90
CA ARG L 81 28.26 77.11 -0.44
C ARG L 81 27.57 76.07 0.45
N THR L 82 27.04 75.00 -0.13
CA THR L 82 26.43 73.91 0.64
C THR L 82 26.77 72.57 0.04
N ILE L 83 26.66 71.55 0.88
CA ILE L 83 27.10 70.20 0.59
C ILE L 83 25.93 69.27 0.84
N VAL L 84 25.93 68.12 0.18
CA VAL L 84 24.97 67.05 0.47
C VAL L 84 25.71 65.90 1.16
N ILE L 85 25.58 65.85 2.49
CA ILE L 85 26.09 64.74 3.28
C ILE L 85 25.15 63.53 3.08
N ARG L 86 25.72 62.33 3.18
CA ARG L 86 24.98 61.08 2.99
C ARG L 86 25.29 60.17 4.18
N ARG L 87 24.30 60.01 5.07
CA ARG L 87 24.56 59.48 6.41
C ARG L 87 24.16 58.01 6.55
N ASP L 88 25.04 57.10 6.11
CA ASP L 88 24.72 55.67 6.06
C ASP L 88 24.60 55.05 7.46
N TYR L 89 23.69 54.08 7.59
CA TYR L 89 23.34 53.48 8.87
C TYR L 89 22.51 52.22 8.67
N LEU L 90 22.28 51.49 9.76
CA LEU L 90 21.53 50.24 9.73
C LEU L 90 20.21 50.33 10.49
N HIS L 91 19.16 49.79 9.88
CA HIS L 91 17.82 49.75 10.48
C HIS L 91 17.47 48.31 10.85
N TYR L 92 17.15 48.09 12.13
CA TYR L 92 16.80 46.78 12.66
C TYR L 92 15.35 46.43 12.32
N VAL L 93 15.08 45.14 12.10
CA VAL L 93 13.72 44.63 11.90
C VAL L 93 13.54 43.33 12.70
N PRO L 94 12.67 43.35 13.72
CA PRO L 94 12.66 42.24 14.68
C PRO L 94 12.05 40.92 14.19
N LYS L 95 11.25 40.98 13.13
CA LYS L 95 10.56 39.78 12.61
C LYS L 95 11.59 38.80 12.06
N TYR L 96 12.65 39.35 11.48
CA TYR L 96 13.78 38.58 10.97
C TYR L 96 14.97 38.60 11.91
N ASN L 97 15.17 39.72 12.62
CA ASN L 97 16.29 39.92 13.55
C ASN L 97 17.59 40.12 12.79
N ARG L 98 17.55 41.06 11.83
CA ARG L 98 18.70 41.41 11.02
C ARG L 98 18.75 42.95 10.85
N TYR L 99 19.34 43.44 9.76
CA TYR L 99 19.40 44.88 9.50
C TYR L 99 19.18 45.21 8.02
N GLU L 100 18.88 46.48 7.76
CA GLU L 100 18.95 47.05 6.40
C GLU L 100 20.17 47.95 6.35
N LYS L 101 20.58 48.30 5.14
CA LYS L 101 21.50 49.41 4.91
C LYS L 101 20.65 50.58 4.41
N ARG L 102 20.47 51.59 5.26
CA ARG L 102 19.60 52.74 4.93
C ARG L 102 20.41 54.02 4.68
N HIS L 103 19.74 55.02 4.11
CA HIS L 103 20.39 56.10 3.37
C HIS L 103 20.52 57.44 4.12
N LYS L 104 19.38 58.10 4.31
CA LYS L 104 19.23 59.55 4.57
C LYS L 104 20.40 60.53 4.27
N ASN L 105 20.07 61.54 3.45
CA ASN L 105 20.96 62.65 3.13
C ASN L 105 20.70 63.86 4.02
N VAL L 106 21.69 64.75 4.08
CA VAL L 106 21.62 65.99 4.86
C VAL L 106 22.27 67.11 4.04
N PRO L 107 21.46 68.05 3.53
CA PRO L 107 22.03 69.22 2.88
C PRO L 107 22.48 70.19 3.95
N ALA L 108 23.79 70.46 4.00
CA ALA L 108 24.37 71.28 5.07
C ALA L 108 25.18 72.41 4.49
N HIS L 109 25.15 73.56 5.16
CA HIS L 109 25.90 74.73 4.69
C HIS L 109 27.38 74.60 5.03
N VAL L 110 28.23 74.95 4.08
CA VAL L 110 29.68 74.91 4.24
C VAL L 110 30.22 76.33 4.20
N SER L 111 30.95 76.70 5.24
CA SER L 111 31.69 77.95 5.25
C SER L 111 32.95 77.76 4.39
N PRO L 112 33.24 78.70 3.46
CA PRO L 112 34.51 78.70 2.73
C PRO L 112 35.81 78.62 3.54
N ALA L 113 35.72 78.58 4.87
CA ALA L 113 36.79 78.04 5.71
C ALA L 113 37.32 76.73 5.14
N PHE L 114 36.40 75.82 4.80
CA PHE L 114 36.76 74.45 4.42
C PHE L 114 36.73 74.23 2.91
N ARG L 115 37.64 73.36 2.45
CA ARG L 115 37.59 72.80 1.11
C ARG L 115 36.92 71.43 1.23
N VAL L 116 35.76 71.28 0.59
CA VAL L 116 35.02 70.02 0.65
C VAL L 116 34.90 69.45 -0.75
N GLN L 117 35.32 68.20 -0.91
CA GLN L 117 35.22 67.45 -2.16
C GLN L 117 34.25 66.28 -1.99
N VAL L 118 33.96 65.61 -3.10
CA VAL L 118 33.13 64.40 -3.08
C VAL L 118 33.90 63.28 -2.40
N GLY L 119 33.18 62.50 -1.60
CA GLY L 119 33.78 61.39 -0.86
C GLY L 119 34.70 61.82 0.28
N ASP L 120 34.37 62.95 0.90
CA ASP L 120 35.07 63.42 2.10
C ASP L 120 34.18 63.25 3.32
N ILE L 121 34.73 62.72 4.40
CA ILE L 121 33.98 62.59 5.66
C ILE L 121 34.02 63.90 6.43
N VAL L 122 32.83 64.33 6.85
CA VAL L 122 32.55 65.69 7.29
C VAL L 122 31.71 65.63 8.55
N THR L 123 32.14 66.33 9.59
CA THR L 123 31.37 66.50 10.81
C THR L 123 30.59 67.81 10.71
N VAL L 124 29.34 67.78 11.16
CA VAL L 124 28.38 68.83 10.87
C VAL L 124 27.50 69.08 12.10
N GLY L 125 27.33 70.36 12.45
CA GLY L 125 26.56 70.78 13.62
C GLY L 125 25.21 71.35 13.24
N GLN L 126 24.20 71.01 14.04
CA GLN L 126 22.84 71.55 13.85
C GLN L 126 22.82 73.02 14.26
N CYS L 127 21.88 73.76 13.67
CA CYS L 127 21.80 75.19 13.88
C CYS L 127 20.41 75.71 13.49
N ARG L 128 20.27 77.04 13.40
CA ARG L 128 19.10 77.70 12.80
C ARG L 128 18.76 77.11 11.43
N PRO L 129 17.47 77.11 11.05
CA PRO L 129 17.15 76.87 9.64
C PRO L 129 17.73 77.94 8.70
N ILE L 130 18.71 77.54 7.89
CA ILE L 130 19.35 78.41 6.91
C ILE L 130 18.47 78.52 5.67
N SER L 131 17.94 77.39 5.21
CA SER L 131 17.07 77.35 4.04
C SER L 131 16.07 76.20 4.12
N LYS L 132 15.14 76.18 3.16
CA LYS L 132 14.17 75.10 2.94
C LYS L 132 14.58 73.78 3.62
N THR L 133 15.73 73.25 3.23
CA THR L 133 16.26 71.97 3.74
C THR L 133 17.51 72.11 4.62
N VAL L 134 18.25 73.19 4.45
CA VAL L 134 19.54 73.37 5.14
C VAL L 134 19.32 73.82 6.59
N ARG L 135 19.35 72.85 7.50
CA ARG L 135 19.26 73.08 8.94
C ARG L 135 20.57 72.68 9.66
N PHE L 136 21.62 72.45 8.87
CA PHE L 136 22.89 71.91 9.37
C PHE L 136 24.06 72.69 8.78
N ASN L 137 25.17 72.69 9.51
CA ASN L 137 26.33 73.52 9.16
C ASN L 137 27.66 72.81 9.43
N VAL L 138 28.52 72.75 8.41
CA VAL L 138 29.77 72.00 8.48
C VAL L 138 30.80 72.71 9.38
N LEU L 139 31.40 71.93 10.29
CA LEU L 139 32.41 72.44 11.24
C LEU L 139 33.78 71.80 11.16
N LYS L 140 33.90 70.64 10.49
CA LYS L 140 35.16 69.90 10.48
C LYS L 140 35.17 68.90 9.32
N VAL L 141 35.99 69.18 8.31
CA VAL L 141 36.25 68.23 7.24
C VAL L 141 37.34 67.28 7.74
N ALA L 142 36.94 66.06 8.06
CA ALA L 142 37.84 65.10 8.72
C ALA L 142 38.90 64.58 7.76
N SER L 143 38.45 64.11 6.59
CA SER L 143 39.34 63.68 5.52
C SER L 143 39.86 64.92 4.81
N ALA L 144 40.91 65.51 5.37
CA ALA L 144 41.51 66.74 4.83
C ALA L 144 42.11 66.51 3.43
N THR L 145 42.83 65.39 3.30
CA THR L 145 43.40 64.97 2.02
C THR L 145 42.73 63.68 1.52
N GLY L 146 42.91 62.59 2.27
CA GLY L 146 42.40 61.27 1.87
C GLY L 146 43.16 60.74 0.67
N LYS L 147 44.49 60.67 0.82
CA LYS L 147 45.43 60.37 -0.27
C LYS L 147 45.27 61.35 -1.45
N ALA L 148 45.65 62.60 -1.19
CA ALA L 148 45.68 63.66 -2.20
C ALA L 148 47.12 63.97 -2.60
N ASN L 149 47.95 64.23 -1.59
CA ASN L 149 49.39 64.41 -1.79
C ASN L 149 50.08 63.13 -2.26
N LYS L 150 49.74 62.01 -1.65
CA LYS L 150 50.29 60.70 -1.99
C LYS L 150 49.37 59.95 -2.97
N GLN L 151 49.29 60.47 -4.20
CA GLN L 151 48.53 59.85 -5.29
C GLN L 151 49.44 59.06 -6.24
N PHE L 152 50.61 59.62 -6.56
CA PHE L 152 51.54 59.02 -7.53
C PHE L 152 52.31 57.87 -6.89
N ALA L 153 52.59 56.84 -7.68
CA ALA L 153 53.19 55.59 -7.20
C ALA L 153 54.71 55.50 -7.38
N LYS L 154 55.22 56.03 -8.50
CA LYS L 154 56.65 55.91 -8.85
C LYS L 154 57.60 56.54 -7.82
N PHE L 155 58.73 55.88 -7.58
CA PHE L 155 59.76 56.36 -6.65
C PHE L 155 60.65 57.38 -7.35
N ALA M 1 -87.28 -21.85 52.47
CA ALA M 1 -88.20 -22.56 51.53
C ALA M 1 -87.47 -23.64 50.72
N GLU M 2 -87.58 -24.89 51.18
CA GLU M 2 -86.92 -26.03 50.54
C GLU M 2 -87.69 -26.56 49.32
N LEU M 3 -89.01 -26.44 49.33
CA LEU M 3 -89.87 -26.92 48.23
C LEU M 3 -89.64 -26.12 46.95
N THR M 4 -89.67 -26.81 45.82
CA THR M 4 -89.42 -26.21 44.51
C THR M 4 -90.65 -25.45 44.01
N ILE M 5 -90.42 -24.27 43.43
CA ILE M 5 -91.49 -23.41 42.90
C ILE M 5 -91.53 -23.62 41.39
N GLU M 6 -92.03 -24.78 40.98
CA GLU M 6 -92.03 -25.25 39.59
C GLU M 6 -90.62 -25.25 38.97
N ASP M 7 -89.65 -25.75 39.74
CA ASP M 7 -88.25 -25.88 39.32
C ASP M 7 -87.85 -27.34 39.08
N ALA M 8 -88.82 -28.18 38.70
CA ALA M 8 -88.57 -29.53 38.18
C ALA M 8 -89.12 -29.66 36.74
N LEU M 9 -89.16 -28.52 36.05
CA LEU M 9 -89.35 -28.42 34.59
C LEU M 9 -88.12 -27.78 33.95
N LYS M 10 -87.66 -26.70 34.57
CA LYS M 10 -86.48 -25.96 34.13
C LYS M 10 -85.27 -26.88 34.09
N VAL M 11 -85.12 -27.64 35.16
CA VAL M 11 -84.01 -28.59 35.31
C VAL M 11 -84.03 -29.60 34.16
N VAL M 12 -85.22 -30.11 33.90
CA VAL M 12 -85.46 -31.09 32.84
C VAL M 12 -85.02 -30.52 31.49
N LEU M 13 -85.45 -29.28 31.26
CA LEU M 13 -85.14 -28.56 30.03
C LEU M 13 -83.63 -28.45 29.85
N ARG M 14 -82.97 -28.07 30.93
CA ARG M 14 -81.52 -27.91 30.97
C ARG M 14 -80.83 -29.22 30.58
N THR M 15 -81.32 -30.30 31.20
CA THR M 15 -80.80 -31.64 30.95
C THR M 15 -80.91 -32.00 29.47
N SER M 16 -82.09 -31.70 28.93
CA SER M 16 -82.39 -31.97 27.52
C SER M 16 -81.40 -31.23 26.62
N LEU M 17 -81.19 -29.96 26.96
CA LEU M 17 -80.27 -29.09 26.24
C LEU M 17 -78.87 -29.68 26.22
N VAL M 18 -78.46 -30.13 27.41
CA VAL M 18 -77.13 -30.74 27.61
C VAL M 18 -76.97 -31.97 26.71
N HIS M 19 -77.97 -32.85 26.73
CA HIS M 19 -77.95 -34.11 25.97
C HIS M 19 -78.47 -34.00 24.53
N ASP M 20 -78.93 -32.81 24.14
CA ASP M 20 -79.41 -32.51 22.79
C ASP M 20 -80.70 -33.28 22.44
N GLY M 21 -81.76 -32.96 23.17
CA GLY M 21 -83.09 -33.52 22.95
C GLY M 21 -84.17 -32.49 23.21
N LEU M 22 -84.01 -31.31 22.61
CA LEU M 22 -84.97 -30.20 22.75
C LEU M 22 -85.52 -29.79 21.40
N ALA M 23 -86.83 -29.94 21.23
CA ALA M 23 -87.55 -29.35 20.11
C ALA M 23 -88.01 -27.94 20.50
N ARG M 24 -87.08 -26.99 20.40
CA ARG M 24 -87.37 -25.57 20.60
C ARG M 24 -87.84 -24.97 19.28
N GLY M 25 -88.75 -24.00 19.36
CA GLY M 25 -89.43 -23.47 18.17
C GLY M 25 -90.72 -24.25 17.98
N LEU M 26 -91.54 -23.80 17.04
CA LEU M 26 -92.95 -24.23 17.05
C LEU M 26 -93.14 -25.46 16.19
N ARG M 27 -92.62 -25.35 14.97
CA ARG M 27 -92.71 -26.41 13.97
C ARG M 27 -92.09 -27.70 14.51
N GLU M 28 -90.91 -27.53 15.09
CA GLU M 28 -90.15 -28.63 15.67
C GLU M 28 -90.97 -29.34 16.75
N SER M 29 -91.56 -28.51 17.61
CA SER M 29 -92.40 -28.97 18.72
C SER M 29 -93.55 -29.81 18.17
N ALA M 30 -94.19 -29.27 17.14
CA ALA M 30 -95.33 -29.92 16.48
C ALA M 30 -94.92 -31.30 15.97
N LYS M 31 -93.76 -31.32 15.31
CA LYS M 31 -93.20 -32.54 14.74
C LYS M 31 -93.01 -33.60 15.84
N ALA M 32 -92.43 -33.14 16.93
CA ALA M 32 -92.15 -33.98 18.10
C ALA M 32 -93.45 -34.61 18.62
N LEU M 33 -94.46 -33.74 18.73
CA LEU M 33 -95.78 -34.15 19.21
C LEU M 33 -96.36 -35.24 18.32
N THR M 34 -96.24 -35.01 17.02
CA THR M 34 -96.72 -35.95 16.00
C THR M 34 -96.06 -37.31 16.16
N ARG M 35 -94.74 -37.44 16.26
CA ARG M 35 -94.13 -38.79 16.30
C ARG M 35 -93.49 -39.18 17.63
N GLY M 36 -93.04 -40.43 17.74
CA GLY M 36 -92.43 -40.96 18.96
C GLY M 36 -91.16 -40.23 19.38
N GLU M 37 -91.35 -39.02 19.90
CA GLU M 37 -90.27 -38.08 20.20
C GLU M 37 -90.69 -37.10 21.29
N GLY M 38 -91.75 -36.33 21.02
CA GLY M 38 -92.22 -35.30 21.95
C GLY M 38 -92.92 -35.86 23.17
N GLN M 39 -92.23 -35.84 24.31
CA GLN M 39 -92.73 -36.45 25.55
C GLN M 39 -93.28 -35.45 26.58
N LEU M 40 -92.71 -34.25 26.65
CA LEU M 40 -93.20 -33.18 27.53
C LEU M 40 -93.37 -31.90 26.71
N ALA M 41 -94.48 -31.18 26.93
CA ALA M 41 -94.83 -30.00 26.13
C ALA M 41 -94.79 -28.71 26.95
N VAL M 42 -94.26 -27.66 26.33
CA VAL M 42 -93.91 -26.40 27.02
C VAL M 42 -94.35 -25.21 26.15
N LEU M 43 -95.52 -24.64 26.48
CA LEU M 43 -96.16 -23.58 25.67
C LEU M 43 -96.17 -22.22 26.39
N VAL M 44 -95.96 -21.14 25.64
CA VAL M 44 -95.86 -19.80 26.23
C VAL M 44 -97.24 -19.30 26.67
N GLU M 45 -97.28 -18.58 27.79
CA GLU M 45 -98.51 -17.98 28.30
C GLU M 45 -98.82 -16.69 27.56
N SER M 46 -97.90 -15.73 27.64
CA SER M 46 -98.08 -14.41 27.02
C SER M 46 -97.85 -14.48 25.51
N VAL M 47 -98.86 -14.96 24.79
CA VAL M 47 -98.83 -15.10 23.34
C VAL M 47 -99.75 -14.04 22.72
N THR M 48 -99.22 -13.26 21.78
CA THR M 48 -100.01 -12.30 21.02
C THR M 48 -100.86 -13.05 19.98
N GLU M 49 -102.12 -12.64 19.86
CA GLU M 49 -103.14 -13.31 19.02
C GLU M 49 -103.61 -14.71 19.49
N GLU M 50 -103.04 -15.22 20.59
CA GLU M 50 -103.45 -16.50 21.21
C GLU M 50 -103.28 -17.75 20.33
N ALA M 51 -102.64 -17.62 19.17
CA ALA M 51 -102.79 -18.61 18.10
C ALA M 51 -101.85 -19.78 18.31
N ILE M 52 -100.59 -19.43 18.59
CA ILE M 52 -99.52 -20.40 18.83
C ILE M 52 -99.90 -21.33 19.99
N SER M 53 -100.38 -20.69 21.06
CA SER M 53 -100.79 -21.39 22.27
C SER M 53 -101.89 -22.41 21.94
N LYS M 54 -102.86 -21.93 21.17
CA LYS M 54 -104.01 -22.73 20.74
C LYS M 54 -103.52 -23.97 19.98
N LEU M 55 -102.59 -23.71 19.06
CA LEU M 55 -101.98 -24.75 18.22
C LEU M 55 -101.33 -25.82 19.10
N VAL M 56 -100.57 -25.33 20.08
CA VAL M 56 -99.86 -26.19 21.01
C VAL M 56 -100.85 -27.10 21.77
N GLN M 57 -101.93 -26.47 22.23
CA GLN M 57 -102.99 -27.15 22.95
C GLN M 57 -103.58 -28.28 22.11
N GLY M 58 -103.85 -27.94 20.86
CA GLY M 58 -104.41 -28.86 19.88
C GLY M 58 -103.50 -30.07 19.72
N LEU M 59 -102.21 -29.77 19.58
CA LEU M 59 -101.18 -30.78 19.40
C LEU M 59 -101.18 -31.75 20.59
N ALA M 60 -101.23 -31.15 21.78
CA ALA M 60 -101.25 -31.89 23.04
C ALA M 60 -102.44 -32.85 23.07
N THR M 61 -103.59 -32.31 22.69
CA THR M 61 -104.83 -33.07 22.65
C THR M 61 -104.71 -34.27 21.71
N GLU M 62 -104.18 -34.03 20.51
CA GLU M 62 -104.27 -34.97 19.36
C GLU M 62 -104.11 -36.47 19.67
N ASN M 63 -103.20 -36.80 20.58
CA ASN M 63 -102.98 -38.20 20.99
C ASN M 63 -102.76 -38.35 22.49
N ASN M 64 -101.65 -37.78 23.00
CA ASN M 64 -101.28 -37.85 24.41
C ASN M 64 -100.91 -36.47 24.93
N VAL M 65 -101.55 -36.05 26.03
CA VAL M 65 -101.40 -34.70 26.58
C VAL M 65 -100.14 -34.62 27.44
N PRO M 66 -99.13 -33.80 27.05
CA PRO M 66 -97.92 -33.65 27.85
C PRO M 66 -97.68 -32.21 28.35
N LEU M 67 -98.73 -31.39 28.41
CA LEU M 67 -98.58 -29.92 28.53
C LEU M 67 -98.34 -29.40 29.95
N ILE M 68 -97.84 -28.17 30.01
CA ILE M 68 -97.69 -27.43 31.28
C ILE M 68 -97.73 -25.90 31.06
N LYS M 69 -97.95 -25.16 32.15
CA LYS M 69 -98.15 -23.69 32.14
C LYS M 69 -97.05 -22.87 31.46
N VAL M 70 -95.83 -22.98 31.98
CA VAL M 70 -94.66 -22.17 31.56
C VAL M 70 -94.71 -20.75 32.12
N ALA M 71 -93.59 -20.30 32.69
CA ALA M 71 -93.46 -18.97 33.28
C ALA M 71 -92.81 -17.98 32.32
N ASP M 72 -93.62 -17.46 31.38
CA ASP M 72 -93.25 -16.34 30.48
C ASP M 72 -92.27 -16.62 29.32
N ALA M 73 -91.55 -17.75 29.36
CA ALA M 73 -90.79 -18.31 28.22
C ALA M 73 -89.35 -17.81 28.26
N LYS M 74 -89.23 -16.49 28.44
CA LYS M 74 -87.95 -15.80 28.52
C LYS M 74 -87.09 -16.41 29.62
N GLN M 75 -87.74 -16.56 30.78
CA GLN M 75 -87.09 -17.12 31.98
C GLN M 75 -86.54 -18.51 31.69
N LEU M 76 -87.40 -19.31 31.05
CA LEU M 76 -87.06 -20.69 30.67
C LEU M 76 -85.83 -20.70 29.79
N GLY M 77 -85.84 -19.81 28.80
CA GLY M 77 -84.76 -19.66 27.84
C GLY M 77 -83.45 -19.36 28.57
N GLU M 78 -83.54 -18.41 29.49
CA GLU M 78 -82.41 -17.96 30.30
C GLU M 78 -81.82 -19.14 31.08
N TRP M 79 -82.72 -19.91 31.68
CA TRP M 79 -82.36 -21.08 32.47
C TRP M 79 -81.59 -22.08 31.61
N ALA M 80 -82.14 -22.31 30.41
CA ALA M 80 -81.55 -23.22 29.44
C ALA M 80 -80.12 -22.79 29.09
N GLY M 81 -79.99 -21.51 28.72
CA GLY M 81 -78.72 -20.93 28.27
C GLY M 81 -78.78 -20.50 26.81
N LEU M 82 -79.52 -19.43 26.54
CA LEU M 82 -79.59 -18.81 25.21
C LEU M 82 -78.60 -17.65 25.13
N GLY M 83 -77.35 -17.98 24.80
CA GLY M 83 -76.27 -16.98 24.69
C GLY M 83 -74.91 -17.62 24.93
N LYS M 84 -73.92 -17.22 24.13
CA LYS M 84 -72.56 -17.77 24.22
C LYS M 84 -71.71 -16.98 25.22
N ILE M 85 -71.03 -17.71 26.10
CA ILE M 85 -70.14 -17.14 27.14
C ILE M 85 -70.89 -16.25 28.14
N ASP M 86 -71.26 -15.04 27.72
CA ASP M 86 -72.01 -14.08 28.54
C ASP M 86 -71.22 -13.63 29.78
N ARG M 87 -70.00 -13.14 29.55
CA ARG M 87 -69.07 -12.71 30.61
C ARG M 87 -68.75 -13.88 31.58
N ASP M 88 -68.44 -13.58 32.84
CA ASP M 88 -68.16 -14.61 33.85
C ASP M 88 -69.45 -15.29 34.32
N GLY M 89 -70.39 -14.49 34.81
CA GLY M 89 -71.67 -14.98 35.36
C GLY M 89 -72.85 -14.12 34.95
N ASN M 90 -73.97 -14.78 34.65
CA ASN M 90 -75.22 -14.13 34.21
C ASN M 90 -75.00 -13.32 32.91
N ALA M 91 -75.57 -12.11 32.81
CA ALA M 91 -75.28 -11.18 31.70
C ALA M 91 -75.56 -11.73 30.30
N ARG M 92 -76.59 -12.58 30.19
CA ARG M 92 -76.99 -13.17 28.91
C ARG M 92 -77.99 -12.22 28.26
N LYS M 93 -77.88 -12.07 26.94
CA LYS M 93 -78.81 -11.22 26.19
C LYS M 93 -80.16 -11.94 26.15
N VAL M 94 -81.21 -11.26 26.62
CA VAL M 94 -82.52 -11.89 26.81
C VAL M 94 -83.16 -12.32 25.49
N VAL M 95 -83.72 -13.53 25.47
CA VAL M 95 -84.40 -14.10 24.31
C VAL M 95 -85.65 -14.83 24.78
N GLY M 96 -86.77 -14.62 24.07
CA GLY M 96 -87.98 -15.38 24.29
C GLY M 96 -87.83 -16.78 23.72
N ALA M 97 -87.94 -17.79 24.59
CA ALA M 97 -87.73 -19.19 24.19
C ALA M 97 -88.79 -19.75 23.25
N SER M 98 -89.99 -19.16 23.26
CA SER M 98 -91.13 -19.59 22.42
C SER M 98 -91.59 -21.00 22.84
N VAL M 99 -92.18 -21.77 21.93
CA VAL M 99 -92.69 -23.11 22.24
C VAL M 99 -91.53 -24.10 22.31
N VAL M 100 -91.55 -24.96 23.33
CA VAL M 100 -90.53 -26.00 23.54
C VAL M 100 -91.22 -27.35 23.75
N VAL M 101 -90.59 -28.42 23.24
CA VAL M 101 -91.04 -29.80 23.50
C VAL M 101 -89.81 -30.67 23.80
N VAL M 102 -89.94 -31.55 24.79
CA VAL M 102 -88.84 -32.38 25.26
C VAL M 102 -88.79 -33.73 24.55
N LYS M 103 -87.58 -34.08 24.10
CA LYS M 103 -87.23 -35.43 23.65
C LYS M 103 -86.23 -36.02 24.62
N ASN M 104 -86.10 -37.34 24.63
CA ASN M 104 -85.02 -38.08 25.31
C ASN M 104 -85.02 -38.10 26.85
N TRP M 105 -85.23 -36.94 27.49
CA TRP M 105 -85.13 -36.75 28.95
C TRP M 105 -83.70 -36.93 29.46
N GLY M 106 -83.21 -38.17 29.44
CA GLY M 106 -81.83 -38.48 29.83
C GLY M 106 -81.74 -38.86 31.30
N ALA M 107 -81.90 -37.85 32.16
CA ALA M 107 -81.92 -38.07 33.61
C ALA M 107 -83.23 -38.72 34.04
N ASP M 108 -83.15 -39.59 35.05
CA ASP M 108 -84.28 -40.41 35.50
C ASP M 108 -84.71 -40.07 36.93
N THR M 109 -86.00 -40.25 37.21
CA THR M 109 -86.59 -40.03 38.55
C THR M 109 -86.52 -38.55 38.99
N GLN M 110 -86.32 -38.30 40.28
CA GLN M 110 -86.33 -36.94 40.88
C GLN M 110 -87.73 -36.30 40.81
N GLU M 111 -87.82 -34.98 41.03
CA GLU M 111 -89.09 -34.30 41.26
C GLU M 111 -89.92 -34.03 40.02
N ARG M 112 -89.22 -33.96 38.88
CA ARG M 112 -89.82 -33.72 37.58
C ARG M 112 -90.89 -34.75 37.28
N GLU M 113 -90.53 -36.01 37.52
CA GLU M 113 -91.41 -37.15 37.29
C GLU M 113 -92.68 -37.00 38.13
N ILE M 114 -92.49 -36.65 39.39
CA ILE M 114 -93.57 -36.44 40.35
C ILE M 114 -94.53 -35.38 39.83
N LEU M 115 -93.93 -34.28 39.38
CA LEU M 115 -94.68 -33.14 38.85
C LEU M 115 -95.55 -33.58 37.68
N LEU M 116 -94.92 -34.35 36.79
CA LEU M 116 -95.57 -34.86 35.59
C LEU M 116 -96.79 -35.71 35.98
N GLU M 117 -96.57 -36.57 36.96
CA GLU M 117 -97.60 -37.47 37.48
C GLU M 117 -98.79 -36.66 37.99
N HIS M 118 -98.45 -35.63 38.76
CA HIS M 118 -99.44 -34.74 39.35
C HIS M 118 -100.29 -34.08 38.26
N PHE M 119 -99.59 -33.61 37.24
CA PHE M 119 -100.23 -32.95 36.11
C PHE M 119 -101.21 -33.90 35.42
N SER M 120 -100.75 -35.13 35.24
CA SER M 120 -101.54 -36.19 34.59
C SER M 120 -102.80 -36.66 35.33
N GLN M 121 -102.60 -37.28 36.49
CA GLN M 121 -103.68 -38.01 37.16
C GLN M 121 -104.64 -37.05 37.87
N GLN M 122 -105.87 -36.97 37.36
CA GLN M 122 -106.93 -36.14 37.93
C GLN M 122 -108.27 -36.86 37.86
N GLY N 1 36.63 28.36 -7.48
CA GLY N 1 36.94 27.21 -8.40
C GLY N 1 36.98 27.64 -9.86
N ARG N 2 37.96 28.47 -10.19
CA ARG N 2 38.06 29.18 -11.47
C ARG N 2 37.00 30.28 -11.57
N MET N 3 37.38 31.44 -12.10
CA MET N 3 36.47 32.58 -12.18
C MET N 3 35.37 32.36 -13.22
N HIS N 4 35.76 32.04 -14.44
CA HIS N 4 34.83 32.05 -15.58
C HIS N 4 34.38 30.68 -16.09
N SER N 5 35.32 29.76 -16.26
CA SER N 5 34.98 28.39 -16.67
C SER N 5 34.38 27.60 -15.51
N LYS N 6 33.77 26.46 -15.84
CA LYS N 6 33.25 25.52 -14.84
C LYS N 6 34.26 24.39 -14.57
N GLY N 7 35.55 24.71 -14.65
CA GLY N 7 36.64 23.75 -14.46
C GLY N 7 37.31 24.07 -13.13
N LYS N 8 37.18 23.17 -12.17
CA LYS N 8 37.57 23.42 -10.79
C LYS N 8 38.83 22.63 -10.43
N GLY N 9 39.95 23.04 -11.03
CA GLY N 9 41.24 22.39 -10.81
C GLY N 9 42.09 23.07 -9.75
N MET N 10 43.14 22.36 -9.33
CA MET N 10 44.18 22.90 -8.44
C MET N 10 45.57 22.63 -9.01
N SER N 11 45.76 22.99 -10.28
CA SER N 11 47.10 23.13 -10.85
C SER N 11 47.72 24.31 -10.11
N SER N 12 48.74 24.03 -9.31
CA SER N 12 49.19 25.00 -8.33
C SER N 12 50.63 24.79 -7.90
N SER N 13 51.29 25.91 -7.63
CA SER N 13 52.64 25.89 -7.08
C SER N 13 52.55 25.69 -5.58
N ALA N 14 53.16 24.62 -5.10
CA ALA N 14 53.45 24.47 -3.67
C ALA N 14 54.50 25.50 -3.31
N ILE N 15 54.66 25.77 -2.01
CA ILE N 15 55.71 26.67 -1.52
C ILE N 15 56.35 26.03 -0.28
N PRO N 16 57.68 26.14 -0.14
CA PRO N 16 58.34 25.39 0.93
C PRO N 16 58.11 25.97 2.33
N TYR N 17 58.48 25.17 3.34
CA TYR N 17 58.23 25.49 4.73
C TYR N 17 59.06 26.66 5.26
N SER N 18 60.34 26.71 4.89
CA SER N 18 61.27 27.69 5.45
C SER N 18 61.13 29.06 4.80
N ARG N 19 60.64 30.03 5.56
CA ARG N 19 60.69 31.45 5.17
C ARG N 19 62.15 31.93 5.08
N ASN N 20 63.02 31.34 5.91
CA ASN N 20 64.46 31.60 5.85
C ASN N 20 65.09 30.98 4.60
N ALA N 21 66.32 31.39 4.31
CA ALA N 21 67.00 31.02 3.07
C ALA N 21 67.34 29.53 3.01
N PRO N 22 67.29 28.92 1.80
CA PRO N 22 67.72 27.55 1.64
C PRO N 22 69.25 27.52 1.66
N ALA N 23 69.79 27.37 2.86
CA ALA N 23 71.21 27.60 3.20
C ALA N 23 72.23 27.73 2.05
N TRP N 24 72.76 26.59 1.59
CA TRP N 24 73.72 26.51 0.47
C TRP N 24 73.52 27.37 -0.79
N PHE N 25 72.27 27.57 -1.22
CA PHE N 25 72.01 28.29 -2.46
C PHE N 25 72.36 29.76 -2.27
N LYS N 26 73.50 30.14 -2.86
CA LYS N 26 74.32 31.26 -2.39
C LYS N 26 74.01 32.55 -3.21
N GLY N 27 75.04 33.29 -3.64
CA GLY N 27 74.87 34.58 -4.30
C GLY N 27 74.70 35.69 -3.28
N SER N 28 74.04 36.76 -3.70
CA SER N 28 73.74 37.91 -2.84
C SER N 28 72.40 38.53 -3.17
N SER N 29 71.79 39.17 -2.18
CA SER N 29 70.48 39.81 -2.31
C SER N 29 70.57 41.00 -3.25
N ASP N 30 71.60 41.81 -3.01
CA ASP N 30 71.87 43.02 -3.79
C ASP N 30 72.03 42.66 -5.27
N GLY N 31 72.82 41.62 -5.49
CA GLY N 31 73.11 41.10 -6.83
C GLY N 31 71.81 40.72 -7.54
N VAL N 32 70.99 39.98 -6.80
CA VAL N 32 69.70 39.51 -7.29
C VAL N 32 68.83 40.69 -7.72
N VAL N 33 68.80 41.69 -6.85
CA VAL N 33 68.04 42.93 -7.08
C VAL N 33 68.49 43.59 -8.38
N GLU N 34 69.80 43.68 -8.52
CA GLU N 34 70.43 44.29 -9.69
C GLU N 34 69.99 43.56 -10.96
N GLN N 35 70.04 42.24 -10.88
CA GLN N 35 69.67 41.36 -11.98
C GLN N 35 68.22 41.62 -12.40
N ILE N 36 67.37 41.70 -11.39
CA ILE N 36 65.94 41.96 -11.56
C ILE N 36 65.72 43.27 -12.30
N ILE N 37 66.46 44.29 -11.84
CA ILE N 37 66.39 45.63 -12.40
C ILE N 37 66.76 45.59 -13.89
N LYS N 38 67.85 44.88 -14.17
CA LYS N 38 68.37 44.71 -15.52
C LYS N 38 67.30 44.09 -16.42
N TYR N 39 66.68 43.05 -15.89
CA TYR N 39 65.63 42.30 -16.59
C TYR N 39 64.48 43.25 -16.94
N ALA N 40 64.09 44.04 -15.96
CA ALA N 40 63.00 45.01 -16.09
C ALA N 40 63.32 46.00 -17.22
N ARG N 41 64.56 46.48 -17.19
CA ARG N 41 65.05 47.43 -18.18
C ARG N 41 64.94 46.84 -19.59
N LYS N 42 65.38 45.59 -19.69
CA LYS N 42 65.35 44.84 -20.95
C LYS N 42 63.92 44.75 -21.48
N GLY N 43 62.96 44.48 -20.59
CA GLY N 43 61.55 44.32 -20.97
C GLY N 43 60.78 43.19 -20.30
N LEU N 44 61.48 42.34 -19.54
CA LEU N 44 60.85 41.21 -18.86
C LEU N 44 59.92 41.68 -17.73
N THR N 45 58.72 41.10 -17.69
CA THR N 45 57.73 41.39 -16.66
C THR N 45 58.10 40.62 -15.37
N PRO N 46 57.59 41.07 -14.21
CA PRO N 46 58.04 40.62 -12.90
C PRO N 46 58.05 39.11 -12.80
N SER N 47 56.92 38.53 -13.23
CA SER N 47 56.72 37.08 -13.21
C SER N 47 57.80 36.39 -14.04
N GLN N 48 58.02 36.95 -15.24
CA GLN N 48 59.01 36.44 -16.18
C GLN N 48 60.40 36.43 -15.54
N ILE N 49 60.71 37.56 -14.91
CA ILE N 49 61.98 37.75 -14.22
C ILE N 49 62.19 36.68 -13.16
N GLY N 50 61.14 36.48 -12.38
CA GLY N 50 61.11 35.49 -11.30
C GLY N 50 61.42 34.11 -11.85
N VAL N 51 60.74 33.79 -12.95
CA VAL N 51 60.88 32.51 -13.64
C VAL N 51 62.34 32.29 -14.06
N LEU N 52 62.90 33.35 -14.64
CA LEU N 52 64.28 33.35 -15.12
C LEU N 52 65.23 33.05 -13.96
N LEU N 53 64.99 33.74 -12.86
CA LEU N 53 65.79 33.59 -11.65
C LEU N 53 65.76 32.14 -11.16
N ARG N 54 64.55 31.59 -11.15
CA ARG N 54 64.32 30.22 -10.72
C ARG N 54 65.12 29.25 -11.58
N ASP N 55 65.05 29.48 -12.89
CA ASP N 55 65.36 28.35 -13.81
C ASP N 55 66.83 28.03 -13.86
N ALA N 56 67.66 29.03 -14.15
CA ALA N 56 69.10 28.84 -14.39
C ALA N 56 69.96 29.14 -13.17
N HIS N 57 69.59 30.19 -12.44
CA HIS N 57 70.35 30.63 -11.26
C HIS N 57 69.82 29.90 -10.03
N GLY N 58 70.45 30.14 -8.87
CA GLY N 58 70.10 29.49 -7.62
C GLY N 58 69.01 30.14 -6.77
N VAL N 59 68.25 31.07 -7.36
CA VAL N 59 67.15 31.74 -6.66
C VAL N 59 65.95 30.79 -6.57
N THR N 60 65.23 30.88 -5.45
CA THR N 60 63.97 30.14 -5.26
C THR N 60 62.82 31.13 -5.25
N GLN N 61 62.89 32.08 -4.31
CA GLN N 61 62.03 33.26 -4.31
C GLN N 61 62.86 34.48 -3.92
N ALA N 62 62.47 35.64 -4.43
CA ALA N 62 63.04 36.91 -4.00
C ALA N 62 62.62 37.22 -2.56
N LYS N 63 61.34 36.99 -2.26
CA LYS N 63 60.77 37.10 -0.90
C LYS N 63 61.66 36.47 0.17
N VAL N 64 62.24 35.32 -0.17
CA VAL N 64 63.16 34.61 0.71
C VAL N 64 64.48 35.36 0.86
N ILE N 65 65.17 35.56 -0.25
CA ILE N 65 66.59 35.96 -0.25
C ILE N 65 66.76 37.44 0.07
N THR N 66 66.04 38.30 -0.65
CA THR N 66 66.08 39.74 -0.41
C THR N 66 65.29 40.13 0.83
N GLY N 67 64.08 39.58 0.94
CA GLY N 67 63.09 40.01 1.92
C GLY N 67 61.91 40.60 1.17
N ASN N 68 62.21 41.50 0.24
CA ASN N 68 61.22 42.10 -0.64
C ASN N 68 60.83 41.14 -1.76
N LYS N 69 59.77 41.49 -2.49
CA LYS N 69 59.20 40.62 -3.54
C LYS N 69 59.96 40.90 -4.87
N ILE N 70 59.27 41.21 -5.98
CA ILE N 70 59.95 41.66 -7.21
C ILE N 70 59.33 42.98 -7.69
N LEU N 71 58.00 43.00 -7.70
CA LEU N 71 57.24 44.17 -8.12
C LEU N 71 57.59 45.37 -7.24
N ARG N 72 57.63 45.12 -5.94
CA ARG N 72 57.95 46.13 -4.94
C ARG N 72 59.34 46.72 -5.22
N ILE N 73 60.28 45.82 -5.48
CA ILE N 73 61.66 46.18 -5.78
C ILE N 73 61.71 47.11 -6.99
N LEU N 74 60.98 46.70 -8.02
CA LEU N 74 60.89 47.44 -9.28
C LEU N 74 60.38 48.86 -9.03
N LYS N 75 59.33 48.92 -8.22
CA LYS N 75 58.69 50.19 -7.84
C LYS N 75 59.71 51.10 -7.17
N SER N 76 60.45 50.52 -6.24
CA SER N 76 61.48 51.21 -5.47
C SER N 76 62.52 51.81 -6.42
N ASN N 77 62.95 50.97 -7.36
CA ASN N 77 63.94 51.35 -8.35
C ASN N 77 63.41 52.41 -9.33
N GLY N 78 62.15 52.21 -9.76
CA GLY N 78 61.46 53.05 -10.74
C GLY N 78 61.23 52.35 -12.06
N LEU N 79 60.80 51.08 -12.00
CA LEU N 79 60.77 50.18 -13.16
C LEU N 79 59.47 49.39 -13.39
N ALA N 80 58.49 49.49 -12.49
CA ALA N 80 57.20 48.83 -12.68
C ALA N 80 56.42 49.62 -13.73
N PRO N 81 55.80 48.91 -14.71
CA PRO N 81 55.06 49.63 -15.75
C PRO N 81 53.80 50.32 -15.24
N GLU N 82 53.37 51.36 -15.95
CA GLU N 82 52.16 52.13 -15.58
C GLU N 82 50.95 51.22 -15.39
N ILE N 83 50.72 50.35 -16.36
CA ILE N 83 49.71 49.31 -16.27
C ILE N 83 50.36 48.06 -15.68
N PRO N 84 49.85 47.54 -14.53
CA PRO N 84 50.28 46.24 -14.00
C PRO N 84 50.16 45.11 -15.01
N GLU N 85 50.97 44.08 -14.82
CA GLU N 85 51.38 43.21 -15.93
C GLU N 85 50.22 42.36 -16.41
N ASP N 86 49.58 41.73 -15.43
CA ASP N 86 48.42 40.86 -15.66
C ASP N 86 47.33 41.61 -16.40
N LEU N 87 47.05 42.82 -15.89
CA LEU N 87 46.03 43.70 -16.44
C LEU N 87 46.33 44.00 -17.91
N TYR N 88 47.59 44.34 -18.14
CA TYR N 88 48.10 44.67 -19.48
C TYR N 88 47.85 43.50 -20.43
N PHE N 89 48.21 42.31 -19.94
CA PHE N 89 48.06 41.07 -20.70
C PHE N 89 46.59 40.86 -21.10
N LEU N 90 45.73 41.06 -20.11
CA LEU N 90 44.30 40.91 -20.28
C LEU N 90 43.79 41.85 -21.38
N ILE N 91 44.25 43.10 -21.29
CA ILE N 91 43.89 44.15 -22.23
C ILE N 91 44.28 43.73 -23.64
N LYS N 92 45.50 43.23 -23.75
CA LYS N 92 46.07 42.77 -25.02
C LYS N 92 45.19 41.69 -25.63
N LYS N 93 44.83 40.74 -24.78
CA LYS N 93 43.99 39.61 -25.16
C LYS N 93 42.65 40.11 -25.71
N ALA N 94 42.08 41.06 -24.99
CA ALA N 94 40.79 41.67 -25.34
C ALA N 94 40.88 42.29 -26.73
N VAL N 95 41.97 43.03 -26.92
CA VAL N 95 42.25 43.73 -28.18
C VAL N 95 42.30 42.73 -29.33
N SER N 96 43.02 41.64 -29.08
CA SER N 96 43.19 40.57 -30.06
C SER N 96 41.83 40.00 -30.45
N VAL N 97 41.02 39.75 -29.43
CA VAL N 97 39.69 39.18 -29.62
C VAL N 97 38.84 40.11 -30.49
N ARG N 98 38.92 41.40 -30.18
CA ARG N 98 38.19 42.45 -30.90
C ARG N 98 38.58 42.43 -32.37
N LYS N 99 39.90 42.34 -32.60
CA LYS N 99 40.46 42.31 -33.94
C LYS N 99 39.91 41.13 -34.72
N HIS N 100 39.90 39.99 -34.05
CA HIS N 100 39.42 38.74 -34.63
C HIS N 100 37.95 38.90 -35.05
N LEU N 101 37.18 39.48 -34.15
CA LEU N 101 35.75 39.72 -34.36
C LEU N 101 35.55 40.59 -35.61
N GLU N 102 36.35 41.64 -35.69
CA GLU N 102 36.32 42.59 -36.80
C GLU N 102 36.58 41.87 -38.12
N ARG N 103 37.61 41.02 -38.08
CA ARG N 103 38.00 40.23 -39.24
C ARG N 103 36.86 39.33 -39.71
N ASN N 104 36.28 38.62 -38.74
CA ASN N 104 35.22 37.63 -38.93
C ASN N 104 33.96 38.02 -38.16
N ARG N 105 33.07 38.77 -38.79
CA ARG N 105 31.82 39.25 -38.17
C ARG N 105 31.05 38.12 -37.51
N LYS N 106 30.81 37.06 -38.27
CA LYS N 106 30.08 35.88 -37.80
C LYS N 106 31.03 34.96 -37.02
N ASP N 107 31.02 35.08 -35.69
CA ASP N 107 31.78 34.20 -34.78
C ASP N 107 31.30 34.42 -33.33
N LYS N 108 30.46 33.51 -32.82
CA LYS N 108 29.66 33.78 -31.63
C LYS N 108 30.47 33.45 -30.36
N ASP N 109 31.09 32.28 -30.40
CA ASP N 109 31.92 31.78 -29.30
C ASP N 109 33.04 32.77 -29.00
N ALA N 110 33.69 33.21 -30.08
CA ALA N 110 34.79 34.16 -30.00
C ALA N 110 34.35 35.44 -29.33
N LYS N 111 33.19 35.92 -29.77
CA LYS N 111 32.57 37.14 -29.24
C LYS N 111 32.35 37.01 -27.73
N PHE N 112 31.79 35.87 -27.36
CA PHE N 112 31.51 35.53 -25.97
C PHE N 112 32.78 35.62 -25.12
N ARG N 113 33.82 34.99 -25.67
CA ARG N 113 35.13 34.94 -25.04
C ARG N 113 35.67 36.35 -24.79
N LEU N 114 35.54 37.16 -25.84
CA LEU N 114 35.98 38.56 -25.82
C LEU N 114 35.28 39.31 -24.70
N ILE N 115 33.96 39.10 -24.64
CA ILE N 115 33.10 39.74 -23.64
C ILE N 115 33.59 39.38 -22.23
N LEU N 116 33.85 38.09 -22.05
CA LEU N 116 34.33 37.55 -20.78
C LEU N 116 35.62 38.24 -20.36
N ILE N 117 36.52 38.33 -21.33
CA ILE N 117 37.83 38.94 -21.14
C ILE N 117 37.67 40.39 -20.69
N GLU N 118 36.78 41.09 -21.38
CA GLU N 118 36.47 42.50 -21.11
C GLU N 118 36.00 42.65 -19.66
N SER N 119 35.08 41.75 -19.28
CA SER N 119 34.51 41.74 -17.94
C SER N 119 35.62 41.59 -16.89
N ARG N 120 36.50 40.64 -17.17
CA ARG N 120 37.63 40.34 -16.30
C ARG N 120 38.50 41.58 -16.10
N ILE N 121 38.78 42.22 -17.23
CA ILE N 121 39.60 43.42 -17.28
C ILE N 121 38.99 44.51 -16.41
N HIS N 122 37.67 44.68 -16.58
CA HIS N 122 36.89 45.66 -15.84
C HIS N 122 37.04 45.42 -14.35
N ARG N 123 36.89 44.16 -13.97
CA ARG N 123 37.01 43.75 -12.57
C ARG N 123 38.36 44.16 -12.00
N LEU N 124 39.36 43.79 -12.78
CA LEU N 124 40.75 44.03 -12.41
C LEU N 124 41.01 45.53 -12.23
N ALA N 125 40.50 46.27 -13.22
CA ALA N 125 40.62 47.73 -13.25
C ALA N 125 40.00 48.34 -12.00
N ARG N 126 38.81 47.84 -11.67
CA ARG N 126 38.05 48.29 -10.51
C ARG N 126 38.88 48.08 -9.24
N TYR N 127 39.45 46.89 -9.15
CA TYR N 127 40.27 46.49 -8.01
C TYR N 127 41.45 47.45 -7.85
N TYR N 128 42.09 47.72 -8.98
CA TYR N 128 43.25 48.60 -9.04
C TYR N 128 42.88 50.00 -8.52
N ARG N 129 41.73 50.47 -8.99
CA ARG N 129 41.19 51.78 -8.62
C ARG N 129 40.99 51.84 -7.11
N THR N 130 40.39 50.78 -6.58
CA THR N 130 40.10 50.66 -5.16
C THR N 130 41.40 50.75 -4.36
N VAL N 131 42.40 50.02 -4.83
CA VAL N 131 43.72 49.98 -4.21
C VAL N 131 44.33 51.39 -4.16
N SER N 132 44.41 52.01 -5.34
CA SER N 132 45.20 53.24 -5.66
C SER N 132 46.55 52.90 -6.35
N VAL N 133 46.44 52.45 -7.60
CA VAL N 133 47.59 52.29 -8.51
C VAL N 133 47.24 52.99 -9.84
N LEU N 134 46.17 52.52 -10.49
CA LEU N 134 45.61 53.19 -11.64
C LEU N 134 44.71 54.33 -11.14
N PRO N 135 44.91 55.57 -11.63
CA PRO N 135 44.05 56.67 -11.16
C PRO N 135 42.55 56.52 -11.53
N PRO N 136 41.65 57.10 -10.70
CA PRO N 136 40.21 56.92 -10.88
C PRO N 136 39.60 57.67 -12.07
N ASN N 137 38.30 57.43 -12.30
CA ASN N 137 37.59 57.90 -13.50
C ASN N 137 38.34 57.50 -14.77
N TRP N 138 38.41 56.19 -14.99
CA TRP N 138 39.21 55.62 -16.07
C TRP N 138 38.72 54.19 -16.40
N LYS N 139 38.12 54.02 -17.58
CA LYS N 139 37.66 52.71 -18.06
C LYS N 139 38.60 52.20 -19.16
N TYR N 140 39.08 50.97 -18.99
CA TYR N 140 40.06 50.36 -19.88
C TYR N 140 39.34 49.34 -20.79
N GLU N 141 38.77 49.84 -21.89
CA GLU N 141 37.66 49.14 -22.58
C GLU N 141 37.98 48.54 -23.98
N SER N 142 38.00 49.34 -25.05
CA SER N 142 37.91 48.80 -26.42
C SER N 142 38.49 49.73 -27.50
N ALA N 143 37.92 50.92 -27.64
CA ALA N 143 38.38 51.89 -28.62
C ALA N 143 39.71 52.51 -28.20
N THR N 144 39.73 53.04 -26.97
CA THR N 144 40.96 53.55 -26.35
C THR N 144 41.89 52.47 -25.76
N ALA N 145 41.35 51.26 -25.63
CA ALA N 145 42.07 50.12 -25.11
C ALA N 145 43.32 49.86 -25.95
N SER N 146 43.13 49.88 -27.26
CA SER N 146 44.19 49.66 -28.24
C SER N 146 45.31 50.68 -28.02
N ALA N 147 44.89 51.93 -27.88
CA ALA N 147 45.79 53.06 -27.68
C ALA N 147 46.64 52.83 -26.43
N LEU N 148 45.95 52.43 -25.37
CA LEU N 148 46.57 52.15 -24.07
C LEU N 148 47.63 51.07 -24.22
N VAL N 149 47.26 50.02 -24.93
CA VAL N 149 48.15 48.88 -25.20
C VAL N 149 49.41 49.35 -25.90
N ASN N 150 49.25 50.13 -26.97
CA ASN N 150 50.37 50.62 -27.77
C ASN N 150 49.98 51.88 -28.56
N SER O 1 40.39 -21.20 -71.30
CA SER O 1 39.28 -22.20 -71.54
C SER O 1 37.92 -21.69 -71.09
N GLN O 2 37.83 -21.27 -69.83
CA GLN O 2 36.57 -20.82 -69.23
C GLN O 2 36.19 -19.41 -69.67
N VAL O 3 35.14 -19.31 -70.48
CA VAL O 3 34.58 -18.02 -70.88
C VAL O 3 33.73 -17.50 -69.71
N PHE O 4 34.01 -16.27 -69.31
CA PHE O 4 33.47 -15.67 -68.08
C PHE O 4 32.33 -14.70 -68.32
N GLY O 5 31.64 -14.40 -67.22
CA GLY O 5 30.70 -13.28 -67.14
C GLY O 5 30.72 -12.67 -65.75
N VAL O 6 29.91 -11.63 -65.55
CA VAL O 6 29.63 -11.08 -64.23
C VAL O 6 28.12 -11.20 -64.03
N ALA O 7 27.72 -11.92 -62.98
CA ALA O 7 26.33 -12.33 -62.79
C ALA O 7 25.37 -11.19 -62.47
N ARG O 8 25.78 -10.32 -61.56
CA ARG O 8 24.98 -9.17 -61.09
C ARG O 8 23.54 -9.50 -60.68
N ILE O 9 23.40 -9.82 -59.39
CA ILE O 9 22.12 -10.12 -58.77
C ILE O 9 21.71 -8.90 -57.96
N PHE O 10 20.82 -8.09 -58.54
CA PHE O 10 20.19 -6.97 -57.82
C PHE O 10 19.03 -7.55 -57.02
N ALA O 11 19.30 -7.86 -55.75
CA ALA O 11 18.32 -8.50 -54.88
C ALA O 11 17.74 -7.49 -53.89
N SER O 12 16.81 -6.69 -54.38
CA SER O 12 16.04 -5.78 -53.54
C SER O 12 14.90 -6.54 -52.88
N PHE O 13 14.26 -5.91 -51.92
CA PHE O 13 12.96 -6.38 -51.45
C PHE O 13 11.94 -6.03 -52.51
N ASN O 14 11.00 -6.96 -52.74
CA ASN O 14 9.95 -6.83 -53.75
C ASN O 14 10.40 -6.91 -55.23
N ASP O 15 11.60 -7.44 -55.48
CA ASP O 15 12.02 -7.97 -56.81
C ASP O 15 13.51 -8.33 -56.82
N THR O 16 13.86 -9.35 -57.58
CA THR O 16 15.26 -9.71 -57.85
C THR O 16 15.57 -9.58 -59.35
N PHE O 17 16.80 -9.18 -59.66
CA PHE O 17 17.34 -9.25 -61.02
C PHE O 17 18.40 -10.32 -61.07
N VAL O 18 18.66 -10.84 -62.26
CA VAL O 18 19.90 -11.55 -62.57
C VAL O 18 20.34 -11.00 -63.93
N HIS O 19 21.46 -10.26 -63.93
CA HIS O 19 21.86 -9.44 -65.07
C HIS O 19 23.27 -9.79 -65.54
N VAL O 20 23.40 -10.89 -66.28
CA VAL O 20 24.73 -11.40 -66.65
C VAL O 20 25.37 -10.52 -67.72
N THR O 21 26.63 -10.14 -67.50
CA THR O 21 27.36 -9.21 -68.39
C THR O 21 28.77 -9.67 -68.70
N ASP O 22 29.38 -9.00 -69.68
CA ASP O 22 30.82 -9.14 -69.95
C ASP O 22 31.64 -8.44 -68.86
N LEU O 23 32.95 -8.62 -68.90
CA LEU O 23 33.83 -8.13 -67.84
C LEU O 23 33.98 -6.61 -67.79
N SER O 24 33.89 -5.96 -68.96
CA SER O 24 33.85 -4.49 -69.02
C SER O 24 32.54 -3.96 -68.45
N GLY O 25 31.46 -4.73 -68.64
CA GLY O 25 30.12 -4.38 -68.15
C GLY O 25 29.14 -3.98 -69.23
N ARG O 26 29.63 -3.28 -70.25
CA ARG O 26 28.78 -2.68 -71.29
C ARG O 26 27.84 -3.68 -71.97
N GLU O 27 28.41 -4.71 -72.60
CA GLU O 27 27.62 -5.68 -73.39
C GLU O 27 27.02 -6.78 -72.51
N THR O 28 25.69 -6.80 -72.42
CA THR O 28 24.97 -7.73 -71.55
C THR O 28 24.76 -9.09 -72.22
N ILE O 29 24.20 -10.03 -71.46
CA ILE O 29 23.82 -11.35 -71.96
C ILE O 29 22.33 -11.60 -71.70
N ALA O 30 21.94 -11.59 -70.43
CA ALA O 30 20.54 -11.74 -70.02
C ALA O 30 20.25 -10.94 -68.75
N ARG O 31 19.09 -10.26 -68.73
CA ARG O 31 18.69 -9.35 -67.66
C ARG O 31 17.55 -9.91 -66.81
N VAL O 32 17.44 -11.23 -66.67
CA VAL O 32 16.14 -11.83 -66.30
C VAL O 32 15.77 -11.54 -64.85
N THR O 33 14.52 -11.12 -64.66
CA THR O 33 14.01 -10.60 -63.38
C THR O 33 12.96 -11.51 -62.76
N GLY O 34 12.66 -11.23 -61.49
CA GLY O 34 11.72 -12.03 -60.71
C GLY O 34 10.28 -11.89 -61.18
N GLY O 35 9.84 -10.64 -61.36
CA GLY O 35 8.49 -10.36 -61.85
C GLY O 35 8.21 -10.82 -63.27
N MET O 36 9.27 -11.00 -64.06
CA MET O 36 9.15 -11.50 -65.43
C MET O 36 8.67 -12.96 -65.50
N LYS O 37 9.19 -13.81 -64.62
CA LYS O 37 8.87 -15.26 -64.64
C LYS O 37 7.66 -15.69 -63.81
N VAL O 38 7.17 -14.82 -62.91
CA VAL O 38 5.94 -15.08 -62.15
C VAL O 38 5.05 -13.84 -62.15
N LYS O 39 4.00 -13.88 -62.96
CA LYS O 39 2.97 -12.82 -62.97
C LYS O 39 2.04 -13.00 -61.78
N ALA O 40 2.44 -12.42 -60.65
CA ALA O 40 1.57 -12.32 -59.47
C ALA O 40 1.74 -11.06 -58.61
N ASP O 41 2.49 -10.05 -59.11
CA ASP O 41 2.79 -8.81 -58.38
C ASP O 41 3.49 -8.98 -57.02
N ARG O 42 2.84 -9.69 -56.11
CA ARG O 42 3.43 -10.16 -54.85
C ARG O 42 4.68 -11.02 -55.08
N ASP O 43 4.53 -12.09 -55.85
CA ASP O 43 5.61 -13.07 -56.07
C ASP O 43 6.64 -12.58 -57.09
N GLU O 44 7.47 -11.62 -56.67
CA GLU O 44 8.55 -11.08 -57.50
C GLU O 44 9.89 -11.38 -56.82
N SER O 45 10.07 -10.86 -55.60
CA SER O 45 11.22 -11.22 -54.76
C SER O 45 11.16 -12.67 -54.26
N SER O 46 9.96 -13.24 -54.24
CA SER O 46 9.73 -14.62 -53.82
C SER O 46 10.75 -15.58 -54.47
N PRO O 47 11.40 -16.41 -53.65
CA PRO O 47 12.44 -17.33 -54.06
C PRO O 47 12.26 -18.11 -55.32
N TYR O 48 11.10 -18.76 -55.51
CA TYR O 48 10.86 -19.63 -56.66
C TYR O 48 11.04 -18.85 -57.95
N ALA O 49 10.43 -17.67 -57.97
CA ALA O 49 10.48 -16.77 -59.12
C ALA O 49 11.93 -16.43 -59.47
N ALA O 50 12.67 -16.09 -58.42
CA ALA O 50 14.09 -15.72 -58.53
C ALA O 50 14.87 -16.86 -59.16
N MET O 51 14.61 -18.06 -58.65
CA MET O 51 15.25 -19.29 -59.11
C MET O 51 15.00 -19.47 -60.60
N LEU O 52 13.74 -19.30 -60.98
CA LEU O 52 13.29 -19.44 -62.36
C LEU O 52 14.07 -18.47 -63.26
N ALA O 53 14.15 -17.23 -62.79
CA ALA O 53 14.85 -16.16 -63.49
C ALA O 53 16.30 -16.55 -63.73
N ALA O 54 16.92 -17.05 -62.66
CA ALA O 54 18.32 -17.49 -62.68
C ALA O 54 18.52 -18.56 -63.75
N GLN O 55 17.60 -19.52 -63.74
CA GLN O 55 17.61 -20.65 -64.67
C GLN O 55 17.57 -20.13 -66.12
N ASP O 56 16.66 -19.19 -66.33
CA ASP O 56 16.46 -18.56 -67.64
C ASP O 56 17.76 -17.91 -68.12
N VAL O 57 18.36 -17.17 -67.18
CA VAL O 57 19.63 -16.46 -67.44
C VAL O 57 20.71 -17.45 -67.88
N ALA O 58 20.78 -18.54 -67.13
CA ALA O 58 21.75 -19.62 -67.37
C ALA O 58 21.57 -20.16 -68.78
N ALA O 59 20.31 -20.41 -69.12
CA ALA O 59 19.93 -20.94 -70.43
C ALA O 59 20.41 -20.01 -71.54
N LYS O 60 20.14 -18.73 -71.32
CA LYS O 60 20.52 -17.66 -72.25
C LYS O 60 22.02 -17.68 -72.49
N CYS O 61 22.75 -17.77 -71.38
CA CYS O 61 24.22 -17.80 -71.37
C CYS O 61 24.72 -18.97 -72.22
N LYS O 62 24.10 -20.12 -71.98
CA LYS O 62 24.43 -21.36 -72.67
C LYS O 62 24.25 -21.18 -74.18
N GLU O 63 23.12 -20.59 -74.53
CA GLU O 63 22.76 -20.32 -75.92
C GLU O 63 23.83 -19.44 -76.58
N VAL O 64 24.21 -18.41 -75.85
CA VAL O 64 25.21 -17.45 -76.31
C VAL O 64 26.56 -18.15 -76.57
N GLY O 65 27.04 -18.77 -75.48
CA GLY O 65 28.41 -19.33 -75.37
C GLY O 65 29.27 -18.76 -74.24
N ILE O 66 28.85 -18.99 -72.97
CA ILE O 66 29.62 -18.61 -71.76
C ILE O 66 29.66 -19.81 -70.80
N THR O 67 30.73 -19.92 -70.00
CA THR O 67 30.94 -21.07 -69.09
C THR O 67 30.91 -20.75 -67.59
N ALA O 68 31.48 -19.61 -67.19
CA ALA O 68 31.57 -19.21 -65.79
C ALA O 68 31.05 -17.79 -65.53
N VAL O 69 30.80 -17.48 -64.26
CA VAL O 69 30.40 -16.14 -63.83
C VAL O 69 31.13 -15.69 -62.57
N HIS O 70 31.11 -14.37 -62.38
CA HIS O 70 31.55 -13.71 -61.16
C HIS O 70 30.31 -13.11 -60.50
N ILE O 71 29.91 -13.68 -59.36
CA ILE O 71 28.74 -13.20 -58.63
C ILE O 71 29.05 -11.82 -58.04
N LYS O 72 28.25 -10.84 -58.42
CA LYS O 72 28.17 -9.56 -57.73
C LYS O 72 26.75 -9.45 -57.23
N ILE O 73 26.58 -9.11 -55.95
CA ILE O 73 25.25 -8.94 -55.39
C ILE O 73 25.04 -7.48 -55.02
N ARG O 74 23.87 -6.94 -55.38
CA ARG O 74 23.49 -5.57 -55.02
C ARG O 74 22.17 -5.58 -54.28
N ALA O 75 22.20 -5.21 -53.00
CA ALA O 75 21.00 -4.84 -52.27
C ALA O 75 20.61 -3.43 -52.69
N THR O 76 19.35 -3.06 -52.48
CA THR O 76 18.79 -1.81 -53.02
C THR O 76 19.71 -0.59 -52.85
N GLY O 77 20.23 -0.42 -51.64
CA GLY O 77 21.36 0.48 -51.39
C GLY O 77 21.05 1.94 -51.17
N GLY O 78 21.89 2.59 -50.35
CA GLY O 78 21.81 4.02 -50.10
C GLY O 78 20.63 4.42 -49.22
N THR O 79 19.58 4.90 -49.86
CA THR O 79 18.35 5.32 -49.16
C THR O 79 17.48 4.15 -48.68
N ARG O 80 17.78 2.94 -49.14
CA ARG O 80 16.95 1.77 -48.84
C ARG O 80 17.76 0.57 -48.36
N SER O 81 17.18 -0.16 -47.39
CA SER O 81 17.69 -1.44 -46.85
C SER O 81 19.19 -1.59 -46.57
N LYS O 82 19.99 -1.75 -47.63
CA LYS O 82 21.37 -2.26 -47.54
C LYS O 82 21.41 -3.71 -47.06
N THR O 83 20.34 -4.44 -47.35
CA THR O 83 20.12 -5.79 -46.84
C THR O 83 19.72 -6.66 -48.03
N PRO O 84 20.59 -7.62 -48.43
CA PRO O 84 20.28 -8.52 -49.55
C PRO O 84 18.91 -9.16 -49.42
N GLY O 85 18.16 -9.16 -50.52
CA GLY O 85 16.76 -9.57 -50.53
C GLY O 85 16.52 -11.04 -50.25
N PRO O 86 15.25 -11.46 -50.25
CA PRO O 86 14.93 -12.87 -50.00
C PRO O 86 15.48 -13.81 -51.07
N GLY O 87 15.45 -13.35 -52.33
CA GLY O 87 15.81 -14.18 -53.47
C GLY O 87 17.14 -13.88 -54.15
N GLY O 88 18.13 -13.32 -53.45
CA GLY O 88 19.49 -13.32 -54.00
C GLY O 88 20.13 -14.70 -53.83
N GLN O 89 20.02 -15.18 -52.60
CA GLN O 89 20.58 -16.47 -52.20
C GLN O 89 19.98 -17.58 -53.07
N ALA O 90 18.67 -17.53 -53.22
CA ALA O 90 17.91 -18.48 -54.01
C ALA O 90 18.41 -18.51 -55.45
N ALA O 91 18.59 -17.29 -55.98
CA ALA O 91 19.07 -17.09 -57.35
C ALA O 91 20.44 -17.74 -57.53
N LEU O 92 21.30 -17.49 -56.55
CA LEU O 92 22.66 -18.03 -56.52
C LEU O 92 22.63 -19.55 -56.58
N ARG O 93 21.76 -20.11 -55.74
CA ARG O 93 21.56 -21.55 -55.62
C ARG O 93 21.17 -22.13 -56.98
N ALA O 94 20.21 -21.46 -57.60
CA ALA O 94 19.69 -21.85 -58.91
C ALA O 94 20.81 -21.88 -59.94
N LEU O 95 21.62 -20.84 -59.91
CA LEU O 95 22.76 -20.68 -60.81
C LEU O 95 23.72 -21.86 -60.65
N ALA O 96 24.00 -22.16 -59.39
CA ALA O 96 24.89 -23.25 -59.02
C ALA O 96 24.39 -24.58 -59.60
N ARG O 97 23.09 -24.78 -59.41
CA ARG O 97 22.41 -25.98 -59.87
C ARG O 97 22.56 -26.13 -61.38
N SER O 98 22.33 -25.00 -62.06
CA SER O 98 22.45 -24.92 -63.52
C SER O 98 23.79 -25.48 -64.00
N GLY O 99 24.88 -25.24 -63.29
CA GLY O 99 26.19 -25.78 -63.68
C GLY O 99 27.07 -24.76 -64.37
N LEU O 100 26.47 -23.61 -64.71
CA LEU O 100 27.22 -22.41 -65.06
C LEU O 100 28.19 -22.14 -63.91
N ARG O 101 29.49 -22.18 -64.21
CA ARG O 101 30.51 -22.16 -63.15
C ARG O 101 30.61 -20.82 -62.43
N ILE O 102 31.25 -20.81 -61.26
CA ILE O 102 31.27 -19.66 -60.36
C ILE O 102 32.70 -19.33 -59.95
N GLY O 103 33.03 -18.04 -59.88
CA GLY O 103 34.35 -17.59 -59.44
C GLY O 103 34.36 -16.14 -58.98
N ARG O 104 34.97 -15.88 -57.82
CA ARG O 104 34.99 -14.55 -57.17
C ARG O 104 33.59 -13.96 -56.91
N ILE O 105 33.03 -14.25 -55.73
CA ILE O 105 31.73 -13.71 -55.31
C ILE O 105 31.91 -12.46 -54.45
N GLU O 106 31.16 -11.40 -54.75
CA GLU O 106 31.17 -10.16 -53.96
C GLU O 106 29.76 -9.60 -53.74
N ASP O 107 29.65 -8.74 -52.73
CA ASP O 107 28.47 -7.90 -52.52
C ASP O 107 28.94 -6.47 -52.77
N VAL O 108 28.50 -5.90 -53.90
CA VAL O 108 28.86 -4.52 -54.28
C VAL O 108 27.66 -3.58 -54.08
N THR O 109 26.97 -3.76 -52.96
CA THR O 109 25.87 -2.88 -52.56
C THR O 109 26.45 -1.49 -52.31
N PRO O 110 25.84 -0.44 -52.87
CA PRO O 110 26.41 0.89 -52.74
C PRO O 110 26.14 1.48 -51.36
N VAL O 111 26.89 0.99 -50.37
CA VAL O 111 26.79 1.47 -49.01
C VAL O 111 27.52 2.81 -48.98
N PRO O 112 26.79 3.91 -48.72
CA PRO O 112 27.44 5.21 -48.86
C PRO O 112 28.37 5.54 -47.73
N SER O 113 29.15 6.59 -47.95
CA SER O 113 29.59 7.43 -46.87
C SER O 113 28.49 8.44 -46.70
N ASP O 114 27.75 8.33 -45.60
CA ASP O 114 26.81 9.36 -45.18
C ASP O 114 25.79 9.69 -46.28
N SER O 115 24.64 9.03 -46.24
CA SER O 115 23.64 9.15 -47.28
C SER O 115 22.97 10.52 -47.27
N THR O 116 22.36 10.85 -48.40
CA THR O 116 21.44 11.98 -48.50
C THR O 116 20.08 11.46 -47.98
N ARG O 117 19.34 12.33 -47.29
CA ARG O 117 18.18 11.94 -46.43
C ARG O 117 17.34 10.72 -46.84
N LYS O 118 17.00 9.89 -45.87
CA LYS O 118 16.42 8.55 -46.09
C LYS O 118 14.89 8.63 -46.29
N LYS O 119 14.20 7.50 -46.19
CA LYS O 119 12.74 7.45 -46.29
C LYS O 119 12.03 8.01 -45.06
N GLY O 120 10.70 8.01 -45.07
CA GLY O 120 9.88 8.09 -43.87
C GLY O 120 9.53 9.44 -43.28
N GLY O 121 10.53 10.31 -43.16
CA GLY O 121 10.43 11.52 -42.33
C GLY O 121 11.03 11.19 -40.99
N ARG O 122 10.92 12.11 -40.04
CA ARG O 122 11.56 11.94 -38.73
C ARG O 122 10.84 10.86 -37.89
N ARG O 123 9.51 10.91 -37.88
CA ARG O 123 8.71 9.92 -37.15
C ARG O 123 8.64 8.56 -37.85
N GLY O 124 9.13 8.47 -39.09
CA GLY O 124 9.37 7.19 -39.75
C GLY O 124 8.20 6.69 -40.57
N ARG O 125 7.98 5.38 -40.54
CA ARG O 125 7.03 4.70 -41.42
C ARG O 125 6.09 3.83 -40.58
N ARG O 126 4.90 4.37 -40.30
CA ARG O 126 4.08 3.94 -39.16
C ARG O 126 2.88 3.08 -39.56
N LEU O 127 3.12 1.78 -39.77
CA LEU O 127 2.07 0.83 -40.17
C LEU O 127 0.88 0.78 -39.21
N ARG P 1 -86.38 -40.53 -64.54
CA ARG P 1 -85.70 -40.53 -63.21
C ARG P 1 -86.20 -41.66 -62.30
N LYS P 2 -85.33 -42.09 -61.37
CA LYS P 2 -85.66 -43.13 -60.39
C LYS P 2 -84.74 -43.04 -59.17
N ARG P 3 -83.44 -43.19 -59.40
CA ARG P 3 -82.42 -43.05 -58.36
C ARG P 3 -81.89 -41.62 -58.34
N SER P 4 -82.02 -40.94 -57.21
CA SER P 4 -81.61 -39.53 -57.07
C SER P 4 -80.10 -39.39 -56.96
N PHE P 5 -79.46 -39.13 -58.10
CA PHE P 5 -77.98 -39.03 -58.21
C PHE P 5 -77.27 -40.30 -57.72
N LYS P 6 -77.04 -40.39 -56.40
CA LYS P 6 -76.50 -41.60 -55.77
C LYS P 6 -76.77 -41.54 -54.27
N THR P 7 -76.78 -42.72 -53.63
CA THR P 7 -77.15 -42.83 -52.21
C THR P 7 -76.12 -42.20 -51.26
N TYR P 8 -76.60 -41.33 -50.38
CA TYR P 8 -75.79 -40.64 -49.37
C TYR P 8 -75.77 -41.49 -48.10
N SER P 9 -74.60 -42.01 -47.73
CA SER P 9 -74.57 -43.29 -46.99
C SER P 9 -73.28 -43.71 -46.22
N TYR P 10 -73.37 -44.85 -45.51
CA TYR P 10 -72.30 -45.47 -44.66
C TYR P 10 -71.45 -46.70 -45.21
N LYS P 11 -72.04 -47.92 -45.35
CA LYS P 11 -71.42 -49.13 -46.04
C LYS P 11 -72.23 -50.13 -47.03
N GLY P 12 -72.78 -49.71 -48.18
CA GLY P 12 -73.89 -50.38 -49.01
C GLY P 12 -75.22 -49.68 -49.47
N VAL P 13 -76.40 -50.25 -49.10
CA VAL P 13 -77.84 -49.74 -49.35
C VAL P 13 -78.25 -48.19 -49.49
N ASP P 14 -79.44 -47.78 -48.98
CA ASP P 14 -80.04 -46.42 -49.20
C ASP P 14 -80.38 -45.64 -47.88
N LEU P 15 -81.03 -44.48 -48.02
CA LEU P 15 -81.41 -43.60 -46.88
C LEU P 15 -82.59 -44.07 -46.03
N GLU P 16 -83.66 -44.52 -46.68
CA GLU P 16 -84.91 -44.91 -46.00
C GLU P 16 -84.73 -45.76 -44.73
N LYS P 17 -83.72 -46.63 -44.76
CA LYS P 17 -83.34 -47.45 -43.60
C LYS P 17 -82.51 -46.70 -42.55
N LEU P 18 -81.61 -45.81 -42.99
CA LEU P 18 -80.76 -45.01 -42.07
C LEU P 18 -81.55 -44.32 -40.96
N LEU P 19 -82.55 -43.53 -41.36
CA LEU P 19 -83.34 -42.72 -40.43
C LEU P 19 -84.14 -43.54 -39.40
N GLU P 20 -84.52 -44.77 -39.78
CA GLU P 20 -85.27 -45.68 -38.91
C GLU P 20 -84.48 -46.98 -38.69
N MET P 21 -83.41 -46.89 -37.91
CA MET P 21 -82.59 -48.06 -37.52
C MET P 21 -82.07 -48.04 -36.07
N PRO P 22 -82.53 -47.09 -35.23
CA PRO P 22 -81.86 -46.66 -34.02
C PRO P 22 -80.31 -46.82 -33.94
N THR P 23 -79.78 -47.23 -32.78
CA THR P 23 -78.41 -46.89 -32.39
C THR P 23 -77.51 -48.11 -32.48
N GLU P 24 -78.02 -49.21 -31.93
CA GLU P 24 -77.31 -50.50 -31.93
C GLU P 24 -76.98 -50.93 -33.34
N ASP P 25 -77.99 -50.81 -34.20
CA ASP P 25 -77.88 -51.19 -35.62
C ASP P 25 -76.78 -50.37 -36.28
N PHE P 26 -76.81 -49.07 -36.00
CA PHE P 26 -75.83 -48.13 -36.54
C PHE P 26 -74.43 -48.54 -36.15
N VAL P 27 -74.29 -48.86 -34.86
CA VAL P 27 -73.02 -49.27 -34.28
C VAL P 27 -72.48 -50.51 -35.00
N LYS P 28 -73.39 -51.47 -35.20
CA LYS P 28 -73.09 -52.72 -35.89
C LYS P 28 -72.55 -52.44 -37.29
N LEU P 29 -73.22 -51.50 -37.97
CA LEU P 29 -72.86 -51.04 -39.29
C LEU P 29 -72.02 -49.76 -39.22
N ALA P 30 -70.95 -49.77 -38.40
CA ALA P 30 -70.06 -48.60 -38.22
C ALA P 30 -68.59 -49.02 -38.05
N PRO P 31 -67.65 -48.05 -38.07
CA PRO P 31 -66.26 -48.35 -37.74
C PRO P 31 -65.99 -48.82 -36.30
N ALA P 32 -64.72 -49.11 -36.06
CA ALA P 32 -64.21 -49.86 -34.92
C ALA P 32 -64.25 -48.99 -33.67
N ARG P 33 -63.78 -47.75 -33.83
CA ARG P 33 -63.74 -46.75 -32.77
C ARG P 33 -65.13 -46.53 -32.19
N VAL P 34 -66.07 -46.36 -33.12
CA VAL P 34 -67.48 -46.13 -32.79
C VAL P 34 -68.02 -47.28 -31.95
N ARG P 35 -67.71 -48.49 -32.41
CA ARG P 35 -68.14 -49.72 -31.76
C ARG P 35 -67.62 -49.77 -30.32
N ARG P 36 -66.33 -49.43 -30.20
CA ARG P 36 -65.64 -49.40 -28.91
C ARG P 36 -66.35 -48.45 -27.95
N LYS P 37 -66.65 -47.26 -28.49
CA LYS P 37 -67.33 -46.20 -27.74
C LYS P 37 -68.67 -46.70 -27.21
N PHE P 38 -69.40 -47.36 -28.12
CA PHE P 38 -70.71 -47.92 -27.80
C PHE P 38 -70.61 -48.92 -26.66
N ALA P 39 -69.60 -49.78 -26.77
CA ALA P 39 -69.33 -50.81 -25.77
C ALA P 39 -69.09 -50.17 -24.40
N ARG P 40 -68.29 -49.12 -24.34
CA ARG P 40 -68.01 -48.45 -23.05
C ARG P 40 -69.24 -47.76 -22.48
N GLY P 41 -69.18 -47.43 -21.19
CA GLY P 41 -70.33 -46.93 -20.43
C GLY P 41 -70.91 -45.61 -20.93
N LEU P 42 -72.15 -45.66 -21.42
CA LEU P 42 -72.86 -44.47 -21.92
C LEU P 42 -73.77 -43.89 -20.83
N SER P 43 -73.31 -42.79 -20.22
CA SER P 43 -74.10 -42.02 -19.25
C SER P 43 -73.81 -40.52 -19.44
N GLU P 44 -74.87 -39.75 -19.69
CA GLU P 44 -74.84 -38.29 -19.99
C GLU P 44 -74.56 -37.93 -21.46
N LYS P 45 -74.08 -38.86 -22.27
CA LYS P 45 -73.76 -38.58 -23.68
C LYS P 45 -75.00 -38.54 -24.59
N PRO P 46 -75.82 -39.62 -24.62
CA PRO P 46 -76.94 -39.69 -25.55
C PRO P 46 -78.30 -39.40 -24.86
N ALA P 47 -78.27 -38.58 -23.81
CA ALA P 47 -79.36 -38.53 -22.84
C ALA P 47 -80.21 -37.27 -22.99
N GLY P 48 -79.57 -36.13 -22.80
CA GLY P 48 -80.21 -34.83 -22.70
C GLY P 48 -80.23 -34.14 -24.06
N LEU P 49 -79.08 -34.17 -24.71
CA LEU P 49 -78.87 -33.59 -26.04
C LEU P 49 -79.86 -34.18 -27.03
N MET P 50 -79.94 -35.51 -26.99
CA MET P 50 -80.83 -36.28 -27.86
C MET P 50 -82.28 -35.83 -27.68
N LYS P 51 -82.65 -35.71 -26.41
CA LYS P 51 -84.00 -35.29 -26.01
C LYS P 51 -84.32 -33.92 -26.60
N LYS P 52 -83.34 -33.02 -26.44
CA LYS P 52 -83.44 -31.65 -26.94
C LYS P 52 -83.69 -31.65 -28.44
N LEU P 53 -82.89 -32.46 -29.13
CA LEU P 53 -82.96 -32.61 -30.59
C LEU P 53 -84.36 -33.06 -31.00
N ARG P 54 -84.86 -34.05 -30.28
CA ARG P 54 -86.18 -34.63 -30.52
C ARG P 54 -87.25 -33.55 -30.38
N ALA P 55 -87.13 -32.77 -29.32
CA ALA P 55 -88.04 -31.68 -29.01
C ALA P 55 -88.08 -30.67 -30.16
N ALA P 56 -86.87 -30.33 -30.62
CA ALA P 56 -86.68 -29.39 -31.71
C ALA P 56 -87.40 -29.89 -32.97
N LYS P 57 -87.20 -31.17 -33.24
CA LYS P 57 -87.79 -31.83 -34.40
C LYS P 57 -89.32 -31.74 -34.34
N LEU P 58 -89.83 -32.02 -33.15
CA LEU P 58 -91.27 -31.98 -32.88
C LEU P 58 -91.83 -30.58 -33.16
N SER P 59 -91.17 -29.57 -32.60
CA SER P 59 -91.68 -28.19 -32.56
C SER P 59 -91.10 -27.25 -33.61
N ALA P 60 -90.77 -27.80 -34.79
CA ALA P 60 -90.26 -27.00 -35.90
C ALA P 60 -91.44 -26.34 -36.65
N PRO P 61 -91.16 -25.34 -37.50
CA PRO P 61 -92.21 -24.80 -38.38
C PRO P 61 -92.62 -25.70 -39.57
N GLU P 62 -91.90 -26.82 -39.79
CA GLU P 62 -92.13 -27.76 -40.89
C GLU P 62 -91.56 -27.20 -42.20
N ASN P 63 -90.64 -27.95 -42.81
CA ASN P 63 -89.84 -27.55 -44.00
C ASN P 63 -88.58 -26.76 -43.63
N GLU P 64 -88.74 -25.73 -42.79
CA GLU P 64 -87.60 -24.97 -42.24
C GLU P 64 -86.79 -25.79 -41.23
N LYS P 65 -85.65 -25.25 -40.83
CA LYS P 65 -84.76 -25.89 -39.85
C LYS P 65 -85.43 -26.04 -38.47
N PRO P 66 -85.04 -27.08 -37.70
CA PRO P 66 -85.37 -27.09 -36.27
C PRO P 66 -84.56 -26.07 -35.46
N ALA P 67 -84.84 -25.99 -34.16
CA ALA P 67 -84.08 -25.13 -33.25
C ALA P 67 -82.64 -25.61 -33.10
N VAL P 68 -81.73 -24.67 -32.86
CA VAL P 68 -80.30 -24.96 -32.77
C VAL P 68 -79.99 -25.57 -31.40
N VAL P 69 -79.47 -26.79 -31.38
CA VAL P 69 -79.14 -27.47 -30.13
C VAL P 69 -77.64 -27.31 -29.83
N ARG P 70 -77.31 -26.52 -28.81
CA ARG P 70 -75.90 -26.28 -28.46
C ARG P 70 -75.26 -27.50 -27.79
N THR P 71 -73.96 -27.69 -28.07
CA THR P 71 -73.25 -28.90 -27.69
C THR P 71 -71.80 -28.65 -27.27
N HIS P 72 -71.51 -29.00 -26.01
CA HIS P 72 -70.14 -29.21 -25.53
C HIS P 72 -69.64 -30.57 -25.97
N LEU P 73 -70.50 -31.58 -25.83
CA LEU P 73 -70.15 -32.97 -26.12
C LEU P 73 -69.83 -33.13 -27.61
N ARG P 74 -68.67 -32.60 -27.98
CA ARG P 74 -68.15 -32.64 -29.33
C ARG P 74 -67.51 -34.00 -29.60
N ASN P 75 -67.20 -34.72 -28.53
CA ASN P 75 -66.86 -36.14 -28.58
C ASN P 75 -67.95 -37.06 -29.15
N MET P 76 -69.21 -36.64 -29.13
CA MET P 76 -70.29 -37.48 -29.66
C MET P 76 -70.24 -37.69 -31.17
N ILE P 77 -70.78 -38.83 -31.59
CA ILE P 77 -70.75 -39.28 -32.98
C ILE P 77 -72.11 -38.98 -33.60
N ILE P 78 -72.10 -38.64 -34.88
CA ILE P 78 -73.34 -38.35 -35.62
C ILE P 78 -74.02 -39.68 -35.97
N VAL P 79 -75.03 -40.03 -35.16
CA VAL P 79 -75.94 -41.15 -35.44
C VAL P 79 -77.12 -40.62 -36.28
N PRO P 80 -77.87 -41.52 -36.96
CA PRO P 80 -78.86 -41.04 -37.94
C PRO P 80 -80.16 -40.44 -37.37
N GLU P 81 -80.40 -40.58 -36.07
CA GLU P 81 -81.59 -40.01 -35.43
C GLU P 81 -81.78 -38.51 -35.63
N MET P 82 -80.66 -37.76 -35.64
CA MET P 82 -80.68 -36.30 -35.77
C MET P 82 -80.01 -35.78 -37.05
N ILE P 83 -80.32 -36.43 -38.18
CA ILE P 83 -79.95 -35.90 -39.50
C ILE P 83 -80.95 -34.80 -39.86
N GLY P 84 -80.45 -33.57 -40.04
CA GLY P 84 -81.29 -32.42 -40.36
C GLY P 84 -81.22 -31.29 -39.34
N SER P 85 -81.18 -31.66 -38.06
CA SER P 85 -81.14 -30.68 -36.97
C SER P 85 -79.77 -30.01 -36.86
N VAL P 86 -79.78 -28.75 -36.41
CA VAL P 86 -78.57 -27.93 -36.30
C VAL P 86 -77.99 -28.01 -34.89
N VAL P 87 -76.68 -28.24 -34.80
CA VAL P 87 -76.00 -28.41 -33.52
C VAL P 87 -74.85 -27.40 -33.33
N GLY P 88 -74.83 -26.75 -32.17
CA GLY P 88 -73.86 -25.70 -31.87
C GLY P 88 -72.61 -26.24 -31.20
N VAL P 89 -71.65 -26.69 -31.99
CA VAL P 89 -70.45 -27.36 -31.48
C VAL P 89 -69.53 -26.33 -30.80
N TYR P 90 -69.16 -26.60 -29.55
CA TYR P 90 -68.40 -25.64 -28.74
C TYR P 90 -66.89 -25.64 -29.04
N ASN P 91 -66.30 -24.45 -29.05
CA ASN P 91 -64.88 -24.22 -29.40
C ASN P 91 -64.22 -23.22 -28.46
N GLY P 92 -64.47 -23.33 -27.16
CA GLY P 92 -64.13 -22.27 -26.21
C GLY P 92 -64.98 -21.04 -26.45
N LYS P 93 -64.67 -20.30 -27.52
CA LYS P 93 -65.54 -19.24 -28.02
C LYS P 93 -66.47 -19.79 -29.10
N VAL P 94 -67.75 -19.39 -29.02
CA VAL P 94 -68.77 -19.69 -30.03
C VAL P 94 -69.25 -21.15 -30.02
N PHE P 95 -70.57 -21.32 -30.03
CA PHE P 95 -71.19 -22.61 -30.33
C PHE P 95 -71.39 -22.64 -31.85
N ASN P 96 -70.34 -23.06 -32.56
CA ASN P 96 -70.35 -23.06 -34.03
C ASN P 96 -71.46 -23.93 -34.60
N GLN P 97 -72.34 -23.32 -35.40
CA GLN P 97 -73.50 -24.02 -35.97
C GLN P 97 -73.07 -25.03 -37.03
N VAL P 98 -73.35 -26.30 -36.77
CA VAL P 98 -73.09 -27.40 -37.69
C VAL P 98 -74.44 -28.01 -38.09
N GLU P 99 -74.63 -28.14 -39.41
CA GLU P 99 -75.84 -28.72 -39.99
C GLU P 99 -75.56 -30.19 -40.27
N ILE P 100 -76.37 -31.07 -39.69
CA ILE P 100 -76.18 -32.52 -39.80
C ILE P 100 -76.88 -33.01 -41.07
N ARG P 101 -76.15 -33.76 -41.89
CA ARG P 101 -76.57 -34.17 -43.24
C ARG P 101 -76.59 -35.69 -43.36
N PRO P 102 -77.14 -36.22 -44.48
CA PRO P 102 -77.04 -37.66 -44.77
C PRO P 102 -75.61 -38.19 -45.08
N GLU P 103 -74.65 -37.30 -45.31
CA GLU P 103 -73.24 -37.68 -45.50
C GLU P 103 -72.36 -37.51 -44.26
N MET P 104 -72.77 -36.65 -43.31
CA MET P 104 -71.99 -36.41 -42.08
C MET P 104 -72.11 -37.56 -41.06
N VAL P 105 -72.37 -38.77 -41.54
CA VAL P 105 -72.91 -39.84 -40.71
C VAL P 105 -71.77 -40.72 -40.20
N GLY P 106 -71.71 -40.90 -38.88
CA GLY P 106 -70.66 -41.70 -38.24
C GLY P 106 -69.33 -40.98 -38.12
N HIS P 107 -69.39 -39.68 -37.85
CA HIS P 107 -68.21 -38.86 -37.57
C HIS P 107 -68.48 -38.01 -36.33
N TYR P 108 -67.42 -37.49 -35.75
CA TYR P 108 -67.51 -36.76 -34.47
C TYR P 108 -68.08 -35.37 -34.68
N LEU P 109 -68.78 -34.84 -33.66
CA LEU P 109 -69.28 -33.46 -33.73
C LEU P 109 -68.14 -32.44 -33.74
N GLY P 110 -67.07 -32.73 -32.99
CA GLY P 110 -65.91 -31.83 -32.90
C GLY P 110 -65.11 -31.64 -34.17
N GLU P 111 -65.19 -32.59 -35.09
CA GLU P 111 -64.46 -32.52 -36.36
C GLU P 111 -65.22 -31.77 -37.49
N PHE P 112 -66.24 -30.98 -37.13
CA PHE P 112 -66.95 -30.09 -38.07
C PHE P 112 -66.99 -28.63 -37.60
N SER P 113 -66.11 -28.29 -36.65
CA SER P 113 -66.12 -26.96 -36.02
C SER P 113 -64.81 -26.18 -36.21
N ILE P 114 -63.68 -26.83 -35.87
CA ILE P 114 -62.33 -26.24 -35.92
C ILE P 114 -62.17 -25.12 -34.87
N THR P 115 -61.31 -25.36 -33.88
CA THR P 115 -61.17 -24.47 -32.72
C THR P 115 -60.36 -23.22 -33.03
N TYR P 116 -59.18 -23.41 -33.63
CA TYR P 116 -58.35 -22.31 -34.11
C TYR P 116 -58.92 -21.64 -35.36
N THR P 117 -58.45 -20.43 -35.64
CA THR P 117 -58.66 -19.79 -36.93
C THR P 117 -57.42 -20.08 -37.79
N PRO P 118 -57.60 -20.66 -38.99
CA PRO P 118 -56.46 -21.16 -39.79
C PRO P 118 -55.47 -20.10 -40.26
N VAL P 119 -54.28 -20.54 -40.66
CA VAL P 119 -53.12 -19.67 -40.85
C VAL P 119 -53.24 -18.83 -42.14
N ARG P 120 -52.71 -17.60 -42.09
CA ARG P 120 -52.74 -16.65 -43.21
C ARG P 120 -51.31 -16.40 -43.75
N HIS P 121 -51.01 -15.18 -44.23
CA HIS P 121 -49.68 -14.80 -44.75
C HIS P 121 -49.32 -15.52 -46.05
N GLY P 122 -49.03 -16.81 -45.96
CA GLY P 122 -48.77 -17.65 -47.14
C GLY P 122 -49.35 -19.04 -46.94
N ARG P 123 -50.23 -19.46 -47.86
CA ARG P 123 -50.87 -20.78 -47.78
C ARG P 123 -49.92 -21.88 -48.24
N THR Q 1 -13.78 -91.25 -9.85
CA THR Q 1 -12.73 -92.34 -9.89
C THR Q 1 -11.69 -92.10 -10.99
N VAL Q 2 -12.18 -91.86 -12.21
CA VAL Q 2 -11.31 -91.59 -13.37
C VAL Q 2 -10.60 -90.23 -13.21
N PRO Q 3 -9.43 -90.05 -13.88
CA PRO Q 3 -8.75 -88.76 -13.78
C PRO Q 3 -9.45 -87.70 -14.61
N SER Q 4 -9.82 -86.59 -13.98
CA SER Q 4 -10.58 -85.53 -14.65
C SER Q 4 -10.39 -84.16 -14.02
N VAL Q 5 -10.61 -83.11 -14.82
CA VAL Q 5 -10.52 -81.72 -14.34
C VAL Q 5 -11.62 -80.87 -14.97
N GLN Q 6 -12.02 -79.80 -14.28
CA GLN Q 6 -12.96 -78.80 -14.80
C GLN Q 6 -12.18 -77.50 -14.97
N THR Q 7 -11.94 -77.10 -16.21
CA THR Q 7 -11.21 -75.87 -16.51
C THR Q 7 -12.11 -74.83 -17.14
N PHE Q 8 -12.18 -73.65 -16.50
CA PHE Q 8 -13.01 -72.55 -16.98
C PHE Q 8 -12.22 -71.70 -17.97
N GLY Q 9 -12.93 -71.09 -18.92
CA GLY Q 9 -12.37 -70.15 -19.90
C GLY Q 9 -13.28 -68.94 -20.03
N LYS Q 10 -12.73 -67.80 -20.45
CA LYS Q 10 -13.48 -66.54 -20.36
C LYS Q 10 -13.06 -65.49 -21.40
N LYS Q 11 -14.02 -64.62 -21.74
CA LYS Q 11 -13.80 -63.49 -22.65
C LYS Q 11 -14.97 -62.49 -22.49
N LYS Q 12 -14.66 -61.26 -22.08
CA LYS Q 12 -15.67 -60.24 -21.73
C LYS Q 12 -16.64 -60.77 -20.66
N SER Q 13 -17.89 -61.08 -21.04
CA SER Q 13 -18.85 -61.76 -20.17
C SER Q 13 -19.08 -63.23 -20.58
N ALA Q 14 -18.49 -63.65 -21.70
CA ALA Q 14 -18.57 -65.05 -22.13
C ALA Q 14 -17.82 -65.93 -21.15
N THR Q 15 -18.39 -67.10 -20.89
CA THR Q 15 -17.85 -68.06 -19.94
C THR Q 15 -17.96 -69.45 -20.54
N ALA Q 16 -16.93 -70.27 -20.33
CA ALA Q 16 -16.93 -71.66 -20.75
C ALA Q 16 -16.41 -72.51 -19.60
N VAL Q 17 -16.96 -73.72 -19.46
CA VAL Q 17 -16.46 -74.71 -18.50
C VAL Q 17 -16.20 -76.00 -19.25
N ALA Q 18 -14.92 -76.36 -19.35
CA ALA Q 18 -14.46 -77.55 -20.07
C ALA Q 18 -14.14 -78.66 -19.08
N HIS Q 19 -14.90 -79.75 -19.17
CA HIS Q 19 -14.63 -80.97 -18.42
C HIS Q 19 -13.70 -81.86 -19.22
N VAL Q 20 -12.46 -82.00 -18.71
CA VAL Q 20 -11.47 -82.92 -19.30
C VAL Q 20 -11.45 -84.23 -18.50
N LYS Q 21 -11.44 -85.34 -19.23
CA LYS Q 21 -11.44 -86.70 -18.66
C LYS Q 21 -10.45 -87.57 -19.44
N ALA Q 22 -10.36 -88.85 -19.06
CA ALA Q 22 -9.71 -89.88 -19.89
C ALA Q 22 -10.76 -90.58 -20.77
N GLY Q 23 -10.31 -91.17 -21.87
CA GLY Q 23 -11.19 -91.94 -22.76
C GLY Q 23 -10.69 -92.07 -24.19
N LYS Q 24 -11.62 -92.10 -25.14
CA LYS Q 24 -11.31 -92.28 -26.57
C LYS Q 24 -10.78 -91.00 -27.21
N GLY Q 25 -11.54 -89.92 -27.09
CA GLY Q 25 -11.12 -88.60 -27.58
C GLY Q 25 -12.25 -87.73 -28.06
N LEU Q 26 -13.17 -87.40 -27.16
CA LEU Q 26 -14.24 -86.44 -27.44
C LEU Q 26 -13.68 -85.03 -27.28
N ILE Q 27 -14.08 -84.14 -28.18
CA ILE Q 27 -13.96 -82.69 -27.94
C ILE Q 27 -15.32 -82.12 -28.26
N LYS Q 28 -16.20 -82.04 -27.25
CA LYS Q 28 -17.58 -81.58 -27.46
C LYS Q 28 -17.86 -80.22 -26.81
N VAL Q 29 -18.83 -79.51 -27.37
CA VAL Q 29 -19.21 -78.17 -26.92
C VAL Q 29 -20.73 -78.08 -26.92
N ASN Q 30 -21.32 -77.87 -25.74
CA ASN Q 30 -22.79 -77.84 -25.55
C ASN Q 30 -23.50 -79.10 -26.08
N GLY Q 31 -22.82 -80.25 -26.00
CA GLY Q 31 -23.33 -81.50 -26.57
C GLY Q 31 -22.80 -81.78 -27.98
N SER Q 32 -22.84 -80.77 -28.84
CA SER Q 32 -22.37 -80.90 -30.22
C SER Q 32 -20.84 -81.02 -30.31
N PRO Q 33 -20.31 -81.57 -31.42
CA PRO Q 33 -18.86 -81.74 -31.55
C PRO Q 33 -18.07 -80.44 -31.75
N ILE Q 34 -16.75 -80.56 -31.67
CA ILE Q 34 -15.82 -79.44 -31.92
C ILE Q 34 -15.96 -78.81 -33.30
N THR Q 35 -16.30 -79.62 -34.31
CA THR Q 35 -16.28 -79.21 -35.71
C THR Q 35 -17.26 -78.09 -36.08
N LEU Q 36 -18.41 -78.01 -35.40
CA LEU Q 36 -19.46 -77.05 -35.76
C LEU Q 36 -19.18 -75.64 -35.24
N VAL Q 37 -19.45 -75.37 -33.96
CA VAL Q 37 -19.36 -74.02 -33.37
C VAL Q 37 -20.30 -73.00 -34.05
N GLN Q 38 -20.03 -72.69 -35.32
CA GLN Q 38 -20.98 -72.05 -36.27
C GLN Q 38 -20.97 -70.51 -36.42
N PRO Q 39 -20.00 -69.80 -35.81
CA PRO Q 39 -19.54 -68.58 -36.48
C PRO Q 39 -18.74 -68.89 -37.76
N GLU Q 40 -18.17 -70.10 -37.81
CA GLU Q 40 -17.65 -70.75 -39.04
C GLU Q 40 -16.27 -70.28 -39.49
N ILE Q 41 -16.03 -68.97 -39.48
CA ILE Q 41 -14.69 -68.43 -39.70
C ILE Q 41 -13.76 -68.67 -38.48
N LEU Q 42 -14.32 -68.64 -37.28
CA LEU Q 42 -13.56 -68.82 -36.03
C LEU Q 42 -13.52 -70.25 -35.48
N ARG Q 43 -14.20 -71.19 -36.15
CA ARG Q 43 -13.97 -72.65 -36.06
C ARG Q 43 -12.46 -72.93 -35.98
N PHE Q 44 -11.73 -72.26 -36.88
CA PHE Q 44 -10.29 -72.39 -36.97
C PHE Q 44 -9.64 -72.01 -35.64
N LYS Q 45 -10.11 -70.90 -35.07
CA LYS Q 45 -9.60 -70.40 -33.79
C LYS Q 45 -9.82 -71.44 -32.70
N VAL Q 46 -11.01 -72.02 -32.69
CA VAL Q 46 -11.39 -73.04 -31.73
C VAL Q 46 -10.45 -74.24 -31.82
N TYR Q 47 -10.20 -74.65 -33.07
CA TYR Q 47 -9.31 -75.76 -33.36
C TYR Q 47 -7.90 -75.49 -32.80
N GLU Q 48 -7.49 -74.21 -32.81
CA GLU Q 48 -6.13 -73.70 -32.99
C GLU Q 48 -5.20 -74.33 -31.97
N PRO Q 49 -5.65 -74.32 -30.70
CA PRO Q 49 -4.87 -74.87 -29.59
C PRO Q 49 -4.56 -76.34 -29.85
N LEU Q 50 -5.60 -77.06 -30.27
CA LEU Q 50 -5.50 -78.49 -30.56
C LEU Q 50 -4.44 -78.74 -31.64
N LEU Q 51 -4.53 -77.92 -32.68
CA LEU Q 51 -3.61 -78.00 -33.81
C LEU Q 51 -2.16 -77.80 -33.34
N LEU Q 52 -1.99 -76.78 -32.50
CA LEU Q 52 -0.69 -76.44 -31.94
C LEU Q 52 -0.12 -77.63 -31.16
N VAL Q 53 -0.98 -78.23 -30.35
CA VAL Q 53 -0.58 -79.32 -29.53
C VAL Q 53 -0.16 -80.53 -30.38
N GLY Q 54 -1.03 -80.86 -31.34
CA GLY Q 54 -0.99 -82.12 -32.08
C GLY Q 54 -2.17 -82.99 -31.68
N LEU Q 55 -2.71 -83.75 -32.63
CA LEU Q 55 -3.89 -84.60 -32.38
C LEU Q 55 -3.61 -85.78 -31.42
N ASP Q 56 -2.34 -86.14 -31.27
CA ASP Q 56 -1.89 -87.21 -30.35
C ASP Q 56 -2.33 -87.07 -28.88
N LYS Q 57 -2.41 -85.83 -28.38
CA LYS Q 57 -2.75 -85.58 -26.97
C LYS Q 57 -4.22 -85.87 -26.65
N PHE Q 58 -5.08 -85.80 -27.66
CA PHE Q 58 -6.53 -86.03 -27.51
C PHE Q 58 -6.94 -87.50 -27.66
N ALA Q 59 -6.00 -88.36 -28.05
CA ALA Q 59 -6.24 -89.81 -28.08
C ALA Q 59 -6.50 -90.39 -26.69
N ASN Q 60 -5.98 -89.73 -25.66
CA ASN Q 60 -6.27 -90.06 -24.26
C ASN Q 60 -7.32 -89.14 -23.64
N ILE Q 61 -7.16 -87.83 -23.83
CA ILE Q 61 -7.96 -86.82 -23.12
C ILE Q 61 -9.31 -86.60 -23.82
N ASP Q 62 -10.37 -86.45 -23.01
CA ASP Q 62 -11.75 -86.26 -23.48
C ASP Q 62 -12.33 -84.95 -22.91
N ILE Q 63 -12.48 -83.94 -23.77
CA ILE Q 63 -13.00 -82.63 -23.36
C ILE Q 63 -14.48 -82.50 -23.74
N ARG Q 64 -15.29 -82.05 -22.78
CA ARG Q 64 -16.67 -81.63 -23.07
C ARG Q 64 -17.00 -80.32 -22.34
N VAL Q 65 -17.44 -79.33 -23.11
CA VAL Q 65 -17.52 -77.94 -22.67
C VAL Q 65 -18.97 -77.48 -22.58
N LYS Q 66 -19.25 -76.62 -21.60
CA LYS Q 66 -20.52 -75.89 -21.52
C LYS Q 66 -20.27 -74.39 -21.50
N VAL Q 67 -20.97 -73.67 -22.38
CA VAL Q 67 -20.67 -72.28 -22.71
C VAL Q 67 -21.89 -71.40 -22.45
N THR Q 68 -21.65 -70.25 -21.82
CA THR Q 68 -22.70 -69.28 -21.51
C THR Q 68 -22.15 -67.85 -21.65
N GLY Q 69 -23.03 -66.86 -21.54
CA GLY Q 69 -22.63 -65.47 -21.59
C GLY Q 69 -22.15 -65.00 -22.96
N GLY Q 70 -21.72 -63.74 -23.02
CA GLY Q 70 -21.13 -63.16 -24.23
C GLY Q 70 -22.06 -63.07 -25.43
N GLY Q 71 -21.47 -62.84 -26.61
CA GLY Q 71 -22.16 -62.94 -27.91
C GLY Q 71 -21.76 -64.25 -28.56
N HIS Q 72 -21.32 -64.22 -29.82
CA HIS Q 72 -20.89 -65.47 -30.45
C HIS Q 72 -19.39 -65.61 -30.45
N VAL Q 73 -18.76 -64.56 -30.97
CA VAL Q 73 -17.29 -64.50 -31.08
C VAL Q 73 -16.65 -64.66 -29.70
N SER Q 74 -17.21 -63.91 -28.75
CA SER Q 74 -16.74 -63.92 -27.37
C SER Q 74 -16.82 -65.32 -26.78
N GLN Q 75 -17.96 -65.95 -27.03
CA GLN Q 75 -18.24 -67.31 -26.56
C GLN Q 75 -17.19 -68.27 -27.10
N VAL Q 76 -16.94 -68.13 -28.40
CA VAL Q 76 -15.95 -68.95 -29.12
C VAL Q 76 -14.58 -68.82 -28.47
N TYR Q 77 -14.22 -67.57 -28.21
CA TYR Q 77 -12.94 -67.23 -27.59
C TYR Q 77 -12.80 -67.91 -26.23
N ALA Q 78 -13.87 -67.81 -25.46
CA ALA Q 78 -13.96 -68.40 -24.13
C ALA Q 78 -13.72 -69.90 -24.20
N ILE Q 79 -14.40 -70.52 -25.16
CA ILE Q 79 -14.32 -71.96 -25.41
C ILE Q 79 -12.87 -72.36 -25.68
N ARG Q 80 -12.26 -71.58 -26.56
CA ARG Q 80 -10.87 -71.80 -26.98
C ARG Q 80 -9.94 -71.76 -25.77
N GLN Q 81 -10.17 -70.73 -24.94
CA GLN Q 81 -9.39 -70.52 -23.73
C GLN Q 81 -9.49 -71.73 -22.81
N ALA Q 82 -10.72 -72.19 -22.65
CA ALA Q 82 -11.04 -73.34 -21.81
C ALA Q 82 -10.28 -74.57 -22.29
N ILE Q 83 -10.33 -74.76 -23.61
CA ILE Q 83 -9.66 -75.88 -24.27
C ILE Q 83 -8.15 -75.85 -23.97
N ALA Q 84 -7.60 -74.66 -24.12
CA ALA Q 84 -6.17 -74.41 -23.89
C ALA Q 84 -5.81 -74.79 -22.46
N LYS Q 85 -6.65 -74.35 -21.54
CA LYS Q 85 -6.45 -74.61 -20.11
C LYS Q 85 -6.43 -76.09 -19.84
N GLY Q 86 -7.40 -76.77 -20.45
CA GLY Q 86 -7.82 -78.07 -19.95
C GLY Q 86 -6.71 -79.09 -20.07
N LEU Q 87 -6.13 -79.11 -21.26
CA LEU Q 87 -5.03 -80.01 -21.61
C LEU Q 87 -3.86 -79.82 -20.65
N VAL Q 88 -3.54 -78.54 -20.45
CA VAL Q 88 -2.44 -78.13 -19.58
C VAL Q 88 -2.68 -78.65 -18.16
N ALA Q 89 -3.91 -78.46 -17.70
CA ALA Q 89 -4.33 -78.89 -16.37
C ALA Q 89 -4.14 -80.39 -16.22
N TYR Q 90 -4.59 -81.11 -17.24
CA TYR Q 90 -4.49 -82.57 -17.29
C TYR Q 90 -3.04 -83.01 -17.15
N HIS Q 91 -2.20 -82.33 -17.93
CA HIS Q 91 -0.77 -82.62 -17.95
C HIS Q 91 -0.16 -82.43 -16.57
N GLN Q 92 -0.54 -81.33 -15.94
CA GLN Q 92 -0.09 -80.96 -14.60
C GLN Q 92 -0.46 -82.06 -13.60
N LYS Q 93 -1.71 -82.50 -13.72
CA LYS Q 93 -2.25 -83.54 -12.85
C LYS Q 93 -1.55 -84.90 -13.00
N PHE Q 94 -1.64 -85.46 -14.21
CA PHE Q 94 -1.47 -86.91 -14.42
C PHE Q 94 -0.34 -87.33 -15.38
N VAL Q 95 0.38 -86.36 -15.91
CA VAL Q 95 1.40 -86.59 -16.95
C VAL Q 95 2.68 -85.88 -16.49
N ASP Q 96 3.78 -86.12 -17.21
CA ASP Q 96 5.03 -85.38 -17.00
C ASP Q 96 4.86 -83.86 -17.05
N GLU Q 97 5.68 -83.17 -16.25
CA GLU Q 97 5.70 -81.72 -16.19
C GLU Q 97 6.36 -81.09 -17.41
N GLN Q 98 7.33 -81.80 -17.98
CA GLN Q 98 8.09 -81.36 -19.14
C GLN Q 98 7.14 -81.05 -20.29
N SER Q 99 6.22 -81.99 -20.51
CA SER Q 99 5.22 -81.89 -21.57
C SER Q 99 4.39 -80.61 -21.40
N LYS Q 100 3.97 -80.40 -20.16
CA LYS Q 100 3.16 -79.25 -19.78
C LYS Q 100 3.90 -77.96 -20.11
N ASN Q 101 5.18 -77.94 -19.73
CA ASN Q 101 6.06 -76.81 -19.95
C ASN Q 101 6.16 -76.49 -21.43
N GLU Q 102 6.34 -77.55 -22.21
CA GLU Q 102 6.45 -77.47 -23.67
C GLU Q 102 5.19 -76.82 -24.25
N LEU Q 103 4.06 -77.31 -23.77
CA LEU Q 103 2.74 -76.84 -24.20
C LEU Q 103 2.61 -75.34 -23.94
N LYS Q 104 3.02 -74.96 -22.72
CA LYS Q 104 2.98 -73.57 -22.28
C LYS Q 104 3.80 -72.69 -23.21
N LYS Q 105 5.00 -73.18 -23.52
CA LYS Q 105 5.94 -72.49 -24.40
C LYS Q 105 5.31 -72.26 -25.76
N ALA Q 106 4.69 -73.32 -26.27
CA ALA Q 106 4.01 -73.31 -27.56
C ALA Q 106 2.93 -72.22 -27.58
N PHE Q 107 2.15 -72.22 -26.51
CA PHE Q 107 1.05 -71.27 -26.33
C PHE Q 107 1.59 -69.83 -26.38
N THR Q 108 2.68 -69.63 -25.65
CA THR Q 108 3.34 -68.33 -25.56
C THR Q 108 3.77 -67.87 -26.96
N SER Q 109 4.37 -68.80 -27.69
CA SER Q 109 4.84 -68.54 -29.04
C SER Q 109 3.68 -68.09 -29.94
N TYR Q 110 2.53 -68.76 -29.84
CA TYR Q 110 1.33 -68.38 -30.60
C TYR Q 110 0.24 -67.86 -29.65
N ASP Q 111 0.62 -66.94 -28.76
CA ASP Q 111 -0.29 -66.43 -27.72
C ASP Q 111 -1.31 -65.47 -28.28
N ARG Q 112 -2.50 -66.01 -28.48
CA ARG Q 112 -3.69 -65.22 -28.72
C ARG Q 112 -4.52 -65.39 -27.45
N THR Q 113 -3.95 -64.88 -26.34
CA THR Q 113 -4.45 -65.07 -24.96
C THR Q 113 -4.30 -66.54 -24.50
N LEU Q 114 -5.26 -67.38 -24.85
CA LEU Q 114 -5.25 -68.83 -24.54
C LEU Q 114 -5.18 -69.18 -23.04
N LEU Q 115 -3.96 -69.16 -22.46
CA LEU Q 115 -3.77 -69.49 -21.04
C LEU Q 115 -4.03 -68.26 -20.17
N ILE Q 116 -3.51 -67.13 -20.60
CA ILE Q 116 -3.77 -65.84 -19.96
C ILE Q 116 -5.21 -65.47 -20.28
N ALA Q 117 -6.00 -65.23 -19.23
CA ALA Q 117 -7.37 -64.72 -19.40
C ALA Q 117 -7.32 -63.27 -19.84
N ASP Q 118 -8.24 -62.88 -20.74
CA ASP Q 118 -8.24 -61.54 -21.31
C ASP Q 118 -8.66 -60.51 -20.26
N SER Q 119 -7.89 -59.43 -20.18
CA SER Q 119 -7.97 -58.47 -19.07
C SER Q 119 -9.18 -57.53 -19.14
N ARG Q 120 -9.69 -57.31 -20.35
CA ARG Q 120 -10.54 -56.15 -20.63
C ARG Q 120 -12.01 -56.42 -20.38
N ARG Q 121 -12.61 -55.63 -19.49
CA ARG Q 121 -14.06 -55.54 -19.35
C ARG Q 121 -14.51 -54.14 -19.79
N PRO Q 122 -15.77 -54.01 -20.24
CA PRO Q 122 -16.22 -52.73 -20.77
C PRO Q 122 -16.35 -51.60 -19.75
N GLU Q 123 -16.26 -50.36 -20.25
CA GLU Q 123 -16.29 -49.16 -19.41
C GLU Q 123 -17.73 -48.72 -19.17
N PRO Q 124 -18.03 -48.17 -17.97
CA PRO Q 124 -19.37 -47.62 -17.75
C PRO Q 124 -19.70 -46.40 -18.61
N LYS Q 125 -20.91 -46.38 -19.17
CA LYS Q 125 -21.33 -45.32 -20.09
C LYS Q 125 -21.83 -44.12 -19.28
N LYS Q 126 -20.88 -43.38 -18.69
CA LYS Q 126 -21.21 -42.27 -17.78
C LYS Q 126 -21.98 -41.15 -18.49
N PHE Q 127 -22.82 -40.46 -17.73
CA PHE Q 127 -23.78 -39.49 -18.27
C PHE Q 127 -23.13 -38.33 -19.02
N GLY Q 128 -23.95 -37.64 -19.82
CA GLY Q 128 -23.49 -36.58 -20.70
C GLY Q 128 -22.94 -37.08 -22.03
N GLY Q 129 -23.12 -38.36 -22.30
CA GLY Q 129 -22.57 -39.00 -23.50
C GLY Q 129 -23.26 -40.32 -23.82
N ARG Q 130 -23.31 -40.65 -25.10
CA ARG Q 130 -23.99 -41.87 -25.56
C ARG Q 130 -23.14 -43.12 -25.32
N GLY Q 131 -21.82 -42.98 -25.41
CA GLY Q 131 -20.87 -44.02 -24.99
C GLY Q 131 -20.22 -43.67 -23.67
N ALA Q 132 -19.08 -44.29 -23.38
CA ALA Q 132 -18.31 -44.00 -22.17
C ALA Q 132 -17.55 -42.68 -22.28
N ARG Q 133 -16.61 -42.62 -23.22
CA ARG Q 133 -15.78 -41.43 -23.42
C ARG Q 133 -16.47 -40.37 -24.28
N SER Q 134 -17.15 -40.83 -25.34
CA SER Q 134 -17.85 -39.94 -26.27
C SER Q 134 -18.93 -39.12 -25.57
N ARG Q 135 -19.01 -37.85 -25.92
CA ARG Q 135 -20.06 -36.95 -25.42
C ARG Q 135 -21.10 -36.72 -26.51
N PHE Q 136 -22.14 -35.94 -26.19
CA PHE Q 136 -23.24 -35.66 -27.13
C PHE Q 136 -22.78 -34.79 -28.30
N GLN Q 137 -23.12 -33.50 -28.30
CA GLN Q 137 -22.72 -32.58 -29.37
C GLN Q 137 -23.04 -31.15 -28.93
N LYS Q 138 -22.01 -30.37 -28.63
CA LYS Q 138 -22.20 -28.97 -28.25
C LYS Q 138 -22.47 -28.12 -29.49
N SER Q 139 -23.13 -26.99 -29.24
CA SER Q 139 -23.37 -25.99 -30.27
C SER Q 139 -23.48 -24.64 -29.59
N TYR Q 140 -22.71 -23.67 -30.10
CA TYR Q 140 -22.70 -22.31 -29.56
C TYR Q 140 -22.79 -21.34 -30.72
N ARG Q 141 -23.92 -21.43 -31.42
CA ARG Q 141 -24.18 -20.70 -32.66
C ARG Q 141 -25.26 -19.65 -32.45
N GLY R 1 1.64 -40.77 -14.54
CA GLY R 1 2.45 -40.07 -13.48
C GLY R 1 2.48 -40.81 -12.17
N ARG R 2 3.44 -41.74 -12.05
CA ARG R 2 3.62 -42.54 -10.85
C ARG R 2 4.64 -41.90 -9.91
N VAL R 3 4.36 -40.66 -9.52
CA VAL R 3 5.20 -39.94 -8.58
C VAL R 3 4.66 -40.29 -7.21
N ARG R 4 5.46 -41.00 -6.42
CA ARG R 4 5.03 -41.44 -5.10
C ARG R 4 4.88 -40.21 -4.24
N THR R 5 3.72 -40.09 -3.58
CA THR R 5 3.34 -38.87 -2.89
C THR R 5 4.26 -38.52 -1.72
N LYS R 6 4.08 -37.29 -1.24
CA LYS R 6 5.00 -36.64 -0.30
C LYS R 6 4.91 -37.31 1.04
N THR R 7 3.68 -37.52 1.49
CA THR R 7 3.38 -38.15 2.79
C THR R 7 4.04 -39.53 2.87
N VAL R 8 3.84 -40.28 1.78
CA VAL R 8 4.38 -41.64 1.65
C VAL R 8 5.88 -41.62 1.80
N LYS R 9 6.49 -40.68 1.08
CA LYS R 9 7.94 -40.49 1.07
C LYS R 9 8.45 -40.23 2.49
N ARG R 10 7.75 -39.33 3.16
CA ARG R 10 8.05 -38.93 4.53
C ARG R 10 8.04 -40.14 5.45
N ALA R 11 6.99 -40.93 5.30
CA ALA R 11 6.77 -42.14 6.08
C ALA R 11 7.95 -43.10 5.90
N SER R 12 8.31 -43.27 4.63
CA SER R 12 9.42 -44.15 4.24
C SER R 12 10.71 -43.71 4.93
N LYS R 13 10.94 -42.40 4.87
CA LYS R 13 12.12 -41.78 5.45
C LYS R 13 12.18 -42.08 6.95
N ALA R 14 11.03 -41.89 7.59
CA ALA R 14 10.88 -42.11 9.03
C ALA R 14 11.24 -43.55 9.38
N LEU R 15 10.70 -44.46 8.57
CA LEU R 15 10.92 -45.90 8.73
C LEU R 15 12.41 -46.21 8.67
N ILE R 16 13.05 -45.62 7.66
CA ILE R 16 14.47 -45.81 7.42
C ILE R 16 15.28 -45.34 8.64
N GLU R 17 14.90 -44.17 9.14
CA GLU R 17 15.53 -43.56 10.31
C GLU R 17 15.44 -44.51 11.51
N LYS R 18 14.24 -45.05 11.69
CA LYS R 18 13.96 -45.92 12.80
C LYS R 18 14.66 -47.29 12.75
N TYR R 19 14.41 -48.00 11.65
CA TYR R 19 14.73 -49.42 11.51
C TYR R 19 15.51 -49.67 10.21
N TYR R 20 16.71 -49.11 10.10
CA TYR R 20 17.57 -49.43 8.95
C TYR R 20 17.87 -50.94 8.87
N PRO R 21 18.29 -51.56 10.00
CA PRO R 21 18.26 -53.02 10.03
C PRO R 21 16.83 -53.47 10.27
N LYS R 22 16.48 -54.68 9.80
CA LYS R 22 15.09 -55.12 9.62
C LYS R 22 14.43 -54.36 8.46
N LEU R 23 15.16 -54.22 7.35
CA LEU R 23 14.61 -53.71 6.08
C LEU R 23 15.43 -54.28 4.93
N THR R 24 15.20 -55.56 4.65
CA THR R 24 15.97 -56.30 3.66
C THR R 24 15.43 -56.09 2.25
N MET R 25 16.15 -55.28 1.46
CA MET R 25 15.99 -55.14 -0.01
C MET R 25 14.67 -55.63 -0.64
N ASP R 26 14.40 -56.93 -0.54
CA ASP R 26 13.19 -57.53 -1.14
C ASP R 26 11.91 -57.01 -0.49
N PHE R 27 10.80 -57.19 -1.20
CA PHE R 27 9.67 -56.31 -1.04
C PHE R 27 8.65 -56.77 -0.05
N GLN R 28 8.26 -58.04 -0.18
CA GLN R 28 7.20 -58.63 0.65
C GLN R 28 7.58 -58.52 2.12
N THR R 29 8.83 -58.88 2.40
CA THR R 29 9.38 -58.85 3.75
C THR R 29 9.29 -57.44 4.32
N ASN R 30 9.71 -56.49 3.49
CA ASN R 30 9.71 -55.07 3.84
C ASN R 30 8.29 -54.62 4.22
N LYS R 31 7.35 -55.02 3.38
CA LYS R 31 5.93 -54.71 3.54
C LYS R 31 5.44 -55.21 4.90
N ARG R 32 5.81 -56.47 5.17
CA ARG R 32 5.43 -57.15 6.40
C ARG R 32 5.94 -56.37 7.61
N LEU R 33 7.20 -55.98 7.51
CA LEU R 33 7.89 -55.23 8.55
C LEU R 33 7.14 -53.92 8.84
N CYS R 34 6.79 -53.24 7.74
CA CYS R 34 6.07 -51.97 7.79
C CYS R 34 4.74 -52.15 8.53
N ASP R 35 4.05 -53.22 8.16
CA ASP R 35 2.75 -53.56 8.74
C ASP R 35 2.89 -53.76 10.25
N GLU R 36 3.93 -54.50 10.62
CA GLU R 36 4.24 -54.79 12.01
C GLU R 36 4.44 -53.50 12.80
N ILE R 37 5.22 -52.61 12.19
CA ILE R 37 5.58 -51.34 12.78
C ILE R 37 4.53 -50.24 12.94
N ALA R 38 4.21 -49.62 11.81
CA ALA R 38 3.45 -48.37 11.77
C ALA R 38 2.00 -48.66 11.50
N THR R 39 1.14 -47.76 11.96
CA THR R 39 -0.30 -47.94 11.89
C THR R 39 -0.85 -47.36 10.59
N ILE R 40 -0.64 -48.09 9.49
CA ILE R 40 -1.22 -47.72 8.20
C ILE R 40 -2.64 -48.29 8.17
N GLN R 41 -3.62 -47.41 7.97
CA GLN R 41 -5.02 -47.80 7.91
C GLN R 41 -5.33 -48.52 6.59
N SER R 42 -4.88 -47.92 5.49
CA SER R 42 -5.04 -48.49 4.15
C SER R 42 -4.13 -49.69 3.92
N LYS R 43 -4.35 -50.37 2.79
CA LYS R 43 -3.49 -51.46 2.32
C LYS R 43 -2.58 -50.97 1.21
N ARG R 44 -3.21 -50.30 0.25
CA ARG R 44 -2.53 -49.74 -0.93
C ARG R 44 -1.42 -48.80 -0.49
N LEU R 45 -1.78 -47.92 0.45
CA LEU R 45 -0.86 -46.93 1.01
C LEU R 45 0.35 -47.62 1.62
N ARG R 46 0.06 -48.65 2.41
CA ARG R 46 1.08 -49.44 3.09
C ARG R 46 2.05 -50.03 2.07
N ASN R 47 1.47 -50.60 1.01
CA ASN R 47 2.23 -51.22 -0.08
C ASN R 47 3.18 -50.21 -0.70
N LYS R 48 2.63 -49.02 -0.96
CA LYS R 48 3.37 -47.91 -1.55
C LYS R 48 4.57 -47.55 -0.68
N ILE R 49 4.29 -47.45 0.61
CA ILE R 49 5.30 -47.11 1.62
C ILE R 49 6.44 -48.13 1.58
N ALA R 50 6.03 -49.40 1.54
CA ALA R 50 6.96 -50.53 1.50
C ALA R 50 7.88 -50.41 0.28
N GLY R 51 7.25 -50.13 -0.85
CA GLY R 51 7.95 -49.97 -2.13
C GLY R 51 9.00 -48.87 -2.02
N TYR R 52 8.57 -47.75 -1.44
CA TYR R 52 9.42 -46.58 -1.26
C TYR R 52 10.65 -46.96 -0.41
N THR R 53 10.37 -47.69 0.66
CA THR R 53 11.41 -48.14 1.59
C THR R 53 12.44 -48.99 0.85
N THR R 54 11.91 -49.91 0.03
CA THR R 54 12.73 -50.81 -0.76
C THR R 54 13.66 -50.02 -1.69
N HIS R 55 13.07 -49.03 -2.34
CA HIS R 55 13.77 -48.15 -3.26
C HIS R 55 14.93 -47.44 -2.55
N LEU R 56 14.61 -46.94 -1.37
CA LEU R 56 15.57 -46.22 -0.53
C LEU R 56 16.75 -47.13 -0.19
N MET R 57 16.41 -48.36 0.19
CA MET R 57 17.39 -49.38 0.55
C MET R 57 18.33 -49.64 -0.62
N LYS R 58 17.73 -49.78 -1.80
CA LYS R 58 18.46 -50.03 -3.04
C LYS R 58 19.46 -48.89 -3.29
N ARG R 59 18.96 -47.67 -3.12
CA ARG R 59 19.75 -46.46 -3.32
C ARG R 59 20.97 -46.47 -2.40
N ILE R 60 20.69 -46.80 -1.14
CA ILE R 60 21.72 -46.89 -0.09
C ILE R 60 22.81 -47.87 -0.49
N GLN R 61 22.35 -49.03 -0.96
CA GLN R 61 23.23 -50.11 -1.42
C GLN R 61 24.17 -49.59 -2.51
N LYS R 62 23.73 -48.64 -3.34
CA LYS R 62 24.67 -47.80 -4.13
C LYS R 62 25.00 -46.43 -3.48
N GLY R 63 25.58 -46.45 -2.29
CA GLY R 63 26.04 -45.23 -1.60
C GLY R 63 24.94 -44.39 -0.93
N PRO R 64 25.32 -43.44 -0.07
CA PRO R 64 24.36 -42.70 0.76
C PRO R 64 23.52 -41.65 0.02
N VAL R 65 22.64 -40.98 0.76
CA VAL R 65 21.71 -39.97 0.20
C VAL R 65 21.42 -38.81 1.16
N ARG R 66 20.78 -37.78 0.63
CA ARG R 66 20.41 -36.57 1.38
C ARG R 66 19.07 -36.77 2.07
N GLY R 67 19.00 -36.37 3.34
CA GLY R 67 17.84 -36.61 4.20
C GLY R 67 17.73 -38.02 4.76
N ILE R 68 18.73 -38.87 4.48
CA ILE R 68 18.78 -40.25 4.95
C ILE R 68 20.21 -40.48 5.43
N SER R 69 20.46 -40.14 6.69
CA SER R 69 21.78 -40.30 7.31
C SER R 69 21.60 -40.50 8.81
N PHE R 70 21.01 -41.66 9.15
CA PHE R 70 20.57 -41.93 10.51
C PHE R 70 21.34 -43.09 11.16
N LYS R 71 22.25 -42.70 12.06
CA LYS R 71 22.88 -43.56 13.05
C LYS R 71 23.96 -44.44 12.43
N LEU R 72 23.52 -45.52 11.78
CA LEU R 72 24.42 -46.48 11.15
C LEU R 72 25.27 -45.77 10.09
N GLN R 73 24.60 -44.95 9.29
CA GLN R 73 25.23 -44.19 8.22
C GLN R 73 26.33 -43.29 8.80
N GLU R 74 25.96 -42.61 9.88
CA GLU R 74 26.86 -41.70 10.59
C GLU R 74 28.12 -42.44 11.05
N GLU R 75 27.87 -43.61 11.63
CA GLU R 75 28.93 -44.49 12.15
C GLU R 75 29.89 -44.86 11.02
N GLU R 76 29.30 -45.24 9.89
CA GLU R 76 30.05 -45.63 8.70
C GLU R 76 30.96 -44.48 8.24
N ARG R 77 30.36 -43.30 8.20
CA ARG R 77 31.07 -42.09 7.80
C ARG R 77 32.25 -41.81 8.71
N GLU R 78 31.80 -41.78 9.99
CA GLU R 78 32.55 -41.31 11.14
C GLU R 78 33.84 -42.09 11.23
N ARG R 79 33.73 -43.41 11.11
CA ARG R 79 34.89 -44.32 11.20
C ARG R 79 35.93 -43.94 10.16
N LYS R 80 35.43 -43.74 8.94
CA LYS R 80 36.27 -43.39 7.80
C LYS R 80 37.03 -42.09 8.08
N ASP R 81 36.28 -41.12 8.59
CA ASP R 81 36.82 -39.80 8.93
C ASP R 81 37.95 -39.93 9.95
N GLN R 82 37.68 -40.76 10.97
CA GLN R 82 38.63 -41.02 12.05
C GLN R 82 39.92 -41.61 11.48
N TYR R 83 39.77 -42.70 10.75
CA TYR R 83 40.91 -43.44 10.20
C TYR R 83 40.91 -43.23 8.70
N VAL R 84 41.46 -42.08 8.29
CA VAL R 84 41.48 -41.65 6.89
C VAL R 84 42.47 -42.57 6.16
N PRO R 85 42.29 -42.80 4.84
CA PRO R 85 43.34 -43.50 4.07
C PRO R 85 44.72 -42.85 4.23
N ASP R 86 44.76 -41.52 4.11
CA ASP R 86 45.91 -40.71 4.51
C ASP R 86 45.98 -40.68 6.06
N VAL R 87 47.14 -40.49 6.69
CA VAL R 87 48.37 -39.94 6.11
C VAL R 87 49.57 -40.83 6.43
N SER R 88 50.30 -41.21 5.39
CA SER R 88 51.68 -41.67 5.53
C SER R 88 52.56 -40.42 5.64
N ALA R 89 53.81 -40.60 6.05
CA ALA R 89 54.73 -39.49 6.37
C ALA R 89 54.11 -38.65 7.51
N LEU R 90 54.22 -37.32 7.46
CA LEU R 90 53.48 -36.46 8.41
C LEU R 90 51.94 -36.46 8.20
N ASP R 91 51.40 -35.88 7.12
CA ASP R 91 52.11 -35.38 5.94
C ASP R 91 52.14 -33.83 5.94
N LEU R 92 52.46 -33.22 4.79
CA LEU R 92 52.85 -31.79 4.71
C LEU R 92 54.07 -31.51 5.56
N SER R 93 55.07 -32.39 5.42
CA SER R 93 56.38 -32.21 6.02
C SER R 93 57.24 -31.37 5.09
N HIS R 94 58.53 -31.32 5.39
CA HIS R 94 59.52 -30.78 4.47
C HIS R 94 60.10 -31.99 3.72
N SER R 95 59.22 -32.65 2.96
CA SER R 95 59.52 -33.95 2.36
C SER R 95 60.53 -33.80 1.24
N ASN R 96 60.23 -32.92 0.29
CA ASN R 96 61.17 -32.54 -0.76
C ASN R 96 61.88 -31.24 -0.39
N ASP R 97 63.15 -31.37 0.01
CA ASP R 97 64.03 -30.24 0.30
C ASP R 97 63.56 -29.44 1.54
N VAL R 98 63.53 -28.09 1.47
CA VAL R 98 63.27 -27.25 2.64
C VAL R 98 62.47 -26.00 2.29
N LEU R 99 61.26 -26.23 1.75
CA LEU R 99 60.26 -25.18 1.45
C LEU R 99 60.68 -24.14 0.40
N ASN R 100 60.06 -24.21 -0.78
CA ASN R 100 60.24 -23.19 -1.82
C ASN R 100 59.39 -21.96 -1.50
N VAL R 101 59.88 -21.14 -0.58
CA VAL R 101 59.21 -19.90 -0.16
C VAL R 101 59.65 -18.73 -1.06
N ASP R 102 58.86 -17.66 -1.07
CA ASP R 102 59.19 -16.46 -1.87
C ASP R 102 60.20 -15.59 -1.13
N THR R 103 60.69 -14.55 -1.81
CA THR R 103 61.61 -13.60 -1.18
C THR R 103 60.92 -12.88 -0.03
N GLN R 104 59.71 -12.42 -0.32
CA GLN R 104 58.87 -11.70 0.65
C GLN R 104 58.63 -12.57 1.88
N THR R 105 58.27 -13.82 1.60
CA THR R 105 58.00 -14.82 2.63
C THR R 105 59.21 -14.99 3.54
N ALA R 106 60.36 -15.12 2.90
CA ALA R 106 61.65 -15.29 3.58
C ALA R 106 61.91 -14.12 4.52
N GLU R 107 61.67 -12.93 3.98
CA GLU R 107 61.85 -11.67 4.72
C GLU R 107 60.99 -11.67 5.97
N LEU R 108 59.74 -12.06 5.77
CA LEU R 108 58.74 -12.13 6.83
C LEU R 108 59.22 -13.06 7.94
N VAL R 109 59.70 -14.21 7.51
CA VAL R 109 60.22 -15.25 8.40
C VAL R 109 61.35 -14.69 9.25
N ASN R 110 62.26 -14.00 8.57
CA ASN R 110 63.43 -13.38 9.20
C ASN R 110 62.98 -12.40 10.29
N SER R 111 62.00 -11.58 9.92
CA SER R 111 61.43 -10.56 10.80
C SER R 111 60.88 -11.23 12.07
N LEU R 112 60.14 -12.31 11.84
CA LEU R 112 59.52 -13.08 12.91
C LEU R 112 60.42 -14.05 13.73
N GLY R 113 60.77 -15.17 13.09
CA GLY R 113 61.60 -16.22 13.71
C GLY R 113 63.06 -15.95 13.44
N LEU R 114 63.92 -16.84 13.93
CA LEU R 114 65.37 -16.66 13.84
C LEU R 114 65.99 -17.51 12.72
N LYS R 115 65.85 -18.83 12.84
CA LYS R 115 66.51 -19.77 11.93
C LYS R 115 65.55 -20.86 11.45
N LEU R 116 65.15 -20.76 10.18
CA LEU R 116 64.17 -21.65 9.57
C LEU R 116 64.72 -22.22 8.26
N PRO R 117 64.23 -23.41 7.83
CA PRO R 117 64.64 -23.94 6.52
C PRO R 117 63.94 -23.22 5.36
N LEU R 118 64.73 -22.68 4.43
CA LEU R 118 64.22 -21.87 3.31
C LEU R 118 64.88 -22.27 1.99
N SER R 119 64.20 -22.00 0.87
CA SER R 119 64.76 -22.23 -0.47
C SER R 119 64.55 -21.07 -1.48
N VAL R 120 64.30 -19.86 -0.96
CA VAL R 120 64.24 -18.59 -1.73
C VAL R 120 64.01 -18.69 -3.25
N SER R 121 62.77 -18.50 -3.67
CA SER R 121 62.43 -18.47 -5.11
C SER R 121 62.79 -17.12 -5.73
N SER R 122 62.80 -17.08 -7.06
CA SER R 122 63.11 -15.87 -7.81
C SER R 122 61.97 -14.84 -7.81
N VAL R 123 60.72 -15.33 -7.76
CA VAL R 123 59.51 -14.50 -7.83
C VAL R 123 59.39 -13.85 -9.21
N SER R 124 58.96 -14.67 -10.18
CA SER R 124 58.64 -14.19 -11.52
C SER R 124 57.20 -13.66 -11.49
N ALA R 125 57.07 -12.33 -11.60
CA ALA R 125 55.76 -11.67 -11.57
C ALA R 125 54.88 -12.06 -12.75
N VAL R 126 55.51 -12.16 -13.92
CA VAL R 126 54.93 -12.74 -15.15
C VAL R 126 53.98 -11.79 -15.91
N ARG R 127 54.03 -11.88 -17.24
CA ARG R 127 53.23 -11.04 -18.14
C ARG R 127 51.81 -11.57 -18.35
N ASP R 128 50.87 -10.64 -18.58
CA ASP R 128 49.49 -10.94 -19.01
C ASP R 128 48.64 -11.65 -17.94
N ARG R 129 47.34 -11.74 -18.20
CA ARG R 129 46.39 -12.46 -17.36
C ARG R 129 45.65 -13.49 -18.21
N SER S 1 -32.72 -69.91 -62.31
CA SER S 1 -32.57 -71.40 -62.47
C SER S 1 -32.10 -71.78 -63.88
N LEU S 2 -32.85 -71.34 -64.89
CA LEU S 2 -32.51 -71.56 -66.30
C LEU S 2 -32.35 -70.23 -67.04
N VAL S 3 -31.35 -70.16 -67.91
CA VAL S 3 -31.16 -69.01 -68.79
C VAL S 3 -32.19 -69.14 -69.92
N VAL S 4 -32.81 -68.03 -70.28
CA VAL S 4 -33.82 -68.03 -71.35
C VAL S 4 -33.17 -68.36 -72.69
N GLN S 5 -33.30 -69.63 -73.09
CA GLN S 5 -32.92 -70.10 -74.42
C GLN S 5 -34.04 -69.74 -75.40
N GLU S 6 -33.88 -70.11 -76.67
CA GLU S 6 -34.85 -69.83 -77.75
C GLU S 6 -34.76 -68.35 -78.17
N GLN S 7 -35.31 -68.05 -79.35
CA GLN S 7 -35.29 -66.70 -79.94
C GLN S 7 -35.59 -65.57 -78.95
N GLY S 8 -36.70 -65.72 -78.21
CA GLY S 8 -37.09 -64.75 -77.19
C GLY S 8 -37.61 -63.45 -77.77
N SER S 9 -37.36 -62.34 -77.05
CA SER S 9 -37.73 -60.98 -77.48
C SER S 9 -39.25 -60.81 -77.67
N PHE S 10 -40.03 -61.37 -76.75
CA PHE S 10 -41.50 -61.32 -76.83
C PHE S 10 -42.03 -60.06 -76.14
N GLN S 11 -42.02 -58.95 -76.89
CA GLN S 11 -42.63 -57.67 -76.50
C GLN S 11 -41.97 -56.96 -75.31
N HIS S 12 -41.25 -55.88 -75.60
CA HIS S 12 -40.76 -54.96 -74.58
C HIS S 12 -41.88 -53.97 -74.26
N ILE S 13 -42.27 -53.92 -72.98
CA ILE S 13 -43.36 -53.08 -72.46
C ILE S 13 -44.74 -53.56 -72.95
N LEU S 14 -45.50 -54.16 -72.03
CA LEU S 14 -46.88 -54.57 -72.26
C LEU S 14 -47.81 -53.52 -71.67
N ARG S 15 -49.03 -53.43 -72.21
CA ARG S 15 -50.04 -52.47 -71.74
C ARG S 15 -51.19 -53.24 -71.10
N LEU S 16 -51.48 -52.91 -69.83
CA LEU S 16 -52.43 -53.65 -69.01
C LEU S 16 -53.12 -52.71 -68.02
N LEU S 17 -54.45 -52.78 -67.97
CA LEU S 17 -55.30 -51.93 -67.12
C LEU S 17 -55.07 -50.43 -67.35
N ASN S 18 -54.98 -50.05 -68.63
CA ASN S 18 -54.72 -48.66 -69.06
C ASN S 18 -53.40 -48.07 -68.52
N THR S 19 -52.41 -48.94 -68.29
CA THR S 19 -51.12 -48.56 -67.71
C THR S 19 -49.99 -49.44 -68.25
N ASN S 20 -48.76 -49.00 -68.05
CA ASN S 20 -47.58 -49.63 -68.65
C ASN S 20 -46.93 -50.70 -67.77
N VAL S 21 -47.20 -51.96 -68.09
CA VAL S 21 -46.46 -53.11 -67.54
C VAL S 21 -45.08 -53.15 -68.20
N ASP S 22 -44.02 -53.02 -67.41
CA ASP S 22 -42.66 -52.98 -67.94
C ASP S 22 -42.18 -54.39 -68.31
N GLY S 23 -41.48 -54.49 -69.44
CA GLY S 23 -40.92 -55.76 -69.91
C GLY S 23 -39.71 -56.19 -69.10
N ASN S 24 -39.40 -57.48 -69.17
CA ASN S 24 -38.42 -58.12 -68.29
C ASN S 24 -38.75 -57.85 -66.81
N ILE S 25 -37.72 -57.74 -65.95
CA ILE S 25 -37.90 -57.36 -64.53
C ILE S 25 -38.56 -58.50 -63.75
N ASN S 26 -39.87 -58.43 -63.51
CA ASN S 26 -40.63 -59.47 -62.75
C ASN S 26 -42.08 -59.00 -62.53
N VAL S 27 -43.00 -59.96 -62.48
CA VAL S 27 -44.46 -59.74 -62.52
C VAL S 27 -44.87 -58.82 -61.38
N VAL S 28 -44.36 -59.14 -60.20
CA VAL S 28 -44.62 -58.38 -58.98
C VAL S 28 -44.22 -56.91 -59.16
N TYR S 29 -43.02 -56.76 -59.70
CA TYR S 29 -42.44 -55.44 -59.92
C TYR S 29 -43.34 -54.63 -60.88
N ALA S 30 -43.77 -55.31 -61.94
CA ALA S 30 -44.66 -54.72 -62.95
C ALA S 30 -45.94 -54.22 -62.30
N LEU S 31 -46.51 -55.09 -61.45
CA LEU S 31 -47.74 -54.80 -60.73
C LEU S 31 -47.57 -53.55 -59.88
N THR S 32 -46.44 -53.50 -59.18
CA THR S 32 -46.09 -52.39 -58.30
C THR S 32 -46.06 -51.09 -59.10
N THR S 33 -45.39 -51.17 -60.25
CA THR S 33 -45.25 -50.05 -61.18
C THR S 33 -46.63 -49.51 -61.59
N ILE S 34 -47.61 -50.40 -61.81
CA ILE S 34 -49.02 -49.97 -62.04
C ILE S 34 -49.51 -49.10 -60.87
N ARG S 35 -50.22 -48.01 -61.18
CA ARG S 35 -50.73 -47.07 -60.18
C ARG S 35 -51.86 -47.72 -59.39
N GLY S 36 -51.50 -48.39 -58.29
CA GLY S 36 -52.48 -48.97 -57.37
C GLY S 36 -52.18 -50.32 -56.75
N VAL S 37 -51.23 -51.06 -57.31
CA VAL S 37 -50.80 -52.36 -56.74
C VAL S 37 -49.45 -52.18 -56.06
N GLY S 38 -49.24 -52.90 -54.97
CA GLY S 38 -48.10 -52.72 -54.08
C GLY S 38 -47.30 -54.00 -54.12
N ARG S 39 -46.54 -54.28 -53.05
CA ARG S 39 -45.57 -55.36 -53.14
C ARG S 39 -46.17 -56.69 -52.69
N ARG S 40 -46.65 -56.70 -51.47
CA ARG S 40 -47.24 -57.89 -50.86
C ARG S 40 -48.43 -58.37 -51.70
N TYR S 41 -49.27 -57.41 -52.08
CA TYR S 41 -50.46 -57.67 -52.88
C TYR S 41 -50.06 -58.32 -54.20
N ALA S 42 -49.04 -57.73 -54.82
CA ALA S 42 -48.50 -58.21 -56.09
C ALA S 42 -48.06 -59.66 -55.97
N ASN S 43 -47.33 -59.93 -54.89
CA ASN S 43 -46.81 -61.26 -54.58
C ASN S 43 -47.95 -62.26 -54.48
N LEU S 44 -48.99 -61.84 -53.75
CA LEU S 44 -50.19 -62.65 -53.54
C LEU S 44 -50.83 -63.02 -54.88
N VAL S 45 -50.94 -62.00 -55.72
CA VAL S 45 -51.53 -62.13 -57.06
C VAL S 45 -50.75 -63.17 -57.87
N CYS S 46 -49.43 -63.03 -57.81
CA CYS S 46 -48.51 -63.91 -58.51
C CYS S 46 -48.72 -65.36 -58.08
N LYS S 47 -48.82 -65.52 -56.75
CA LYS S 47 -49.05 -66.83 -56.13
C LYS S 47 -50.33 -67.46 -56.65
N LYS S 48 -51.38 -66.63 -56.69
CA LYS S 48 -52.69 -67.05 -57.16
C LYS S 48 -52.61 -67.54 -58.60
N ALA S 49 -51.91 -66.76 -59.41
CA ALA S 49 -51.69 -67.06 -60.83
C ALA S 49 -51.01 -68.43 -60.98
N ASP S 50 -49.96 -68.67 -60.19
CA ASP S 50 -49.09 -69.87 -60.23
C ASP S 50 -47.96 -69.72 -61.26
N VAL S 51 -47.24 -68.59 -61.19
CA VAL S 51 -46.03 -68.34 -61.97
C VAL S 51 -44.87 -68.22 -60.99
N ASP S 52 -43.67 -68.58 -61.46
CA ASP S 52 -42.45 -68.44 -60.66
C ASP S 52 -42.10 -66.96 -60.50
N LEU S 53 -41.73 -66.58 -59.28
CA LEU S 53 -41.25 -65.22 -58.99
C LEU S 53 -39.82 -64.98 -59.51
N HIS S 54 -39.11 -66.07 -59.82
CA HIS S 54 -37.76 -66.01 -60.36
C HIS S 54 -37.74 -65.51 -61.81
N LYS S 55 -38.77 -65.89 -62.58
CA LYS S 55 -38.88 -65.52 -63.99
C LYS S 55 -39.08 -64.02 -64.19
N ARG S 56 -38.53 -63.50 -65.30
CA ARG S 56 -38.54 -62.06 -65.58
C ARG S 56 -39.92 -61.63 -66.08
N ALA S 57 -40.57 -62.49 -66.85
CA ALA S 57 -42.02 -62.45 -67.05
C ALA S 57 -42.60 -61.29 -67.86
N GLY S 58 -41.75 -60.60 -68.62
CA GLY S 58 -42.20 -59.78 -69.76
C GLY S 58 -42.46 -60.67 -70.97
N GLU S 59 -41.94 -61.90 -70.90
CA GLU S 59 -42.30 -62.98 -71.84
C GLU S 59 -43.47 -63.83 -71.28
N LEU S 60 -44.36 -63.20 -70.52
CA LEU S 60 -45.55 -63.85 -69.95
C LEU S 60 -46.53 -64.34 -71.02
N THR S 61 -47.40 -65.25 -70.61
CA THR S 61 -48.51 -65.72 -71.45
C THR S 61 -49.76 -64.85 -71.24
N GLN S 62 -50.62 -64.89 -72.25
CA GLN S 62 -51.83 -64.08 -72.38
C GLN S 62 -52.89 -64.52 -71.36
N GLU S 63 -53.04 -65.84 -71.27
CA GLU S 63 -53.99 -66.47 -70.35
C GLU S 63 -53.68 -66.05 -68.91
N GLU S 64 -52.39 -66.12 -68.58
CA GLU S 64 -51.88 -65.77 -67.25
C GLU S 64 -52.25 -64.32 -66.93
N LEU S 65 -51.99 -63.46 -67.91
CA LEU S 65 -52.27 -62.03 -67.80
C LEU S 65 -53.75 -61.79 -67.49
N GLU S 66 -54.58 -62.51 -68.25
CA GLU S 66 -56.03 -62.43 -68.13
C GLU S 66 -56.46 -62.80 -66.71
N ARG S 67 -55.88 -63.90 -66.23
CA ARG S 67 -56.13 -64.43 -64.90
C ARG S 67 -55.81 -63.38 -63.85
N ILE S 68 -54.64 -62.77 -64.02
CA ILE S 68 -54.14 -61.72 -63.13
C ILE S 68 -55.13 -60.57 -63.06
N VAL S 69 -55.59 -60.16 -64.24
CA VAL S 69 -56.54 -59.07 -64.40
C VAL S 69 -57.82 -59.38 -63.63
N GLN S 70 -58.29 -60.60 -63.81
CA GLN S 70 -59.50 -61.10 -63.17
C GLN S 70 -59.36 -61.00 -61.64
N ILE S 71 -58.21 -61.45 -61.17
CA ILE S 71 -57.88 -61.46 -59.74
C ILE S 71 -57.95 -60.03 -59.20
N MET S 72 -57.34 -59.12 -59.95
CA MET S 72 -57.29 -57.70 -59.60
C MET S 72 -58.70 -57.15 -59.45
N GLN S 73 -59.53 -57.49 -60.45
CA GLN S 73 -60.93 -57.07 -60.49
C GLN S 73 -61.68 -57.54 -59.24
N ASN S 74 -61.57 -58.83 -58.94
CA ASN S 74 -62.46 -59.49 -57.96
C ASN S 74 -61.74 -60.00 -56.71
N PRO S 75 -62.01 -59.38 -55.53
CA PRO S 75 -61.53 -59.94 -54.26
C PRO S 75 -62.36 -61.14 -53.76
N THR S 76 -63.68 -60.98 -53.72
CA THR S 76 -64.57 -61.94 -53.06
C THR S 76 -64.75 -63.28 -53.79
N HIS S 77 -64.75 -63.25 -55.13
CA HIS S 77 -64.91 -64.48 -55.92
C HIS S 77 -63.75 -65.47 -55.71
N TYR S 78 -62.52 -64.97 -55.70
CA TYR S 78 -61.33 -65.78 -55.43
C TYR S 78 -61.01 -65.81 -53.93
N LYS S 79 -60.07 -66.68 -53.55
CA LYS S 79 -59.66 -66.82 -52.15
C LYS S 79 -58.72 -65.68 -51.74
N ILE S 80 -59.32 -64.53 -51.45
CA ILE S 80 -58.63 -63.37 -50.87
C ILE S 80 -59.48 -63.01 -49.64
N PRO S 81 -58.92 -63.10 -48.41
CA PRO S 81 -59.65 -62.88 -47.15
C PRO S 81 -60.62 -61.69 -47.05
N ALA S 82 -60.40 -60.65 -47.87
CA ALA S 82 -61.28 -59.47 -47.96
C ALA S 82 -61.11 -58.46 -46.81
N TRP S 83 -60.04 -58.61 -46.03
CA TRP S 83 -59.52 -57.56 -45.15
C TRP S 83 -58.04 -57.30 -45.48
N PHE S 84 -57.63 -57.68 -46.70
CA PHE S 84 -56.26 -57.51 -47.21
C PHE S 84 -56.22 -56.40 -48.25
N LEU S 85 -57.29 -55.60 -48.30
CA LEU S 85 -57.62 -54.80 -49.48
C LEU S 85 -57.23 -53.34 -49.31
N ASN S 86 -57.40 -52.57 -50.39
CA ASN S 86 -57.12 -51.14 -50.39
C ASN S 86 -58.28 -50.41 -49.72
N ARG S 87 -59.49 -50.67 -50.22
CA ARG S 87 -60.72 -50.21 -49.61
C ARG S 87 -61.49 -51.41 -49.08
N GLN S 88 -62.28 -51.15 -48.05
CA GLN S 88 -63.16 -52.16 -47.46
C GLN S 88 -64.18 -51.41 -46.61
N LYS S 89 -65.45 -51.82 -46.69
CA LYS S 89 -66.52 -51.31 -45.84
C LYS S 89 -66.96 -49.91 -46.30
N ASP S 90 -67.91 -49.84 -47.25
CA ASP S 90 -68.22 -48.58 -47.99
C ASP S 90 -69.62 -48.50 -48.68
N VAL S 91 -70.20 -47.28 -48.70
CA VAL S 91 -71.56 -46.88 -49.27
C VAL S 91 -72.65 -46.80 -48.11
N ASN S 92 -73.80 -47.53 -48.10
CA ASN S 92 -74.67 -47.81 -46.84
C ASN S 92 -74.63 -49.16 -45.96
N ASP S 93 -75.27 -50.27 -46.37
CA ASP S 93 -75.05 -51.66 -45.82
C ASP S 93 -74.69 -52.69 -46.93
N GLY S 94 -73.42 -53.11 -47.02
CA GLY S 94 -72.91 -53.84 -48.20
C GLY S 94 -71.53 -54.46 -48.10
N LYS S 95 -70.73 -54.33 -49.17
CA LYS S 95 -69.52 -55.18 -49.38
C LYS S 95 -68.19 -54.42 -49.52
N ASP S 96 -67.10 -55.16 -49.25
CA ASP S 96 -65.73 -54.65 -49.37
C ASP S 96 -65.24 -54.84 -50.80
N TYR S 97 -64.47 -53.87 -51.29
CA TYR S 97 -64.05 -53.84 -52.69
C TYR S 97 -62.78 -53.01 -52.88
N HIS S 98 -62.03 -53.29 -53.94
CA HIS S 98 -60.86 -52.49 -54.30
C HIS S 98 -60.58 -52.57 -55.81
N SER S 99 -60.01 -51.49 -56.34
CA SER S 99 -59.47 -51.46 -57.71
C SER S 99 -57.94 -51.41 -57.62
N LEU S 100 -57.26 -51.40 -58.77
CA LEU S 100 -55.78 -51.46 -58.79
C LEU S 100 -55.03 -50.62 -59.86
N ALA S 101 -55.75 -49.87 -60.69
CA ALA S 101 -55.14 -49.08 -61.76
C ALA S 101 -55.72 -47.64 -61.79
N ASN S 102 -55.88 -47.09 -62.99
CA ASN S 102 -56.77 -45.97 -63.33
C ASN S 102 -58.02 -46.01 -62.46
N ASN S 103 -58.59 -47.21 -62.35
CA ASN S 103 -59.78 -47.47 -61.56
C ASN S 103 -59.54 -47.05 -60.11
N LEU S 104 -58.40 -47.48 -59.59
CA LEU S 104 -57.99 -47.19 -58.22
C LEU S 104 -57.93 -45.68 -57.99
N GLU S 105 -57.31 -45.01 -58.96
CA GLU S 105 -57.14 -43.56 -58.92
C GLU S 105 -58.51 -42.88 -58.86
N SER S 106 -59.41 -43.36 -59.70
CA SER S 106 -60.78 -42.84 -59.79
C SER S 106 -61.47 -42.97 -58.43
N LYS S 107 -61.32 -44.15 -57.85
CA LYS S 107 -61.90 -44.49 -56.55
C LYS S 107 -61.41 -43.50 -55.49
N LEU S 108 -60.10 -43.28 -55.52
CA LEU S 108 -59.42 -42.37 -54.58
C LEU S 108 -60.02 -40.97 -54.70
N ARG S 109 -60.16 -40.54 -55.95
CA ARG S 109 -60.71 -39.23 -56.27
C ARG S 109 -62.12 -39.09 -55.68
N ASP S 110 -62.90 -40.13 -55.90
CA ASP S 110 -64.29 -40.19 -55.42
C ASP S 110 -64.32 -40.03 -53.90
N ASP S 111 -63.43 -40.77 -53.24
CA ASP S 111 -63.31 -40.77 -51.79
C ASP S 111 -63.00 -39.35 -51.30
N LEU S 112 -62.05 -38.72 -51.98
CA LEU S 112 -61.61 -37.36 -51.67
C LEU S 112 -62.80 -36.40 -51.76
N GLU S 113 -63.56 -36.55 -52.84
CA GLU S 113 -64.74 -35.73 -53.11
C GLU S 113 -65.75 -35.87 -51.97
N ARG S 114 -65.97 -37.12 -51.58
CA ARG S 114 -66.89 -37.47 -50.49
C ARG S 114 -66.47 -36.76 -49.20
N LEU S 115 -65.18 -36.85 -48.92
CA LEU S 115 -64.57 -36.24 -47.74
C LEU S 115 -64.84 -34.74 -47.72
N LYS S 116 -64.60 -34.13 -48.88
CA LYS S 116 -64.79 -32.70 -49.08
C LYS S 116 -66.23 -32.30 -48.77
N LYS S 117 -67.15 -33.11 -49.32
CA LYS S 117 -68.58 -32.91 -49.14
C LYS S 117 -68.94 -32.95 -47.65
N ILE S 118 -68.39 -33.95 -46.97
CA ILE S 118 -68.62 -34.14 -45.55
C ILE S 118 -68.15 -32.91 -44.76
N ARG S 119 -67.01 -32.32 -45.15
CA ARG S 119 -66.44 -31.16 -44.47
C ARG S 119 -65.93 -31.55 -43.07
N SER S 120 -65.43 -32.77 -42.96
CA SER S 120 -64.85 -33.29 -41.73
C SER S 120 -63.50 -32.64 -41.53
N HIS S 121 -62.90 -32.80 -40.36
CA HIS S 121 -61.62 -32.13 -40.10
C HIS S 121 -60.60 -32.50 -41.18
N ARG S 122 -60.54 -33.81 -41.44
CA ARG S 122 -59.64 -34.38 -42.44
C ARG S 122 -59.91 -33.75 -43.80
N GLY S 123 -61.19 -33.69 -44.14
CA GLY S 123 -61.67 -33.12 -45.40
C GLY S 123 -61.20 -31.68 -45.55
N ILE S 124 -61.39 -30.94 -44.46
CA ILE S 124 -61.02 -29.53 -44.38
C ILE S 124 -59.52 -29.36 -44.65
N ARG S 125 -58.75 -30.22 -43.99
CA ARG S 125 -57.29 -30.23 -44.12
C ARG S 125 -56.89 -30.46 -45.58
N HIS S 126 -57.54 -31.44 -46.18
CA HIS S 126 -57.31 -31.80 -47.58
C HIS S 126 -57.56 -30.60 -48.49
N PHE S 127 -58.68 -29.94 -48.23
CA PHE S 127 -59.10 -28.76 -48.98
C PHE S 127 -58.02 -27.68 -48.90
N TRP S 128 -57.56 -27.46 -47.68
CA TRP S 128 -56.52 -26.48 -47.39
C TRP S 128 -55.26 -26.76 -48.19
N GLY S 129 -54.86 -28.04 -48.23
CA GLY S 129 -53.60 -28.46 -48.85
C GLY S 129 -52.55 -28.45 -47.76
N LEU S 130 -52.72 -29.36 -46.79
CA LEU S 130 -52.11 -29.23 -45.48
C LEU S 130 -51.78 -30.62 -44.87
N ARG S 131 -51.86 -30.77 -43.55
CA ARG S 131 -51.40 -31.98 -42.84
C ARG S 131 -52.59 -32.67 -42.19
N VAL S 132 -53.14 -33.68 -42.86
CA VAL S 132 -54.35 -34.36 -42.40
C VAL S 132 -54.09 -35.08 -41.09
N ARG S 133 -53.06 -35.91 -41.07
CA ARG S 133 -52.75 -36.78 -39.92
C ARG S 133 -51.86 -36.11 -38.87
N GLY S 134 -52.32 -34.97 -38.36
CA GLY S 134 -51.75 -34.26 -37.21
C GLY S 134 -50.27 -34.35 -36.90
N GLN S 135 -49.45 -34.14 -37.94
CA GLN S 135 -48.00 -34.08 -37.80
C GLN S 135 -47.58 -32.63 -37.70
N HIS S 136 -46.60 -32.37 -36.84
CA HIS S 136 -46.27 -30.99 -36.44
C HIS S 136 -45.44 -30.31 -37.52
N THR S 137 -46.01 -29.28 -38.14
CA THR S 137 -45.32 -28.48 -39.18
C THR S 137 -44.72 -27.17 -38.62
N LYS S 138 -44.30 -27.20 -37.36
CA LYS S 138 -43.61 -26.07 -36.73
C LYS S 138 -42.20 -25.95 -37.30
N THR S 139 -41.54 -27.10 -37.49
CA THR S 139 -40.22 -27.16 -38.12
C THR S 139 -40.25 -27.81 -39.51
N THR S 140 -40.87 -28.99 -39.60
CA THR S 140 -40.61 -29.92 -40.71
C THR S 140 -41.49 -29.73 -41.95
N GLY S 141 -40.91 -30.06 -43.10
CA GLY S 141 -41.62 -30.08 -44.39
C GLY S 141 -41.94 -28.70 -44.96
N ARG S 142 -40.96 -27.79 -44.89
CA ARG S 142 -41.17 -26.40 -45.31
C ARG S 142 -41.01 -26.20 -46.83
N ARG S 143 -42.02 -26.65 -47.58
CA ARG S 143 -42.11 -26.41 -49.02
C ARG S 143 -43.54 -26.68 -49.50
N ARG S 144 -43.98 -27.93 -49.36
CA ARG S 144 -45.38 -28.37 -49.54
C ARG S 144 -45.93 -28.23 -50.96
N ALA S 145 -47.08 -28.88 -51.19
CA ALA S 145 -47.78 -28.84 -52.47
C ALA S 145 -48.50 -27.51 -52.67
N PRO T 1 -19.01 -97.09 -32.46
CA PRO T 1 -19.45 -95.75 -32.86
C PRO T 1 -20.79 -95.33 -32.24
N GLY T 2 -21.30 -94.18 -32.67
CA GLY T 2 -22.58 -93.67 -32.18
C GLY T 2 -23.09 -92.48 -32.98
N VAL T 3 -24.15 -92.70 -33.74
CA VAL T 3 -24.77 -91.65 -34.55
C VAL T 3 -25.60 -90.75 -33.64
N SER T 4 -25.51 -89.45 -33.87
CA SER T 4 -26.24 -88.45 -33.08
C SER T 4 -26.86 -87.37 -33.97
N VAL T 5 -27.76 -86.59 -33.37
CA VAL T 5 -28.47 -85.52 -34.08
C VAL T 5 -27.56 -84.30 -34.27
N ARG T 6 -26.69 -84.04 -33.29
CA ARG T 6 -25.87 -82.82 -33.27
C ARG T 6 -24.74 -82.80 -34.29
N ASP T 7 -24.19 -83.97 -34.64
CA ASP T 7 -23.07 -84.07 -35.60
C ASP T 7 -23.31 -83.40 -36.96
N VAL T 8 -24.57 -83.32 -37.38
CA VAL T 8 -24.96 -82.69 -38.63
C VAL T 8 -24.92 -81.15 -38.49
N PRO T 9 -24.40 -80.42 -39.51
CA PRO T 9 -24.38 -78.95 -39.43
C PRO T 9 -25.74 -78.32 -39.73
N ALA T 10 -26.60 -78.34 -38.72
CA ALA T 10 -27.88 -77.63 -38.64
C ALA T 10 -28.76 -77.37 -39.84
N GLN T 11 -28.31 -76.45 -40.69
CA GLN T 11 -29.05 -76.03 -41.88
C GLN T 11 -29.33 -77.24 -42.77
N ASP T 12 -28.27 -78.02 -42.97
CA ASP T 12 -28.33 -79.23 -43.80
C ASP T 12 -29.38 -80.19 -43.26
N PHE T 13 -29.33 -80.38 -41.96
CA PHE T 13 -30.24 -81.26 -41.23
C PHE T 13 -31.69 -80.82 -41.47
N ILE T 14 -31.89 -79.52 -41.33
CA ILE T 14 -33.20 -78.89 -41.50
C ILE T 14 -33.73 -79.17 -42.90
N ASN T 15 -32.84 -78.98 -43.88
CA ASN T 15 -33.14 -79.20 -45.29
C ASN T 15 -33.60 -80.63 -45.52
N ASN T 16 -32.84 -81.55 -44.93
CA ASN T 16 -33.10 -82.98 -45.03
C ASN T 16 -34.49 -83.30 -44.49
N TYR T 17 -34.78 -82.72 -43.33
CA TYR T 17 -36.06 -82.90 -42.64
C TYR T 17 -37.21 -82.44 -43.55
N ALA T 18 -37.00 -81.27 -44.14
CA ALA T 18 -37.97 -80.65 -45.05
C ALA T 18 -38.27 -81.59 -46.22
N SER T 19 -37.18 -82.12 -46.77
CA SER T 19 -37.24 -83.05 -47.91
C SER T 19 -38.09 -84.27 -47.54
N PHE T 20 -37.79 -84.79 -46.36
CA PHE T 20 -38.48 -85.97 -45.81
C PHE T 20 -39.99 -85.70 -45.72
N LEU T 21 -40.29 -84.53 -45.18
CA LEU T 21 -41.67 -84.08 -44.99
C LEU T 21 -42.40 -84.04 -46.34
N GLN T 22 -41.71 -83.47 -47.31
CA GLN T 22 -42.23 -83.32 -48.67
C GLN T 22 -42.56 -84.70 -49.25
N ARG T 23 -41.61 -85.63 -49.06
CA ARG T 23 -41.74 -87.00 -49.53
C ARG T 23 -42.98 -87.66 -48.93
N GLN T 24 -43.13 -87.45 -47.63
CA GLN T 24 -44.26 -87.99 -46.87
C GLN T 24 -45.58 -87.47 -47.43
N GLY T 25 -45.67 -86.15 -47.59
CA GLY T 25 -46.91 -85.47 -47.97
C GLY T 25 -48.02 -85.59 -46.92
N LYS T 26 -47.65 -85.67 -45.64
CA LYS T 26 -48.61 -85.87 -44.54
C LYS T 26 -48.25 -85.08 -43.26
N LEU T 27 -47.69 -83.88 -43.43
CA LEU T 27 -47.52 -82.95 -42.31
C LEU T 27 -48.77 -82.11 -42.09
N GLU T 28 -49.61 -81.96 -43.12
CA GLU T 28 -50.91 -81.26 -43.06
C GLU T 28 -50.74 -79.75 -43.23
N VAL T 29 -51.60 -79.16 -44.05
CA VAL T 29 -51.51 -77.74 -44.42
C VAL T 29 -52.30 -76.92 -43.39
N PRO T 30 -51.81 -75.70 -43.04
CA PRO T 30 -52.60 -74.84 -42.15
C PRO T 30 -53.85 -74.27 -42.82
N GLY T 31 -53.66 -73.66 -43.99
CA GLY T 31 -54.73 -72.95 -44.72
C GLY T 31 -54.38 -71.52 -45.08
N TYR T 32 -53.33 -70.96 -44.45
CA TYR T 32 -52.90 -69.59 -44.68
C TYR T 32 -51.70 -69.49 -45.64
N VAL T 33 -51.38 -70.57 -46.35
CA VAL T 33 -50.10 -70.68 -47.08
C VAL T 33 -50.03 -69.63 -48.20
N ASP T 34 -49.03 -68.75 -48.10
CA ASP T 34 -48.82 -67.61 -49.01
C ASP T 34 -49.94 -66.55 -48.98
N ILE T 35 -50.75 -66.58 -47.91
CA ILE T 35 -51.67 -65.50 -47.56
C ILE T 35 -51.31 -65.21 -46.11
N VAL T 36 -50.01 -65.04 -45.88
CA VAL T 36 -49.43 -64.98 -44.54
C VAL T 36 -48.02 -64.39 -44.59
N LYS T 37 -47.68 -63.63 -43.56
CA LYS T 37 -46.43 -62.86 -43.52
C LYS T 37 -45.28 -63.64 -42.88
N THR T 38 -45.59 -64.43 -41.84
CA THR T 38 -44.62 -65.27 -41.08
C THR T 38 -44.03 -64.52 -39.88
N SER T 39 -43.88 -63.21 -40.00
CA SER T 39 -43.59 -62.34 -38.86
C SER T 39 -44.32 -61.02 -39.02
N ALA T 40 -44.54 -60.33 -37.90
CA ALA T 40 -45.12 -58.98 -37.93
C ALA T 40 -44.18 -57.91 -38.51
N GLY T 41 -42.93 -58.29 -38.81
CA GLY T 41 -41.96 -57.44 -39.49
C GLY T 41 -41.20 -58.22 -40.54
N ASN T 42 -41.63 -58.05 -41.79
CA ASN T 42 -41.12 -58.80 -42.94
C ASN T 42 -41.91 -58.34 -44.18
N GLU T 43 -41.50 -57.23 -44.79
CA GLU T 43 -42.26 -56.59 -45.87
C GLU T 43 -42.24 -57.39 -47.18
N LEU T 44 -42.56 -58.67 -47.07
CA LEU T 44 -42.45 -59.68 -48.13
C LEU T 44 -42.71 -61.04 -47.48
N PRO T 45 -43.76 -61.76 -47.91
CA PRO T 45 -43.97 -63.16 -47.51
C PRO T 45 -42.80 -64.08 -47.92
N PRO T 46 -42.82 -65.36 -47.47
CA PRO T 46 -41.71 -66.27 -47.78
C PRO T 46 -41.40 -66.36 -49.28
N GLN T 47 -40.13 -66.23 -49.64
CA GLN T 47 -39.69 -66.28 -51.04
C GLN T 47 -39.85 -67.66 -51.65
N ASP T 48 -39.63 -68.70 -50.85
CA ASP T 48 -39.91 -70.09 -51.25
C ASP T 48 -41.40 -70.31 -51.52
N SER T 49 -42.24 -69.69 -50.71
CA SER T 49 -43.71 -69.72 -50.85
C SER T 49 -44.26 -71.13 -50.67
N GLU T 50 -44.28 -71.92 -51.75
CA GLU T 50 -44.69 -73.32 -51.70
C GLU T 50 -43.55 -74.13 -51.09
N GLY T 51 -43.88 -74.97 -50.12
CA GLY T 51 -42.91 -75.50 -49.17
C GLY T 51 -42.77 -74.47 -48.05
N TRP T 52 -41.54 -74.27 -47.58
CA TRP T 52 -41.14 -73.29 -46.55
C TRP T 52 -41.73 -73.69 -45.19
N PHE T 53 -43.03 -73.96 -45.21
CA PHE T 53 -43.77 -74.35 -44.03
C PHE T 53 -43.16 -75.60 -43.40
N TYR T 54 -42.87 -76.57 -44.27
CA TYR T 54 -42.27 -77.84 -43.86
C TYR T 54 -40.94 -77.59 -43.16
N LYS T 55 -40.15 -76.73 -43.77
CA LYS T 55 -38.82 -76.35 -43.27
C LYS T 55 -38.95 -75.77 -41.86
N ARG T 56 -39.91 -74.86 -41.74
CA ARG T 56 -40.21 -74.18 -40.48
C ARG T 56 -40.53 -75.19 -39.39
N ALA T 57 -41.40 -76.13 -39.76
CA ALA T 57 -41.86 -77.19 -38.87
C ALA T 57 -40.66 -78.01 -38.37
N ALA T 58 -39.80 -78.35 -39.32
CA ALA T 58 -38.58 -79.13 -39.05
C ALA T 58 -37.72 -78.40 -38.02
N SER T 59 -37.55 -77.10 -38.28
CA SER T 59 -36.75 -76.23 -37.42
C SER T 59 -37.29 -76.24 -36.00
N VAL T 60 -38.61 -76.11 -35.92
CA VAL T 60 -39.33 -76.08 -34.65
C VAL T 60 -39.07 -77.38 -33.88
N ALA T 61 -39.18 -78.48 -34.61
CA ALA T 61 -38.98 -79.83 -34.07
C ALA T 61 -37.57 -79.94 -33.48
N ARG T 62 -36.61 -79.46 -34.26
CA ARG T 62 -35.20 -79.47 -33.88
C ARG T 62 -35.00 -78.70 -32.57
N HIS T 63 -35.61 -77.53 -32.52
CA HIS T 63 -35.55 -76.65 -31.36
C HIS T 63 -36.08 -77.37 -30.12
N ILE T 64 -37.22 -78.03 -30.31
CA ILE T 64 -37.89 -78.76 -29.25
C ILE T 64 -36.96 -79.86 -28.70
N TYR T 65 -36.35 -80.57 -29.64
CA TYR T 65 -35.42 -81.65 -29.33
C TYR T 65 -34.26 -81.13 -28.47
N LEU T 66 -33.73 -80.00 -28.92
CA LEU T 66 -32.62 -79.34 -28.24
C LEU T 66 -32.99 -78.99 -26.80
N ARG T 67 -34.15 -78.35 -26.61
CA ARG T 67 -34.54 -77.79 -25.32
C ARG T 67 -35.36 -78.79 -24.49
N LYS T 68 -35.66 -78.42 -23.26
CA LYS T 68 -36.38 -79.30 -22.33
C LYS T 68 -37.87 -79.34 -22.64
N GLN T 69 -38.48 -78.16 -22.65
CA GLN T 69 -39.92 -78.01 -22.88
C GLN T 69 -40.22 -76.59 -23.40
N VAL T 70 -40.83 -76.51 -24.59
CA VAL T 70 -40.98 -75.23 -25.31
C VAL T 70 -42.44 -74.95 -25.66
N GLY T 71 -42.81 -73.67 -25.64
CA GLY T 71 -44.16 -73.20 -26.01
C GLY T 71 -44.17 -72.25 -27.20
N VAL T 72 -45.28 -71.52 -27.34
CA VAL T 72 -45.61 -70.83 -28.60
C VAL T 72 -44.98 -69.45 -28.60
N GLY T 73 -45.18 -68.74 -27.50
CA GLY T 73 -44.68 -67.39 -27.31
C GLY T 73 -43.16 -67.36 -27.48
N LYS T 74 -42.52 -68.33 -26.82
CA LYS T 74 -41.07 -68.49 -26.84
C LYS T 74 -40.58 -68.66 -28.29
N LEU T 75 -41.29 -69.54 -29.00
CA LEU T 75 -41.00 -69.85 -30.39
C LEU T 75 -41.06 -68.58 -31.24
N ASN T 76 -42.12 -67.83 -31.01
CA ASN T 76 -42.38 -66.56 -31.72
C ASN T 76 -41.22 -65.60 -31.50
N LYS T 77 -40.82 -65.50 -30.25
CA LYS T 77 -39.72 -64.64 -29.82
C LYS T 77 -38.44 -65.01 -30.55
N LEU T 78 -38.18 -66.31 -30.59
CA LEU T 78 -37.01 -66.88 -31.26
C LEU T 78 -36.99 -66.48 -32.73
N TYR T 79 -38.16 -66.63 -33.34
CA TYR T 79 -38.34 -66.35 -34.76
C TYR T 79 -38.31 -64.90 -35.26
N GLY T 80 -38.98 -64.02 -34.52
CA GLY T 80 -39.10 -62.61 -34.88
C GLY T 80 -37.79 -61.88 -34.81
N GLY T 81 -37.74 -60.73 -35.48
CA GLY T 81 -36.54 -59.91 -35.54
C GLY T 81 -36.88 -58.43 -35.53
N ALA T 82 -36.19 -57.68 -36.40
CA ALA T 82 -36.34 -56.23 -36.46
C ALA T 82 -37.40 -55.82 -37.47
N LYS T 83 -38.27 -54.90 -37.07
CA LYS T 83 -39.20 -54.28 -38.01
C LYS T 83 -38.41 -53.12 -38.60
N ASN T 84 -38.44 -52.96 -39.92
CA ASN T 84 -38.05 -51.68 -40.52
C ASN T 84 -39.23 -50.76 -40.24
N ARG T 85 -39.28 -50.31 -38.98
CA ARG T 85 -40.48 -49.69 -38.39
C ARG T 85 -40.77 -48.33 -39.02
N GLY T 86 -39.73 -47.73 -39.59
CA GLY T 86 -39.86 -46.57 -40.45
C GLY T 86 -38.60 -45.73 -40.35
N VAL T 87 -38.81 -44.42 -40.34
CA VAL T 87 -37.79 -43.47 -39.86
C VAL T 87 -37.45 -43.66 -38.37
N ARG T 88 -38.34 -44.31 -37.61
CA ARG T 88 -38.04 -44.73 -36.25
C ARG T 88 -36.99 -45.86 -36.21
N PRO T 89 -36.21 -45.95 -35.10
CA PRO T 89 -35.30 -47.09 -34.91
C PRO T 89 -36.02 -48.43 -34.73
N HIS T 90 -35.23 -49.50 -34.68
CA HIS T 90 -35.76 -50.86 -34.70
C HIS T 90 -36.09 -51.32 -33.28
N LYS T 91 -37.27 -51.92 -33.12
CA LYS T 91 -37.61 -52.69 -31.93
C LYS T 91 -37.44 -54.16 -32.26
N HIS T 92 -37.69 -55.02 -31.27
CA HIS T 92 -37.87 -56.44 -31.51
C HIS T 92 -39.32 -56.81 -31.21
N VAL T 93 -40.05 -57.22 -32.23
CA VAL T 93 -41.42 -57.71 -32.09
C VAL T 93 -41.43 -59.17 -32.53
N ASP T 94 -42.26 -59.98 -31.86
CA ASP T 94 -42.26 -61.42 -32.06
C ASP T 94 -42.99 -61.83 -33.34
N ALA T 95 -42.66 -63.02 -33.83
CA ALA T 95 -43.12 -63.53 -35.13
C ALA T 95 -44.59 -63.99 -35.11
N SER T 96 -45.02 -64.58 -36.23
CA SER T 96 -46.38 -65.10 -36.39
C SER T 96 -46.69 -66.21 -35.38
N GLY T 97 -47.59 -65.90 -34.46
CA GLY T 97 -47.90 -66.75 -33.31
C GLY T 97 -48.84 -67.87 -33.72
N SER T 98 -49.88 -67.48 -34.46
CA SER T 98 -50.91 -68.40 -34.95
C SER T 98 -50.26 -69.49 -35.81
N ILE T 99 -49.38 -69.04 -36.69
CA ILE T 99 -48.65 -69.92 -37.61
C ILE T 99 -47.86 -70.96 -36.82
N ASN T 100 -47.16 -70.45 -35.80
CA ASN T 100 -46.33 -71.27 -34.92
C ASN T 100 -47.18 -72.36 -34.25
N ARG T 101 -48.33 -71.91 -33.75
CA ARG T 101 -49.28 -72.79 -33.07
C ARG T 101 -49.72 -73.91 -34.01
N LYS T 102 -50.05 -73.51 -35.23
CA LYS T 102 -50.49 -74.43 -36.28
C LYS T 102 -49.42 -75.49 -36.54
N VAL T 103 -48.19 -75.02 -36.65
CA VAL T 103 -47.02 -75.87 -36.89
C VAL T 103 -46.90 -76.90 -35.77
N LEU T 104 -47.03 -76.41 -34.55
CA LEU T 104 -46.94 -77.25 -33.35
C LEU T 104 -47.99 -78.35 -33.39
N GLN T 105 -49.21 -77.94 -33.73
CA GLN T 105 -50.36 -78.84 -33.84
C GLN T 105 -50.06 -79.95 -34.85
N SER T 106 -49.53 -79.52 -36.00
CA SER T 106 -49.18 -80.43 -37.09
C SER T 106 -48.18 -81.48 -36.60
N LEU T 107 -47.17 -80.97 -35.90
CA LEU T 107 -46.10 -81.80 -35.35
C LEU T 107 -46.69 -82.87 -34.42
N GLU T 108 -47.59 -82.40 -33.56
CA GLU T 108 -48.27 -83.26 -32.59
C GLU T 108 -49.02 -84.38 -33.30
N LYS T 109 -49.74 -83.98 -34.35
CA LYS T 109 -50.52 -84.89 -35.16
C LYS T 109 -49.63 -85.97 -35.76
N LEU T 110 -48.50 -85.52 -36.30
CA LEU T 110 -47.51 -86.40 -36.91
C LEU T 110 -47.01 -87.43 -35.90
N GLY T 111 -46.73 -86.96 -34.69
CA GLY T 111 -46.02 -87.75 -33.67
C GLY T 111 -44.57 -87.33 -33.53
N VAL T 112 -44.30 -86.04 -33.71
CA VAL T 112 -42.97 -85.47 -33.45
C VAL T 112 -42.97 -84.95 -32.01
N VAL T 113 -43.92 -84.06 -31.73
CA VAL T 113 -44.00 -83.34 -30.47
C VAL T 113 -44.95 -84.07 -29.50
N GLU T 114 -44.61 -84.03 -28.22
CA GLU T 114 -45.40 -84.62 -27.13
C GLU T 114 -45.70 -83.54 -26.10
N ILE T 115 -46.92 -83.56 -25.54
CA ILE T 115 -47.33 -82.57 -24.53
C ILE T 115 -46.63 -82.88 -23.22
N SER T 116 -46.00 -81.84 -22.63
CA SER T 116 -45.23 -81.98 -21.39
C SER T 116 -46.00 -81.38 -20.21
N PRO T 117 -45.66 -81.80 -18.97
CA PRO T 117 -46.17 -81.14 -17.78
C PRO T 117 -45.43 -79.82 -17.52
N LYS T 118 -45.79 -79.12 -16.44
CA LYS T 118 -45.30 -77.77 -16.12
C LYS T 118 -45.75 -76.74 -17.17
N GLY T 119 -45.22 -76.84 -18.39
CA GLY T 119 -45.70 -76.03 -19.51
C GLY T 119 -45.07 -76.43 -20.83
N GLY T 120 -45.81 -76.22 -21.92
CA GLY T 120 -45.26 -76.38 -23.26
C GLY T 120 -45.19 -77.83 -23.69
N ARG T 121 -44.29 -78.10 -24.63
CA ARG T 121 -44.13 -79.44 -25.21
C ARG T 121 -42.68 -79.89 -25.28
N ARG T 122 -42.52 -81.21 -25.35
CA ARG T 122 -41.23 -81.91 -25.45
C ARG T 122 -41.31 -82.82 -26.69
N ILE T 123 -40.63 -83.99 -26.70
CA ILE T 123 -40.52 -84.82 -27.91
C ILE T 123 -41.10 -86.22 -27.72
N SER T 124 -41.70 -86.75 -28.79
CA SER T 124 -42.18 -88.13 -28.85
C SER T 124 -41.05 -89.08 -29.27
N ASP T 125 -41.30 -90.38 -29.16
CA ASP T 125 -40.28 -91.40 -29.44
C ASP T 125 -40.09 -91.55 -30.94
N ASN T 126 -41.23 -91.66 -31.63
CA ASN T 126 -41.26 -91.81 -33.09
C ASN T 126 -40.56 -90.64 -33.76
N GLY T 127 -40.89 -89.45 -33.28
CA GLY T 127 -40.31 -88.20 -33.79
C GLY T 127 -38.80 -88.22 -33.64
N LEU T 128 -38.36 -88.63 -32.47
CA LEU T 128 -36.94 -88.73 -32.12
C LEU T 128 -36.23 -89.66 -33.09
N ARG T 129 -36.87 -90.80 -33.32
CA ARG T 129 -36.35 -91.84 -34.23
C ARG T 129 -36.16 -91.26 -35.63
N ASP T 130 -37.19 -90.54 -36.06
CA ASP T 130 -37.21 -89.91 -37.38
C ASP T 130 -36.03 -88.94 -37.52
N LEU T 131 -35.86 -88.14 -36.47
CA LEU T 131 -34.79 -87.14 -36.40
C LEU T 131 -33.43 -87.82 -36.55
N ASP T 132 -33.28 -88.91 -35.81
CA ASP T 132 -32.06 -89.70 -35.80
C ASP T 132 -31.75 -90.20 -37.21
N ARG T 133 -32.79 -90.73 -37.84
CA ARG T 133 -32.71 -91.27 -39.20
C ARG T 133 -32.22 -90.18 -40.17
N ILE T 134 -32.83 -89.01 -40.03
CA ILE T 134 -32.51 -87.85 -40.85
C ILE T 134 -31.03 -87.49 -40.71
N ALA T 135 -30.59 -87.46 -39.45
CA ALA T 135 -29.21 -87.15 -39.10
C ALA T 135 -28.25 -88.12 -39.79
N ALA T 136 -28.61 -89.40 -39.69
CA ALA T 136 -27.84 -90.49 -40.28
C ALA T 136 -27.69 -90.28 -41.78
N ALA T 137 -28.82 -89.96 -42.39
CA ALA T 137 -28.90 -89.71 -43.84
C ALA T 137 -27.94 -88.58 -44.23
N THR T 138 -28.01 -87.52 -43.44
CA THR T 138 -27.19 -86.33 -43.65
C THR T 138 -25.70 -86.70 -43.60
N LEU T 139 -25.37 -87.50 -42.58
CA LEU T 139 -24.00 -87.96 -42.36
C LEU T 139 -23.51 -88.74 -43.58
N GLU T 140 -24.38 -89.62 -44.06
CA GLU T 140 -24.10 -90.47 -45.22
C GLU T 140 -23.79 -89.59 -46.44
N ASP T 141 -24.65 -88.59 -46.62
CA ASP T 141 -24.53 -87.64 -47.72
C ASP T 141 -23.17 -86.95 -47.68
N GLU T 142 -22.82 -86.51 -46.47
CA GLU T 142 -21.56 -85.81 -46.21
C GLU T 142 -20.39 -86.70 -46.61
N GLU T 143 -20.47 -87.95 -46.18
CA GLU T 143 -19.45 -88.96 -46.46
C GLU T 143 -19.26 -89.13 -47.97
N GLN U 1 -40.28 -86.00 23.54
CA GLN U 1 -41.40 -86.83 23.01
C GLN U 1 -41.80 -86.50 21.57
N GLU U 2 -41.92 -85.21 21.26
CA GLU U 2 -42.32 -84.75 19.93
C GLU U 2 -41.26 -85.07 18.86
N VAL U 3 -40.16 -84.31 18.85
CA VAL U 3 -39.09 -84.44 17.83
C VAL U 3 -39.66 -84.35 16.40
N VAL U 4 -40.55 -83.38 16.18
CA VAL U 4 -41.23 -83.19 14.90
C VAL U 4 -40.52 -82.07 14.13
N ILE U 5 -39.72 -82.46 13.14
CA ILE U 5 -38.95 -81.51 12.33
C ILE U 5 -39.81 -81.00 11.18
N HIS U 6 -40.16 -79.71 11.23
CA HIS U 6 -40.94 -79.05 10.18
C HIS U 6 -40.10 -78.54 9.00
N LYS U 7 -38.77 -78.53 9.15
CA LYS U 7 -37.81 -77.97 8.16
C LYS U 7 -38.02 -76.46 8.00
N ILE U 8 -37.16 -75.67 8.64
CA ILE U 8 -37.40 -74.24 8.84
C ILE U 8 -36.29 -73.38 8.25
N ARG U 9 -36.65 -72.51 7.31
CA ARG U 9 -35.73 -71.52 6.74
C ARG U 9 -35.81 -70.20 7.50
N ILE U 10 -34.66 -69.78 8.03
CA ILE U 10 -34.50 -68.42 8.54
C ILE U 10 -33.97 -67.55 7.41
N ASN U 11 -34.75 -66.54 7.04
CA ASN U 11 -34.29 -65.45 6.19
C ASN U 11 -33.57 -64.41 7.03
N LEU U 12 -32.62 -63.72 6.41
CA LEU U 12 -31.90 -62.62 7.05
C LEU U 12 -31.63 -61.54 6.00
N THR U 13 -32.48 -60.52 5.97
CA THR U 13 -32.37 -59.40 5.03
C THR U 13 -31.92 -58.13 5.73
N SER U 14 -31.08 -57.34 5.05
CA SER U 14 -30.57 -56.09 5.64
C SER U 14 -29.93 -55.14 4.63
N THR U 15 -29.64 -53.93 5.11
CA THR U 15 -28.81 -52.95 4.39
C THR U 15 -27.38 -52.99 4.95
N LYS U 16 -27.27 -52.80 6.27
CA LYS U 16 -25.99 -52.83 6.96
C LYS U 16 -25.45 -54.26 6.95
N VAL U 17 -24.20 -54.41 6.51
CA VAL U 17 -23.68 -55.69 6.03
C VAL U 17 -22.97 -56.41 7.16
N LYS U 18 -22.08 -55.67 7.82
CA LYS U 18 -21.27 -56.16 8.94
C LYS U 18 -22.18 -56.73 10.03
N GLN U 19 -23.19 -55.93 10.35
CA GLN U 19 -24.18 -56.26 11.38
C GLN U 19 -24.86 -57.58 11.05
N LEU U 20 -25.27 -57.67 9.79
CA LEU U 20 -25.95 -58.85 9.26
C LEU U 20 -25.07 -60.10 9.43
N GLU U 21 -23.81 -59.92 9.05
CA GLU U 21 -22.80 -60.98 9.14
C GLU U 21 -22.68 -61.47 10.58
N ASN U 22 -22.60 -60.50 11.49
CA ASN U 22 -22.48 -60.76 12.92
C ASN U 22 -23.66 -61.59 13.40
N VAL U 23 -24.84 -61.17 12.98
CA VAL U 23 -26.10 -61.83 13.34
C VAL U 23 -26.07 -63.28 12.88
N SER U 24 -25.63 -63.47 11.64
CA SER U 24 -25.53 -64.79 11.02
C SER U 24 -24.61 -65.69 11.84
N ALA U 25 -23.48 -65.11 12.22
CA ALA U 25 -22.46 -65.81 13.01
C ALA U 25 -23.06 -66.27 14.33
N ASN U 26 -23.78 -65.36 14.96
CA ASN U 26 -24.45 -65.60 16.24
C ASN U 26 -25.41 -66.78 16.12
N ILE U 27 -26.19 -66.74 15.04
CA ILE U 27 -27.18 -67.77 14.74
C ILE U 27 -26.50 -69.14 14.62
N ILE U 28 -25.40 -69.13 13.88
CA ILE U 28 -24.61 -70.33 13.64
C ILE U 28 -24.12 -70.92 14.96
N LYS U 29 -23.61 -70.03 15.81
CA LYS U 29 -23.10 -70.39 17.13
C LYS U 29 -24.20 -71.06 17.95
N ASN U 30 -25.37 -70.44 17.92
CA ASN U 30 -26.55 -70.93 18.63
C ASN U 30 -26.90 -72.34 18.19
N ALA U 31 -26.89 -72.52 16.87
CA ALA U 31 -27.19 -73.79 16.23
C ALA U 31 -26.23 -74.87 16.73
N GLU U 32 -24.95 -74.50 16.74
CA GLU U 32 -23.87 -75.38 17.17
C GLU U 32 -24.11 -75.82 18.61
N THR U 33 -24.45 -74.84 19.45
CA THR U 33 -24.73 -75.07 20.86
C THR U 33 -25.86 -76.07 21.03
N PHE U 34 -26.91 -75.85 20.25
CA PHE U 34 -28.10 -76.71 20.25
C PHE U 34 -27.87 -78.00 19.46
N LYS U 35 -26.81 -78.04 18.64
CA LYS U 35 -26.36 -79.21 17.85
C LYS U 35 -27.46 -79.81 16.98
N LEU U 36 -27.63 -79.20 15.80
CA LEU U 36 -28.68 -79.55 14.85
C LEU U 36 -28.12 -79.76 13.45
N VAL U 37 -28.92 -80.37 12.59
CA VAL U 37 -28.61 -80.48 11.16
C VAL U 37 -29.12 -79.21 10.49
N LYS U 38 -28.20 -78.44 9.90
CA LYS U 38 -28.56 -77.23 9.17
C LYS U 38 -27.62 -76.99 7.99
N LYS U 39 -28.16 -76.39 6.92
CA LYS U 39 -27.33 -75.88 5.83
C LYS U 39 -26.76 -74.53 6.27
N GLY U 40 -25.48 -74.30 5.98
CA GLY U 40 -24.77 -73.10 6.41
C GLY U 40 -25.33 -71.81 5.81
N PRO U 41 -24.84 -70.65 6.28
CA PRO U 41 -25.41 -69.38 5.87
C PRO U 41 -25.26 -69.12 4.37
N VAL U 42 -26.31 -69.44 3.62
CA VAL U 42 -26.34 -69.21 2.17
C VAL U 42 -26.52 -67.71 1.94
N ARG U 43 -25.74 -67.16 1.00
CA ARG U 43 -25.77 -65.73 0.70
C ARG U 43 -26.34 -65.53 -0.71
N LEU U 44 -27.43 -64.77 -0.83
CA LEU U 44 -28.04 -64.51 -2.14
C LEU U 44 -27.49 -63.23 -2.77
N PRO U 45 -27.56 -63.11 -4.12
CA PRO U 45 -27.09 -61.93 -4.83
C PRO U 45 -27.59 -60.61 -4.25
N THR U 46 -26.66 -59.70 -4.02
CA THR U 46 -26.96 -58.41 -3.43
C THR U 46 -27.76 -57.56 -4.42
N LYS U 47 -29.07 -57.48 -4.20
CA LYS U 47 -29.94 -56.64 -5.03
C LYS U 47 -29.65 -55.17 -4.73
N VAL U 48 -29.36 -54.41 -5.77
CA VAL U 48 -29.06 -52.99 -5.65
C VAL U 48 -30.22 -52.19 -6.23
N LEU U 49 -30.71 -51.23 -5.44
CA LEU U 49 -31.79 -50.34 -5.85
C LEU U 49 -31.15 -49.03 -6.30
N LYS U 50 -31.31 -48.70 -7.58
CA LYS U 50 -30.70 -47.52 -8.18
C LYS U 50 -31.75 -46.46 -8.48
N ILE U 51 -31.50 -45.24 -8.00
CA ILE U 51 -32.29 -44.06 -8.30
C ILE U 51 -31.37 -43.03 -8.94
N SER U 52 -31.54 -42.87 -10.25
CA SER U 52 -30.88 -41.83 -11.03
C SER U 52 -31.75 -40.60 -10.97
N THR U 53 -31.13 -39.46 -10.66
CA THR U 53 -31.83 -38.20 -10.49
C THR U 53 -30.95 -37.06 -10.97
N ARG U 54 -31.50 -36.20 -11.83
CA ARG U 54 -30.81 -34.95 -12.21
C ARG U 54 -30.53 -34.18 -10.94
N LYS U 55 -29.26 -33.82 -10.74
CA LYS U 55 -28.84 -33.13 -9.51
C LYS U 55 -29.61 -31.83 -9.28
N THR U 56 -29.93 -31.15 -10.37
CA THR U 56 -30.70 -29.90 -10.33
C THR U 56 -32.14 -30.10 -9.85
N PRO U 57 -32.73 -29.06 -9.24
CA PRO U 57 -34.19 -28.95 -9.16
C PRO U 57 -34.80 -28.36 -10.43
N ASN U 58 -34.27 -27.22 -10.86
CA ASN U 58 -34.84 -26.39 -11.94
C ASN U 58 -34.45 -26.77 -13.38
N GLY U 59 -33.60 -27.78 -13.54
CA GLY U 59 -33.09 -28.21 -14.85
C GLY U 59 -32.40 -27.13 -15.66
N GLU U 60 -31.58 -26.31 -15.00
CA GLU U 60 -30.89 -25.19 -15.64
C GLU U 60 -29.42 -25.16 -15.25
N GLY U 61 -28.57 -25.02 -16.26
CA GLY U 61 -27.14 -25.30 -16.16
C GLY U 61 -26.83 -26.56 -16.94
N SER U 62 -25.67 -27.16 -16.68
CA SER U 62 -25.30 -28.46 -17.27
C SER U 62 -26.17 -29.57 -16.70
N LYS U 63 -26.24 -30.68 -17.44
CA LYS U 63 -27.17 -31.76 -17.15
C LYS U 63 -26.48 -32.87 -16.35
N THR U 64 -26.30 -32.60 -15.05
CA THR U 64 -25.60 -33.51 -14.14
C THR U 64 -26.57 -34.42 -13.38
N TRP U 65 -26.08 -35.63 -13.08
CA TRP U 65 -26.90 -36.68 -12.47
C TRP U 65 -26.26 -37.23 -11.20
N ASP U 66 -27.10 -37.79 -10.33
CA ASP U 66 -26.66 -38.50 -9.14
C ASP U 66 -27.35 -39.86 -9.05
N THR U 67 -26.58 -40.93 -9.21
CA THR U 67 -27.06 -42.29 -8.95
C THR U 67 -27.01 -42.58 -7.47
N TYR U 68 -28.12 -42.38 -6.78
CA TYR U 68 -28.24 -42.79 -5.38
C TYR U 68 -28.62 -44.26 -5.37
N GLU U 69 -27.95 -45.08 -4.56
CA GLU U 69 -28.27 -46.52 -4.52
C GLU U 69 -28.36 -47.13 -3.13
N MET U 70 -29.14 -48.22 -3.06
CA MET U 70 -29.40 -48.98 -1.83
C MET U 70 -28.94 -50.41 -2.03
N ARG U 71 -28.13 -50.92 -1.11
CA ARG U 71 -27.68 -52.32 -1.14
C ARG U 71 -28.59 -53.16 -0.28
N ILE U 72 -29.18 -54.21 -0.86
CA ILE U 72 -29.97 -55.19 -0.13
C ILE U 72 -29.14 -56.48 -0.02
N HIS U 73 -29.02 -56.99 1.21
CA HIS U 73 -28.27 -58.21 1.50
C HIS U 73 -29.22 -59.24 2.09
N LYS U 74 -29.30 -60.40 1.44
CA LYS U 74 -30.30 -61.41 1.73
C LYS U 74 -29.65 -62.78 1.92
N ARG U 75 -29.76 -63.32 3.13
CA ARG U 75 -29.15 -64.60 3.52
C ARG U 75 -30.20 -65.60 3.96
N TYR U 76 -29.89 -66.88 3.74
CA TYR U 76 -30.76 -68.00 4.14
C TYR U 76 -30.03 -69.00 5.02
N ILE U 77 -30.69 -69.40 6.10
CA ILE U 77 -30.18 -70.45 6.99
C ILE U 77 -31.28 -71.52 7.11
N ASP U 78 -31.04 -72.67 6.49
CA ASP U 78 -32.02 -73.76 6.44
C ASP U 78 -31.75 -74.76 7.57
N LEU U 79 -32.68 -74.81 8.54
CA LEU U 79 -32.60 -75.71 9.69
C LEU U 79 -33.46 -76.95 9.49
N GLU U 80 -32.83 -78.13 9.53
CA GLU U 80 -33.54 -79.40 9.72
C GLU U 80 -33.61 -79.62 11.23
N ALA U 81 -34.60 -78.99 11.85
CA ALA U 81 -34.72 -78.94 13.31
C ALA U 81 -36.19 -78.78 13.75
N PRO U 82 -36.50 -79.09 15.04
CA PRO U 82 -37.89 -78.98 15.54
C PRO U 82 -38.52 -77.57 15.57
N ALA U 83 -39.73 -77.50 16.13
CA ALA U 83 -40.52 -76.28 16.22
C ALA U 83 -40.10 -75.48 17.46
N HIS U 84 -40.00 -76.20 18.58
CA HIS U 84 -39.61 -75.63 19.87
C HIS U 84 -38.25 -74.95 19.76
N ILE U 85 -37.33 -75.67 19.12
CA ILE U 85 -35.96 -75.19 18.92
C ILE U 85 -35.97 -73.88 18.13
N VAL U 86 -36.77 -73.88 17.06
CA VAL U 86 -36.93 -72.73 16.18
C VAL U 86 -37.42 -71.52 16.99
N LYS U 87 -38.42 -71.77 17.81
CA LYS U 87 -39.04 -70.76 18.67
C LYS U 87 -37.98 -70.15 19.59
N ARG U 88 -37.19 -71.04 20.18
CA ARG U 88 -36.11 -70.65 21.10
C ARG U 88 -35.13 -69.73 20.39
N ILE U 89 -34.76 -70.14 19.19
CA ILE U 89 -33.82 -69.39 18.35
C ILE U 89 -34.36 -67.99 18.09
N THR U 90 -35.64 -67.93 17.74
CA THR U 90 -36.33 -66.68 17.45
C THR U 90 -36.28 -65.76 18.66
N GLN U 91 -36.56 -66.34 19.82
CA GLN U 91 -36.54 -65.63 21.09
C GLN U 91 -35.16 -65.01 21.34
N ILE U 92 -34.08 -65.77 21.16
CA ILE U 92 -32.71 -65.25 21.43
C ILE U 92 -31.88 -65.14 20.15
N THR U 93 -31.19 -63.99 19.99
CA THR U 93 -30.49 -63.55 18.76
C THR U 93 -31.39 -62.63 17.91
N ILE U 94 -31.63 -61.43 18.44
CA ILE U 94 -32.31 -60.35 17.72
C ILE U 94 -31.46 -59.08 17.88
N GLU U 95 -31.03 -58.52 16.75
CA GLU U 95 -30.23 -57.28 16.73
C GLU U 95 -30.96 -56.15 15.99
N PRO U 96 -30.55 -54.89 16.20
CA PRO U 96 -31.14 -53.79 15.44
C PRO U 96 -30.61 -53.72 14.00
N GLY U 97 -31.46 -53.30 13.07
CA GLY U 97 -31.08 -53.13 11.66
C GLY U 97 -31.45 -54.32 10.78
N VAL U 98 -31.11 -55.52 11.23
CA VAL U 98 -31.34 -56.75 10.46
C VAL U 98 -32.81 -57.16 10.57
N ASP U 99 -33.39 -57.58 9.45
CA ASP U 99 -34.75 -58.08 9.42
C ASP U 99 -34.75 -59.60 9.59
N VAL U 100 -34.83 -60.04 10.84
CA VAL U 100 -34.98 -61.47 11.16
C VAL U 100 -36.38 -61.94 10.76
N GLU U 101 -36.45 -63.10 10.11
CA GLU U 101 -37.72 -63.60 9.56
C GLU U 101 -37.62 -65.11 9.34
N VAL U 102 -38.74 -65.80 9.57
CA VAL U 102 -38.79 -67.27 9.53
C VAL U 102 -39.88 -67.73 8.55
N ILE U 103 -39.56 -68.71 7.71
CA ILE U 103 -40.54 -69.27 6.76
C ILE U 103 -41.37 -70.37 7.43
N ILE U 104 -40.67 -71.33 8.04
CA ILE U 104 -41.24 -72.42 8.88
C ILE U 104 -41.77 -73.68 8.14
N ALA U 105 -42.20 -73.52 6.88
CA ALA U 105 -42.95 -74.58 6.17
C ALA U 105 -42.14 -75.22 5.04
N ALA U 106 -40.93 -75.69 5.36
CA ALA U 106 -40.07 -76.43 4.41
C ALA U 106 -39.81 -75.67 3.10
N MET V 1 18.35 11.70 37.36
CA MET V 1 19.53 10.79 37.59
C MET V 1 19.86 10.60 39.06
N GLU V 2 20.18 11.69 39.73
CA GLU V 2 20.47 11.68 41.17
C GLU V 2 19.52 12.67 41.87
N ASN V 3 18.44 12.14 42.42
CA ASN V 3 17.41 12.94 43.07
C ASN V 3 17.81 13.40 44.47
N ASP V 4 17.54 14.67 44.77
CA ASP V 4 17.65 15.22 46.13
C ASP V 4 19.07 15.11 46.71
N LYS V 5 19.42 13.92 47.21
CA LYS V 5 20.72 13.66 47.83
C LYS V 5 21.15 12.23 47.51
N GLY V 6 21.68 12.03 46.31
CA GLY V 6 22.02 10.71 45.80
C GLY V 6 20.77 10.03 45.28
N GLN V 7 20.40 8.92 45.91
CA GLN V 7 19.14 8.22 45.62
C GLN V 7 18.98 7.89 44.14
N LEU V 8 20.01 7.28 43.55
CA LEU V 8 20.09 7.07 42.10
C LEU V 8 18.78 6.63 41.44
N VAL V 9 18.16 7.55 40.73
CA VAL V 9 16.96 7.29 39.93
C VAL V 9 17.48 6.88 38.55
N GLU V 10 16.62 6.28 37.74
CA GLU V 10 16.95 5.83 36.38
C GLU V 10 17.83 4.58 36.46
N LEU V 11 17.21 3.43 36.21
CA LEU V 11 17.90 2.14 36.29
C LEU V 11 18.57 1.89 34.93
N TYR V 12 18.81 0.64 34.57
CA TYR V 12 19.20 0.26 33.20
C TYR V 12 20.42 1.04 32.71
N VAL V 13 21.30 1.43 33.65
CA VAL V 13 22.37 2.41 33.39
C VAL V 13 23.34 1.78 32.40
N PRO V 14 23.37 2.33 31.17
CA PRO V 14 23.64 1.49 30.01
C PRO V 14 25.09 1.05 29.83
N ARG V 15 25.26 -0.04 29.09
CA ARG V 15 26.57 -0.43 28.58
C ARG V 15 26.97 0.57 27.52
N LYS V 16 28.15 1.18 27.71
CA LYS V 16 28.72 2.08 26.73
C LYS V 16 29.84 1.34 26.01
N CYS V 17 29.81 1.40 24.68
CA CYS V 17 30.77 0.68 23.84
C CYS V 17 32.22 1.06 24.17
N SER V 18 33.09 0.06 24.07
CA SER V 18 34.52 0.22 24.35
C SER V 18 35.21 1.08 23.30
N ALA V 19 34.86 0.83 22.03
CA ALA V 19 35.48 1.53 20.90
C ALA V 19 34.99 2.97 20.73
N THR V 20 33.67 3.15 20.71
CA THR V 20 33.05 4.43 20.35
C THR V 20 32.62 5.32 21.52
N ASN V 21 32.35 4.72 22.68
CA ASN V 21 31.70 5.39 23.84
C ASN V 21 30.18 5.40 23.73
N ARG V 22 29.67 5.74 22.54
CA ARG V 22 28.28 5.47 22.10
C ARG V 22 27.50 4.49 22.98
N ILE V 23 26.39 4.96 23.57
CA ILE V 23 25.53 4.14 24.42
C ILE V 23 24.94 2.96 23.63
N ILE V 24 25.02 1.77 24.22
CA ILE V 24 24.38 0.59 23.65
C ILE V 24 22.96 0.50 24.21
N LYS V 25 21.99 0.65 23.33
CA LYS V 25 20.58 0.69 23.71
C LYS V 25 20.04 -0.65 24.21
N ALA V 26 18.81 -0.62 24.74
CA ALA V 26 18.11 -1.81 25.20
C ALA V 26 17.82 -2.80 24.08
N LYS V 27 17.39 -2.28 22.92
CA LYS V 27 17.20 -3.09 21.73
C LYS V 27 18.22 -2.70 20.66
N ASP V 28 19.49 -2.90 21.01
CA ASP V 28 20.61 -2.70 20.09
C ASP V 28 21.05 -4.08 19.61
N HIS V 29 20.21 -4.67 18.78
CA HIS V 29 20.37 -6.06 18.36
C HIS V 29 21.38 -6.15 17.21
N SER V 30 22.64 -6.32 17.60
CA SER V 30 23.82 -6.13 16.74
C SER V 30 25.04 -5.91 17.64
N SER V 31 24.87 -5.07 18.67
CA SER V 31 25.88 -4.84 19.69
C SER V 31 26.22 -6.13 20.43
N VAL V 32 27.46 -6.25 20.87
CA VAL V 32 27.97 -7.51 21.41
C VAL V 32 28.96 -7.32 22.57
N GLN V 33 28.88 -8.23 23.53
CA GLN V 33 29.89 -8.39 24.58
C GLN V 33 30.86 -9.46 24.15
N ILE V 34 32.10 -9.07 23.86
CA ILE V 34 33.20 -10.01 23.68
C ILE V 34 33.80 -10.23 25.06
N ASN V 35 34.04 -11.50 25.40
CA ASN V 35 34.78 -11.87 26.61
C ASN V 35 36.10 -12.50 26.21
N ILE V 36 37.21 -11.93 26.65
CA ILE V 36 38.55 -12.45 26.37
C ILE V 36 39.14 -12.98 27.68
N ALA V 37 39.41 -14.28 27.73
CA ALA V 37 39.84 -14.94 28.98
C ALA V 37 41.23 -14.46 29.42
N GLN V 38 41.44 -14.33 30.74
CA GLN V 38 42.70 -13.83 31.27
C GLN V 38 43.85 -14.85 31.14
N VAL V 39 44.95 -14.43 30.52
CA VAL V 39 46.09 -15.32 30.26
C VAL V 39 46.92 -15.54 31.53
N ASP V 40 47.62 -16.68 31.58
CA ASP V 40 48.61 -16.96 32.63
C ASP V 40 49.84 -17.61 31.98
N GLU V 41 50.88 -17.87 32.78
CA GLU V 41 52.14 -18.44 32.28
C GLU V 41 52.00 -19.89 31.82
N GLU V 42 52.55 -20.19 30.64
CA GLU V 42 52.64 -21.55 30.09
C GLU V 42 51.27 -22.25 29.94
N GLY V 43 50.58 -21.95 28.85
CA GLY V 43 49.17 -22.36 28.68
C GLY V 43 48.30 -21.51 29.58
N ARG V 44 47.30 -22.14 30.21
CA ARG V 44 46.48 -21.53 31.27
C ARG V 44 45.70 -20.28 30.84
N ALA V 45 44.36 -20.37 30.80
CA ALA V 45 43.52 -19.22 30.50
C ALA V 45 42.62 -18.78 31.68
N ILE V 46 42.99 -19.17 32.91
CA ILE V 46 42.35 -18.68 34.16
C ILE V 46 40.80 -18.70 34.13
N PRO V 47 40.18 -19.79 34.64
CA PRO V 47 38.72 -19.91 34.53
C PRO V 47 37.95 -18.88 35.37
N GLY V 48 37.00 -18.19 34.73
CA GLY V 48 36.14 -17.21 35.39
C GLY V 48 36.75 -15.84 35.59
N GLU V 49 37.62 -15.42 34.66
CA GLU V 49 38.26 -14.09 34.70
C GLU V 49 38.52 -13.60 33.28
N TYR V 50 37.90 -12.47 32.92
CA TYR V 50 37.99 -11.94 31.56
C TYR V 50 38.38 -10.47 31.51
N VAL V 51 38.85 -10.07 30.33
CA VAL V 51 38.74 -8.71 29.83
C VAL V 51 37.49 -8.73 28.97
N THR V 52 36.47 -8.00 29.40
CA THR V 52 35.20 -7.90 28.70
C THR V 52 35.17 -6.61 27.90
N TYR V 53 34.83 -6.71 26.62
CA TYR V 53 34.63 -5.56 25.76
C TYR V 53 33.21 -5.51 25.25
N ALA V 54 32.66 -4.31 25.17
CA ALA V 54 31.38 -4.07 24.51
C ALA V 54 31.67 -3.42 23.18
N LEU V 55 31.02 -3.90 22.13
CA LEU V 55 31.08 -3.25 20.83
C LEU V 55 29.68 -2.79 20.47
N SER V 56 29.55 -1.51 20.10
CA SER V 56 28.28 -0.98 19.62
C SER V 56 27.96 -1.57 18.26
N GLY V 57 26.73 -1.40 17.84
CA GLY V 57 26.22 -2.04 16.66
C GLY V 57 26.60 -1.31 15.39
N TYR V 58 26.66 0.01 15.48
CA TYR V 58 26.99 0.88 14.36
C TYR V 58 28.33 0.50 13.76
N ILE V 59 29.30 0.34 14.66
CA ILE V 59 30.67 -0.01 14.28
C ILE V 59 30.67 -1.34 13.51
N ARG V 60 29.93 -2.29 14.06
CA ARG V 60 29.82 -3.63 13.48
C ARG V 60 29.26 -3.54 12.06
N ALA V 61 28.20 -2.74 11.93
CA ALA V 61 27.53 -2.52 10.66
C ALA V 61 28.52 -1.96 9.63
N ARG V 62 29.29 -0.97 10.09
CA ARG V 62 30.29 -0.32 9.25
C ARG V 62 31.32 -1.33 8.75
N GLY V 63 31.80 -2.19 9.65
CA GLY V 63 32.95 -3.05 9.40
C GLY V 63 34.25 -2.44 9.91
N GLU V 64 34.15 -1.34 10.63
CA GLU V 64 35.28 -0.72 11.33
C GLU V 64 35.47 -1.34 12.73
N ALA V 65 34.85 -2.49 12.97
CA ALA V 65 34.60 -2.99 14.32
C ALA V 65 35.76 -3.85 14.79
N ASP V 66 36.16 -4.77 13.91
CA ASP V 66 37.25 -5.70 14.16
C ASP V 66 38.53 -4.93 14.49
N ASP V 67 38.80 -3.92 13.65
CA ASP V 67 39.97 -3.06 13.79
C ASP V 67 39.98 -2.39 15.16
N SER V 68 38.80 -1.86 15.51
CA SER V 68 38.60 -1.16 16.78
C SER V 68 38.93 -2.09 17.95
N LEU V 69 38.40 -3.31 17.84
CA LEU V 69 38.59 -4.36 18.84
C LEU V 69 40.08 -4.64 19.04
N ASN V 70 40.76 -4.78 17.90
CA ASN V 70 42.19 -5.05 17.86
C ASN V 70 42.96 -3.95 18.59
N ARG V 71 42.58 -2.72 18.27
CA ARG V 71 43.19 -1.52 18.86
C ARG V 71 43.04 -1.55 20.38
N LEU V 72 41.82 -1.87 20.80
CA LEU V 72 41.47 -1.95 22.22
C LEU V 72 42.37 -2.97 22.93
N ALA V 73 42.49 -4.12 22.28
CA ALA V 73 43.30 -5.23 22.78
C ALA V 73 44.74 -4.78 22.97
N GLN V 74 45.25 -4.09 21.96
CA GLN V 74 46.61 -3.58 21.95
C GLN V 74 46.83 -2.64 23.14
N GLN V 75 45.85 -1.75 23.32
CA GLN V 75 45.87 -0.77 24.40
C GLN V 75 45.95 -1.47 25.76
N ASP V 76 45.11 -2.50 25.89
CA ASP V 76 45.05 -3.28 27.11
C ASP V 76 46.38 -3.96 27.41
N GLY V 77 46.87 -4.67 26.39
CA GLY V 77 47.96 -5.63 26.51
C GLY V 77 47.46 -7.06 26.35
N LEU V 78 46.73 -7.32 25.26
CA LEU V 78 46.36 -8.68 24.83
C LEU V 78 46.97 -9.06 23.49
N LEU V 79 47.79 -8.17 22.92
CA LEU V 79 48.36 -8.31 21.58
C LEU V 79 49.67 -7.54 21.47
N LYS V 80 50.48 -7.94 20.49
CA LYS V 80 51.68 -7.18 20.08
C LYS V 80 51.78 -7.25 18.57
N ASN V 81 52.37 -6.22 17.96
CA ASN V 81 52.61 -6.16 16.50
C ASN V 81 51.34 -6.00 15.62
N VAL V 82 50.13 -6.17 16.18
CA VAL V 82 48.89 -6.16 15.40
C VAL V 82 48.52 -4.73 15.01
N TRP V 83 47.89 -3.99 15.93
CA TRP V 83 47.37 -2.66 15.62
C TRP V 83 48.47 -1.62 15.81
N SER V 84 48.87 -0.99 14.71
CA SER V 84 49.80 0.13 14.73
C SER V 84 49.04 1.43 15.02
N TYR V 85 49.75 2.42 15.55
CA TYR V 85 49.17 3.74 15.84
C TYR V 85 48.89 4.45 14.53
N SER V 86 49.94 4.58 13.70
CA SER V 86 49.84 5.19 12.38
C SER V 86 49.64 4.13 11.30
N ARG V 87 48.85 4.47 10.28
CA ARG V 87 48.70 3.64 9.08
C ARG V 87 48.91 4.49 7.84
N THR W 1 33.40 30.44 -2.39
CA THR W 1 34.38 30.85 -1.32
C THR W 1 34.25 30.01 -0.06
N ARG W 2 35.32 30.01 0.73
CA ARG W 2 35.30 29.45 2.07
C ARG W 2 34.77 30.51 3.03
N THR W 3 33.46 30.54 3.20
CA THR W 3 32.85 31.39 4.24
C THR W 3 32.98 30.65 5.57
N SER W 4 32.54 31.30 6.65
CA SER W 4 32.62 30.77 8.03
C SER W 4 33.43 29.46 8.19
N VAL W 5 34.75 29.64 8.23
CA VAL W 5 35.78 28.62 8.44
C VAL W 5 35.47 27.79 9.68
N LEU W 6 35.12 28.51 10.75
CA LEU W 6 34.75 27.93 12.04
C LEU W 6 33.61 26.96 11.87
N ALA W 7 32.59 27.43 11.15
CA ALA W 7 31.38 26.66 10.88
C ALA W 7 31.74 25.36 10.17
N ASP W 8 32.58 25.50 9.16
CA ASP W 8 33.06 24.37 8.36
C ASP W 8 33.73 23.33 9.25
N ALA W 9 34.59 23.84 10.11
CA ALA W 9 35.35 23.01 11.06
C ALA W 9 34.40 22.21 11.94
N LEU W 10 33.41 22.94 12.45
CA LEU W 10 32.39 22.36 13.33
C LEU W 10 31.65 21.22 12.62
N ASN W 11 31.28 21.50 11.36
CA ASN W 11 30.58 20.54 10.51
C ASN W 11 31.41 19.26 10.37
N ALA W 12 32.69 19.48 10.09
CA ALA W 12 33.65 18.39 9.91
C ALA W 12 33.70 17.52 11.15
N ILE W 13 33.80 18.19 12.29
CA ILE W 13 33.86 17.55 13.60
C ILE W 13 32.62 16.66 13.81
N ASN W 14 31.47 17.25 13.50
CA ASN W 14 30.18 16.58 13.62
C ASN W 14 30.17 15.31 12.79
N ASN W 15 30.64 15.45 11.56
CA ASN W 15 30.71 14.35 10.59
C ASN W 15 31.55 13.21 11.17
N ALA W 16 32.70 13.60 11.71
CA ALA W 16 33.66 12.67 12.30
C ALA W 16 32.99 11.88 13.44
N GLU W 17 32.29 12.63 14.27
CA GLU W 17 31.58 12.08 15.43
C GLU W 17 30.56 11.04 14.96
N LYS W 18 29.82 11.42 13.92
CA LYS W 18 28.80 10.56 13.33
C LYS W 18 29.41 9.25 12.85
N THR W 19 30.55 9.40 12.16
CA THR W 19 31.30 8.26 11.63
C THR W 19 31.69 7.30 12.75
N GLY W 20 32.13 7.86 13.87
CA GLY W 20 32.77 7.09 14.92
C GLY W 20 34.27 7.19 14.86
N LYS W 21 34.80 8.24 14.22
CA LYS W 21 36.23 8.54 14.26
C LYS W 21 36.62 8.94 15.68
N ARG W 22 37.88 8.69 16.01
CA ARG W 22 38.48 9.11 17.28
C ARG W 22 39.18 10.47 17.18
N GLN W 23 39.32 10.99 15.96
CA GLN W 23 40.03 12.26 15.74
C GLN W 23 39.67 12.91 14.40
N VAL W 24 39.93 14.22 14.30
CA VAL W 24 39.60 15.01 13.11
C VAL W 24 40.80 15.82 12.64
N LEU W 25 40.87 16.05 11.33
CA LEU W 25 41.83 16.98 10.73
C LEU W 25 41.05 18.19 10.25
N ILE W 26 41.49 19.39 10.64
CA ILE W 26 40.85 20.64 10.24
C ILE W 26 41.88 21.49 9.51
N ARG W 27 41.46 22.05 8.37
CA ARG W 27 42.36 22.87 7.52
C ARG W 27 42.64 24.25 8.11
N PRO W 28 41.64 25.13 8.14
CA PRO W 28 41.98 26.55 8.25
C PRO W 28 42.53 26.99 9.61
N SER W 29 41.87 26.57 10.68
CA SER W 29 42.33 26.77 12.06
C SER W 29 42.48 28.24 12.46
N SER W 30 41.38 28.80 12.96
CA SER W 30 41.29 30.20 13.35
C SER W 30 41.54 30.39 14.84
N LYS W 31 41.50 31.66 15.24
CA LYS W 31 41.52 32.03 16.67
C LYS W 31 40.22 31.62 17.32
N VAL W 32 39.12 31.98 16.65
CA VAL W 32 37.76 31.69 17.13
C VAL W 32 37.58 30.20 17.33
N ILE W 33 38.02 29.45 16.32
CA ILE W 33 37.94 27.99 16.31
C ILE W 33 38.67 27.42 17.52
N ILE W 34 39.87 27.94 17.73
CA ILE W 34 40.74 27.52 18.82
C ILE W 34 40.04 27.75 20.16
N LYS W 35 39.45 28.93 20.29
CA LYS W 35 38.72 29.34 21.49
C LYS W 35 37.59 28.36 21.78
N PHE W 36 36.85 28.05 20.72
CA PHE W 36 35.72 27.13 20.77
C PHE W 36 36.18 25.76 21.30
N LEU W 37 37.28 25.31 20.73
CA LEU W 37 37.88 24.02 21.08
C LEU W 37 38.23 23.99 22.56
N GLN W 38 38.85 25.08 23.00
CA GLN W 38 39.26 25.25 24.39
C GLN W 38 38.06 25.14 25.31
N VAL W 39 37.00 25.84 24.93
CA VAL W 39 35.75 25.87 25.67
C VAL W 39 35.19 24.46 25.83
N MET W 40 35.20 23.75 24.70
CA MET W 40 34.71 22.37 24.63
C MET W 40 35.47 21.49 25.61
N GLN W 41 36.79 21.65 25.56
CA GLN W 41 37.72 20.90 26.42
C GLN W 41 37.38 21.13 27.89
N LYS W 42 37.19 22.42 28.21
CA LYS W 42 36.84 22.85 29.56
C LYS W 42 35.57 22.17 30.04
N HIS W 43 34.59 22.18 29.15
CA HIS W 43 33.31 21.59 29.45
C HIS W 43 33.41 20.09 29.71
N GLY W 44 34.14 19.43 28.80
CA GLY W 44 34.38 18.00 28.81
C GLY W 44 33.77 17.28 27.61
N TYR W 45 34.04 17.79 26.41
CA TYR W 45 33.52 17.21 25.16
C TYR W 45 34.61 16.81 24.15
N ILE W 46 35.88 16.97 24.51
CA ILE W 46 36.97 16.87 23.54
C ILE W 46 38.30 16.55 24.26
N GLY W 47 39.12 15.71 23.63
CA GLY W 47 40.42 15.30 24.19
C GLY W 47 41.49 16.36 23.97
N GLU W 48 42.69 15.93 23.58
CA GLU W 48 43.75 16.85 23.13
C GLU W 48 43.31 17.51 21.82
N PHE W 49 43.88 18.67 21.53
CA PHE W 49 43.89 19.16 20.16
C PHE W 49 45.14 19.99 19.91
N GLU W 50 45.65 19.89 18.70
CA GLU W 50 46.98 20.41 18.36
C GLU W 50 46.97 21.20 17.06
N TYR W 51 47.53 22.41 17.15
CA TYR W 51 47.67 23.30 16.01
C TYR W 51 48.98 22.98 15.32
N ILE W 52 48.90 22.52 14.08
CA ILE W 52 50.06 22.41 13.20
C ILE W 52 50.30 23.80 12.61
N ASP W 53 51.58 24.19 12.55
CA ASP W 53 51.99 25.42 11.91
C ASP W 53 52.42 25.10 10.48
N ASP W 54 51.43 25.03 9.59
CA ASP W 54 51.68 25.21 8.16
C ASP W 54 52.11 26.65 8.09
N HIS W 55 53.31 26.92 7.58
CA HIS W 55 53.95 28.24 7.68
C HIS W 55 53.15 29.22 6.82
N ARG W 56 51.92 29.48 7.26
CA ARG W 56 50.81 29.83 6.37
C ARG W 56 49.56 30.30 7.16
N SER W 57 48.49 29.51 7.18
CA SER W 57 47.24 29.87 7.85
C SER W 57 47.10 29.11 9.16
N GLY W 58 47.09 27.78 9.06
CA GLY W 58 46.92 26.89 10.21
C GLY W 58 46.48 25.52 9.76
N LYS W 59 46.35 24.59 10.71
CA LYS W 59 45.89 23.22 10.45
C LYS W 59 45.77 22.44 11.77
N ILE W 60 44.55 22.24 12.24
CA ILE W 60 44.33 21.65 13.57
C ILE W 60 44.09 20.15 13.49
N VAL W 61 44.46 19.42 14.54
CA VAL W 61 43.94 18.06 14.77
C VAL W 61 43.26 18.02 16.13
N VAL W 62 42.04 17.47 16.17
CA VAL W 62 41.25 17.35 17.38
C VAL W 62 41.07 15.88 17.73
N GLN W 63 41.30 15.54 19.00
CA GLN W 63 40.98 14.21 19.52
C GLN W 63 39.54 14.20 20.00
N LEU W 64 38.69 13.42 19.33
CA LEU W 64 37.31 13.21 19.75
C LEU W 64 37.23 12.14 20.83
N ASN W 65 36.42 12.42 21.85
CA ASN W 65 36.25 11.56 23.02
C ASN W 65 35.10 10.55 22.87
N GLY W 66 34.25 10.76 21.86
CA GLY W 66 33.00 10.03 21.73
C GLY W 66 31.87 10.60 22.59
N ARG W 67 32.09 11.81 23.12
CA ARG W 67 31.15 12.46 24.02
C ARG W 67 30.27 13.49 23.29
N LEU W 68 30.87 14.23 22.36
CA LEU W 68 30.11 15.14 21.48
C LEU W 68 28.93 14.43 20.82
N ASN W 69 27.83 15.17 20.72
CA ASN W 69 26.59 14.69 20.08
C ASN W 69 26.30 15.56 18.87
N LYS W 70 26.21 16.87 19.11
CA LYS W 70 26.27 17.87 18.04
C LYS W 70 27.16 19.01 18.52
N CYS W 71 27.82 19.66 17.57
CA CYS W 71 28.75 20.75 17.84
C CYS W 71 28.38 21.91 16.93
N GLY W 72 27.17 22.43 17.11
CA GLY W 72 26.56 23.32 16.11
C GLY W 72 27.10 24.74 16.08
N VAL W 73 26.79 25.45 15.00
CA VAL W 73 27.22 26.84 14.75
C VAL W 73 26.06 27.63 14.19
N ILE W 74 25.58 28.65 14.90
CA ILE W 74 24.48 29.46 14.35
C ILE W 74 25.00 30.54 13.40
N SER W 75 24.23 30.80 12.35
CA SER W 75 24.76 31.26 11.05
C SER W 75 25.27 32.70 11.01
N PRO W 76 24.36 33.70 10.92
CA PRO W 76 24.88 35.03 11.18
C PRO W 76 25.06 35.20 12.68
N ARG W 77 26.10 35.91 13.08
CA ARG W 77 26.43 36.05 14.49
C ARG W 77 25.47 37.05 15.13
N PHE W 78 24.29 36.54 15.49
CA PHE W 78 23.17 37.34 16.01
C PHE W 78 23.54 38.09 17.27
N ASN W 79 22.94 39.26 17.42
CA ASN W 79 23.22 40.13 18.56
C ASN W 79 22.29 39.75 19.70
N VAL W 80 22.86 39.27 20.80
CA VAL W 80 22.05 38.74 21.92
C VAL W 80 21.98 39.72 23.08
N LYS W 81 20.76 40.12 23.43
CA LYS W 81 20.51 41.07 24.51
C LYS W 81 20.14 40.35 25.81
N ILE W 82 21.11 39.64 26.39
CA ILE W 82 21.03 38.98 27.72
C ILE W 82 19.72 38.19 28.07
N ALA W 83 18.56 38.81 27.95
CA ALA W 83 17.27 38.13 28.11
C ALA W 83 17.00 37.14 26.99
N ASP W 84 17.37 37.52 25.77
CA ASP W 84 17.24 36.64 24.58
C ASP W 84 18.10 35.37 24.63
N VAL W 85 19.12 35.40 25.50
CA VAL W 85 20.04 34.29 25.70
C VAL W 85 19.27 33.04 26.09
N GLU W 86 18.36 33.22 27.04
CA GLU W 86 17.50 32.14 27.56
C GLU W 86 16.71 31.50 26.42
N LYS W 87 16.12 32.38 25.62
CA LYS W 87 15.30 31.99 24.47
C LYS W 87 16.14 31.12 23.51
N TRP W 88 17.34 31.61 23.24
CA TRP W 88 18.29 30.95 22.35
C TRP W 88 18.59 29.54 22.86
N THR W 89 18.85 29.48 24.16
CA THR W 89 19.18 28.22 24.82
C THR W 89 18.02 27.22 24.67
N ALA W 90 16.81 27.73 24.89
CA ALA W 90 15.59 26.95 24.77
C ALA W 90 15.46 26.36 23.37
N ASN W 91 15.71 27.23 22.39
CA ASN W 91 15.64 26.86 20.99
C ASN W 91 16.63 25.74 20.67
N LEU W 92 17.89 25.94 21.06
CA LEU W 92 19.00 25.09 20.62
C LEU W 92 19.20 23.86 21.50
N LEU W 93 19.37 24.10 22.80
CA LEU W 93 19.80 23.06 23.71
C LEU W 93 18.68 22.14 24.18
N PRO W 94 18.97 20.83 24.27
CA PRO W 94 18.13 19.88 24.98
C PRO W 94 18.30 20.04 26.49
N ALA W 95 17.18 20.31 27.17
CA ALA W 95 17.09 20.43 28.64
C ALA W 95 17.62 21.74 29.21
N ARG W 96 16.88 22.27 30.19
CA ARG W 96 17.34 23.39 31.03
C ARG W 96 18.67 23.07 31.73
N GLN W 97 18.86 21.80 32.08
CA GLN W 97 20.01 21.34 32.87
C GLN W 97 21.39 21.51 32.20
N PHE W 98 21.57 20.88 31.04
CA PHE W 98 22.91 20.68 30.44
C PHE W 98 23.06 21.11 28.99
N GLY W 99 24.32 21.27 28.58
CA GLY W 99 24.68 21.84 27.27
C GLY W 99 25.12 23.28 27.38
N TYR W 100 25.70 23.81 26.30
CA TYR W 100 26.19 25.20 26.25
C TYR W 100 25.94 25.85 24.90
N VAL W 101 25.97 27.19 24.89
CA VAL W 101 25.72 28.01 23.71
C VAL W 101 26.90 28.98 23.61
N ILE W 102 27.92 28.58 22.84
CA ILE W 102 29.18 29.30 22.79
C ILE W 102 28.96 30.62 22.06
N LEU W 103 29.12 31.72 22.81
CA LEU W 103 28.89 33.06 22.28
C LEU W 103 30.06 33.98 22.61
N THR W 104 30.56 34.64 21.57
CA THR W 104 31.59 35.67 21.73
C THR W 104 31.00 36.89 22.39
N THR W 105 31.83 37.53 23.20
CA THR W 105 31.47 38.78 23.83
C THR W 105 32.72 39.50 24.29
N SER W 106 32.57 40.81 24.50
CA SER W 106 33.60 41.67 25.05
C SER W 106 34.65 40.98 25.94
N ALA W 107 34.17 40.18 26.89
CA ALA W 107 35.04 39.43 27.82
C ALA W 107 35.90 38.35 27.15
N GLY W 108 35.32 37.66 26.16
CA GLY W 108 36.00 36.58 25.44
C GLY W 108 34.99 35.61 24.87
N ILE W 109 35.46 34.62 24.11
CA ILE W 109 34.58 33.54 23.63
C ILE W 109 34.32 32.58 24.78
N MET W 110 33.07 32.57 25.24
CA MET W 110 32.65 31.76 26.37
C MET W 110 31.28 31.15 26.13
N ASP W 111 30.95 30.18 26.95
CA ASP W 111 29.61 29.58 26.98
C ASP W 111 28.58 30.55 27.58
N HIS W 112 27.33 30.11 27.62
CA HIS W 112 26.19 30.94 28.00
C HIS W 112 26.18 31.17 29.51
N GLU W 113 26.39 30.07 30.24
CA GLU W 113 26.43 30.08 31.71
C GLU W 113 27.50 31.04 32.20
N GLU W 114 28.67 30.91 31.57
CA GLU W 114 29.84 31.73 31.90
C GLU W 114 29.51 33.21 31.72
N ALA W 115 28.88 33.49 30.58
CA ALA W 115 28.47 34.85 30.22
C ALA W 115 27.54 35.43 31.28
N HIS W 116 26.58 34.60 31.66
CA HIS W 116 25.57 34.95 32.68
C HIS W 116 26.26 35.32 33.99
N ARG W 117 27.22 34.47 34.36
CA ARG W 117 28.00 34.65 35.59
C ARG W 117 28.72 35.99 35.57
N LYS W 118 29.34 36.26 34.42
CA LYS W 118 30.10 37.49 34.21
C LYS W 118 29.18 38.71 34.37
N HIS W 119 28.02 38.54 33.74
CA HIS W 119 26.97 39.53 33.47
C HIS W 119 27.25 40.28 32.16
N VAL W 120 27.69 39.51 31.16
CA VAL W 120 28.21 40.05 29.90
C VAL W 120 27.90 39.09 28.75
N SER W 121 27.05 39.51 27.82
CA SER W 121 26.73 38.72 26.61
C SER W 121 27.16 39.48 25.34
N GLY W 122 26.93 38.86 24.17
CA GLY W 122 27.33 39.47 22.90
C GLY W 122 26.72 38.76 21.70
N LYS W 123 27.58 38.24 20.83
CA LYS W 123 27.15 37.61 19.57
C LYS W 123 27.38 36.11 19.63
N ILE W 124 26.44 35.31 19.13
CA ILE W 124 26.54 33.85 19.26
C ILE W 124 27.49 33.29 18.22
N LEU W 125 28.13 32.18 18.56
CA LEU W 125 28.90 31.40 17.60
C LEU W 125 28.24 30.04 17.41
N GLY W 126 28.16 29.24 18.47
CA GLY W 126 27.67 27.86 18.34
C GLY W 126 27.09 27.23 19.59
N PHE W 127 27.14 25.90 19.65
CA PHE W 127 26.59 25.14 20.79
C PHE W 127 27.03 23.67 20.81
N VAL W 128 26.85 23.01 21.96
CA VAL W 128 27.39 21.65 22.21
C VAL W 128 26.51 20.71 23.07
N TYR W 129 25.43 20.21 22.48
CA TYR W 129 24.56 19.18 23.11
C TYR W 129 23.63 18.57 22.06
N MET X 1 23.80 22.83 1.19
CA MET X 1 22.79 23.83 0.72
C MET X 1 22.48 24.89 1.79
N GLY X 2 22.71 26.15 1.43
CA GLY X 2 22.31 27.29 2.28
C GLY X 2 20.80 27.49 2.35
N LYS X 3 20.10 26.91 1.39
CA LYS X 3 18.64 26.85 1.35
C LYS X 3 18.01 28.20 1.05
N GLY X 4 18.21 28.64 -0.19
CA GLY X 4 17.47 29.73 -0.78
C GLY X 4 17.63 31.09 -0.13
N LYS X 5 16.89 31.28 0.94
CA LYS X 5 16.83 32.60 1.61
C LYS X 5 18.17 33.07 2.14
N PRO X 6 18.45 34.39 2.03
CA PRO X 6 19.72 34.94 2.47
C PRO X 6 19.82 34.96 3.99
N ARG X 7 20.89 34.38 4.52
CA ARG X 7 21.05 34.20 5.95
C ARG X 7 22.02 35.21 6.54
N GLY X 8 22.36 36.25 5.76
CA GLY X 8 23.24 37.30 6.22
C GLY X 8 22.65 38.11 7.36
N LEU X 9 23.52 38.79 8.09
CA LEU X 9 23.11 39.58 9.24
C LEU X 9 22.51 40.93 8.82
N ASN X 10 22.76 41.35 7.58
CA ASN X 10 22.19 42.58 7.02
C ASN X 10 21.28 42.33 5.81
N SER X 11 20.67 41.15 5.71
CA SER X 11 19.87 40.76 4.54
C SER X 11 18.37 40.83 4.81
N ALA X 12 17.95 41.84 5.56
CA ALA X 12 16.66 41.83 6.24
C ALA X 12 15.57 42.40 5.34
N ARG X 13 15.91 43.53 4.72
CA ARG X 13 15.01 44.23 3.80
C ARG X 13 14.60 43.31 2.66
N LYS X 14 15.61 42.64 2.11
CA LYS X 14 15.43 41.69 1.00
C LYS X 14 14.45 40.61 1.40
N LEU X 15 14.68 40.07 2.58
CA LEU X 15 13.85 39.00 3.16
C LEU X 15 12.41 39.45 3.25
N ARG X 16 12.24 40.66 3.77
CA ARG X 16 10.92 41.28 3.95
C ARG X 16 10.20 41.37 2.61
N VAL X 17 10.95 41.85 1.62
CA VAL X 17 10.44 42.02 0.25
C VAL X 17 9.94 40.69 -0.29
N HIS X 18 10.77 39.67 -0.08
CA HIS X 18 10.48 38.31 -0.54
C HIS X 18 9.17 37.82 0.08
N ARG X 19 9.06 38.05 1.38
CA ARG X 19 7.89 37.65 2.15
C ARG X 19 6.64 38.31 1.59
N ARG X 20 6.76 39.60 1.32
CA ARG X 20 5.68 40.41 0.75
C ARG X 20 5.22 39.82 -0.57
N ASN X 21 6.20 39.51 -1.40
CA ASN X 21 5.97 38.94 -2.72
C ASN X 21 5.19 37.63 -2.60
N ASN X 22 5.64 36.80 -1.67
CA ASN X 22 5.03 35.51 -1.42
C ASN X 22 3.58 35.67 -1.01
N ARG X 23 3.35 36.64 -0.13
CA ARG X 23 2.01 36.95 0.38
C ARG X 23 0.95 36.99 -0.71
N TRP X 24 1.30 37.46 -1.90
CA TRP X 24 0.37 37.46 -3.04
C TRP X 24 0.04 36.10 -3.68
N ALA X 25 0.59 35.01 -3.16
CA ALA X 25 0.13 33.65 -3.52
C ALA X 25 -0.94 33.15 -2.57
N GLU X 26 -0.93 33.65 -1.33
CA GLU X 26 -1.92 33.28 -0.32
C GLU X 26 -3.24 33.97 -0.63
N THR X 27 -4.31 33.20 -0.69
CA THR X 27 -5.55 33.61 -1.36
C THR X 27 -6.33 34.57 -0.48
N THR X 28 -6.46 34.16 0.78
CA THR X 28 -7.18 34.93 1.79
C THR X 28 -6.58 36.32 1.93
N TYR X 29 -5.24 36.32 2.02
CA TYR X 29 -4.46 37.56 2.16
C TYR X 29 -4.75 38.49 1.00
N LYS X 30 -4.71 37.90 -0.19
CA LYS X 30 -4.95 38.62 -1.45
C LYS X 30 -6.32 39.29 -1.41
N LYS X 31 -7.30 38.50 -0.99
CA LYS X 31 -8.69 38.93 -0.90
C LYS X 31 -8.79 40.14 0.04
N ARG X 32 -8.13 40.01 1.18
CA ARG X 32 -8.11 41.05 2.20
C ARG X 32 -7.54 42.35 1.62
N LEU X 33 -6.44 42.19 0.90
CA LEU X 33 -5.76 43.31 0.28
C LEU X 33 -6.64 44.03 -0.75
N LEU X 34 -7.06 43.29 -1.77
CA LEU X 34 -7.63 43.91 -2.98
C LEU X 34 -9.07 44.39 -2.78
N GLY X 35 -9.73 43.90 -1.74
CA GLY X 35 -11.10 44.27 -1.47
C GLY X 35 -12.04 43.60 -2.47
N THR X 36 -11.81 42.31 -2.69
CA THR X 36 -12.68 41.51 -3.56
C THR X 36 -14.10 41.43 -2.99
N ALA X 37 -14.18 41.35 -1.66
CA ALA X 37 -15.45 41.40 -0.95
C ALA X 37 -16.16 42.75 -1.12
N PHE X 38 -15.40 43.83 -1.05
CA PHE X 38 -15.95 45.19 -1.20
C PHE X 38 -16.32 45.56 -2.64
N LYS X 39 -15.64 44.96 -3.62
CA LYS X 39 -15.89 45.23 -5.04
C LYS X 39 -16.84 44.24 -5.71
N SER X 40 -16.92 43.02 -5.18
CA SER X 40 -17.77 41.95 -5.74
C SER X 40 -18.59 41.31 -4.59
N SER X 41 -18.88 40.02 -4.71
CA SER X 41 -19.31 39.17 -3.59
C SER X 41 -20.73 39.49 -3.07
N PRO X 42 -21.70 39.65 -3.99
CA PRO X 42 -23.00 40.31 -3.82
C PRO X 42 -23.20 41.20 -2.59
N PHE X 43 -22.96 40.65 -1.41
CA PHE X 43 -22.94 41.41 -0.16
C PHE X 43 -21.75 42.38 -0.19
N GLY X 44 -21.75 43.36 0.70
CA GLY X 44 -20.68 44.37 0.75
C GLY X 44 -19.55 43.98 1.67
N GLY X 45 -19.11 42.72 1.58
CA GLY X 45 -18.22 42.13 2.59
C GLY X 45 -18.87 42.14 3.96
N SER X 46 -20.16 41.83 4.00
CA SER X 46 -20.96 41.90 5.22
C SER X 46 -21.45 40.50 5.61
N SER X 47 -21.97 40.40 6.83
CA SER X 47 -22.55 39.16 7.33
C SER X 47 -23.88 38.87 6.64
N HIS X 48 -24.74 39.89 6.61
CA HIS X 48 -26.10 39.76 6.10
C HIS X 48 -26.45 40.84 5.09
N ALA X 49 -27.55 40.61 4.38
CA ALA X 49 -28.12 41.60 3.48
C ALA X 49 -29.62 41.34 3.30
N LYS X 50 -30.42 42.41 3.41
CA LYS X 50 -31.85 42.33 3.12
C LYS X 50 -32.03 42.38 1.62
N GLY X 51 -32.96 41.56 1.13
CA GLY X 51 -33.21 41.42 -0.30
C GLY X 51 -34.66 41.07 -0.59
N ILE X 52 -35.11 41.46 -1.77
CA ILE X 52 -36.50 41.28 -2.18
C ILE X 52 -36.64 39.96 -2.92
N VAL X 53 -37.65 39.18 -2.53
CA VAL X 53 -37.97 37.90 -3.16
C VAL X 53 -38.58 38.15 -4.53
N LEU X 54 -37.78 38.01 -5.60
CA LEU X 54 -38.28 38.18 -6.97
C LEU X 54 -39.15 37.00 -7.40
N GLU X 55 -38.70 35.78 -7.10
CA GLU X 55 -39.48 34.57 -7.36
C GLU X 55 -38.95 33.33 -6.64
N LYS X 56 -39.85 32.38 -6.43
CA LYS X 56 -39.52 31.07 -5.86
C LYS X 56 -39.03 30.18 -6.99
N ILE X 57 -37.84 29.60 -6.84
CA ILE X 57 -37.24 28.73 -7.86
C ILE X 57 -36.71 27.45 -7.25
N GLY X 58 -37.28 26.32 -7.66
CA GLY X 58 -36.74 25.01 -7.32
C GLY X 58 -35.52 24.70 -8.18
N ILE X 59 -34.38 24.49 -7.53
CA ILE X 59 -33.12 24.16 -8.22
C ILE X 59 -32.80 22.69 -8.06
N GLU X 60 -32.42 22.05 -9.16
CA GLU X 60 -32.11 20.62 -9.19
C GLU X 60 -30.71 20.41 -8.60
N SER X 61 -30.61 19.47 -7.67
CA SER X 61 -29.38 19.25 -6.91
C SER X 61 -28.26 18.60 -7.73
N LYS X 62 -27.05 18.68 -7.20
CA LYS X 62 -25.81 18.32 -7.90
C LYS X 62 -25.72 16.89 -8.40
N GLN X 63 -25.65 15.91 -7.50
CA GLN X 63 -25.38 14.52 -7.89
C GLN X 63 -25.50 13.63 -6.65
N PRO X 64 -25.06 12.33 -6.68
CA PRO X 64 -25.55 11.48 -5.62
C PRO X 64 -27.00 11.70 -5.18
N ASN X 65 -27.23 12.50 -4.14
CA ASN X 65 -28.58 12.88 -3.77
C ASN X 65 -29.24 13.69 -4.88
N SER X 66 -30.46 13.28 -5.28
CA SER X 66 -31.18 13.96 -6.35
C SER X 66 -32.49 14.52 -5.82
N ALA X 67 -32.66 15.83 -5.95
CA ALA X 67 -33.86 16.51 -5.48
C ALA X 67 -33.93 17.95 -5.96
N ILE X 68 -35.07 18.57 -5.71
CA ILE X 68 -35.30 19.98 -6.00
C ILE X 68 -35.21 20.73 -4.67
N ARG X 69 -34.41 21.79 -4.65
CA ARG X 69 -33.94 22.42 -3.40
C ARG X 69 -34.57 23.78 -3.06
N LYS X 70 -35.78 24.03 -3.57
CA LYS X 70 -36.64 25.16 -3.13
C LYS X 70 -35.87 26.42 -2.74
N CYS X 71 -35.23 27.02 -3.74
CA CYS X 71 -34.48 28.26 -3.57
C CYS X 71 -35.33 29.46 -3.94
N VAL X 72 -34.79 30.66 -3.73
CA VAL X 72 -35.47 31.90 -4.05
C VAL X 72 -34.50 32.81 -4.78
N ARG X 73 -34.98 33.42 -5.87
CA ARG X 73 -34.22 34.47 -6.56
C ARG X 73 -34.45 35.78 -5.81
N VAL X 74 -33.39 36.28 -5.17
CA VAL X 74 -33.44 37.45 -4.32
C VAL X 74 -32.70 38.60 -5.01
N GLN X 75 -33.26 39.81 -4.92
CA GLN X 75 -32.56 41.02 -5.35
C GLN X 75 -32.12 41.81 -4.12
N LEU X 76 -30.80 41.96 -3.93
CA LEU X 76 -30.25 42.68 -2.77
C LEU X 76 -30.58 44.16 -2.86
N ILE X 77 -30.93 44.74 -1.72
CA ILE X 77 -31.46 46.11 -1.66
C ILE X 77 -30.36 47.16 -1.83
N LYS X 78 -29.29 47.03 -1.06
CA LYS X 78 -28.24 48.07 -1.02
C LYS X 78 -27.45 48.23 -2.32
N ASN X 79 -27.10 47.11 -2.95
CA ASN X 79 -26.33 47.11 -4.20
C ASN X 79 -27.21 47.10 -5.44
N GLY X 80 -28.23 46.23 -5.42
CA GLY X 80 -29.10 45.99 -6.57
C GLY X 80 -28.83 44.69 -7.31
N LYS X 81 -27.88 43.89 -6.80
CA LYS X 81 -27.50 42.63 -7.46
C LYS X 81 -28.51 41.54 -7.21
N LYS X 82 -28.48 40.52 -8.05
CA LYS X 82 -29.45 39.43 -8.01
C LYS X 82 -28.77 38.09 -7.70
N VAL X 83 -29.23 37.43 -6.65
CA VAL X 83 -28.63 36.19 -6.14
C VAL X 83 -29.69 35.13 -5.92
N THR X 84 -29.25 33.92 -5.58
CA THR X 84 -30.15 32.80 -5.33
C THR X 84 -29.92 32.23 -3.93
N ALA X 85 -30.95 32.30 -3.09
CA ALA X 85 -30.85 31.87 -1.69
C ALA X 85 -31.67 30.61 -1.46
N PHE X 86 -31.01 29.56 -0.96
CA PHE X 86 -31.69 28.35 -0.51
C PHE X 86 -32.52 28.66 0.74
N VAL X 87 -33.62 27.92 0.90
CA VAL X 87 -34.56 28.14 2.00
C VAL X 87 -34.66 26.83 2.82
N PRO X 88 -34.26 26.89 4.12
CA PRO X 88 -34.08 25.67 4.92
C PRO X 88 -35.35 25.05 5.49
N ASN X 89 -35.23 23.82 5.99
CA ASN X 89 -36.31 23.03 6.63
C ASN X 89 -37.50 22.67 5.71
N ASP X 90 -38.45 21.90 6.23
CA ASP X 90 -39.65 21.48 5.48
C ASP X 90 -40.54 22.67 5.17
N GLY X 91 -41.01 22.73 3.92
CA GLY X 91 -41.83 23.83 3.46
C GLY X 91 -40.94 25.06 3.40
N CYS X 92 -41.17 26.00 4.33
CA CYS X 92 -40.38 27.21 4.50
C CYS X 92 -40.57 28.15 3.30
N LEU X 93 -40.52 27.57 2.10
CA LEU X 93 -40.68 28.35 0.89
C LEU X 93 -42.08 28.97 0.85
N ASN X 94 -43.09 28.20 1.27
CA ASN X 94 -44.48 28.68 1.35
C ASN X 94 -44.57 29.90 2.26
N PHE X 95 -43.93 29.76 3.41
CA PHE X 95 -43.88 30.82 4.43
C PHE X 95 -43.28 32.09 3.84
N VAL X 96 -42.16 31.89 3.13
CA VAL X 96 -41.44 32.99 2.48
C VAL X 96 -42.38 33.73 1.50
N ASP X 97 -43.16 33.00 0.71
CA ASP X 97 -44.09 33.58 -0.30
C ASP X 97 -43.31 34.26 -1.44
N GLU X 98 -43.71 35.47 -1.86
CA GLU X 98 -43.26 36.10 -3.11
C GLU X 98 -43.36 37.62 -2.98
N ASN X 99 -42.32 38.33 -3.47
CA ASN X 99 -42.20 39.80 -3.31
C ASN X 99 -42.00 40.28 -1.86
N ASP X 100 -41.72 39.35 -0.94
CA ASP X 100 -41.44 39.72 0.45
C ASP X 100 -40.00 40.21 0.57
N GLU X 101 -39.76 41.03 1.59
CA GLU X 101 -38.40 41.34 2.02
C GLU X 101 -37.86 40.09 2.69
N VAL X 102 -36.57 39.82 2.50
CA VAL X 102 -35.96 38.61 3.01
C VAL X 102 -34.51 38.87 3.42
N LEU X 103 -34.21 38.65 4.71
CA LEU X 103 -32.87 38.88 5.26
C LEU X 103 -32.02 37.65 5.01
N LEU X 104 -31.02 37.79 4.15
CA LEU X 104 -30.14 36.69 3.80
C LEU X 104 -28.93 36.59 4.72
N ALA X 105 -28.34 35.41 4.75
CA ALA X 105 -27.06 35.18 5.41
C ALA X 105 -26.22 34.32 4.48
N GLY X 106 -24.91 34.33 4.71
CA GLY X 106 -24.00 33.43 3.99
C GLY X 106 -24.32 31.99 4.33
N PHE X 107 -23.97 31.07 3.44
CA PHE X 107 -24.35 29.67 3.63
C PHE X 107 -23.40 28.94 4.60
N GLY X 108 -22.13 29.37 4.63
CA GLY X 108 -21.13 28.74 5.51
C GLY X 108 -19.70 28.73 5.02
N ARG X 109 -19.53 28.62 3.70
CA ARG X 109 -18.23 28.32 3.08
C ARG X 109 -17.40 29.57 2.68
N LYS X 110 -17.63 30.71 3.33
CA LYS X 110 -16.94 31.97 3.02
C LYS X 110 -17.09 32.31 1.53
N GLY X 111 -18.34 32.35 1.09
CA GLY X 111 -18.69 32.34 -0.32
C GLY X 111 -18.90 30.89 -0.72
N LYS X 112 -18.71 30.60 -2.01
CA LYS X 112 -18.73 29.21 -2.54
C LYS X 112 -20.10 28.52 -2.43
N ALA X 113 -20.21 27.33 -3.02
CA ALA X 113 -21.42 26.52 -2.90
C ALA X 113 -21.51 25.87 -1.53
N LYS X 114 -22.69 25.32 -1.22
CA LYS X 114 -22.91 24.60 0.04
C LYS X 114 -23.37 23.18 -0.27
N GLY X 115 -22.38 22.30 -0.43
CA GLY X 115 -22.63 20.89 -0.67
C GLY X 115 -23.18 20.61 -2.06
N ASP X 116 -24.48 20.33 -2.11
CA ASP X 116 -25.13 19.81 -3.33
C ASP X 116 -25.90 20.85 -4.15
N ILE X 117 -26.23 22.00 -3.56
CA ILE X 117 -27.10 22.97 -4.23
C ILE X 117 -26.19 23.80 -5.14
N PRO X 118 -26.28 23.59 -6.48
CA PRO X 118 -25.34 24.27 -7.36
C PRO X 118 -25.74 25.70 -7.66
N GLY X 119 -24.78 26.62 -7.62
CA GLY X 119 -25.01 28.04 -7.90
C GLY X 119 -25.88 28.71 -6.84
N VAL X 120 -25.62 28.39 -5.58
CA VAL X 120 -26.44 28.84 -4.46
C VAL X 120 -25.51 29.10 -3.26
N ARG X 121 -25.67 30.27 -2.65
CA ARG X 121 -24.71 30.78 -1.68
C ARG X 121 -25.30 31.35 -0.38
N PHE X 122 -26.61 31.29 -0.19
CA PHE X 122 -27.23 32.03 0.90
C PHE X 122 -28.41 31.30 1.55
N LYS X 123 -28.47 31.40 2.88
CA LYS X 123 -29.64 31.00 3.64
C LYS X 123 -30.54 32.22 3.74
N VAL X 124 -31.82 32.03 3.45
CA VAL X 124 -32.83 32.97 3.91
C VAL X 124 -32.90 32.79 5.41
N VAL X 125 -32.90 33.90 6.16
CA VAL X 125 -33.02 33.83 7.60
C VAL X 125 -34.39 34.35 8.01
N LYS X 126 -34.61 35.65 7.82
CA LYS X 126 -35.85 36.30 8.20
C LYS X 126 -36.66 36.58 6.94
N VAL X 127 -37.97 36.38 7.02
CA VAL X 127 -38.90 36.77 5.96
C VAL X 127 -39.81 37.87 6.49
N SER X 128 -39.67 39.07 5.94
CA SER X 128 -40.49 40.22 6.31
C SER X 128 -40.51 40.48 7.83
N GLY X 129 -39.36 40.27 8.47
CA GLY X 129 -39.20 40.50 9.90
C GLY X 129 -39.81 39.43 10.81
N VAL X 130 -39.28 38.21 10.72
CA VAL X 130 -39.50 37.19 11.75
C VAL X 130 -38.25 36.32 11.94
N SER X 131 -38.13 35.24 11.16
CA SER X 131 -37.14 34.17 11.32
C SER X 131 -37.80 32.86 10.86
N LEU X 132 -37.11 32.16 9.97
CA LEU X 132 -37.64 31.03 9.21
C LEU X 132 -37.75 29.81 10.13
N LEU X 133 -36.70 29.58 10.90
CA LEU X 133 -36.62 28.48 11.86
C LEU X 133 -37.77 28.57 12.85
N ALA X 134 -37.97 29.77 13.36
CA ALA X 134 -39.02 30.07 14.34
C ALA X 134 -40.39 29.71 13.75
N LEU X 135 -40.58 30.15 12.52
CA LEU X 135 -41.83 29.92 11.78
C LEU X 135 -42.10 28.42 11.67
N TRP X 136 -41.05 27.70 11.29
CA TRP X 136 -41.09 26.26 11.11
C TRP X 136 -41.52 25.58 12.43
N LYS X 137 -40.89 26.04 13.51
CA LYS X 137 -41.17 25.52 14.84
C LYS X 137 -42.64 25.73 15.21
N GLU X 138 -43.11 26.96 14.94
CA GLU X 138 -44.36 27.54 15.43
C GLU X 138 -44.28 27.89 16.92
N LYS X 139 -43.06 28.23 17.38
CA LYS X 139 -42.87 28.84 18.69
C LYS X 139 -43.31 30.30 18.63
N LYS X 140 -42.94 30.97 17.55
CA LYS X 140 -43.44 32.31 17.21
C LYS X 140 -44.33 32.23 15.97
N GLU X 141 -45.31 33.13 15.90
CA GLU X 141 -46.24 33.19 14.76
C GLU X 141 -45.89 34.35 13.83
N LYS X 142 -46.34 34.25 12.58
CA LYS X 142 -46.13 35.29 11.57
C LYS X 142 -47.00 36.51 11.88
N PRO X 143 -46.49 37.74 11.61
CA PRO X 143 -47.35 38.92 11.70
C PRO X 143 -48.27 39.04 10.47
N ARG X 144 -49.33 38.23 10.45
CA ARG X 144 -50.34 38.15 9.37
C ARG X 144 -49.72 38.25 7.94
N SER X 145 -50.40 38.93 7.00
CA SER X 145 -49.83 39.19 5.68
C SER X 145 -48.77 40.29 5.76
N SER Y 1 -31.02 43.10 75.03
CA SER Y 1 -31.47 42.59 73.70
C SER Y 1 -30.49 42.96 72.59
N ASP Y 2 -30.30 44.26 72.37
CA ASP Y 2 -29.40 44.78 71.32
C ASP Y 2 -28.54 45.94 71.85
N ALA Y 3 -29.20 46.99 72.32
CA ALA Y 3 -28.57 48.18 72.94
C ALA Y 3 -27.93 49.19 71.96
N ILE Y 4 -28.09 48.97 70.65
CA ILE Y 4 -27.56 49.87 69.61
C ILE Y 4 -26.09 50.26 69.88
N THR Y 5 -25.21 49.27 69.82
CA THR Y 5 -23.78 49.49 70.12
C THR Y 5 -23.14 50.39 69.06
N ILE Y 6 -23.01 51.67 69.40
CA ILE Y 6 -22.44 52.70 68.51
C ILE Y 6 -20.96 52.93 68.83
N ARG Y 7 -20.18 53.14 67.78
CA ARG Y 7 -18.77 53.53 67.87
C ARG Y 7 -18.55 54.72 66.95
N THR Y 8 -17.38 55.35 67.07
CA THR Y 8 -17.01 56.51 66.25
C THR Y 8 -15.57 56.37 65.78
N ARG Y 9 -15.39 55.65 64.68
CA ARG Y 9 -14.04 55.34 64.16
C ARG Y 9 -13.48 56.52 63.36
N LYS Y 10 -12.15 56.67 63.40
CA LYS Y 10 -11.42 57.62 62.55
C LYS Y 10 -11.83 59.08 62.79
N VAL Y 11 -11.75 59.52 64.04
CA VAL Y 11 -12.15 60.87 64.43
C VAL Y 11 -11.09 61.89 64.03
N ILE Y 12 -11.43 62.73 63.05
CA ILE Y 12 -10.62 63.87 62.65
C ILE Y 12 -11.32 65.12 63.18
N SER Y 13 -10.66 65.78 64.14
CA SER Y 13 -11.09 67.10 64.59
C SER Y 13 -10.73 68.12 63.51
N ASN Y 14 -11.68 68.98 63.17
CA ASN Y 14 -11.54 69.93 62.07
C ASN Y 14 -11.77 71.36 62.58
N PRO Y 15 -10.70 72.05 62.99
CA PRO Y 15 -10.78 73.48 63.29
C PRO Y 15 -11.07 74.37 62.08
N LEU Y 16 -10.74 73.89 60.87
CA LEU Y 16 -11.00 74.64 59.64
C LEU Y 16 -12.50 74.73 59.37
N LEU Y 17 -13.13 73.56 59.24
CA LEU Y 17 -14.58 73.47 59.03
C LEU Y 17 -15.39 73.67 60.31
N ALA Y 18 -14.73 73.60 61.47
CA ALA Y 18 -15.37 73.76 62.80
C ALA Y 18 -16.27 72.57 63.14
N ARG Y 19 -15.66 71.39 63.18
CA ARG Y 19 -16.38 70.13 63.41
C ARG Y 19 -15.44 69.02 63.89
N LYS Y 20 -16.05 67.91 64.30
CA LYS Y 20 -15.38 66.63 64.46
C LYS Y 20 -15.98 65.73 63.41
N GLN Y 21 -15.21 65.37 62.39
CA GLN Y 21 -15.69 64.45 61.34
C GLN Y 21 -15.17 63.04 61.59
N PHE Y 22 -16.00 62.04 61.30
CA PHE Y 22 -15.64 60.64 61.59
C PHE Y 22 -16.49 59.60 60.87
N VAL Y 23 -15.99 58.37 60.87
CA VAL Y 23 -16.74 57.22 60.40
C VAL Y 23 -17.62 56.74 61.54
N VAL Y 24 -18.94 56.75 61.32
CA VAL Y 24 -19.88 56.11 62.24
C VAL Y 24 -19.86 54.62 61.97
N ASP Y 25 -19.53 53.84 63.00
CA ASP Y 25 -19.69 52.38 62.97
C ASP Y 25 -20.76 52.06 64.00
N VAL Y 26 -21.68 51.16 63.67
CA VAL Y 26 -22.79 50.87 64.57
C VAL Y 26 -23.30 49.42 64.43
N LEU Y 27 -23.77 48.87 65.55
CA LEU Y 27 -24.18 47.45 65.63
C LEU Y 27 -25.65 47.28 66.03
N HIS Y 28 -26.26 46.19 65.56
CA HIS Y 28 -27.70 45.91 65.75
C HIS Y 28 -28.13 44.68 66.56
N PRO Y 29 -27.18 43.80 66.99
CA PRO Y 29 -27.51 42.41 67.39
C PRO Y 29 -29.01 42.05 67.56
N ASN Y 30 -29.58 41.45 66.51
CA ASN Y 30 -30.98 40.99 66.43
C ASN Y 30 -32.01 42.06 65.99
N ARG Y 31 -31.76 43.33 66.32
CA ARG Y 31 -32.41 44.44 65.61
C ARG Y 31 -31.87 44.46 64.19
N ALA Y 32 -32.61 45.06 63.28
CA ALA Y 32 -32.18 45.24 61.90
C ALA Y 32 -32.42 46.68 61.48
N ASN Y 33 -31.38 47.30 60.92
CA ASN Y 33 -31.31 48.74 60.65
C ASN Y 33 -31.26 49.59 61.93
N VAL Y 34 -30.49 50.67 61.87
CA VAL Y 34 -30.27 51.56 63.04
C VAL Y 34 -31.17 52.78 63.09
N SER Y 35 -31.53 53.31 61.92
CA SER Y 35 -32.23 54.60 61.77
C SER Y 35 -31.31 55.77 62.08
N LYS Y 36 -31.53 56.85 61.35
CA LYS Y 36 -30.60 57.98 61.27
C LYS Y 36 -30.77 58.87 62.50
N ASP Y 37 -32.03 59.15 62.82
CA ASP Y 37 -32.39 59.99 63.96
C ASP Y 37 -31.82 59.40 65.25
N GLU Y 38 -32.02 58.08 65.38
CA GLU Y 38 -31.54 57.32 66.55
C GLU Y 38 -30.03 57.47 66.70
N LEU Y 39 -29.36 57.31 65.56
CA LEU Y 39 -27.90 57.41 65.48
C LEU Y 39 -27.44 58.78 65.97
N ARG Y 40 -28.13 59.79 65.46
CA ARG Y 40 -27.85 61.20 65.80
C ARG Y 40 -27.97 61.40 67.30
N GLU Y 41 -29.05 60.86 67.86
CA GLU Y 41 -29.35 60.94 69.28
C GLU Y 41 -28.21 60.35 70.10
N LYS Y 42 -27.80 59.16 69.64
CA LYS Y 42 -26.71 58.41 70.29
C LYS Y 42 -25.43 59.24 70.31
N LEU Y 43 -25.14 59.84 69.16
CA LEU Y 43 -23.97 60.68 68.97
C LEU Y 43 -23.99 61.84 69.97
N ALA Y 44 -25.15 62.46 70.06
CA ALA Y 44 -25.39 63.60 70.95
C ALA Y 44 -25.10 63.20 72.40
N GLU Y 45 -25.64 62.03 72.76
CA GLU Y 45 -25.47 61.51 74.10
C GLU Y 45 -23.99 61.29 74.42
N ALA Y 46 -23.29 60.72 73.44
CA ALA Y 46 -21.87 60.46 73.57
C ALA Y 46 -21.06 61.75 73.76
N TYR Y 47 -21.20 62.61 72.76
CA TYR Y 47 -20.27 63.73 72.49
C TYR Y 47 -20.72 65.05 73.12
N LYS Y 48 -21.96 65.09 73.64
CA LYS Y 48 -22.55 66.31 74.21
C LYS Y 48 -22.74 67.37 73.12
N ALA Y 49 -23.27 66.92 71.97
CA ALA Y 49 -23.34 67.70 70.73
C ALA Y 49 -24.71 68.28 70.41
N GLU Y 50 -25.77 67.54 70.75
CA GLU Y 50 -27.17 67.83 70.36
C GLU Y 50 -27.42 67.61 68.86
N LYS Y 51 -28.54 66.96 68.54
CA LYS Y 51 -28.87 66.50 67.16
C LYS Y 51 -28.73 67.60 66.10
N ASP Y 52 -29.22 68.78 66.46
CA ASP Y 52 -29.04 70.03 65.71
C ASP Y 52 -27.68 70.27 65.02
N ALA Y 53 -26.59 69.90 65.71
CA ALA Y 53 -25.21 70.05 65.16
C ALA Y 53 -24.50 68.72 64.84
N VAL Y 54 -25.16 67.60 65.13
CA VAL Y 54 -24.78 66.29 64.60
C VAL Y 54 -25.26 66.24 63.15
N SER Y 55 -24.53 65.52 62.31
CA SER Y 55 -24.88 65.41 60.89
C SER Y 55 -24.30 64.15 60.26
N VAL Y 56 -25.17 63.24 59.84
CA VAL Y 56 -24.76 61.91 59.39
C VAL Y 56 -25.25 61.63 57.97
N PHE Y 57 -24.49 60.78 57.28
CA PHE Y 57 -24.79 60.39 55.90
C PHE Y 57 -24.03 59.11 55.52
N GLY Y 58 -24.35 58.57 54.34
CA GLY Y 58 -23.75 57.32 53.89
C GLY Y 58 -24.40 56.12 54.57
N PHE Y 59 -23.58 55.17 55.00
CA PHE Y 59 -24.00 53.91 55.66
C PHE Y 59 -24.03 52.78 54.64
N ARG Y 60 -25.22 52.30 54.27
CA ARG Y 60 -25.39 50.99 53.65
C ARG Y 60 -24.92 49.91 54.62
N THR Y 61 -25.88 49.17 55.19
CA THR Y 61 -25.58 48.12 56.17
C THR Y 61 -24.72 47.04 55.53
N GLN Y 62 -23.99 46.28 56.35
CA GLN Y 62 -23.02 45.29 55.83
C GLN Y 62 -23.66 44.27 54.88
N TYR Y 63 -24.31 43.26 55.46
CA TYR Y 63 -24.84 42.10 54.75
C TYR Y 63 -25.22 41.08 55.81
N GLY Y 64 -26.50 40.74 55.89
CA GLY Y 64 -27.01 39.90 56.98
C GLY Y 64 -27.11 40.69 58.28
N GLY Y 65 -27.82 41.81 58.21
CA GLY Y 65 -27.95 42.77 59.31
C GLY Y 65 -26.65 43.07 60.02
N GLY Y 66 -26.67 42.95 61.35
CA GLY Y 66 -25.45 43.01 62.16
C GLY Y 66 -24.86 44.39 62.32
N LYS Y 67 -24.19 44.86 61.26
CA LYS Y 67 -23.36 46.06 61.32
C LYS Y 67 -23.80 47.11 60.31
N SER Y 68 -23.47 48.37 60.59
CA SER Y 68 -23.61 49.45 59.61
C SER Y 68 -22.49 50.49 59.79
N THR Y 69 -22.04 51.03 58.66
CA THR Y 69 -20.80 51.78 58.59
C THR Y 69 -20.97 53.06 57.77
N GLY Y 70 -21.49 54.10 58.42
CA GLY Y 70 -21.70 55.40 57.78
C GLY Y 70 -20.67 56.44 58.12
N PHE Y 71 -21.01 57.68 57.77
CA PHE Y 71 -20.12 58.82 57.96
C PHE Y 71 -20.85 59.91 58.72
N GLY Y 72 -20.26 60.35 59.84
CA GLY Y 72 -20.89 61.30 60.74
C GLY Y 72 -19.97 62.44 61.15
N LEU Y 73 -20.54 63.65 61.20
CA LEU Y 73 -19.85 64.83 61.68
C LEU Y 73 -20.61 65.40 62.86
N VAL Y 74 -19.87 66.10 63.71
CA VAL Y 74 -20.42 66.79 64.88
C VAL Y 74 -19.81 68.18 64.89
N TYR Y 75 -20.59 69.17 64.47
CA TYR Y 75 -20.07 70.53 64.34
C TYR Y 75 -19.80 71.18 65.71
N ASN Y 76 -18.95 72.19 65.70
CA ASN Y 76 -18.64 72.96 66.92
C ASN Y 76 -19.82 73.79 67.43
N SER Y 77 -20.77 74.07 66.53
CA SER Y 77 -22.05 74.66 66.90
C SER Y 77 -23.13 74.29 65.88
N VAL Y 78 -24.37 74.71 66.18
CA VAL Y 78 -25.51 74.56 65.29
C VAL Y 78 -25.39 75.54 64.11
N ALA Y 79 -25.05 76.78 64.46
CA ALA Y 79 -24.87 77.86 63.49
C ALA Y 79 -23.81 77.48 62.47
N ASP Y 80 -22.70 76.96 63.00
CA ASP Y 80 -21.56 76.53 62.17
C ASP Y 80 -22.00 75.46 61.19
N ALA Y 81 -22.75 74.50 61.71
CA ALA Y 81 -23.28 73.39 60.92
C ALA Y 81 -24.14 73.91 59.77
N LYS Y 82 -25.00 74.85 60.12
CA LYS Y 82 -25.91 75.49 59.16
C LYS Y 82 -25.11 76.14 58.03
N LYS Y 83 -24.09 76.93 58.37
CA LYS Y 83 -23.36 77.74 57.38
C LYS Y 83 -22.23 77.02 56.61
N PHE Y 84 -22.01 75.74 56.90
CA PHE Y 84 -21.02 74.91 56.19
C PHE Y 84 -21.64 73.75 55.42
N GLU Y 85 -22.47 72.99 56.13
CA GLU Y 85 -23.09 71.78 55.56
C GLU Y 85 -23.89 72.09 54.31
N PRO Y 86 -23.80 71.22 53.28
CA PRO Y 86 -24.69 71.36 52.12
C PRO Y 86 -26.17 71.27 52.50
N ALA Y 87 -26.99 71.91 51.68
CA ALA Y 87 -28.38 72.17 51.97
C ALA Y 87 -29.21 70.91 52.05
N TYR Y 88 -28.88 69.95 51.19
CA TYR Y 88 -29.57 68.67 51.11
C TYR Y 88 -29.52 67.96 52.46
N ARG Y 89 -28.33 67.95 53.04
CA ARG Y 89 -28.08 67.32 54.34
C ARG Y 89 -28.98 67.95 55.41
N LEU Y 90 -29.01 69.27 55.39
CA LEU Y 90 -29.81 70.07 56.32
C LEU Y 90 -31.29 69.68 56.21
N VAL Y 91 -31.73 69.59 54.96
CA VAL Y 91 -33.12 69.24 54.64
C VAL Y 91 -33.45 67.87 55.22
N ARG Y 92 -32.53 66.94 55.01
CA ARG Y 92 -32.66 65.56 55.49
C ARG Y 92 -32.83 65.55 57.01
N TYR Y 93 -31.96 66.32 57.66
CA TYR Y 93 -31.95 66.44 59.11
C TYR Y 93 -33.30 66.96 59.62
N GLY Y 94 -33.80 68.00 58.96
CA GLY Y 94 -35.00 68.73 59.39
C GLY Y 94 -34.70 70.18 59.76
N LEU Y 95 -33.41 70.46 60.03
CA LEU Y 95 -32.92 71.79 60.39
C LEU Y 95 -33.37 72.89 59.42
N ALA Y 96 -32.93 72.77 58.17
CA ALA Y 96 -33.31 73.71 57.11
C ALA Y 96 -34.62 73.28 56.48
N GLU Y 97 -35.14 74.12 55.59
CA GLU Y 97 -36.36 73.83 54.81
C GLU Y 97 -36.01 73.45 53.38
N LYS Y 98 -36.92 72.74 52.73
CA LYS Y 98 -36.74 72.34 51.33
C LYS Y 98 -36.95 73.58 50.47
N VAL Y 99 -36.03 73.83 49.55
CA VAL Y 99 -36.04 75.05 48.73
C VAL Y 99 -37.00 74.82 47.55
N GLU Y 100 -38.18 75.42 47.62
CA GLU Y 100 -39.22 75.28 46.58
C GLU Y 100 -38.83 76.06 45.33
N LYS Y 101 -38.59 75.35 44.23
CA LYS Y 101 -38.20 75.94 42.95
C LYS Y 101 -38.86 75.25 41.76
N ALA Y 102 -38.71 75.84 40.58
CA ALA Y 102 -39.25 75.29 39.33
C ALA Y 102 -38.40 74.12 38.81
N SER Y 103 -38.90 73.46 37.78
CA SER Y 103 -38.17 72.37 37.10
C SER Y 103 -36.95 72.92 36.37
N ARG Y 104 -35.93 72.07 36.18
CA ARG Y 104 -34.67 72.53 35.60
C ARG Y 104 -34.89 72.96 34.16
N GLN Y 105 -35.59 72.10 33.42
CA GLN Y 105 -35.92 72.33 32.01
C GLN Y 105 -36.67 73.64 31.85
N GLN Y 106 -37.67 73.80 32.72
CA GLN Y 106 -38.52 74.99 32.73
C GLN Y 106 -37.68 76.24 32.93
N ARG Y 107 -36.78 76.15 33.90
CA ARG Y 107 -35.86 77.23 34.26
C ARG Y 107 -35.03 77.64 33.04
N LYS Y 108 -34.50 76.60 32.38
CA LYS Y 108 -33.66 76.77 31.20
C LYS Y 108 -34.43 77.52 30.11
N GLN Y 109 -35.67 77.08 29.91
CA GLN Y 109 -36.58 77.66 28.93
C GLN Y 109 -36.77 79.15 29.20
N ARG Y 110 -37.03 79.43 30.48
CA ARG Y 110 -37.25 80.79 30.96
C ARG Y 110 -36.04 81.67 30.64
N LYS Y 111 -34.88 81.12 30.94
CA LYS Y 111 -33.59 81.79 30.72
C LYS Y 111 -33.44 82.15 29.24
N ASN Y 112 -33.76 81.16 28.40
CA ASN Y 112 -33.68 81.29 26.96
C ASN Y 112 -34.57 82.44 26.48
N ARG Y 113 -35.78 82.44 27.01
CA ARG Y 113 -36.79 83.45 26.69
C ARG Y 113 -36.27 84.85 27.04
N GLY Y 114 -35.69 84.93 28.22
CA GLY Y 114 -35.11 86.18 28.74
C GLY Y 114 -34.04 86.69 27.79
N LYS Y 115 -33.17 85.77 27.39
CA LYS Y 115 -32.06 86.06 26.48
C LYS Y 115 -32.60 86.62 25.17
N LYS Y 116 -33.63 85.96 24.65
CA LYS Y 116 -34.30 86.36 23.42
C LYS Y 116 -34.81 87.80 23.52
N ILE Y 117 -35.45 88.18 24.62
CA ILE Y 117 -35.88 89.60 24.78
C ILE Y 117 -34.69 90.52 25.10
N PHE Y 118 -34.90 91.82 24.94
CA PHE Y 118 -33.87 92.84 25.20
C PHE Y 118 -34.43 93.98 26.05
N GLY Y 119 -33.59 94.53 26.92
CA GLY Y 119 -33.97 95.65 27.79
C GLY Y 119 -34.96 95.23 28.86
N THR Y 120 -35.97 96.06 29.10
CA THR Y 120 -37.06 95.74 30.04
C THR Y 120 -38.20 95.13 29.24
N GLY Y 121 -38.93 94.22 29.87
CA GLY Y 121 -40.08 93.58 29.26
C GLY Y 121 -41.35 94.42 29.19
N LYS Y 122 -41.38 95.48 30.00
CA LYS Y 122 -42.50 96.40 30.07
C LYS Y 122 -42.79 97.00 28.69
N SER Y 123 -41.72 97.43 28.05
CA SER Y 123 -41.78 98.03 26.72
C SER Y 123 -42.41 97.06 25.73
N ILE Y 124 -41.92 95.82 25.79
CA ILE Y 124 -42.39 94.74 24.94
C ILE Y 124 -43.90 94.54 25.12
N ALA Y 125 -44.30 94.51 26.38
CA ALA Y 125 -45.70 94.33 26.77
C ALA Y 125 -46.56 95.42 26.15
N LYS Y 126 -46.06 96.64 26.29
CA LYS Y 126 -46.73 97.84 25.76
C LYS Y 126 -46.94 97.71 24.26
N LYS Y 127 -45.87 97.29 23.59
CA LYS Y 127 -45.86 97.11 22.14
C LYS Y 127 -46.94 96.09 21.74
N ALA Y 128 -46.97 95.00 22.49
CA ALA Y 128 -47.92 93.91 22.26
C ALA Y 128 -49.36 94.44 22.37
N ALA Y 129 -49.57 95.23 23.42
CA ALA Y 129 -50.87 95.84 23.70
C ALA Y 129 -51.31 96.70 22.52
N ARG Y 130 -50.37 97.51 22.06
CA ARG Y 130 -50.58 98.42 20.94
C ARG Y 130 -51.01 97.64 19.70
N ARG Y 131 -50.28 96.56 19.46
CA ARG Y 131 -50.53 95.67 18.32
C ARG Y 131 -51.94 95.11 18.38
N ASN Y 132 -52.33 94.67 19.58
CA ASN Y 132 -53.63 94.10 19.85
C ASN Y 132 -54.76 94.67 18.98
N ALA Y 133 -54.78 95.99 18.77
CA ALA Y 133 -55.72 96.64 17.83
C ALA Y 133 -55.52 96.20 16.37
N ASP Y 134 -54.28 96.22 15.90
CA ASP Y 134 -53.93 95.77 14.54
C ASP Y 134 -54.28 94.30 14.31
N ALA Z 1 -32.05 -47.35 -67.76
CA ALA Z 1 -31.37 -48.69 -67.91
C ALA Z 1 -30.19 -48.62 -68.86
N LYS Z 2 -29.16 -49.42 -68.57
CA LYS Z 2 -27.95 -49.51 -69.40
C LYS Z 2 -27.90 -50.77 -70.28
N HIS Z 3 -29.03 -51.47 -70.41
CA HIS Z 3 -29.15 -52.70 -71.22
C HIS Z 3 -28.28 -53.85 -70.65
N ALA Z 4 -27.88 -54.81 -71.48
CA ALA Z 4 -27.21 -56.06 -71.04
C ALA Z 4 -28.07 -56.93 -70.11
N VAL Z 5 -29.39 -56.86 -70.30
CA VAL Z 5 -30.37 -57.71 -69.59
C VAL Z 5 -31.14 -58.63 -70.55
N VAL Z 6 -31.09 -58.35 -71.86
CA VAL Z 6 -31.90 -59.07 -72.85
C VAL Z 6 -31.29 -60.44 -73.14
N LEU Z 7 -32.15 -61.44 -73.28
CA LEU Z 7 -31.73 -62.84 -73.40
C LEU Z 7 -31.96 -63.39 -74.80
N ASP Z 8 -30.95 -64.10 -75.32
CA ASP Z 8 -30.99 -64.68 -76.67
C ASP Z 8 -30.24 -66.02 -76.75
N GLN Z 9 -30.44 -66.72 -77.86
CA GLN Z 9 -29.71 -67.95 -78.18
C GLN Z 9 -28.26 -67.63 -78.52
N ASP Z 10 -28.11 -66.61 -79.37
CA ASP Z 10 -26.79 -66.14 -79.82
C ASP Z 10 -25.95 -65.73 -78.62
N LYS Z 11 -26.58 -64.97 -77.73
CA LYS Z 11 -25.94 -64.47 -76.51
C LYS Z 11 -25.43 -65.64 -75.67
N PHE Z 12 -26.30 -66.63 -75.52
CA PHE Z 12 -26.00 -67.85 -74.76
C PHE Z 12 -24.78 -68.55 -75.33
N ASP Z 13 -24.78 -68.66 -76.66
CA ASP Z 13 -23.71 -69.31 -77.40
C ASP Z 13 -22.39 -68.59 -77.13
N ARG Z 14 -22.41 -67.26 -77.21
CA ARG Z 14 -21.20 -66.48 -76.98
C ARG Z 14 -20.70 -66.68 -75.56
N ILE Z 15 -21.63 -66.70 -74.60
CA ILE Z 15 -21.29 -66.92 -73.20
C ILE Z 15 -20.55 -68.26 -73.05
N MET Z 16 -21.12 -69.27 -73.70
CA MET Z 16 -20.57 -70.62 -73.69
C MET Z 16 -19.13 -70.62 -74.22
N LYS Z 17 -18.95 -69.90 -75.32
CA LYS Z 17 -17.66 -69.78 -75.98
C LYS Z 17 -16.82 -68.66 -75.36
N GLU Z 18 -16.25 -68.95 -74.19
CA GLU Z 18 -16.47 -70.23 -73.55
C GLU Z 18 -16.15 -70.20 -72.06
N ALA Z 19 -16.61 -71.22 -71.34
CA ALA Z 19 -16.35 -71.31 -69.92
C ALA Z 19 -14.84 -71.37 -69.81
N PRO Z 20 -14.22 -72.13 -70.79
CA PRO Z 20 -12.75 -72.16 -70.68
C PRO Z 20 -12.22 -70.75 -70.89
N THR Z 21 -11.12 -70.45 -70.21
CA THR Z 21 -10.45 -69.16 -70.23
C THR Z 21 -10.97 -68.33 -69.08
N TYR Z 22 -10.13 -67.40 -68.62
CA TYR Z 22 -10.40 -66.50 -67.50
C TYR Z 22 -9.87 -67.18 -66.25
N ARG Z 23 -9.09 -66.46 -65.45
CA ARG Z 23 -8.57 -67.04 -64.22
C ARG Z 23 -9.69 -67.37 -63.25
N TYR Z 24 -10.68 -66.49 -63.19
CA TYR Z 24 -11.82 -66.64 -62.29
C TYR Z 24 -13.10 -66.08 -62.92
N VAL Z 25 -14.23 -66.70 -62.62
CA VAL Z 25 -15.49 -66.23 -63.15
C VAL Z 25 -16.30 -65.79 -61.95
N SER Z 26 -16.61 -64.50 -61.90
CA SER Z 26 -17.39 -63.96 -60.81
C SER Z 26 -18.55 -63.17 -61.38
N VAL Z 27 -19.74 -63.44 -60.87
CA VAL Z 27 -20.92 -62.70 -61.37
C VAL Z 27 -20.50 -61.31 -61.82
N SER Z 28 -19.74 -60.66 -60.95
CA SER Z 28 -19.21 -59.31 -61.18
C SER Z 28 -18.41 -59.27 -62.48
N VAL Z 29 -17.54 -60.26 -62.60
CA VAL Z 29 -16.66 -60.40 -63.77
C VAL Z 29 -17.50 -60.50 -65.05
N LEU Z 30 -18.53 -61.36 -64.96
CA LEU Z 30 -19.44 -61.60 -66.07
C LEU Z 30 -20.11 -60.28 -66.50
N VAL Z 31 -20.53 -59.53 -65.48
CA VAL Z 31 -21.11 -58.23 -65.66
C VAL Z 31 -20.15 -57.24 -64.98
N ASP Z 32 -19.65 -56.25 -65.71
CA ASP Z 32 -19.96 -56.09 -67.13
C ASP Z 32 -18.79 -56.31 -68.09
N ARG Z 33 -18.81 -57.46 -68.74
CA ARG Z 33 -17.87 -57.82 -69.79
C ARG Z 33 -18.92 -57.49 -70.80
N PHE Z 34 -19.99 -56.98 -70.20
CA PHE Z 34 -21.28 -56.58 -70.81
C PHE Z 34 -22.22 -57.76 -71.08
N LYS Z 35 -22.21 -58.74 -70.19
CA LYS Z 35 -23.02 -59.93 -70.35
C LYS Z 35 -24.37 -59.75 -69.68
N LEU Z 36 -25.21 -60.77 -69.84
CA LEU Z 36 -26.51 -60.87 -69.16
C LEU Z 36 -26.42 -60.45 -67.69
N GLY Z 37 -27.36 -59.60 -67.25
CA GLY Z 37 -27.28 -58.95 -65.94
C GLY Z 37 -27.42 -59.86 -64.72
N GLY Z 38 -26.71 -59.49 -63.65
CA GLY Z 38 -26.65 -60.23 -62.36
C GLY Z 38 -27.18 -61.65 -62.20
N SER Z 39 -28.51 -61.74 -62.10
CA SER Z 39 -29.21 -63.01 -61.91
C SER Z 39 -28.85 -63.98 -63.05
N LEU Z 40 -28.93 -63.43 -64.26
CA LEU Z 40 -28.64 -64.19 -65.47
C LEU Z 40 -27.21 -64.75 -65.42
N ALA Z 41 -26.30 -63.87 -65.03
CA ALA Z 41 -24.88 -64.21 -64.91
C ALA Z 41 -24.70 -65.37 -63.93
N ARG Z 42 -25.38 -65.25 -62.80
CA ARG Z 42 -25.34 -66.25 -61.74
C ARG Z 42 -25.80 -67.61 -62.28
N VAL Z 43 -26.91 -67.55 -63.01
CA VAL Z 43 -27.52 -68.74 -63.61
C VAL Z 43 -26.52 -69.42 -64.55
N ALA Z 44 -25.88 -68.59 -65.37
CA ALA Z 44 -24.88 -69.04 -66.33
C ALA Z 44 -23.74 -69.78 -65.61
N LEU Z 45 -23.28 -69.15 -64.54
CA LEU Z 45 -22.20 -69.68 -63.70
C LEU Z 45 -22.58 -71.06 -63.17
N ARG Z 46 -23.81 -71.13 -62.67
CA ARG Z 46 -24.36 -72.36 -62.11
C ARG Z 46 -24.34 -73.47 -63.16
N HIS Z 47 -24.80 -73.10 -64.35
CA HIS Z 47 -24.86 -74.02 -65.51
C HIS Z 47 -23.48 -74.57 -65.81
N LEU Z 48 -22.52 -73.64 -65.83
CA LEU Z 48 -21.12 -73.97 -66.10
C LEU Z 48 -20.60 -75.00 -65.09
N GLU Z 49 -21.01 -74.88 -63.82
CA GLU Z 49 -20.71 -75.89 -62.79
C GLU Z 49 -21.48 -77.23 -62.85
N ASN Z 50 -22.28 -77.48 -63.89
CA ASN Z 50 -23.02 -78.76 -64.01
C ASN Z 50 -22.10 -79.96 -64.21
N GLU Z 51 -21.33 -79.93 -65.30
CA GLU Z 51 -20.44 -81.04 -65.68
C GLU Z 51 -19.03 -80.54 -66.01
N GLY Z 52 -18.25 -80.32 -64.97
CA GLY Z 52 -16.85 -79.90 -65.11
C GLY Z 52 -16.72 -78.47 -65.61
N ILE Z 53 -15.80 -78.27 -66.56
CA ILE Z 53 -15.55 -76.97 -67.21
C ILE Z 53 -14.97 -75.93 -66.24
N ILE Z 54 -15.80 -75.44 -65.31
CA ILE Z 54 -15.38 -74.44 -64.31
C ILE Z 54 -15.64 -74.99 -62.91
N LYS Z 55 -14.55 -75.21 -62.15
CA LYS Z 55 -14.62 -75.68 -60.77
C LYS Z 55 -14.63 -74.51 -59.78
N PRO Z 56 -15.15 -74.72 -58.55
CA PRO Z 56 -15.33 -73.63 -57.61
C PRO Z 56 -14.13 -73.39 -56.70
N VAL Z 57 -14.11 -72.20 -56.09
CA VAL Z 57 -13.12 -71.83 -55.09
C VAL Z 57 -13.84 -71.44 -53.79
N SER Z 58 -14.73 -70.45 -53.89
CA SER Z 58 -15.65 -70.08 -52.81
C SER Z 58 -17.08 -70.50 -53.18
N LYS Z 59 -17.96 -70.51 -52.18
CA LYS Z 59 -19.37 -70.92 -52.36
C LYS Z 59 -20.40 -69.95 -51.78
N HIS Z 60 -19.98 -68.76 -51.35
CA HIS Z 60 -20.86 -67.86 -50.59
C HIS Z 60 -21.90 -67.17 -51.46
N SER Z 61 -22.91 -66.62 -50.78
CA SER Z 61 -23.93 -65.80 -51.43
C SER Z 61 -23.28 -64.54 -51.98
N LYS Z 62 -23.30 -64.41 -53.31
CA LYS Z 62 -22.79 -63.23 -54.06
C LYS Z 62 -21.25 -63.15 -54.24
N GLN Z 63 -20.48 -63.66 -53.27
CA GLN Z 63 -19.03 -63.85 -53.43
C GLN Z 63 -18.76 -65.26 -53.94
N ALA Z 64 -19.15 -65.52 -55.19
CA ALA Z 64 -19.06 -66.85 -55.79
C ALA Z 64 -17.90 -66.91 -56.80
N ILE Z 65 -16.74 -67.35 -56.32
CA ILE Z 65 -15.51 -67.38 -57.11
C ILE Z 65 -15.32 -68.77 -57.73
N TYR Z 66 -15.32 -68.84 -59.06
CA TYR Z 66 -15.06 -70.06 -59.82
C TYR Z 66 -13.85 -69.86 -60.75
N THR Z 67 -13.23 -70.97 -61.14
CA THR Z 67 -12.03 -70.97 -62.01
C THR Z 67 -12.08 -72.17 -62.98
N ARG Z 68 -11.43 -72.01 -64.14
CA ARG Z 68 -11.36 -73.08 -65.16
C ARG Z 68 -10.79 -74.40 -64.63
N ALA Z 69 -11.20 -75.51 -65.25
CA ALA Z 69 -10.70 -76.82 -64.89
C ALA Z 69 -9.18 -76.74 -64.86
N THR Z 70 -8.50 -77.86 -64.63
CA THR Z 70 -9.13 -79.16 -64.42
C THR Z 70 -8.66 -79.79 -63.11
N MET AA 1 5.10 10.12 -13.46
CA MET AA 1 5.85 8.91 -13.91
C MET AA 1 7.35 8.97 -13.53
N PRO AA 2 7.84 7.97 -12.77
CA PRO AA 2 9.26 7.94 -12.40
C PRO AA 2 10.19 7.56 -13.54
N LYS AA 3 11.49 7.73 -13.31
CA LYS AA 3 12.50 7.31 -14.27
C LYS AA 3 12.54 5.79 -14.30
N LYS AA 4 12.37 5.23 -15.50
CA LYS AA 4 12.60 3.80 -15.73
C LYS AA 4 14.07 3.46 -15.55
N ARG AA 5 14.93 4.31 -16.11
CA ARG AA 5 16.37 4.13 -16.09
C ARG AA 5 17.08 5.34 -15.52
N ALA AA 6 18.38 5.17 -15.26
CA ALA AA 6 19.28 6.29 -15.02
C ALA AA 6 19.75 6.84 -16.37
N SER AA 7 20.13 5.93 -17.25
CA SER AA 7 20.79 6.27 -18.51
C SER AA 7 19.80 6.76 -19.58
N ASN AA 8 18.78 5.94 -19.84
CA ASN AA 8 17.70 6.19 -20.82
C ASN AA 8 18.17 6.00 -22.29
N GLY AA 9 18.68 7.06 -22.92
CA GLY AA 9 19.29 6.98 -24.25
C GLY AA 9 20.78 6.68 -24.13
N ARG AA 10 21.28 6.75 -22.90
CA ARG AA 10 22.49 6.04 -22.47
C ARG AA 10 23.79 6.78 -22.71
N ASN AA 11 24.25 6.80 -23.95
CA ASN AA 11 25.59 7.29 -24.26
C ASN AA 11 25.63 8.80 -24.05
N LYS AA 12 24.53 9.47 -24.37
CA LYS AA 12 24.39 10.90 -24.05
C LYS AA 12 24.32 11.11 -22.55
N LYS AA 13 25.50 11.32 -21.99
CA LYS AA 13 25.65 11.96 -20.70
C LYS AA 13 26.95 12.74 -20.77
N GLY AA 14 26.89 14.02 -20.37
CA GLY AA 14 27.92 15.02 -20.70
C GLY AA 14 28.21 15.09 -22.18
N ARG AA 15 27.13 15.21 -22.95
CA ARG AA 15 27.17 15.15 -24.41
C ARG AA 15 26.08 15.98 -25.07
N GLY AA 16 25.66 17.07 -24.41
CA GLY AA 16 24.52 17.88 -24.87
C GLY AA 16 23.52 17.08 -25.67
N HIS AA 17 23.34 17.45 -26.94
CA HIS AA 17 22.53 16.66 -27.89
C HIS AA 17 23.31 16.32 -29.16
N VAL AA 18 24.03 15.20 -29.08
CA VAL AA 18 24.49 14.36 -30.24
C VAL AA 18 23.76 14.42 -31.60
N LYS AA 19 24.44 13.90 -32.62
CA LYS AA 19 23.87 13.68 -33.97
C LYS AA 19 22.97 12.43 -33.96
N PRO AA 20 22.05 12.29 -34.95
CA PRO AA 20 21.16 11.13 -35.01
C PRO AA 20 21.51 10.12 -36.11
N VAL AA 21 20.79 9.00 -36.09
CA VAL AA 21 20.89 7.95 -37.12
C VAL AA 21 19.47 7.49 -37.50
N ARG AA 22 19.33 7.10 -38.77
CA ARG AA 22 18.05 6.61 -39.29
C ARG AA 22 17.94 5.11 -39.11
N CYS AA 23 16.77 4.65 -38.72
CA CYS AA 23 16.53 3.22 -38.52
C CYS AA 23 16.53 2.47 -39.83
N VAL AA 24 16.84 1.18 -39.76
CA VAL AA 24 16.85 0.32 -40.95
C VAL AA 24 15.44 0.06 -41.43
N ASN AA 25 14.62 -0.49 -40.54
CA ASN AA 25 13.29 -0.97 -40.89
C ASN AA 25 12.28 0.17 -41.10
N CYS AA 26 12.15 1.04 -40.11
CA CYS AA 26 11.17 2.14 -40.15
C CYS AA 26 11.66 3.38 -40.90
N SER AA 27 12.96 3.64 -40.86
CA SER AA 27 13.54 4.94 -41.22
C SER AA 27 13.04 6.05 -40.30
N ARG AA 28 12.86 5.70 -39.02
CA ARG AA 28 12.61 6.67 -37.96
C ARG AA 28 13.95 7.24 -37.49
N SER AA 29 14.00 8.56 -37.33
CA SER AA 29 15.19 9.24 -36.82
C SER AA 29 15.35 8.90 -35.34
N VAL AA 30 16.39 8.13 -35.02
CA VAL AA 30 16.68 7.74 -33.65
C VAL AA 30 18.06 8.30 -33.30
N PRO AA 31 18.23 8.91 -32.11
CA PRO AA 31 19.58 9.32 -31.69
C PRO AA 31 20.55 8.14 -31.64
N LYS AA 32 21.82 8.36 -32.01
CA LYS AA 32 22.77 7.25 -32.24
C LYS AA 32 23.32 6.68 -30.91
N ASP AA 33 22.40 6.43 -29.99
CA ASP AA 33 22.69 6.13 -28.58
C ASP AA 33 21.50 5.34 -28.04
N LYS AA 34 20.31 5.94 -28.13
CA LYS AA 34 19.03 5.23 -28.05
C LYS AA 34 18.85 4.61 -29.44
N ALA AA 35 19.63 3.56 -29.73
CA ALA AA 35 19.84 3.13 -31.12
C ALA AA 35 19.74 1.62 -31.36
N ILE AA 36 20.27 0.81 -30.46
CA ILE AA 36 20.23 -0.67 -30.57
C ILE AA 36 20.98 -1.10 -31.84
N LYS AA 37 22.30 -1.18 -31.69
CA LYS AA 37 23.21 -1.33 -32.81
C LYS AA 37 23.72 -2.76 -32.93
N ARG AA 38 22.86 -3.64 -33.44
CA ARG AA 38 23.24 -5.01 -33.71
C ARG AA 38 24.07 -5.08 -35.00
N MET AA 39 25.06 -5.96 -35.00
CA MET AA 39 26.01 -6.10 -36.09
C MET AA 39 25.77 -7.41 -36.82
N ALA AA 40 25.21 -7.32 -38.03
CA ALA AA 40 24.88 -8.49 -38.84
C ALA AA 40 26.07 -8.91 -39.70
N ILE AA 41 26.86 -9.85 -39.17
CA ILE AA 41 27.97 -10.45 -39.90
C ILE AA 41 27.52 -11.81 -40.43
N ARG AA 42 26.74 -11.76 -41.51
CA ARG AA 42 26.31 -12.95 -42.23
C ARG AA 42 27.35 -13.31 -43.29
N ASN AA 43 27.49 -14.61 -43.56
CA ASN AA 43 28.23 -15.07 -44.73
C ASN AA 43 27.46 -14.69 -45.98
N ILE AA 44 28.19 -14.45 -47.08
CA ILE AA 44 27.57 -13.98 -48.32
C ILE AA 44 26.67 -15.06 -48.98
N VAL AA 45 26.90 -16.33 -48.63
CA VAL AA 45 26.13 -17.46 -49.15
C VAL AA 45 25.27 -18.07 -48.05
N GLU AA 46 24.15 -18.67 -48.43
CA GLU AA 46 23.23 -19.35 -47.49
C GLU AA 46 23.83 -20.70 -47.07
N ALA AA 47 23.60 -21.07 -45.80
CA ALA AA 47 24.19 -22.27 -45.18
C ALA AA 47 24.18 -23.53 -46.05
N ALA AA 48 23.00 -23.95 -46.49
CA ALA AA 48 22.84 -25.12 -47.37
C ALA AA 48 23.35 -24.85 -48.79
N ALA AA 49 23.24 -23.60 -49.23
CA ALA AA 49 23.66 -23.17 -50.56
C ALA AA 49 25.17 -23.14 -50.77
N ILE AA 50 25.91 -23.09 -49.67
CA ILE AA 50 27.37 -23.05 -49.67
C ILE AA 50 27.93 -24.24 -50.42
N ARG AA 51 27.37 -25.41 -50.08
CA ARG AA 51 27.77 -26.68 -50.69
C ARG AA 51 27.60 -26.64 -52.20
N ASP AA 52 26.43 -26.13 -52.59
CA ASP AA 52 26.05 -26.00 -54.00
C ASP AA 52 27.07 -25.12 -54.73
N LEU AA 53 27.39 -24.01 -54.09
CA LEU AA 53 28.34 -23.03 -54.62
C LEU AA 53 29.69 -23.70 -54.85
N SER AA 54 30.12 -24.45 -53.84
CA SER AA 54 31.39 -25.18 -53.88
C SER AA 54 31.42 -26.13 -55.06
N GLU AA 55 30.32 -26.86 -55.22
CA GLU AA 55 30.15 -27.83 -56.30
C GLU AA 55 30.31 -27.15 -57.65
N ALA AA 56 29.63 -26.01 -57.76
CA ALA AA 56 29.66 -25.21 -58.98
C ALA AA 56 31.09 -24.78 -59.32
N SER AA 57 31.77 -24.26 -58.30
CA SER AA 57 32.84 -23.27 -58.47
C SER AA 57 34.17 -23.76 -59.02
N VAL AA 58 34.99 -22.76 -59.40
CA VAL AA 58 36.36 -22.93 -59.82
C VAL AA 58 37.22 -22.62 -58.58
N TYR AA 59 38.50 -22.99 -58.62
CA TYR AA 59 39.50 -22.69 -57.56
C TYR AA 59 39.31 -23.60 -56.34
N ALA AA 60 40.21 -23.44 -55.36
CA ALA AA 60 40.13 -24.12 -54.07
C ALA AA 60 40.07 -23.10 -52.93
N GLU AA 61 39.55 -23.53 -51.79
CA GLU AA 61 39.37 -22.70 -50.58
C GLU AA 61 38.36 -21.56 -50.76
N TYR AA 62 38.66 -20.64 -51.69
CA TYR AA 62 37.72 -19.58 -52.12
C TYR AA 62 37.66 -18.44 -51.11
N ALA AA 63 37.17 -17.30 -51.57
CA ALA AA 63 36.95 -16.14 -50.68
C ALA AA 63 35.88 -16.47 -49.65
N LEU AA 64 34.68 -16.78 -50.16
CA LEU AA 64 33.51 -17.12 -49.33
C LEU AA 64 33.32 -16.03 -48.26
N PRO AA 65 33.20 -14.77 -48.71
CA PRO AA 65 33.25 -13.65 -47.78
C PRO AA 65 31.99 -13.45 -46.96
N LYS AA 66 32.04 -12.47 -46.06
CA LYS AA 66 30.95 -12.15 -45.17
C LYS AA 66 30.47 -10.73 -45.47
N THR AA 67 29.17 -10.55 -45.56
CA THR AA 67 28.57 -9.21 -45.66
C THR AA 67 28.51 -8.61 -44.26
N TYR AA 68 28.74 -7.29 -44.18
CA TYR AA 68 28.80 -6.59 -42.89
C TYR AA 68 27.79 -5.44 -42.86
N ASN AA 69 26.79 -5.58 -42.00
CA ASN AA 69 25.75 -4.55 -41.82
C ASN AA 69 25.56 -4.23 -40.35
N LYS AA 70 26.09 -3.08 -39.92
CA LYS AA 70 25.77 -2.55 -38.60
C LYS AA 70 24.38 -1.92 -38.68
N LEU AA 71 23.39 -2.63 -38.15
CA LEU AA 71 22.00 -2.23 -38.27
C LEU AA 71 21.58 -1.36 -37.10
N HIS AA 72 20.98 -0.21 -37.39
CA HIS AA 72 20.39 0.66 -36.37
C HIS AA 72 18.88 0.48 -36.38
N TYR AA 73 18.29 0.34 -35.19
CA TYR AA 73 16.86 0.10 -35.04
C TYR AA 73 16.23 1.16 -34.14
N CYS AA 74 15.07 1.67 -34.55
CA CYS AA 74 14.32 2.59 -33.70
C CYS AA 74 13.65 1.74 -32.61
N ILE AA 75 14.14 1.90 -31.39
CA ILE AA 75 13.73 1.16 -30.18
C ILE AA 75 12.45 0.32 -30.28
N SER AA 76 11.37 1.00 -30.63
CA SER AA 76 10.05 0.38 -30.77
C SER AA 76 10.11 -0.74 -31.80
N CYS AA 77 10.73 -0.42 -32.93
CA CYS AA 77 10.89 -1.36 -34.04
C CYS AA 77 11.64 -2.61 -33.57
N ALA AA 78 12.72 -2.37 -32.84
CA ALA AA 78 13.57 -3.42 -32.30
C ALA AA 78 12.76 -4.34 -31.40
N ILE AA 79 11.96 -3.72 -30.53
CA ILE AA 79 11.07 -4.42 -29.60
C ILE AA 79 10.13 -5.34 -30.37
N HIS AA 80 9.59 -4.87 -31.50
CA HIS AA 80 8.89 -5.75 -32.44
C HIS AA 80 9.91 -6.60 -33.22
N ALA AA 81 10.34 -7.72 -32.62
CA ALA AA 81 11.17 -8.80 -33.22
C ALA AA 81 12.61 -8.90 -32.69
N ARG AA 82 13.33 -7.78 -32.76
CA ARG AA 82 14.80 -7.75 -32.62
C ARG AA 82 15.28 -8.03 -31.20
N ILE AA 83 16.61 -8.06 -31.03
CA ILE AA 83 17.19 -7.83 -29.71
C ILE AA 83 16.51 -6.61 -29.14
N VAL AA 84 15.57 -6.87 -28.24
CA VAL AA 84 15.32 -5.96 -27.15
C VAL AA 84 15.08 -6.88 -25.98
N ARG AA 85 13.85 -7.40 -25.87
CA ARG AA 85 13.48 -8.48 -24.97
C ARG AA 85 13.09 -8.02 -23.56
N VAL AA 86 12.05 -7.18 -23.51
CA VAL AA 86 11.34 -6.75 -22.27
C VAL AA 86 11.71 -7.52 -20.99
N ARG AA 87 12.40 -6.85 -20.07
CA ARG AA 87 12.91 -7.47 -18.83
C ARG AA 87 12.09 -7.08 -17.60
N SER AA 88 12.38 -7.75 -16.49
CA SER AA 88 11.90 -7.38 -15.16
C SER AA 88 12.71 -6.20 -14.63
N ARG AA 89 12.14 -5.47 -13.67
CA ARG AA 89 12.77 -4.27 -13.09
C ARG AA 89 14.20 -4.53 -12.62
N THR AA 90 14.37 -5.58 -11.81
CA THR AA 90 15.70 -5.98 -11.31
C THR AA 90 16.66 -6.45 -12.40
N ASP AA 91 16.13 -7.06 -13.46
CA ASP AA 91 16.93 -7.57 -14.58
C ASP AA 91 17.41 -6.48 -15.55
N ARG AA 92 16.79 -5.30 -15.52
CA ARG AA 92 17.17 -4.17 -16.37
C ARG AA 92 18.58 -3.64 -16.10
N ARG AA 93 19.04 -3.76 -14.85
CA ARG AA 93 20.36 -3.25 -14.44
C ARG AA 93 21.51 -3.96 -15.17
N ILE AA 94 21.29 -5.21 -15.61
CA ILE AA 94 22.33 -6.04 -16.22
C ILE AA 94 22.62 -5.58 -17.65
N ARG AA 95 23.84 -5.11 -17.88
CA ARG AA 95 24.30 -4.64 -19.19
C ARG AA 95 25.22 -5.63 -19.91
N ALA AA 96 25.51 -6.78 -19.29
CA ALA AA 96 26.40 -7.77 -19.88
C ALA AA 96 25.82 -8.31 -21.19
N PRO AA 97 26.70 -8.58 -22.19
CA PRO AA 97 26.20 -9.07 -23.49
C PRO AA 97 25.56 -10.46 -23.34
N PRO AA 98 24.34 -10.65 -23.86
CA PRO AA 98 23.57 -11.86 -23.53
C PRO AA 98 24.07 -13.09 -24.28
N GLN AA 99 23.64 -14.26 -23.81
CA GLN AA 99 24.15 -15.55 -24.28
C GLN AA 99 25.64 -15.64 -23.86
N ARG AA 100 26.40 -16.56 -24.46
CA ARG AA 100 27.87 -16.55 -24.39
C ARG AA 100 28.38 -16.91 -23.00
N MET BA 1 43.64 4.46 8.30
CA MET BA 1 42.53 5.12 7.54
C MET BA 1 41.12 5.00 8.17
N VAL BA 2 40.93 4.10 9.12
CA VAL BA 2 39.64 3.94 9.81
C VAL BA 2 39.73 4.19 11.32
N LEU BA 3 38.77 4.96 11.84
CA LEU BA 3 38.61 5.25 13.27
C LEU BA 3 39.79 5.99 13.92
N VAL BA 4 40.91 5.28 14.15
CA VAL BA 4 42.03 5.81 14.91
C VAL BA 4 43.28 5.85 14.02
N GLN BA 5 43.33 6.89 13.18
CA GLN BA 5 44.44 7.09 12.24
C GLN BA 5 45.69 7.62 12.93
N ASP BA 6 45.50 8.48 13.93
CA ASP BA 6 46.60 9.15 14.65
C ASP BA 6 47.39 10.01 13.66
N LEU BA 7 46.89 11.24 13.48
CA LEU BA 7 47.04 11.99 12.23
C LEU BA 7 48.24 12.92 12.12
N LEU BA 8 48.99 13.10 13.21
CA LEU BA 8 50.12 14.02 13.22
C LEU BA 8 51.33 13.41 12.50
N HIS BA 9 51.53 12.10 12.68
CA HIS BA 9 52.66 11.39 12.10
C HIS BA 9 52.12 10.27 11.20
N PRO BA 10 52.11 10.48 9.88
CA PRO BA 10 51.91 9.37 8.96
C PRO BA 10 53.23 8.69 8.66
N THR BA 11 53.16 7.50 8.07
CA THR BA 11 54.33 6.92 7.41
C THR BA 11 54.65 7.76 6.18
N ALA BA 12 55.93 7.96 5.91
CA ALA BA 12 56.39 8.87 4.85
C ALA BA 12 55.93 8.47 3.45
N ALA BA 13 55.70 7.17 3.27
CA ALA BA 13 55.26 6.59 2.02
C ALA BA 13 53.94 7.25 1.58
N SER BA 14 53.03 7.34 2.54
CA SER BA 14 51.71 7.92 2.32
C SER BA 14 51.85 9.36 1.83
N GLU BA 15 52.72 10.10 2.51
CA GLU BA 15 52.99 11.50 2.20
C GLU BA 15 53.49 11.63 0.76
N ALA BA 16 54.42 10.75 0.42
CA ALA BA 16 55.03 10.70 -0.91
C ALA BA 16 53.95 10.50 -1.97
N ARG BA 17 53.07 9.53 -1.68
CA ARG BA 17 51.97 9.18 -2.56
C ARG BA 17 51.07 10.38 -2.81
N LYS BA 18 50.67 11.06 -1.73
CA LYS BA 18 49.66 12.12 -1.82
C LYS BA 18 50.17 13.39 -2.48
N HIS BA 19 49.23 14.22 -2.92
CA HIS BA 19 49.51 15.43 -3.72
C HIS BA 19 50.43 16.38 -2.97
N LYS BA 20 51.24 17.11 -3.74
CA LYS BA 20 52.19 18.08 -3.19
C LYS BA 20 51.43 19.33 -2.79
N LEU BA 21 50.72 19.21 -1.67
CA LEU BA 21 49.63 20.09 -1.22
C LEU BA 21 48.79 19.38 -0.16
N LYS BA 22 48.39 18.16 -0.49
CA LYS BA 22 47.46 17.35 0.31
C LYS BA 22 48.16 16.41 1.31
N THR BA 23 49.23 16.90 1.94
CA THR BA 23 49.88 16.24 3.07
C THR BA 23 49.57 17.08 4.32
N LEU BA 24 50.37 16.95 5.38
CA LEU BA 24 50.24 17.83 6.54
C LEU BA 24 50.66 19.25 6.22
N VAL BA 25 51.94 19.42 5.87
CA VAL BA 25 52.51 20.71 5.49
C VAL BA 25 52.79 20.70 4.00
N GLN BA 26 52.56 21.84 3.34
CA GLN BA 26 52.91 21.99 1.92
C GLN BA 26 54.43 21.92 1.78
N SER BA 27 54.89 21.06 0.88
CA SER BA 27 56.32 20.92 0.60
C SER BA 27 56.53 20.31 -0.78
N PRO BA 28 57.20 21.05 -1.68
CA PRO BA 28 57.34 20.60 -3.06
C PRO BA 28 58.35 19.47 -3.22
N ARG BA 29 58.23 18.73 -4.32
CA ARG BA 29 59.16 17.65 -4.67
C ARG BA 29 59.83 17.94 -6.02
N SER BA 30 60.07 19.24 -6.27
CA SER BA 30 60.94 19.70 -7.35
C SER BA 30 62.29 20.03 -6.75
N HIS BA 31 63.34 19.87 -7.55
CA HIS BA 31 64.72 19.89 -7.07
C HIS BA 31 65.59 20.75 -7.97
N PHE BA 32 66.63 21.33 -7.38
CA PHE BA 32 67.61 22.11 -8.12
C PHE BA 32 68.75 21.19 -8.54
N LEU BA 33 68.53 20.50 -9.65
CA LEU BA 33 69.52 19.60 -10.22
C LEU BA 33 70.71 20.43 -10.71
N ASP BA 34 71.86 20.24 -10.06
CA ASP BA 34 73.07 20.99 -10.39
C ASP BA 34 73.76 20.37 -11.60
N VAL BA 35 73.40 20.85 -12.79
CA VAL BA 35 73.84 20.29 -14.06
C VAL BA 35 75.23 20.77 -14.45
N LYS BA 36 76.00 19.87 -15.06
CA LYS BA 36 77.26 20.20 -15.74
C LYS BA 36 77.11 19.89 -17.23
N CYS BA 37 77.46 20.85 -18.08
CA CYS BA 37 77.46 20.64 -19.53
C CYS BA 37 78.73 19.89 -19.96
N PRO BA 38 78.75 19.31 -21.18
CA PRO BA 38 79.98 18.69 -21.69
C PRO BA 38 81.11 19.69 -21.99
N GLY BA 39 80.76 20.92 -22.33
CA GLY BA 39 81.73 21.95 -22.70
C GLY BA 39 82.54 22.49 -21.53
N CYS BA 40 82.11 23.63 -20.98
CA CYS BA 40 82.84 24.31 -19.92
C CYS BA 40 82.65 23.63 -18.57
N LEU BA 41 83.71 23.65 -17.75
CA LEU BA 41 83.69 23.04 -16.42
C LEU BA 41 83.12 24.03 -15.40
N ASN BA 42 81.79 24.14 -15.40
CA ASN BA 42 81.06 25.01 -14.49
C ASN BA 42 79.66 24.46 -14.28
N ILE BA 43 79.14 24.65 -13.07
CA ILE BA 43 77.92 23.99 -12.62
C ILE BA 43 76.75 24.98 -12.64
N THR BA 44 75.67 24.59 -13.31
CA THR BA 44 74.45 25.40 -13.38
C THR BA 44 73.39 24.78 -12.47
N THR BA 45 72.91 25.55 -11.50
CA THR BA 45 71.92 25.08 -10.55
C THR BA 45 70.53 25.05 -11.21
N VAL BA 46 70.29 24.02 -12.03
CA VAL BA 46 69.09 23.98 -12.87
C VAL BA 46 67.90 23.42 -12.12
N PHE BA 47 66.86 24.24 -11.94
CA PHE BA 47 65.60 23.79 -11.39
C PHE BA 47 64.95 22.76 -12.33
N SER BA 48 64.58 21.60 -11.78
CA SER BA 48 64.18 20.43 -12.59
C SER BA 48 62.97 20.63 -13.50
N HIS BA 49 62.12 21.62 -13.21
CA HIS BA 49 61.00 22.00 -14.06
C HIS BA 49 61.29 23.38 -14.64
N ALA BA 50 62.13 23.41 -15.66
CA ALA BA 50 62.75 24.65 -16.16
C ALA BA 50 61.79 25.73 -16.65
N GLN BA 51 60.83 25.33 -17.49
CA GLN BA 51 59.97 26.26 -18.26
C GLN BA 51 60.73 27.16 -19.25
N THR BA 52 61.98 26.82 -19.56
CA THR BA 52 62.83 27.65 -20.42
C THR BA 52 63.83 26.78 -21.17
N ALA BA 53 64.21 27.23 -22.36
CA ALA BA 53 65.36 26.68 -23.07
C ALA BA 53 66.60 27.09 -22.27
N VAL BA 54 67.05 26.19 -21.39
CA VAL BA 54 68.07 26.54 -20.39
C VAL BA 54 69.44 26.55 -21.05
N THR BA 55 69.95 27.75 -21.31
CA THR BA 55 71.32 27.92 -21.77
C THR BA 55 72.26 27.77 -20.57
N CYS BA 56 73.56 27.71 -20.86
CA CYS BA 56 74.59 27.76 -19.83
C CYS BA 56 74.69 29.19 -19.28
N GLU BA 57 75.70 29.45 -18.45
CA GLU BA 57 75.98 30.80 -17.95
C GLU BA 57 76.24 31.85 -19.05
N SER BA 58 76.78 31.41 -20.18
CA SER BA 58 77.09 32.28 -21.32
C SER BA 58 76.98 31.54 -22.67
N CYS BA 59 77.73 30.46 -22.80
CA CYS BA 59 77.76 29.63 -24.01
C CYS BA 59 76.38 29.06 -24.38
N SER BA 60 76.08 29.03 -25.67
CA SER BA 60 74.80 28.51 -26.18
C SER BA 60 74.89 26.99 -26.39
N THR BA 61 74.83 26.26 -25.28
CA THR BA 61 74.95 24.79 -25.27
C THR BA 61 73.60 24.06 -25.23
N VAL BA 62 72.61 24.64 -24.54
CA VAL BA 62 71.28 24.05 -24.32
C VAL BA 62 71.37 22.83 -23.41
N LEU BA 63 70.96 23.01 -22.15
CA LEU BA 63 71.09 21.99 -21.11
C LEU BA 63 69.85 21.12 -20.99
N CYS BA 64 68.69 21.77 -20.88
CA CYS BA 64 67.41 21.10 -20.59
C CYS BA 64 66.27 21.66 -21.43
N THR BA 65 65.52 20.75 -22.06
CA THR BA 65 64.30 21.13 -22.81
C THR BA 65 63.11 21.04 -21.87
N PRO BA 66 62.36 22.15 -21.69
CA PRO BA 66 61.28 22.13 -20.70
C PRO BA 66 60.05 21.37 -21.18
N THR BA 67 59.99 20.09 -20.83
CA THR BA 67 58.76 19.30 -20.94
C THR BA 67 57.81 19.81 -19.86
N GLY BA 68 56.52 19.52 -20.03
CA GLY BA 68 55.47 20.09 -19.16
C GLY BA 68 55.73 19.98 -17.68
N GLY BA 69 56.23 18.82 -17.26
CA GLY BA 69 56.68 18.61 -15.90
C GLY BA 69 58.18 18.78 -15.78
N LYS BA 70 58.89 17.67 -15.57
CA LYS BA 70 60.33 17.66 -15.39
C LYS BA 70 60.99 17.79 -16.75
N ALA BA 71 62.11 18.48 -16.79
CA ALA BA 71 62.81 18.76 -18.03
C ALA BA 71 63.62 17.56 -18.50
N LYS BA 72 63.56 17.28 -19.81
CA LYS BA 72 64.47 16.33 -20.43
C LYS BA 72 65.81 17.03 -20.59
N LEU BA 73 66.86 16.42 -20.05
CA LEU BA 73 68.20 16.99 -20.07
C LEU BA 73 68.83 16.67 -21.44
N SER BA 74 68.85 17.68 -22.31
CA SER BA 74 69.27 17.55 -23.71
C SER BA 74 70.59 16.79 -23.91
N GLU BA 75 70.52 15.69 -24.65
CA GLU BA 75 71.69 14.87 -25.01
C GLU BA 75 72.37 14.24 -23.77
N GLY BA 76 73.56 13.67 -23.95
CA GLY BA 76 74.32 13.11 -22.84
C GLY BA 76 74.90 14.17 -21.91
N THR BA 77 74.08 14.63 -20.98
CA THR BA 77 74.47 15.64 -19.97
C THR BA 77 74.48 15.02 -18.57
N SER BA 78 75.37 15.50 -17.71
CA SER BA 78 75.54 15.00 -16.34
C SER BA 78 75.05 16.01 -15.31
N PHE BA 79 74.51 15.50 -14.19
CA PHE BA 79 73.88 16.33 -13.16
C PHE BA 79 74.07 15.82 -11.73
N ARG BA 80 74.16 16.76 -10.79
CA ARG BA 80 74.04 16.49 -9.36
C ARG BA 80 72.62 16.84 -8.93
N ARG BA 81 72.28 16.47 -7.69
CA ARG BA 81 70.93 16.65 -7.12
C ARG BA 81 70.90 17.80 -6.11
N LYS BA 82 69.98 18.76 -6.31
CA LYS BA 82 69.69 19.83 -5.35
C LYS BA 82 70.89 20.76 -5.06
N THR CA 1 14.61 -43.83 -60.95
CA THR CA 1 14.44 -43.11 -59.65
C THR CA 1 15.58 -43.41 -58.68
N PRO CA 2 16.51 -42.43 -58.48
CA PRO CA 2 17.60 -42.63 -57.51
C PRO CA 2 17.12 -42.38 -56.07
N VAL CA 3 16.98 -43.47 -55.31
CA VAL CA 3 16.46 -43.45 -53.95
C VAL CA 3 17.59 -43.77 -52.96
N THR CA 4 17.63 -43.07 -51.84
CA THR CA 4 18.66 -43.26 -50.81
C THR CA 4 18.05 -43.95 -49.59
N LEU CA 5 18.64 -45.08 -49.19
CA LEU CA 5 18.17 -45.86 -48.04
C LEU CA 5 18.92 -45.47 -46.77
N ALA CA 6 18.21 -44.76 -45.88
CA ALA CA 6 18.78 -44.13 -44.70
C ALA CA 6 18.46 -44.89 -43.43
N LYS CA 7 19.19 -44.64 -42.34
CA LYS CA 7 18.97 -45.32 -41.06
C LYS CA 7 19.16 -44.40 -39.85
N VAL CA 8 18.31 -44.60 -38.84
CA VAL CA 8 18.19 -43.71 -37.69
C VAL CA 8 19.12 -44.12 -36.54
N ILE CA 9 20.05 -43.22 -36.19
CA ILE CA 9 20.98 -43.39 -35.06
C ILE CA 9 20.48 -42.68 -33.78
N LYS CA 10 19.98 -41.46 -33.92
CA LYS CA 10 19.45 -40.70 -32.78
C LYS CA 10 18.27 -39.82 -33.19
N VAL CA 11 17.23 -39.83 -32.36
CA VAL CA 11 16.08 -38.92 -32.47
C VAL CA 11 16.50 -37.61 -31.81
N LEU CA 12 16.48 -36.53 -32.59
CA LEU CA 12 16.97 -35.22 -32.15
C LEU CA 12 15.80 -34.25 -31.91
N GLY CA 13 14.85 -34.70 -31.09
CA GLY CA 13 13.72 -33.86 -30.65
C GLY CA 13 12.53 -33.81 -31.59
N ARG CA 14 11.35 -33.60 -30.99
CA ARG CA 14 10.10 -33.40 -31.72
C ARG CA 14 10.04 -31.94 -32.15
N THR CA 15 9.60 -31.71 -33.38
CA THR CA 15 9.73 -30.40 -34.04
C THR CA 15 8.41 -29.98 -34.71
N GLY CA 16 8.46 -28.86 -35.41
CA GLY CA 16 7.30 -28.30 -36.11
C GLY CA 16 6.63 -27.26 -35.25
N SER CA 17 5.84 -26.40 -35.89
CA SER CA 17 4.93 -25.50 -35.17
C SER CA 17 3.89 -26.33 -34.41
N ARG CA 18 3.44 -27.41 -35.06
CA ARG CA 18 2.49 -28.36 -34.49
C ARG CA 18 3.31 -29.58 -34.02
N GLY CA 19 2.64 -30.71 -33.77
CA GLY CA 19 3.30 -31.88 -33.20
C GLY CA 19 3.92 -32.86 -34.18
N GLY CA 20 3.22 -33.15 -35.28
CA GLY CA 20 3.52 -34.31 -36.13
C GLY CA 20 4.73 -34.26 -37.06
N VAL CA 21 5.90 -33.93 -36.50
CA VAL CA 21 7.18 -34.05 -37.22
C VAL CA 21 8.34 -34.08 -36.20
N THR CA 22 9.37 -34.86 -36.51
CA THR CA 22 10.48 -35.12 -35.58
C THR CA 22 11.81 -34.92 -36.27
N GLN CA 23 12.74 -34.20 -35.62
CA GLN CA 23 14.12 -34.09 -36.11
C GLN CA 23 14.85 -35.38 -35.80
N VAL CA 24 15.60 -35.92 -36.76
CA VAL CA 24 16.28 -37.22 -36.61
C VAL CA 24 17.66 -37.19 -37.26
N ARG CA 25 18.69 -37.56 -36.51
CA ARG CA 25 20.04 -37.73 -37.09
C ARG CA 25 20.11 -39.10 -37.76
N VAL CA 26 20.73 -39.14 -38.94
CA VAL CA 26 20.61 -40.26 -39.87
C VAL CA 26 21.96 -40.71 -40.42
N GLU CA 27 22.34 -41.95 -40.13
CA GLU CA 27 23.50 -42.61 -40.77
C GLU CA 27 22.97 -43.55 -41.86
N PHE CA 28 23.11 -43.16 -43.13
CA PHE CA 28 22.49 -43.94 -44.23
C PHE CA 28 23.16 -45.30 -44.46
N LEU CA 29 22.37 -46.25 -45.00
CA LEU CA 29 22.76 -47.66 -45.03
C LEU CA 29 24.04 -47.93 -45.83
N GLU CA 30 24.00 -47.62 -47.12
CA GLU CA 30 25.17 -47.73 -47.99
C GLU CA 30 25.97 -46.43 -47.87
N ASP CA 31 27.30 -46.55 -47.78
CA ASP CA 31 28.20 -45.41 -47.57
C ASP CA 31 27.96 -44.76 -46.19
N THR CA 32 28.34 -45.49 -45.14
CA THR CA 32 28.07 -45.10 -43.76
C THR CA 32 29.00 -43.99 -43.25
N THR CA 33 28.68 -43.46 -42.07
CA THR CA 33 29.45 -42.40 -41.38
C THR CA 33 29.39 -41.04 -42.08
N ARG CA 34 28.18 -40.68 -42.53
CA ARG CA 34 27.89 -39.33 -43.02
C ARG CA 34 26.54 -38.91 -42.43
N THR CA 35 26.59 -38.32 -41.24
CA THR CA 35 25.40 -37.99 -40.46
C THR CA 35 24.69 -36.75 -40.98
N ILE CA 36 23.38 -36.85 -41.19
CA ILE CA 36 22.53 -35.72 -41.56
C ILE CA 36 21.31 -35.69 -40.64
N VAL CA 37 20.96 -34.50 -40.16
CA VAL CA 37 19.74 -34.28 -39.39
C VAL CA 37 18.60 -33.99 -40.38
N ARG CA 38 17.65 -34.92 -40.48
CA ARG CA 38 16.48 -34.77 -41.35
C ARG CA 38 15.18 -34.98 -40.58
N ASN CA 39 14.10 -34.42 -41.12
CA ASN CA 39 12.78 -34.46 -40.49
C ASN CA 39 11.99 -35.69 -40.92
N VAL CA 40 11.31 -36.31 -39.94
CA VAL CA 40 10.52 -37.52 -40.14
C VAL CA 40 9.10 -37.27 -39.62
N LYS CA 41 8.10 -37.69 -40.38
CA LYS CA 41 6.70 -37.36 -40.07
C LYS CA 41 6.10 -38.24 -38.97
N GLY CA 42 6.16 -39.55 -39.17
CA GLY CA 42 5.45 -40.53 -38.33
C GLY CA 42 6.13 -40.96 -37.05
N PRO CA 43 5.67 -42.08 -36.45
CA PRO CA 43 6.37 -42.72 -35.33
C PRO CA 43 7.78 -43.17 -35.68
N VAL CA 44 8.77 -42.64 -34.94
CA VAL CA 44 10.19 -42.90 -35.20
C VAL CA 44 10.82 -43.62 -34.00
N ARG CA 45 11.87 -44.40 -34.28
CA ARG CA 45 12.58 -45.17 -33.27
C ARG CA 45 14.03 -45.37 -33.71
N GLU CA 46 14.91 -45.64 -32.75
CA GLU CA 46 16.34 -45.87 -33.04
C GLU CA 46 16.51 -47.19 -33.80
N GLY CA 47 17.18 -47.13 -34.95
CA GLY CA 47 17.33 -48.29 -35.82
C GLY CA 47 16.26 -48.44 -36.89
N ASP CA 48 15.35 -47.47 -36.99
CA ASP CA 48 14.39 -47.41 -38.10
C ASP CA 48 15.11 -46.97 -39.38
N ILE CA 49 14.55 -47.38 -40.51
CA ILE CA 49 15.14 -47.10 -41.82
C ILE CA 49 14.18 -46.18 -42.59
N LEU CA 50 14.76 -45.24 -43.34
CA LEU CA 50 14.02 -44.22 -44.07
C LEU CA 50 14.28 -44.35 -45.56
N VAL CA 51 13.20 -44.39 -46.35
CA VAL CA 51 13.28 -44.35 -47.80
C VAL CA 51 13.09 -42.89 -48.19
N LEU CA 52 14.01 -42.36 -49.00
CA LEU CA 52 13.90 -40.97 -49.44
C LEU CA 52 14.56 -40.67 -50.78
N MET CA 53 14.09 -39.57 -51.39
CA MET CA 53 14.44 -39.17 -52.74
C MET CA 53 15.64 -38.22 -52.72
N GLU CA 54 15.50 -37.14 -51.95
CA GLU CA 54 16.47 -36.04 -51.91
C GLU CA 54 17.28 -36.11 -50.61
N SER CA 55 18.45 -36.74 -50.70
CA SER CA 55 19.26 -37.08 -49.51
C SER CA 55 20.01 -35.89 -48.90
N GLU CA 56 21.07 -35.43 -49.57
CA GLU CA 56 22.00 -34.45 -48.98
C GLU CA 56 21.41 -33.02 -48.94
N ARG CA 57 20.50 -32.82 -48.00
CA ARG CA 57 19.82 -31.54 -47.78
C ARG CA 57 19.33 -31.49 -46.32
N GLU CA 58 20.14 -30.89 -45.45
CA GLU CA 58 19.84 -30.86 -44.01
C GLU CA 58 18.71 -29.89 -43.68
N ALA CA 59 17.79 -30.34 -42.83
CA ALA CA 59 16.63 -29.54 -42.42
C ALA CA 59 16.86 -28.86 -41.07
N ARG CA 60 15.96 -27.96 -40.72
CA ARG CA 60 16.00 -27.21 -39.46
C ARG CA 60 14.64 -27.20 -38.78
N ARG CA 61 14.61 -26.64 -37.56
CA ARG CA 61 13.38 -26.55 -36.74
C ARG CA 61 12.39 -25.61 -37.41
N LEU CA 62 11.20 -26.13 -37.72
CA LEU CA 62 10.21 -25.39 -38.50
C LEU CA 62 9.47 -24.37 -37.63
N ARG CA 63 9.27 -23.17 -38.18
CA ARG CA 63 8.68 -22.06 -37.45
C ARG CA 63 7.17 -22.19 -37.36
N GLU DA 1 -70.48 -30.58 -0.34
CA GLU DA 1 -71.98 -30.51 -0.39
C GLU DA 1 -72.55 -30.49 -1.82
N ASN DA 2 -71.89 -29.79 -2.73
CA ASN DA 2 -72.26 -29.77 -4.15
C ASN DA 2 -72.02 -31.15 -4.80
N VAL DA 3 -72.80 -31.46 -5.83
CA VAL DA 3 -72.80 -32.82 -6.43
C VAL DA 3 -71.54 -33.05 -7.25
N TRP DA 4 -71.35 -32.26 -8.30
CA TRP DA 4 -70.23 -32.42 -9.24
C TRP DA 4 -69.05 -31.55 -8.83
N TYR DA 5 -68.13 -32.16 -8.08
CA TYR DA 5 -66.88 -31.52 -7.67
C TYR DA 5 -65.72 -32.52 -7.79
N SER DA 6 -65.74 -33.30 -8.87
CA SER DA 6 -64.81 -34.42 -9.05
C SER DA 6 -64.85 -35.00 -10.46
N HIS DA 7 -63.78 -34.75 -11.23
CA HIS DA 7 -63.49 -35.51 -12.45
C HIS DA 7 -62.85 -36.83 -11.99
N PRO DA 8 -63.04 -37.93 -12.75
CA PRO DA 8 -62.35 -39.17 -12.38
C PRO DA 8 -60.82 -39.05 -12.41
N ARG DA 9 -60.23 -38.92 -11.23
CA ARG DA 9 -58.77 -38.84 -11.06
C ARG DA 9 -58.25 -40.14 -10.43
N LYS DA 10 -58.48 -41.24 -11.14
CA LYS DA 10 -57.98 -42.55 -10.74
C LYS DA 10 -56.48 -42.67 -10.99
N PHE DA 11 -56.06 -42.25 -12.19
CA PHE DA 11 -54.69 -42.41 -12.67
C PHE DA 11 -54.15 -41.11 -13.28
N GLY DA 12 -52.88 -41.15 -13.68
CA GLY DA 12 -52.23 -40.02 -14.37
C GLY DA 12 -51.41 -39.15 -13.43
N LYS DA 13 -51.07 -37.96 -13.90
CA LYS DA 13 -50.30 -36.97 -13.13
C LYS DA 13 -51.07 -36.44 -11.93
N GLY DA 14 -52.39 -36.25 -12.08
CA GLY DA 14 -53.25 -35.68 -11.04
C GLY DA 14 -53.44 -36.55 -9.81
N SER DA 15 -53.60 -37.86 -10.02
CA SER DA 15 -53.81 -38.80 -8.92
C SER DA 15 -52.57 -38.96 -8.04
N ARG DA 16 -51.44 -39.24 -8.70
CA ARG DA 16 -50.17 -39.49 -8.01
C ARG DA 16 -49.55 -38.21 -7.45
N GLN DA 17 -49.91 -37.89 -6.21
CA GLN DA 17 -49.22 -36.86 -5.42
C GLN DA 17 -47.99 -37.45 -4.78
N CYS DA 18 -47.12 -36.58 -4.28
CA CYS DA 18 -45.97 -37.01 -3.47
C CYS DA 18 -46.36 -37.01 -1.99
N ARG DA 19 -45.50 -37.61 -1.16
CA ARG DA 19 -45.75 -37.70 0.28
C ARG DA 19 -45.50 -36.37 1.00
N ILE DA 20 -44.52 -35.60 0.54
CA ILE DA 20 -44.05 -34.40 1.25
C ILE DA 20 -44.73 -33.13 0.75
N SER DA 21 -44.42 -32.74 -0.48
CA SER DA 21 -44.95 -31.52 -1.08
C SER DA 21 -46.39 -31.67 -1.54
N GLY DA 22 -46.72 -32.85 -2.08
CA GLY DA 22 -48.01 -33.08 -2.72
C GLY DA 22 -48.01 -32.48 -4.11
N SER DA 23 -46.92 -32.71 -4.85
CA SER DA 23 -46.71 -32.16 -6.18
C SER DA 23 -46.89 -33.25 -7.23
N HIS DA 24 -46.91 -32.83 -8.49
CA HIS DA 24 -47.05 -33.73 -9.64
C HIS DA 24 -45.88 -33.53 -10.60
N SER DA 25 -44.70 -33.28 -10.03
CA SER DA 25 -43.53 -32.80 -10.78
C SER DA 25 -42.27 -33.53 -10.33
N GLY DA 26 -41.74 -34.37 -11.22
CA GLY DA 26 -40.55 -35.17 -10.93
C GLY DA 26 -40.81 -36.22 -9.86
N LEU DA 27 -41.92 -36.94 -10.03
CA LEU DA 27 -42.39 -37.87 -9.00
C LEU DA 27 -41.70 -39.22 -9.16
N ILE DA 28 -40.81 -39.54 -8.21
CA ILE DA 28 -40.21 -40.87 -8.12
C ILE DA 28 -41.25 -41.81 -7.54
N ARG DA 29 -41.90 -42.58 -8.40
CA ARG DA 29 -42.82 -43.65 -7.97
C ARG DA 29 -42.17 -45.05 -8.01
N LYS DA 30 -40.84 -45.09 -8.18
CA LYS DA 30 -40.09 -46.33 -8.17
C LYS DA 30 -39.93 -46.85 -6.73
N TYR DA 31 -40.07 -48.16 -6.56
CA TYR DA 31 -40.01 -48.83 -5.24
C TYR DA 31 -41.03 -48.30 -4.21
N GLY DA 32 -42.14 -47.75 -4.69
CA GLY DA 32 -43.16 -47.16 -3.82
C GLY DA 32 -42.69 -46.03 -2.92
N LEU DA 33 -41.81 -45.17 -3.45
CA LEU DA 33 -41.36 -43.99 -2.71
C LEU DA 33 -42.45 -42.92 -2.74
N ASN DA 34 -42.82 -42.52 -3.97
CA ASN DA 34 -43.82 -41.47 -4.23
C ASN DA 34 -43.33 -40.13 -3.69
N ILE DA 35 -42.16 -39.72 -4.17
CA ILE DA 35 -41.45 -38.55 -3.65
C ILE DA 35 -40.98 -37.70 -4.83
N ASP DA 36 -41.24 -36.38 -4.77
CA ASP DA 36 -40.71 -35.46 -5.79
C ASP DA 36 -39.19 -35.43 -5.66
N ARG DA 37 -38.51 -35.50 -6.79
CA ARG DA 37 -37.14 -35.97 -6.86
C ARG DA 37 -36.23 -35.16 -5.93
N GLN DA 38 -36.47 -33.85 -5.91
CA GLN DA 38 -35.72 -32.91 -5.11
C GLN DA 38 -35.81 -33.29 -3.64
N SER DA 39 -37.04 -33.58 -3.22
CA SER DA 39 -37.33 -33.95 -1.83
C SER DA 39 -36.55 -35.21 -1.46
N PHE DA 40 -36.58 -36.18 -2.37
CA PHE DA 40 -35.90 -37.45 -2.20
C PHE DA 40 -34.40 -37.22 -2.00
N ARG DA 41 -33.86 -36.36 -2.85
CA ARG DA 41 -32.44 -36.00 -2.82
C ARG DA 41 -32.07 -35.42 -1.48
N GLU DA 42 -32.92 -34.50 -1.02
CA GLU DA 42 -32.76 -33.83 0.27
C GLU DA 42 -32.70 -34.86 1.40
N LYS DA 43 -33.54 -35.89 1.34
CA LYS DA 43 -33.65 -36.92 2.40
C LYS DA 43 -32.99 -38.28 2.11
N ALA DA 44 -32.54 -38.52 0.87
CA ALA DA 44 -32.10 -39.86 0.40
C ALA DA 44 -31.24 -40.66 1.37
N ASN DA 45 -30.32 -39.95 2.04
CA ASN DA 45 -29.43 -40.57 3.03
C ASN DA 45 -30.19 -41.17 4.22
N ASP DA 46 -31.20 -40.44 4.70
CA ASP DA 46 -32.08 -40.91 5.78
C ASP DA 46 -32.97 -42.09 5.37
N ILE DA 47 -33.29 -42.17 4.07
CA ILE DA 47 -34.14 -43.23 3.51
C ILE DA 47 -33.27 -44.41 3.00
N GLY DA 48 -32.00 -44.47 3.42
CA GLY DA 48 -31.12 -45.58 3.10
C GLY DA 48 -30.35 -45.50 1.80
N PHE DA 49 -30.64 -44.51 0.96
CA PHE DA 49 -30.02 -44.36 -0.36
C PHE DA 49 -28.76 -43.48 -0.28
N TYR DA 50 -27.62 -44.07 -0.62
CA TYR DA 50 -26.31 -43.42 -0.55
C TYR DA 50 -25.64 -43.42 -1.92
N LYS DA 51 -24.85 -42.38 -2.18
CA LYS DA 51 -24.04 -42.31 -3.39
C LYS DA 51 -22.76 -43.11 -3.20
N TYR DA 52 -22.49 -44.03 -4.11
CA TYR DA 52 -21.22 -44.77 -4.13
C TYR DA 52 -20.51 -44.58 -5.47
N ARG DA 53 -21.14 -45.02 -6.56
CA ARG DA 53 -20.56 -44.98 -7.90
C ARG DA 53 -21.60 -44.52 -8.91
N ALA EA 1 -47.35 16.32 -1.63
CA ALA EA 1 -47.05 17.70 -2.15
C ALA EA 1 -45.61 17.83 -2.67
N ARG EA 2 -45.29 18.98 -3.24
CA ARG EA 2 -43.93 19.29 -3.69
C ARG EA 2 -43.44 20.59 -3.03
N ALA EA 3 -43.64 20.67 -1.71
CA ALA EA 3 -43.25 21.82 -0.89
C ALA EA 3 -43.58 21.55 0.58
N GLY EA 4 -42.71 20.79 1.24
CA GLY EA 4 -42.91 20.40 2.63
C GLY EA 4 -44.07 19.42 2.83
N LYS EA 5 -44.16 18.43 1.95
CA LYS EA 5 -45.16 17.36 2.06
C LYS EA 5 -45.06 16.55 3.36
N VAL EA 6 -43.84 16.30 3.82
CA VAL EA 6 -43.58 15.39 4.92
C VAL EA 6 -44.03 15.95 6.28
N LYS EA 7 -43.90 17.27 6.46
CA LYS EA 7 -44.26 17.92 7.73
C LYS EA 7 -45.77 17.83 7.98
N SER EA 8 -46.55 18.04 6.93
CA SER EA 8 -48.01 17.94 6.98
C SER EA 8 -48.53 16.50 7.13
N GLN EA 9 -47.78 15.53 6.62
CA GLN EA 9 -48.23 14.12 6.54
C GLN EA 9 -48.18 13.36 7.86
N THR EA 10 -47.27 13.77 8.76
CA THR EA 10 -47.01 13.02 10.00
C THR EA 10 -48.13 13.17 11.04
N PRO EA 11 -48.34 12.13 11.89
CA PRO EA 11 -49.27 12.30 13.01
C PRO EA 11 -48.62 13.03 14.18
N LYS EA 12 -49.27 14.07 14.69
CA LYS EA 12 -48.78 14.81 15.84
C LYS EA 12 -49.05 14.02 17.12
N VAL EA 13 -47.98 13.49 17.72
CA VAL EA 13 -48.04 12.85 19.04
C VAL EA 13 -47.79 13.95 20.07
N GLU EA 14 -48.44 13.84 21.23
CA GLU EA 14 -48.46 14.91 22.22
C GLU EA 14 -47.41 14.72 23.32
N LYS EA 15 -46.82 15.84 23.76
CA LYS EA 15 -45.87 15.87 24.88
C LYS EA 15 -46.51 15.25 26.12
N GLN EA 16 -45.96 14.12 26.57
CA GLN EA 16 -46.47 13.43 27.76
C GLN EA 16 -46.18 14.23 29.02
N GLU EA 17 -47.15 14.27 29.93
CA GLU EA 17 -47.02 15.02 31.18
C GLU EA 17 -46.08 14.30 32.16
N LYS EA 18 -44.78 14.44 31.89
CA LYS EA 18 -43.75 13.79 32.69
C LYS EA 18 -43.21 14.77 33.73
N PRO EA 19 -42.61 14.25 34.81
CA PRO EA 19 -42.06 15.14 35.83
C PRO EA 19 -40.80 15.83 35.34
N LYS EA 20 -40.61 17.06 35.80
CA LYS EA 20 -39.41 17.84 35.46
C LYS EA 20 -38.12 17.14 35.89
N GLN EA 21 -37.14 17.15 35.00
CA GLN EA 21 -35.78 16.75 35.36
C GLN EA 21 -35.12 18.00 35.96
N PRO EA 22 -34.80 17.97 37.27
CA PRO EA 22 -34.48 19.19 38.01
C PRO EA 22 -33.25 19.95 37.49
N LYS EA 23 -33.22 21.26 37.73
CA LYS EA 23 -32.29 22.18 37.07
C LYS EA 23 -31.08 22.54 37.91
N GLY EA 24 -30.03 23.02 37.24
CA GLY EA 24 -28.79 23.41 37.88
C GLY EA 24 -27.99 22.22 38.39
N ARG EA 25 -27.81 22.16 39.70
CA ARG EA 25 -26.91 21.21 40.33
C ARG EA 25 -27.49 19.82 40.49
N ALA EA 26 -28.81 19.75 40.62
CA ALA EA 26 -29.54 18.51 40.80
C ALA EA 26 -29.26 17.57 39.62
N TYR EA 27 -29.34 18.14 38.43
CA TYR EA 27 -29.11 17.41 37.17
C TYR EA 27 -27.71 16.79 37.18
N LYS EA 28 -26.76 17.63 37.57
CA LYS EA 28 -25.35 17.24 37.63
C LYS EA 28 -25.18 16.05 38.58
N ARG EA 29 -25.82 16.16 39.74
CA ARG EA 29 -25.79 15.14 40.78
C ARG EA 29 -26.31 13.82 40.21
N LEU EA 30 -27.43 13.92 39.52
CA LEU EA 30 -28.10 12.77 38.91
C LEU EA 30 -27.16 12.07 37.93
N LEU EA 31 -26.52 12.90 37.11
CA LEU EA 31 -25.58 12.43 36.10
C LEU EA 31 -24.44 11.65 36.77
N TYR EA 32 -23.92 12.24 37.85
CA TYR EA 32 -22.83 11.66 38.63
C TYR EA 32 -23.23 10.28 39.14
N THR EA 33 -24.44 10.24 39.69
CA THR EA 33 -25.02 9.02 40.25
C THR EA 33 -25.08 7.92 39.18
N ARG EA 34 -25.57 8.33 38.01
CA ARG EA 34 -25.71 7.44 36.86
C ARG EA 34 -24.35 6.85 36.48
N ARG EA 35 -23.36 7.73 36.44
CA ARG EA 35 -21.99 7.38 36.07
C ARG EA 35 -21.13 6.52 36.99
N PHE EA 36 -20.65 7.13 38.07
CA PHE EA 36 -19.57 6.55 38.90
C PHE EA 36 -20.04 5.92 40.21
N VAL EA 37 -21.19 6.36 40.73
CA VAL EA 37 -21.67 5.92 42.04
C VAL EA 37 -22.37 4.57 41.91
N ASN EA 38 -23.39 4.53 41.05
CA ASN EA 38 -24.22 3.34 40.88
C ASN EA 38 -23.52 2.23 40.11
N VAL EA 39 -22.82 2.60 39.03
CA VAL EA 39 -22.06 1.68 38.16
C VAL EA 39 -23.01 0.75 37.39
N THR EA 40 -23.20 1.05 36.11
CA THR EA 40 -24.07 0.25 35.23
C THR EA 40 -23.43 -1.10 34.90
N LEU EA 41 -24.27 -2.09 34.59
CA LEU EA 41 -23.82 -3.45 34.29
C LEU EA 41 -23.17 -3.53 32.91
N THR EA 42 -22.12 -4.34 32.82
CA THR EA 42 -21.37 -4.54 31.58
C THR EA 42 -21.05 -6.02 31.41
N ASN EA 43 -21.47 -6.60 30.28
CA ASN EA 43 -21.07 -7.97 29.92
C ASN EA 43 -19.59 -7.97 29.60
N GLY EA 44 -19.20 -7.07 28.69
CA GLY EA 44 -17.80 -6.71 28.44
C GLY EA 44 -17.47 -5.23 28.37
N LYS EA 45 -18.47 -4.39 28.07
CA LYS EA 45 -18.24 -2.98 27.69
C LYS EA 45 -19.25 -2.02 28.32
N ARG EA 46 -18.80 -0.80 28.61
CA ARG EA 46 -19.64 0.26 29.16
C ARG EA 46 -20.49 0.91 28.06
N LYS EA 47 -21.67 1.41 28.45
CA LYS EA 47 -22.59 2.05 27.51
C LYS EA 47 -23.49 3.06 28.24
N MET EA 48 -23.60 4.26 27.68
CA MET EA 48 -24.27 5.38 28.35
C MET EA 48 -25.80 5.31 28.22
N ASN EA 49 -26.27 5.18 26.99
CA ASN EA 49 -27.70 5.02 26.68
C ASN EA 49 -27.92 3.65 26.02
N PRO EA 50 -28.19 2.60 26.84
CA PRO EA 50 -28.34 1.27 26.27
C PRO EA 50 -29.62 1.04 25.47
N SER EA 51 -29.66 -0.09 24.77
CA SER EA 51 -30.82 -0.51 24.00
C SER EA 51 -31.65 -1.52 24.80
N PRO EA 52 -32.95 -1.63 24.48
CA PRO EA 52 -33.68 -2.84 24.87
C PRO EA 52 -33.11 -4.04 24.12
N SER EA 53 -32.61 -5.03 24.88
CA SER EA 53 -31.76 -6.10 24.32
C SER EA 53 -32.46 -6.92 23.22
N SER EA 54 -32.25 -6.49 21.98
CA SER EA 54 -32.81 -7.16 20.79
C SER EA 54 -32.09 -6.72 19.51
N GLN EA 55 -32.36 -7.44 18.42
CA GLN EA 55 -31.78 -7.14 17.11
C GLN EA 55 -32.43 -5.91 16.50
N LYS FA 1 -49.80 -9.19 -16.77
CA LYS FA 1 -50.95 -10.12 -17.04
C LYS FA 1 -51.94 -9.55 -18.06
N LYS FA 2 -52.91 -10.37 -18.44
CA LYS FA 2 -53.96 -9.98 -19.40
C LYS FA 2 -55.15 -9.40 -18.64
N VAL FA 3 -55.80 -8.41 -19.25
CA VAL FA 3 -56.93 -7.70 -18.62
C VAL FA 3 -58.18 -8.58 -18.52
N TYR FA 4 -58.98 -8.37 -17.47
CA TYR FA 4 -60.22 -9.12 -17.25
C TYR FA 4 -61.33 -8.66 -18.22
N THR FA 5 -62.22 -9.59 -18.57
CA THR FA 5 -63.08 -9.46 -19.77
C THR FA 5 -64.28 -8.50 -19.67
N THR FA 6 -65.00 -8.52 -18.55
CA THR FA 6 -66.17 -7.65 -18.30
C THR FA 6 -67.34 -7.70 -19.32
N PRO FA 7 -68.14 -8.78 -19.31
CA PRO FA 7 -69.46 -8.73 -19.93
C PRO FA 7 -70.43 -7.82 -19.14
N LYS FA 8 -70.88 -8.23 -17.95
CA LYS FA 8 -71.52 -7.38 -16.90
C LYS FA 8 -72.44 -8.14 -15.92
N LYS FA 9 -73.24 -9.09 -16.44
CA LYS FA 9 -74.31 -9.71 -15.64
C LYS FA 9 -73.80 -10.61 -14.50
N ILE FA 10 -74.09 -10.22 -13.26
CA ILE FA 10 -73.73 -10.98 -12.05
C ILE FA 10 -74.96 -11.70 -11.49
N ARG FA 11 -74.72 -12.88 -10.91
CA ARG FA 11 -75.76 -13.69 -10.27
C ARG FA 11 -75.35 -14.03 -8.84
N HIS FA 12 -76.19 -13.64 -7.88
CA HIS FA 12 -75.93 -13.88 -6.45
C HIS FA 12 -76.82 -15.00 -5.92
N LYS FA 13 -76.37 -15.65 -4.84
CA LYS FA 13 -77.17 -16.63 -4.12
C LYS FA 13 -78.42 -15.97 -3.53
N HIS FA 14 -79.59 -16.51 -3.86
CA HIS FA 14 -80.88 -15.99 -3.38
C HIS FA 14 -80.99 -16.03 -1.85
N LYS FA 15 -81.51 -14.94 -1.27
CA LYS FA 15 -81.67 -14.82 0.19
C LYS FA 15 -82.74 -15.75 0.77
N LYS FA 16 -83.60 -16.29 -0.10
CA LYS FA 16 -84.47 -17.45 0.17
C LYS FA 16 -85.97 -17.12 0.31
N VAL FA 17 -86.28 -15.87 0.67
CA VAL FA 17 -87.66 -15.43 0.95
C VAL FA 17 -88.22 -16.23 2.14
N LYS FA 18 -87.50 -16.14 3.25
CA LYS FA 18 -87.89 -16.72 4.55
C LYS FA 18 -89.29 -16.31 5.01
N LEU FA 19 -90.03 -17.27 5.55
CA LEU FA 19 -91.37 -17.03 6.11
C LEU FA 19 -91.70 -18.07 7.18
N ALA FA 20 -92.19 -17.60 8.33
CA ALA FA 20 -92.54 -18.46 9.48
C ALA FA 20 -93.95 -18.14 10.01
N VAL FA 21 -94.46 -19.02 10.86
CA VAL FA 21 -95.90 -19.08 11.19
C VAL FA 21 -96.65 -18.99 9.87
N LEU FA 22 -96.42 -20.02 9.06
CA LEU FA 22 -96.95 -20.08 7.70
C LEU FA 22 -98.41 -20.50 7.77
N ASN FA 23 -99.17 -20.08 6.76
CA ASN FA 23 -100.64 -20.23 6.78
C ASN FA 23 -101.16 -21.66 6.55
N TYR FA 24 -100.25 -22.64 6.42
CA TYR FA 24 -100.61 -24.07 6.47
C TYR FA 24 -101.19 -24.44 7.84
N TYR FA 25 -101.84 -25.60 7.88
CA TYR FA 25 -102.60 -26.08 9.06
C TYR FA 25 -103.77 -25.15 9.49
N LYS FA 26 -104.74 -25.69 10.23
CA LYS FA 26 -105.76 -24.87 10.91
C LYS FA 26 -106.43 -25.53 12.13
N VAL FA 27 -107.16 -24.72 12.89
CA VAL FA 27 -108.02 -25.18 13.99
C VAL FA 27 -109.33 -24.40 13.95
N ASP FA 28 -110.44 -25.11 14.08
CA ASP FA 28 -111.79 -24.52 14.11
C ASP FA 28 -112.40 -24.58 15.51
N ASP FA 29 -112.44 -25.78 16.09
CA ASP FA 29 -113.04 -26.00 17.41
C ASP FA 29 -112.22 -25.34 18.52
N GLU FA 30 -110.99 -25.82 18.70
CA GLU FA 30 -110.03 -25.43 19.76
C GLU FA 30 -109.32 -26.67 20.27
N GLY FA 31 -110.12 -27.66 20.68
CA GLY FA 31 -109.61 -28.91 21.24
C GLY FA 31 -108.81 -29.74 20.25
N LYS FA 32 -109.38 -30.00 19.08
CA LYS FA 32 -108.73 -30.82 18.05
C LYS FA 32 -108.09 -29.96 16.96
N VAL FA 33 -107.30 -30.60 16.11
CA VAL FA 33 -106.56 -29.93 15.02
C VAL FA 33 -107.06 -30.34 13.63
N ALA FA 34 -106.88 -29.45 12.67
CA ALA FA 34 -107.29 -29.69 11.28
C ALA FA 34 -106.11 -29.44 10.33
N LYS FA 35 -105.48 -30.53 9.89
CA LYS FA 35 -104.32 -30.49 9.01
C LYS FA 35 -104.71 -30.01 7.60
N LEU FA 36 -103.89 -29.14 7.03
CA LEU FA 36 -104.06 -28.65 5.66
C LEU FA 36 -103.01 -29.30 4.76
N ARG FA 37 -103.30 -29.38 3.47
CA ARG FA 37 -102.52 -30.16 2.49
C ARG FA 37 -102.46 -31.64 2.95
N LYS FA 38 -101.26 -32.18 3.19
CA LYS FA 38 -101.12 -33.53 3.76
C LYS FA 38 -99.69 -33.75 4.27
N GLU FA 39 -99.53 -34.80 5.08
CA GLU FA 39 -98.20 -35.23 5.54
C GLU FA 39 -97.55 -36.24 4.59
N CYS FA 40 -96.26 -36.52 4.82
CA CYS FA 40 -95.48 -37.43 3.99
C CYS FA 40 -95.90 -38.90 4.20
N PRO FA 41 -96.08 -39.67 3.10
CA PRO FA 41 -96.22 -41.13 3.23
C PRO FA 41 -94.89 -41.86 3.52
N ASN FA 42 -93.81 -41.42 2.87
CA ASN FA 42 -92.49 -42.08 2.99
C ASN FA 42 -91.90 -41.93 4.40
N CYS FA 43 -91.74 -40.68 4.82
CA CYS FA 43 -91.32 -40.37 6.20
C CYS FA 43 -92.55 -40.28 7.10
N GLY FA 44 -92.32 -40.10 8.39
CA GLY FA 44 -93.41 -39.98 9.37
C GLY FA 44 -94.14 -38.64 9.31
N PRO FA 45 -95.28 -38.52 10.01
CA PRO FA 45 -96.00 -37.24 10.13
C PRO FA 45 -95.17 -36.14 10.82
N GLY FA 46 -95.53 -34.89 10.52
CA GLY FA 46 -94.76 -33.71 10.94
C GLY FA 46 -94.20 -32.96 9.75
N ILE FA 47 -93.80 -33.69 8.72
CA ILE FA 47 -93.37 -33.13 7.43
C ILE FA 47 -94.62 -33.01 6.57
N PHE FA 48 -94.68 -31.97 5.73
CA PHE FA 48 -95.88 -31.66 4.94
C PHE FA 48 -95.57 -31.56 3.43
N LEU FA 49 -96.54 -31.96 2.60
CA LEU FA 49 -96.36 -31.96 1.14
C LEU FA 49 -96.21 -30.55 0.57
N ALA FA 50 -95.53 -30.45 -0.58
CA ALA FA 50 -95.54 -29.22 -1.39
C ALA FA 50 -96.66 -29.31 -2.42
N ASN FA 51 -97.52 -28.30 -2.49
CA ASN FA 51 -98.70 -28.32 -3.37
C ASN FA 51 -98.54 -27.42 -4.60
N HIS FA 52 -98.59 -28.03 -5.79
CA HIS FA 52 -98.57 -27.31 -7.07
C HIS FA 52 -99.65 -27.88 -8.00
N GLY FA 53 -99.70 -27.36 -9.22
CA GLY FA 53 -100.66 -27.83 -10.23
C GLY FA 53 -100.36 -29.24 -10.70
N ASP FA 54 -100.86 -30.22 -9.94
CA ASP FA 54 -100.65 -31.66 -10.21
C ASP FA 54 -99.16 -32.04 -10.15
N ARG FA 55 -98.49 -31.57 -9.11
CA ARG FA 55 -97.08 -31.86 -8.89
C ARG FA 55 -96.73 -31.64 -7.41
N PHE FA 56 -96.18 -32.66 -6.76
CA PHE FA 56 -95.85 -32.62 -5.33
C PHE FA 56 -94.40 -33.01 -5.06
N TYR FA 57 -93.87 -32.54 -3.93
CA TYR FA 57 -92.59 -33.01 -3.38
C TYR FA 57 -92.41 -32.63 -1.90
N CYS FA 58 -91.36 -33.17 -1.27
CA CYS FA 58 -91.01 -32.89 0.13
C CYS FA 58 -89.50 -32.75 0.32
N GLY FA 59 -89.10 -31.95 1.31
CA GLY FA 59 -87.71 -31.54 1.48
C GLY FA 59 -86.79 -32.41 2.32
N LYS FA 60 -87.35 -33.18 3.26
CA LYS FA 60 -86.53 -34.08 4.09
C LYS FA 60 -85.89 -35.20 3.24
N CYS FA 61 -86.64 -35.68 2.25
CA CYS FA 61 -86.10 -36.55 1.20
C CYS FA 61 -85.81 -35.70 -0.05
N HIS FA 62 -85.02 -34.63 0.14
CA HIS FA 62 -84.78 -33.54 -0.83
C HIS FA 62 -85.95 -33.17 -1.75
N SER FA 63 -86.45 -34.13 -2.53
CA SER FA 63 -87.64 -33.99 -3.35
C SER FA 63 -87.96 -35.32 -4.04
N THR FA 64 -88.94 -36.05 -3.51
CA THR FA 64 -89.27 -37.40 -4.00
C THR FA 64 -90.76 -37.75 -3.84
N PHE FA 65 -91.62 -37.05 -4.59
CA PHE FA 65 -93.01 -37.48 -4.81
C PHE FA 65 -93.33 -37.46 -6.31
N ALA FA 66 -94.49 -37.99 -6.64
CA ALA FA 66 -94.99 -38.03 -8.03
C ALA FA 66 -96.53 -38.00 -8.09
N THR FA 67 -97.16 -38.91 -7.35
CA THR FA 67 -98.63 -39.00 -7.28
C THR FA 67 -99.28 -37.72 -6.74
N GLN FA 68 -100.51 -37.45 -7.21
CA GLN FA 68 -101.28 -36.28 -6.80
C GLN FA 68 -101.98 -36.52 -5.46
N LYS FA 69 -102.60 -35.45 -4.94
CA LYS FA 69 -103.29 -35.51 -3.65
C LYS FA 69 -104.20 -34.30 -3.46
N SER GA 1 40.76 -78.37 2.82
CA SER GA 1 40.61 -78.21 1.34
C SER GA 1 41.08 -79.45 0.59
N SER GA 2 42.37 -79.74 0.69
CA SER GA 2 43.01 -80.92 0.09
C SER GA 2 42.80 -81.10 -1.43
N ASN GA 3 41.70 -81.75 -1.81
CA ASN GA 3 41.51 -82.26 -3.18
C ASN GA 3 40.31 -81.71 -3.94
N ILE GA 4 39.14 -81.71 -3.33
CA ILE GA 4 37.88 -81.41 -4.04
C ILE GA 4 37.75 -79.94 -4.45
N MET GA 5 37.42 -79.73 -5.72
CA MET GA 5 37.12 -78.41 -6.27
C MET GA 5 35.74 -78.51 -6.93
N LEU GA 6 34.76 -77.81 -6.37
CA LEU GA 6 33.36 -77.96 -6.78
C LEU GA 6 33.09 -77.29 -8.13
N VAL GA 7 32.35 -77.99 -9.00
CA VAL GA 7 32.07 -77.54 -10.37
C VAL GA 7 30.57 -77.50 -10.65
N LEU GA 8 30.11 -76.38 -11.22
CA LEU GA 8 28.72 -76.24 -11.66
C LEU GA 8 28.46 -77.15 -12.86
N ARG GA 9 27.60 -78.16 -12.68
CA ARG GA 9 27.30 -79.13 -13.74
C ARG GA 9 25.98 -78.80 -14.44
N GLY GA 10 24.90 -78.81 -13.66
CA GLY GA 10 23.55 -78.63 -14.17
C GLY GA 10 22.83 -77.42 -13.61
N THR GA 11 21.78 -77.00 -14.31
CA THR GA 11 20.92 -75.89 -13.91
C THR GA 11 19.46 -76.24 -14.19
N LEU GA 12 18.64 -76.28 -13.14
CA LEU GA 12 17.23 -76.66 -13.24
C LEU GA 12 16.39 -75.39 -13.31
N GLU GA 13 15.51 -75.31 -14.30
CA GLU GA 13 14.67 -74.13 -14.53
C GLU GA 13 13.21 -74.52 -14.80
N GLY GA 14 12.46 -74.66 -13.72
CA GLY GA 14 11.00 -74.85 -13.76
C GLY GA 14 10.19 -73.85 -12.94
N HIS GA 15 10.86 -72.84 -12.36
CA HIS GA 15 10.22 -71.85 -11.49
C HIS GA 15 10.13 -70.48 -12.18
N ASN GA 16 9.32 -69.61 -11.60
CA ASN GA 16 9.26 -68.18 -11.97
C ASN GA 16 9.23 -67.31 -10.71
N GLY GA 17 10.20 -67.56 -9.84
CA GLY GA 17 10.37 -66.80 -8.59
C GLY GA 17 11.56 -67.28 -7.79
N TRP GA 18 11.75 -66.70 -6.61
CA TRP GA 18 12.84 -67.10 -5.71
C TRP GA 18 12.61 -68.53 -5.25
N VAL GA 19 13.63 -69.38 -5.43
CA VAL GA 19 13.58 -70.77 -4.94
C VAL GA 19 13.96 -70.73 -3.47
N THR GA 20 12.97 -70.54 -2.61
CA THR GA 20 13.20 -70.20 -1.20
C THR GA 20 13.60 -71.38 -0.32
N SER GA 21 13.43 -72.61 -0.82
CA SER GA 21 13.85 -73.80 -0.08
C SER GA 21 13.96 -75.04 -0.95
N LEU GA 22 14.89 -75.92 -0.58
CA LEU GA 22 14.99 -77.26 -1.15
C LEU GA 22 15.22 -78.26 -0.03
N SER GA 23 14.96 -79.53 -0.33
CA SER GA 23 15.11 -80.61 0.64
C SER GA 23 15.14 -81.98 -0.03
N THR GA 24 16.27 -82.66 0.08
CA THR GA 24 16.38 -84.07 -0.33
C THR GA 24 15.87 -84.95 0.80
N SER GA 25 15.24 -86.07 0.44
CA SER GA 25 14.71 -87.02 1.42
C SER GA 25 15.83 -87.73 2.17
N ALA GA 26 15.53 -88.13 3.41
CA ALA GA 26 16.50 -88.79 4.28
C ALA GA 26 16.84 -90.19 3.75
N ALA GA 27 15.80 -90.98 3.48
CA ALA GA 27 15.97 -92.32 2.91
C ALA GA 27 16.29 -92.26 1.42
N GLN GA 28 15.37 -91.71 0.65
CA GLN GA 28 15.48 -91.68 -0.81
C GLN GA 28 16.42 -90.55 -1.28
N PRO GA 29 17.42 -90.85 -2.12
CA PRO GA 29 18.37 -89.84 -2.61
C PRO GA 29 17.97 -89.08 -3.89
N ASN GA 30 17.33 -89.77 -4.84
CA ASN GA 30 17.03 -89.21 -6.17
C ASN GA 30 16.13 -87.96 -6.19
N LEU GA 31 15.22 -87.86 -5.22
CA LEU GA 31 14.28 -86.73 -5.15
C LEU GA 31 14.93 -85.42 -4.73
N LEU GA 32 14.31 -84.32 -5.16
CA LEU GA 32 14.66 -82.98 -4.69
C LEU GA 32 13.43 -82.10 -4.87
N VAL GA 33 12.72 -81.84 -3.78
CA VAL GA 33 11.50 -81.05 -3.82
C VAL GA 33 11.85 -79.58 -3.51
N SER GA 34 11.54 -78.70 -4.46
CA SER GA 34 11.95 -77.29 -4.41
C SER GA 34 10.75 -76.35 -4.29
N GLY GA 35 10.76 -75.52 -3.23
CA GLY GA 35 9.70 -74.55 -2.94
C GLY GA 35 10.10 -73.13 -3.29
N SER GA 36 9.13 -72.36 -3.79
CA SER GA 36 9.40 -71.03 -4.33
C SER GA 36 8.40 -69.94 -3.93
N ARG GA 37 8.79 -68.69 -4.23
CA ARG GA 37 7.92 -67.52 -3.99
C ARG GA 37 6.69 -67.46 -4.90
N ASP GA 38 6.78 -68.09 -6.08
CA ASP GA 38 5.66 -68.10 -7.03
C ASP GA 38 4.59 -69.19 -6.76
N LYS GA 39 4.32 -69.46 -5.48
CA LYS GA 39 3.20 -70.32 -5.02
C LYS GA 39 3.33 -71.82 -5.31
N THR GA 40 4.08 -72.19 -6.34
CA THR GA 40 4.27 -73.59 -6.73
C THR GA 40 5.29 -74.29 -5.84
N LEU GA 41 5.35 -75.60 -5.96
CA LEU GA 41 6.28 -76.44 -5.23
C LEU GA 41 6.60 -77.62 -6.15
N ILE GA 42 7.86 -77.76 -6.56
CA ILE GA 42 8.21 -78.65 -7.69
C ILE GA 42 9.12 -79.81 -7.26
N SER GA 43 8.66 -81.04 -7.50
CA SER GA 43 9.44 -82.25 -7.21
C SER GA 43 10.33 -82.63 -8.40
N TRP GA 44 11.64 -82.43 -8.22
CA TRP GA 44 12.64 -82.84 -9.20
C TRP GA 44 13.18 -84.23 -8.86
N ARG GA 45 13.61 -84.96 -9.90
CA ARG GA 45 14.20 -86.30 -9.75
C ARG GA 45 15.52 -86.36 -10.52
N LEU GA 46 16.56 -86.84 -9.86
CA LEU GA 46 17.91 -86.89 -10.46
C LEU GA 46 18.03 -87.93 -11.57
N THR GA 47 18.32 -87.47 -12.79
CA THR GA 47 18.52 -88.33 -13.96
C THR GA 47 20.01 -88.62 -14.18
N GLU GA 48 20.84 -87.58 -14.10
CA GLU GA 48 22.30 -87.66 -14.29
C GLU GA 48 22.68 -87.96 -15.75
N ASN GA 49 22.11 -87.17 -16.66
CA ASN GA 49 22.40 -87.23 -18.09
C ASN GA 49 22.64 -85.82 -18.63
N GLU GA 50 23.81 -85.60 -19.23
CA GLU GA 50 24.24 -84.30 -19.78
C GLU GA 50 23.99 -83.11 -18.81
N GLN GA 51 23.55 -81.94 -19.29
CA GLN GA 51 23.28 -80.79 -18.42
C GLN GA 51 22.08 -81.02 -17.49
N GLN GA 52 21.06 -81.71 -17.99
CA GLN GA 52 19.85 -82.02 -17.21
C GLN GA 52 20.18 -83.03 -16.11
N PHE GA 53 20.68 -82.51 -14.99
CA PHE GA 53 21.03 -83.35 -13.83
C PHE GA 53 19.74 -83.87 -13.18
N GLY GA 54 18.73 -83.02 -13.14
CA GLY GA 54 17.37 -83.39 -12.77
C GLY GA 54 16.35 -82.73 -13.68
N VAL GA 55 15.15 -83.32 -13.75
CA VAL GA 55 14.03 -82.79 -14.55
C VAL GA 55 12.73 -82.93 -13.76
N PRO GA 56 11.75 -82.01 -13.99
CA PRO GA 56 10.62 -81.91 -13.07
C PRO GA 56 9.60 -83.05 -13.23
N VAL GA 57 9.17 -83.61 -12.11
CA VAL GA 57 8.26 -84.76 -12.08
C VAL GA 57 6.82 -84.36 -11.73
N ARG GA 58 6.66 -83.46 -10.75
CA ARG GA 58 5.32 -83.06 -10.30
C ARG GA 58 5.34 -81.69 -9.62
N SER GA 59 4.39 -80.84 -10.00
CA SER GA 59 4.20 -79.52 -9.42
C SER GA 59 2.99 -79.56 -8.50
N TYR GA 60 3.08 -78.87 -7.37
CA TYR GA 60 2.04 -78.92 -6.33
C TYR GA 60 1.39 -77.56 -6.17
N LYS GA 61 0.53 -77.23 -7.15
CA LYS GA 61 -0.24 -75.99 -7.14
C LYS GA 61 -1.33 -76.06 -6.08
N GLY GA 62 -1.08 -75.40 -4.94
CA GLY GA 62 -2.07 -75.34 -3.87
C GLY GA 62 -1.71 -74.41 -2.73
N HIS GA 63 -1.43 -73.15 -3.08
CA HIS GA 63 -1.23 -72.09 -2.10
C HIS GA 63 -1.53 -70.71 -2.69
N SER GA 64 -2.02 -69.80 -1.85
CA SER GA 64 -2.36 -68.43 -2.26
C SER GA 64 -1.26 -67.40 -1.96
N HIS GA 65 -0.05 -67.86 -1.63
CA HIS GA 65 1.08 -66.96 -1.36
C HIS GA 65 2.39 -67.76 -1.53
N ILE GA 66 3.51 -67.16 -1.08
CA ILE GA 66 4.86 -67.76 -1.17
C ILE GA 66 4.90 -69.14 -0.52
N VAL GA 67 5.74 -70.03 -1.05
CA VAL GA 67 6.07 -71.30 -0.39
C VAL GA 67 7.48 -71.16 0.18
N GLN GA 68 7.58 -70.92 1.48
CA GLN GA 68 8.84 -70.49 2.10
C GLN GA 68 9.81 -71.66 2.32
N ASP GA 69 9.42 -72.59 3.21
CA ASP GA 69 10.27 -73.71 3.61
C ASP GA 69 9.55 -75.03 3.37
N VAL GA 70 10.24 -75.97 2.72
CA VAL GA 70 9.70 -77.30 2.45
C VAL GA 70 10.51 -78.34 3.22
N VAL GA 71 9.82 -79.35 3.72
CA VAL GA 71 10.43 -80.51 4.35
C VAL GA 71 9.92 -81.76 3.65
N VAL GA 72 10.79 -82.77 3.53
CA VAL GA 72 10.41 -84.10 3.07
C VAL GA 72 10.41 -85.03 4.27
N SER GA 73 9.50 -86.00 4.27
CA SER GA 73 9.46 -87.04 5.30
C SER GA 73 10.67 -87.97 5.17
N ALA GA 74 10.93 -88.74 6.23
CA ALA GA 74 12.08 -89.65 6.29
C ALA GA 74 12.14 -90.62 5.10
N ASP GA 75 10.99 -91.25 4.83
CA ASP GA 75 10.85 -92.20 3.72
C ASP GA 75 10.92 -91.57 2.32
N GLY GA 76 10.28 -90.40 2.17
CA GLY GA 76 10.24 -89.68 0.89
C GLY GA 76 8.98 -89.93 0.05
N ASN GA 77 7.83 -89.99 0.71
CA ASN GA 77 6.51 -90.04 0.04
C ASN GA 77 5.66 -88.80 0.32
N TYR GA 78 5.72 -88.30 1.55
CA TYR GA 78 5.05 -87.05 1.93
C TYR GA 78 6.05 -85.90 2.04
N ALA GA 79 5.57 -84.69 1.81
CA ALA GA 79 6.34 -83.46 2.03
C ALA GA 79 5.44 -82.38 2.61
N VAL GA 80 5.99 -81.60 3.53
CA VAL GA 80 5.25 -80.52 4.18
C VAL GA 80 5.89 -79.19 3.81
N SER GA 81 5.11 -78.33 3.15
CA SER GA 81 5.50 -76.96 2.84
C SER GA 81 5.00 -76.00 3.91
N ALA GA 82 5.65 -74.84 4.00
CA ALA GA 82 5.27 -73.76 4.91
C ALA GA 82 5.12 -72.49 4.10
N SER GA 83 3.88 -72.09 3.88
CA SER GA 83 3.55 -70.98 2.98
C SER GA 83 3.34 -69.66 3.72
N TRP GA 84 3.23 -68.59 2.94
CA TRP GA 84 2.94 -67.26 3.46
C TRP GA 84 1.44 -66.97 3.65
N ASP GA 85 0.58 -67.93 3.28
CA ASP GA 85 -0.87 -67.82 3.52
C ASP GA 85 -1.32 -68.45 4.85
N LYS GA 86 -0.45 -68.38 5.86
CA LYS GA 86 -0.76 -68.81 7.24
C LYS GA 86 -1.12 -70.29 7.38
N THR GA 87 -0.62 -71.14 6.46
CA THR GA 87 -0.89 -72.57 6.50
C THR GA 87 0.31 -73.40 6.06
N LEU GA 88 0.20 -74.70 6.27
CA LEU GA 88 1.09 -75.70 5.71
C LEU GA 88 0.25 -76.69 4.92
N ARG GA 89 0.89 -77.40 3.98
CA ARG GA 89 0.20 -78.41 3.17
C ARG GA 89 1.00 -79.72 3.13
N LEU GA 90 0.43 -80.78 3.73
CA LEU GA 90 1.04 -82.10 3.64
C LEU GA 90 0.67 -82.72 2.30
N TRP GA 91 1.68 -82.93 1.45
CA TRP GA 91 1.50 -83.42 0.09
C TRP GA 91 1.67 -84.93 0.00
N ASN GA 92 1.22 -85.48 -1.12
CA ASN GA 92 1.57 -86.84 -1.53
C ASN GA 92 2.46 -86.71 -2.76
N LEU GA 93 3.77 -86.73 -2.53
CA LEU GA 93 4.78 -86.41 -3.57
C LEU GA 93 4.62 -87.24 -4.84
N ALA GA 94 4.46 -88.55 -4.66
CA ALA GA 94 4.31 -89.48 -5.79
C ALA GA 94 2.96 -89.35 -6.51
N THR GA 95 1.91 -89.10 -5.74
CA THR GA 95 0.54 -89.01 -6.28
C THR GA 95 0.30 -87.75 -7.10
N GLY GA 96 0.74 -86.61 -6.56
CA GLY GA 96 0.42 -85.29 -7.14
C GLY GA 96 -0.87 -84.76 -6.56
N ASN GA 97 -0.97 -84.79 -5.23
CA ASN GA 97 -2.17 -84.40 -4.50
C ASN GA 97 -1.83 -83.91 -3.09
N SER GA 98 -2.69 -83.05 -2.55
CA SER GA 98 -2.59 -82.60 -1.16
C SER GA 98 -3.25 -83.61 -0.22
N GLU GA 99 -3.11 -83.37 1.07
CA GLU GA 99 -3.77 -84.19 2.10
C GLU GA 99 -4.22 -83.32 3.28
N ALA GA 100 -3.26 -82.78 4.01
CA ALA GA 100 -3.52 -82.06 5.26
C ALA GA 100 -3.21 -80.57 5.10
N ARG GA 101 -4.26 -79.75 5.17
CA ARG GA 101 -4.15 -78.31 5.25
C ARG GA 101 -4.17 -77.90 6.72
N PHE GA 102 -3.05 -77.37 7.20
CA PHE GA 102 -2.89 -77.03 8.63
C PHE GA 102 -3.33 -75.60 8.91
N VAL GA 103 -4.40 -75.47 9.68
CA VAL GA 103 -4.98 -74.17 10.04
C VAL GA 103 -4.69 -73.88 11.51
N GLY GA 104 -4.33 -72.64 11.82
CA GLY GA 104 -4.09 -72.21 13.20
C GLY GA 104 -3.23 -70.96 13.35
N HIS GA 105 -2.17 -70.86 12.54
CA HIS GA 105 -1.25 -69.71 12.59
C HIS GA 105 -1.93 -68.41 12.18
N THR GA 106 -1.60 -67.33 12.89
CA THR GA 106 -2.05 -65.98 12.56
C THR GA 106 -0.86 -65.17 12.04
N GLY GA 107 -0.24 -65.69 10.99
CA GLY GA 107 0.97 -65.11 10.41
C GLY GA 107 1.61 -66.06 9.42
N ASP GA 108 2.34 -65.50 8.45
CA ASP GA 108 2.96 -66.31 7.38
C ASP GA 108 3.96 -67.35 7.92
N VAL GA 109 3.79 -68.59 7.50
CA VAL GA 109 4.53 -69.73 8.05
C VAL GA 109 5.88 -69.80 7.35
N LEU GA 110 6.95 -69.59 8.12
CA LEU GA 110 8.29 -69.44 7.57
C LEU GA 110 9.03 -70.75 7.53
N SER GA 111 8.95 -71.53 8.61
CA SER GA 111 9.66 -72.81 8.68
C SER GA 111 8.79 -73.97 9.15
N VAL GA 112 9.19 -75.16 8.72
CA VAL GA 112 8.52 -76.41 9.06
C VAL GA 112 9.60 -77.45 9.35
N ALA GA 113 9.28 -78.42 10.21
CA ALA GA 113 10.21 -79.48 10.57
C ALA GA 113 9.43 -80.71 11.03
N ILE GA 114 9.66 -81.84 10.35
CA ILE GA 114 9.00 -83.09 10.67
C ILE GA 114 9.94 -83.98 11.48
N ASP GA 115 9.36 -84.83 12.31
CA ASP GA 115 10.14 -85.76 13.14
C ASP GA 115 10.76 -86.85 12.25
N ALA GA 116 11.83 -87.46 12.74
CA ALA GA 116 12.50 -88.56 12.03
C ALA GA 116 11.60 -89.80 11.82
N ASN GA 117 10.60 -89.96 12.68
CA ASN GA 117 9.59 -91.03 12.52
C ASN GA 117 8.46 -90.69 11.53
N SER GA 118 8.46 -89.48 10.98
CA SER GA 118 7.38 -88.98 10.10
C SER GA 118 6.02 -88.99 10.82
N SER GA 119 5.99 -88.38 12.00
CA SER GA 119 4.80 -88.38 12.87
C SER GA 119 4.43 -86.97 13.32
N LYS GA 120 5.30 -86.35 14.12
CA LYS GA 120 5.02 -85.07 14.77
C LYS GA 120 5.69 -83.90 14.04
N ILE GA 121 4.91 -83.16 13.25
CA ILE GA 121 5.38 -81.95 12.57
C ILE GA 121 5.44 -80.82 13.59
N ILE GA 122 6.35 -79.87 13.37
CA ILE GA 122 6.40 -78.62 14.14
C ILE GA 122 6.79 -77.49 13.19
N SER GA 123 6.09 -76.35 13.30
CA SER GA 123 6.27 -75.24 12.37
C SER GA 123 6.30 -73.88 13.06
N ALA GA 124 7.06 -72.96 12.46
CA ALA GA 124 7.18 -71.58 12.95
C ALA GA 124 6.89 -70.55 11.87
N SER GA 125 6.31 -69.44 12.31
CA SER GA 125 5.73 -68.41 11.46
C SER GA 125 6.11 -67.03 11.95
N ARG GA 126 5.87 -66.02 11.13
CA ARG GA 126 5.93 -64.63 11.59
C ARG GA 126 4.68 -64.37 12.43
N ASP GA 127 4.72 -64.91 13.65
CA ASP GA 127 3.58 -64.87 14.58
C ASP GA 127 4.00 -64.85 16.07
N LYS GA 128 5.31 -64.80 16.36
CA LYS GA 128 5.86 -64.98 17.70
C LYS GA 128 5.47 -66.34 18.34
N THR GA 129 5.28 -67.37 17.51
CA THR GA 129 4.84 -68.70 17.97
C THR GA 129 5.46 -69.83 17.15
N ILE GA 130 5.51 -71.01 17.76
CA ILE GA 130 5.85 -72.26 17.09
C ILE GA 130 4.77 -73.27 17.44
N ARG GA 131 4.08 -73.81 16.43
CA ARG GA 131 2.97 -74.75 16.66
C ARG GA 131 3.34 -76.18 16.24
N VAL GA 132 2.85 -77.14 17.02
CA VAL GA 132 3.13 -78.57 16.80
C VAL GA 132 1.88 -79.27 16.25
N TRP GA 133 2.08 -80.00 15.16
CA TRP GA 133 1.00 -80.68 14.44
C TRP GA 133 1.29 -82.18 14.30
N ASN GA 134 0.24 -82.95 14.02
CA ASN GA 134 0.35 -84.38 13.74
C ASN GA 134 0.30 -84.61 12.23
N THR GA 135 0.24 -85.87 11.79
CA THR GA 135 0.14 -86.20 10.35
C THR GA 135 -1.34 -86.34 9.92
N VAL GA 136 -2.15 -85.34 10.28
CA VAL GA 136 -3.59 -85.32 9.99
C VAL GA 136 -4.06 -83.90 9.73
N GLY GA 137 -3.88 -83.02 10.73
CA GLY GA 137 -4.28 -81.61 10.65
C GLY GA 137 -4.90 -81.18 11.96
N ASP GA 138 -4.09 -81.08 13.00
CA ASP GA 138 -4.55 -80.77 14.34
C ASP GA 138 -3.44 -80.22 15.22
N CYS GA 139 -3.72 -79.09 15.88
CA CYS GA 139 -2.73 -78.38 16.69
C CYS GA 139 -2.63 -79.01 18.09
N ALA GA 140 -1.48 -79.61 18.40
CA ALA GA 140 -1.28 -80.24 19.70
C ALA GA 140 -0.65 -79.25 20.71
N TYR GA 141 0.67 -79.12 20.70
CA TYR GA 141 1.39 -78.18 21.57
C TYR GA 141 1.62 -76.85 20.85
N VAL GA 142 1.50 -75.76 21.61
CA VAL GA 142 1.68 -74.39 21.11
C VAL GA 142 2.76 -73.73 21.96
N LEU GA 143 3.89 -73.39 21.34
CA LEU GA 143 5.05 -72.85 22.04
C LEU GA 143 5.10 -71.33 21.94
N LEU GA 144 4.94 -70.66 23.08
CA LEU GA 144 5.10 -69.21 23.17
C LEU GA 144 6.57 -68.91 23.43
N GLY GA 145 7.36 -69.01 22.37
CA GLY GA 145 8.81 -68.92 22.47
C GLY GA 145 9.33 -67.50 22.64
N HIS GA 146 9.27 -66.73 21.56
CA HIS GA 146 9.93 -65.43 21.46
C HIS GA 146 8.93 -64.28 21.52
N THR GA 147 9.48 -63.06 21.55
CA THR GA 147 8.69 -61.82 21.47
C THR GA 147 8.69 -61.17 20.07
N ASP GA 148 9.60 -61.63 19.20
CA ASP GA 148 9.68 -61.16 17.81
C ASP GA 148 9.43 -62.35 16.86
N TRP GA 149 9.61 -62.14 15.55
CA TRP GA 149 9.42 -63.20 14.55
C TRP GA 149 10.30 -64.43 14.83
N VAL GA 150 9.76 -65.61 14.54
CA VAL GA 150 10.49 -66.88 14.63
C VAL GA 150 10.83 -67.32 13.21
N THR GA 151 12.10 -67.18 12.83
CA THR GA 151 12.53 -67.30 11.44
C THR GA 151 12.71 -68.74 10.96
N LYS GA 152 13.26 -69.59 11.82
CA LYS GA 152 13.54 -70.99 11.50
C LYS GA 152 13.30 -71.91 12.69
N VAL GA 153 12.93 -73.15 12.42
CA VAL GA 153 12.76 -74.20 13.42
C VAL GA 153 13.16 -75.51 12.75
N ARG GA 154 14.23 -76.14 13.25
CA ARG GA 154 14.78 -77.35 12.64
C ARG GA 154 15.11 -78.39 13.71
N VAL GA 155 14.64 -79.62 13.50
CA VAL GA 155 14.85 -80.73 14.44
C VAL GA 155 16.23 -81.34 14.25
N ALA GA 156 16.89 -81.62 15.37
CA ALA GA 156 18.21 -82.27 15.37
C ALA GA 156 18.04 -83.79 15.47
N PRO GA 157 18.73 -84.56 14.60
CA PRO GA 157 18.67 -86.03 14.71
C PRO GA 157 19.54 -86.54 15.86
N LYS GA 158 19.12 -87.65 16.47
CA LYS GA 158 19.78 -88.22 17.65
C LYS GA 158 20.05 -89.72 17.46
N ASN GA 159 21.08 -90.20 18.15
CA ASN GA 159 21.46 -91.63 18.15
C ASN GA 159 21.78 -92.18 19.54
N LEU GA 160 22.69 -91.52 20.27
CA LEU GA 160 23.02 -91.90 21.64
C LEU GA 160 22.03 -91.27 22.62
N VAL GA 165 21.01 -94.20 24.38
CA VAL GA 165 20.07 -94.89 23.49
C VAL GA 165 18.62 -94.62 23.91
N ASP GA 166 17.97 -93.71 23.18
CA ASP GA 166 16.56 -93.32 23.38
C ASP GA 166 16.25 -92.72 24.77
N ASP GA 167 16.26 -91.40 24.84
CA ASP GA 167 15.78 -90.67 26.02
C ASP GA 167 14.26 -90.58 26.01
N GLY GA 168 13.70 -90.22 24.86
CA GLY GA 168 12.26 -90.03 24.67
C GLY GA 168 11.97 -88.68 24.02
N ARG GA 169 12.59 -87.64 24.57
CA ARG GA 169 12.46 -86.27 24.05
C ARG GA 169 13.24 -86.09 22.74
N ILE GA 170 12.61 -85.46 21.75
CA ILE GA 170 13.28 -85.02 20.52
C ILE GA 170 13.52 -83.50 20.60
N THR GA 171 14.65 -83.08 20.01
CA THR GA 171 15.18 -81.72 20.20
C THR GA 171 15.24 -80.91 18.91
N PHE GA 172 14.88 -79.63 19.02
CA PHE GA 172 14.97 -78.67 17.91
C PHE GA 172 15.43 -77.31 18.43
N VAL GA 173 15.75 -76.40 17.51
CA VAL GA 173 16.21 -75.05 17.85
C VAL GA 173 15.51 -74.00 16.99
N SER GA 174 15.01 -72.95 17.64
CA SER GA 174 14.19 -71.94 16.98
C SER GA 174 14.94 -70.61 16.81
N ALA GA 175 15.29 -70.30 15.56
CA ALA GA 175 15.88 -69.00 15.21
C ALA GA 175 14.82 -67.90 15.25
N GLY GA 176 15.24 -66.68 15.58
CA GLY GA 176 14.33 -65.55 15.70
C GLY GA 176 14.92 -64.20 15.35
N MET GA 177 14.03 -63.21 15.23
CA MET GA 177 14.41 -61.79 15.10
C MET GA 177 14.46 -61.08 16.46
N ASP GA 178 14.45 -61.85 17.55
CA ASP GA 178 14.68 -61.33 18.91
C ASP GA 178 16.17 -61.39 19.32
N LYS GA 179 17.05 -61.76 18.37
CA LYS GA 179 18.49 -61.95 18.61
C LYS GA 179 18.80 -63.08 19.60
N ILE GA 180 17.91 -64.08 19.66
CA ILE GA 180 18.03 -65.21 20.59
C ILE GA 180 17.71 -66.51 19.85
N VAL GA 181 18.69 -67.41 19.81
CA VAL GA 181 18.45 -68.80 19.40
C VAL GA 181 18.07 -69.55 20.67
N ARG GA 182 17.08 -70.45 20.55
CA ARG GA 182 16.48 -71.13 21.69
C ARG GA 182 16.21 -72.60 21.35
N SER GA 183 16.80 -73.50 22.15
CA SER GA 183 16.62 -74.94 21.96
C SER GA 183 15.46 -75.46 22.82
N TRP GA 184 14.81 -76.49 22.30
CA TRP GA 184 13.60 -77.05 22.92
C TRP GA 184 13.69 -78.57 23.03
N SER GA 185 12.70 -79.16 23.69
CA SER GA 185 12.55 -80.62 23.80
C SER GA 185 11.07 -81.00 23.78
N LEU GA 186 10.74 -82.06 23.04
CA LEU GA 186 9.34 -82.48 22.88
C LEU GA 186 9.23 -84.01 22.91
N ASN GA 187 8.33 -84.53 23.75
CA ASN GA 187 8.16 -85.98 23.93
C ASN GA 187 7.16 -86.55 22.93
N SER GA 190 9.96 -83.23 28.87
CA SER GA 190 9.49 -82.01 29.54
C SER GA 190 8.53 -81.16 28.70
N TYR GA 191 8.50 -81.37 27.38
CA TYR GA 191 7.69 -80.58 26.43
C TYR GA 191 8.06 -79.07 26.45
N ARG GA 192 9.30 -78.74 26.78
CA ARG GA 192 9.69 -77.33 26.98
C ARG GA 192 11.21 -77.09 26.75
N ILE GA 193 11.79 -76.06 27.38
CA ILE GA 193 13.07 -75.47 26.94
C ILE GA 193 14.27 -76.37 27.25
N GLU GA 194 15.29 -76.27 26.39
CA GLU GA 194 16.61 -76.89 26.64
C GLU GA 194 17.60 -75.82 27.10
N ALA GA 195 17.86 -74.85 26.24
CA ALA GA 195 18.84 -73.79 26.51
C ALA GA 195 18.71 -72.60 25.55
N ASP GA 196 19.06 -71.41 26.04
CA ASP GA 196 19.09 -70.19 25.26
C ASP GA 196 20.54 -69.90 24.85
N PHE GA 197 20.76 -69.62 23.57
CA PHE GA 197 22.09 -69.39 23.00
C PHE GA 197 22.20 -67.93 22.57
N ILE GA 198 22.40 -67.05 23.53
CA ILE GA 198 22.31 -65.59 23.31
C ILE GA 198 23.64 -65.04 22.80
N GLY GA 199 23.96 -65.37 21.54
CA GLY GA 199 25.24 -65.02 20.92
C GLY GA 199 25.20 -63.94 19.85
N HIS GA 200 24.15 -63.94 19.02
CA HIS GA 200 24.08 -63.05 17.85
C HIS GA 200 23.99 -61.56 18.20
N ASN GA 201 24.54 -60.74 17.31
CA ASN GA 201 24.61 -59.29 17.47
C ASN GA 201 23.50 -58.60 16.69
N ASN GA 202 23.39 -58.96 15.42
CA ASN GA 202 22.32 -58.47 14.54
C ASN GA 202 21.14 -59.46 14.61
N TYR GA 203 20.47 -59.78 13.49
CA TYR GA 203 19.28 -60.64 13.50
C TYR GA 203 19.53 -61.96 12.76
N ILE GA 204 18.98 -63.04 13.32
CA ILE GA 204 19.22 -64.40 12.83
C ILE GA 204 18.22 -64.72 11.71
N ASN GA 205 18.71 -65.40 10.67
CA ASN GA 205 17.88 -65.95 9.60
C ASN GA 205 17.78 -67.45 9.75
N VAL GA 206 18.94 -68.11 9.79
CA VAL GA 206 19.06 -69.56 9.74
C VAL GA 206 19.58 -70.12 11.05
N VAL GA 207 19.01 -71.24 11.48
CA VAL GA 207 19.61 -72.13 12.48
C VAL GA 207 19.52 -73.54 11.90
N GLN GA 208 20.66 -74.08 11.50
CA GLN GA 208 20.77 -75.40 10.89
C GLN GA 208 21.52 -76.37 11.82
N PRO GA 209 20.83 -77.41 12.34
CA PRO GA 209 21.52 -78.54 12.95
C PRO GA 209 22.23 -79.42 11.93
N SER GA 210 23.33 -80.04 12.34
CA SER GA 210 24.15 -80.88 11.47
C SER GA 210 23.62 -82.32 11.40
N PRO GA 211 24.16 -83.14 10.47
CA PRO GA 211 23.92 -84.59 10.48
C PRO GA 211 24.37 -85.31 11.76
N ASP GA 212 25.40 -84.78 12.41
CA ASP GA 212 25.84 -85.28 13.72
C ASP GA 212 24.77 -85.03 14.79
N GLY GA 213 24.27 -83.79 14.84
CA GLY GA 213 23.23 -83.40 15.79
C GLY GA 213 23.75 -82.55 16.93
N SER GA 214 24.94 -82.89 17.42
CA SER GA 214 25.60 -82.14 18.50
C SER GA 214 26.05 -80.73 18.09
N LEU GA 215 26.24 -80.48 16.79
CA LEU GA 215 26.58 -79.14 16.28
C LEU GA 215 25.37 -78.48 15.64
N ALA GA 216 25.26 -77.16 15.82
CA ALA GA 216 24.15 -76.37 15.23
C ALA GA 216 24.63 -74.99 14.79
N ALA GA 217 24.73 -74.79 13.48
CA ALA GA 217 25.19 -73.52 12.89
C ALA GA 217 24.06 -72.51 12.79
N SER GA 218 24.22 -71.36 13.44
CA SER GA 218 23.28 -70.24 13.35
C SER GA 218 23.89 -69.10 12.54
N ALA GA 219 23.07 -68.43 11.73
CA ALA GA 219 23.52 -67.34 10.87
C ALA GA 219 22.40 -66.36 10.49
N GLY GA 220 22.79 -65.17 10.03
CA GLY GA 220 21.81 -64.14 9.66
C GLY GA 220 22.36 -62.86 9.05
N LYS GA 221 21.80 -61.73 9.43
CA LYS GA 221 22.15 -60.42 8.87
C LYS GA 221 23.49 -59.87 9.34
N ASP GA 222 23.94 -60.34 10.51
CA ASP GA 222 25.21 -59.90 11.11
C ASP GA 222 26.41 -60.14 10.17
N GLY GA 223 26.36 -61.23 9.42
CA GLY GA 223 27.49 -61.69 8.63
C GLY GA 223 28.50 -62.41 9.50
N GLN GA 224 27.99 -63.09 10.53
CA GLN GA 224 28.82 -63.89 11.45
C GLN GA 224 28.07 -65.16 11.80
N ILE GA 225 28.69 -66.31 11.51
CA ILE GA 225 28.05 -67.62 11.69
C ILE GA 225 28.45 -68.21 13.03
N TYR GA 226 27.50 -68.26 13.98
CA TYR GA 226 27.75 -68.79 15.32
C TYR GA 226 27.33 -70.25 15.40
N VAL GA 227 28.31 -71.14 15.56
CA VAL GA 227 28.03 -72.58 15.75
C VAL GA 227 27.80 -72.83 17.24
N TRP GA 228 26.91 -73.77 17.54
CA TRP GA 228 26.53 -74.07 18.93
C TRP GA 228 26.58 -75.58 19.20
N ASN GA 229 27.03 -75.94 20.40
CA ASN GA 229 27.03 -77.32 20.88
C ASN GA 229 25.71 -77.60 21.60
N LEU GA 230 25.01 -78.65 21.16
CA LEU GA 230 23.62 -78.91 21.57
C LEU GA 230 23.49 -79.99 22.66
N LYS GA 231 24.20 -81.10 22.49
CA LYS GA 231 24.17 -82.19 23.48
C LYS GA 231 24.89 -81.80 24.76
N HIS GA 232 26.05 -81.15 24.63
CA HIS GA 232 26.78 -80.57 25.76
C HIS GA 232 26.11 -79.30 26.29
N LYS GA 233 25.42 -78.57 25.41
CA LYS GA 233 24.67 -77.33 25.75
C LYS GA 233 25.65 -76.23 26.15
N SER GA 234 26.58 -75.93 25.24
CA SER GA 234 27.68 -75.00 25.50
C SER GA 234 28.06 -74.17 24.27
N ALA GA 235 28.90 -73.17 24.49
CA ALA GA 235 29.40 -72.28 23.43
C ALA GA 235 30.40 -73.02 22.53
N PHE GA 236 30.59 -72.50 21.32
CA PHE GA 236 31.46 -73.11 20.32
C PHE GA 236 32.03 -72.04 19.36
N MET GA 237 32.19 -72.34 18.07
CA MET GA 237 32.91 -71.46 17.14
C MET GA 237 32.02 -70.31 16.63
N ASN GA 238 32.69 -69.23 16.20
CA ASN GA 238 32.03 -68.09 15.57
C ASN GA 238 32.82 -67.59 14.35
N PHE GA 239 32.29 -67.85 13.15
CA PHE GA 239 32.92 -67.43 11.89
C PHE GA 239 32.46 -66.03 11.50
N ASP GA 240 33.27 -65.35 10.71
CA ASP GA 240 32.90 -64.10 10.04
C ASP GA 240 32.75 -64.38 8.55
N ALA GA 241 31.63 -63.92 7.98
CA ALA GA 241 31.28 -64.19 6.57
C ALA GA 241 31.00 -62.91 5.78
N LYS GA 242 31.49 -61.76 6.27
CA LYS GA 242 31.27 -60.43 5.65
C LYS GA 242 29.79 -60.06 5.47
N ASP GA 243 29.15 -60.64 4.46
CA ASP GA 243 27.80 -60.25 4.04
C ASP GA 243 26.71 -61.09 4.73
N GLU GA 244 25.46 -60.67 4.54
CA GLU GA 244 24.28 -61.35 5.13
C GLU GA 244 24.17 -62.80 4.64
N VAL GA 245 23.87 -63.70 5.58
CA VAL GA 245 23.73 -65.13 5.29
C VAL GA 245 22.25 -65.46 5.11
N PHE GA 246 21.92 -66.07 3.98
CA PHE GA 246 20.55 -66.49 3.66
C PHE GA 246 20.26 -67.96 3.98
N ALA GA 247 21.27 -68.83 3.80
CA ALA GA 247 21.14 -70.26 4.09
C ALA GA 247 22.45 -70.89 4.53
N LEU GA 248 22.33 -72.03 5.21
CA LEU GA 248 23.47 -72.85 5.62
C LEU GA 248 23.22 -74.28 5.18
N ALA GA 249 24.30 -75.07 5.07
CA ALA GA 249 24.19 -76.50 4.73
C ALA GA 249 25.44 -77.30 5.13
N PHE GA 250 25.22 -78.28 6.00
CA PHE GA 250 26.22 -79.29 6.35
C PHE GA 250 26.13 -80.41 5.31
N SER GA 251 27.26 -81.05 5.03
CA SER GA 251 27.31 -82.23 4.15
C SER GA 251 27.73 -83.47 4.94
N PRO GA 252 27.27 -84.68 4.51
CA PRO GA 252 27.76 -85.91 5.15
C PRO GA 252 29.22 -86.27 4.86
N SER GA 253 29.76 -85.79 3.72
CA SER GA 253 31.11 -86.14 3.26
C SER GA 253 32.24 -85.82 4.24
N ARG GA 254 32.12 -84.69 4.95
CA ARG GA 254 33.16 -84.19 5.84
C ARG GA 254 32.54 -83.27 6.91
N PHE GA 255 33.37 -82.55 7.65
CA PHE GA 255 32.93 -81.45 8.52
C PHE GA 255 32.90 -80.12 7.73
N TRP GA 256 32.18 -80.16 6.60
CA TRP GA 256 31.96 -79.00 5.74
C TRP GA 256 30.82 -78.17 6.32
N LEU GA 257 30.96 -76.86 6.26
CA LEU GA 257 29.86 -75.92 6.48
C LEU GA 257 29.76 -75.02 5.26
N THR GA 258 28.74 -75.28 4.45
CA THR GA 258 28.39 -74.42 3.31
C THR GA 258 27.48 -73.32 3.83
N ALA GA 259 27.65 -72.11 3.30
CA ALA GA 259 26.91 -70.94 3.75
C ALA GA 259 26.67 -69.96 2.60
N ALA GA 260 25.39 -69.74 2.27
CA ALA GA 260 24.99 -68.82 1.20
C ALA GA 260 24.98 -67.38 1.69
N THR GA 261 26.04 -66.64 1.36
CA THR GA 261 26.15 -65.21 1.66
C THR GA 261 25.38 -64.38 0.63
N ALA GA 262 25.34 -63.06 0.84
CA ALA GA 262 24.75 -62.14 -0.13
C ALA GA 262 25.58 -62.04 -1.43
N SER GA 263 26.90 -62.19 -1.31
CA SER GA 263 27.79 -62.18 -2.47
C SER GA 263 27.71 -63.48 -3.26
N GLY GA 264 27.96 -64.59 -2.57
CA GLY GA 264 27.93 -65.93 -3.18
C GLY GA 264 27.70 -67.01 -2.14
N ILE GA 265 28.35 -68.16 -2.32
CA ILE GA 265 28.27 -69.28 -1.38
C ILE GA 265 29.66 -69.59 -0.87
N LYS GA 266 29.90 -69.30 0.42
CA LYS GA 266 31.19 -69.58 1.07
C LYS GA 266 31.16 -70.97 1.71
N ILE GA 267 32.32 -71.62 1.75
CA ILE GA 267 32.44 -72.99 2.27
C ILE GA 267 33.60 -73.09 3.26
N TYR GA 268 33.31 -73.55 4.48
CA TYR GA 268 34.30 -73.67 5.56
C TYR GA 268 34.45 -75.12 6.03
N ASP GA 269 35.59 -75.41 6.67
CA ASP GA 269 35.72 -76.59 7.52
C ASP GA 269 35.34 -76.17 8.94
N LEU GA 270 34.61 -77.03 9.66
CA LEU GA 270 34.04 -76.65 10.97
C LEU GA 270 35.08 -76.40 12.07
N GLU GA 271 35.74 -77.45 12.54
CA GLU GA 271 36.68 -77.35 13.68
C GLU GA 271 37.99 -76.68 13.27
N ASN GA 272 38.70 -77.29 12.32
CA ASN GA 272 39.85 -76.64 11.67
C ASN GA 272 39.38 -75.44 10.84
N GLU GA 273 39.26 -74.30 11.52
CA GLU GA 273 38.63 -73.10 10.92
C GLU GA 273 39.45 -72.47 9.79
N VAL GA 274 39.15 -72.90 8.56
CA VAL GA 274 39.68 -72.27 7.34
C VAL GA 274 38.50 -71.96 6.42
N LEU GA 275 38.51 -70.75 5.84
CA LEU GA 275 37.43 -70.29 4.96
C LEU GA 275 37.81 -70.59 3.51
N ILE GA 276 37.38 -71.75 3.03
CA ILE GA 276 38.01 -72.37 1.85
C ILE GA 276 37.44 -71.83 0.52
N ASP GA 277 36.37 -72.44 0.01
CA ASP GA 277 35.90 -72.18 -1.35
C ASP GA 277 34.75 -71.18 -1.40
N GLU GA 278 34.68 -70.43 -2.50
CA GLU GA 278 33.56 -69.55 -2.82
C GLU GA 278 32.94 -69.99 -4.14
N LEU GA 279 31.60 -69.99 -4.21
CA LEU GA 279 30.88 -70.37 -5.43
C LEU GA 279 30.13 -69.17 -6.01
N LYS GA 280 30.45 -68.82 -7.25
CA LYS GA 280 29.83 -67.69 -7.96
C LYS GA 280 29.69 -67.98 -9.47
N PRO GA 281 28.45 -68.17 -9.96
CA PRO GA 281 28.22 -68.38 -11.39
C PRO GA 281 28.10 -67.06 -12.16
N GLU GA 282 27.91 -67.17 -13.48
CA GLU GA 282 27.87 -66.01 -14.37
C GLU GA 282 26.44 -65.56 -14.70
N PHE GA 283 26.29 -64.26 -14.98
CA PHE GA 283 25.00 -63.66 -15.34
C PHE GA 283 25.16 -62.70 -16.52
N ALA GA 284 24.08 -62.51 -17.27
CA ALA GA 284 24.10 -61.69 -18.50
C ALA GA 284 23.81 -60.22 -18.21
N GLY GA 285 24.82 -59.36 -18.39
CA GLY GA 285 24.67 -57.91 -18.23
C GLY GA 285 24.99 -57.45 -16.82
N TYR GA 286 24.01 -56.83 -16.16
CA TYR GA 286 24.09 -56.36 -14.77
C TYR GA 286 25.07 -55.20 -14.52
N THR GA 287 24.93 -54.55 -13.37
CA THR GA 287 25.80 -53.44 -12.93
C THR GA 287 26.61 -53.85 -11.69
N LYS GA 288 26.42 -53.19 -10.54
CA LYS GA 288 27.31 -53.36 -9.37
C LYS GA 288 26.82 -54.39 -8.34
N ALA GA 289 26.19 -53.92 -7.25
CA ALA GA 289 25.97 -54.74 -6.05
C ALA GA 289 24.56 -55.33 -6.02
N GLN GA 290 24.29 -56.23 -6.97
CA GLN GA 290 22.98 -56.86 -7.12
C GLN GA 290 23.15 -58.37 -7.27
N ASP GA 291 23.79 -58.79 -8.37
CA ASP GA 291 24.14 -60.18 -8.70
C ASP GA 291 23.33 -61.29 -7.98
N PRO GA 292 22.36 -61.94 -8.67
CA PRO GA 292 21.44 -62.88 -8.03
C PRO GA 292 22.12 -63.89 -7.08
N HIS GA 293 21.68 -63.88 -5.82
CA HIS GA 293 22.31 -64.66 -4.76
C HIS GA 293 21.50 -65.90 -4.41
N ALA GA 294 22.17 -66.88 -3.82
CA ALA GA 294 21.52 -68.11 -3.36
C ALA GA 294 20.75 -67.83 -2.09
N VAL GA 295 19.45 -68.08 -2.12
CA VAL GA 295 18.57 -67.87 -0.96
C VAL GA 295 18.60 -69.12 -0.10
N SER GA 296 18.37 -70.27 -0.74
CA SER GA 296 18.49 -71.58 -0.10
C SER GA 296 19.49 -72.47 -0.83
N LEU GA 297 19.86 -73.56 -0.17
CA LEU GA 297 20.70 -74.60 -0.74
C LEU GA 297 20.60 -75.89 0.06
N ALA GA 298 20.92 -77.01 -0.60
CA ALA GA 298 20.78 -78.33 0.01
C ALA GA 298 21.82 -79.32 -0.52
N TRP GA 299 22.45 -80.05 0.40
CA TRP GA 299 23.33 -81.18 0.06
C TRP GA 299 22.49 -82.45 -0.07
N SER GA 300 22.90 -83.32 -0.98
CA SER GA 300 22.29 -84.65 -1.11
C SER GA 300 22.80 -85.59 -0.01
N ALA GA 301 22.18 -86.77 0.07
CA ALA GA 301 22.57 -87.80 1.05
C ALA GA 301 23.96 -88.40 0.80
N ASP GA 302 24.43 -88.33 -0.44
CA ASP GA 302 25.78 -88.78 -0.82
C ASP GA 302 26.88 -87.89 -0.23
N GLY GA 303 26.63 -86.59 -0.19
CA GLY GA 303 27.66 -85.59 0.07
C GLY GA 303 28.45 -85.32 -1.20
N GLN GA 304 27.73 -85.25 -2.32
CA GLN GA 304 28.31 -85.16 -3.66
C GLN GA 304 27.72 -83.99 -4.43
N THR GA 305 26.41 -84.04 -4.68
CA THR GA 305 25.70 -83.00 -5.43
C THR GA 305 25.16 -81.91 -4.51
N LEU GA 306 25.67 -80.69 -4.70
CA LEU GA 306 25.17 -79.51 -3.98
C LEU GA 306 24.11 -78.83 -4.84
N PHE GA 307 22.93 -78.61 -4.27
CA PHE GA 307 21.85 -77.87 -4.94
C PHE GA 307 21.74 -76.48 -4.35
N ALA GA 308 21.52 -75.48 -5.21
CA ALA GA 308 21.49 -74.08 -4.82
C ALA GA 308 20.29 -73.36 -5.41
N GLY GA 309 19.32 -73.02 -4.55
CA GLY GA 309 18.16 -72.21 -4.92
C GLY GA 309 18.50 -70.73 -4.95
N TYR GA 310 18.38 -70.12 -6.13
CA TYR GA 310 18.71 -68.71 -6.35
C TYR GA 310 17.46 -67.84 -6.51
N THR GA 311 17.67 -66.53 -6.44
CA THR GA 311 16.61 -65.55 -6.68
C THR GA 311 16.20 -65.47 -8.16
N ASP GA 312 17.09 -65.87 -9.06
CA ASP GA 312 16.88 -65.80 -10.51
C ASP GA 312 16.12 -66.99 -11.11
N ASN GA 313 15.31 -67.69 -10.31
CA ASN GA 313 14.43 -68.78 -10.77
C ASN GA 313 15.15 -70.04 -11.26
N VAL GA 314 16.40 -70.25 -10.83
CA VAL GA 314 17.20 -71.41 -11.24
C VAL GA 314 17.69 -72.17 -10.01
N ILE GA 315 17.61 -73.50 -10.07
CA ILE GA 315 18.28 -74.36 -9.10
C ILE GA 315 19.62 -74.74 -9.70
N ARG GA 316 20.70 -74.15 -9.19
CA ARG GA 316 22.04 -74.40 -9.71
C ARG GA 316 22.68 -75.59 -9.00
N VAL GA 317 23.27 -76.49 -9.79
CA VAL GA 317 23.76 -77.79 -9.29
C VAL GA 317 25.29 -77.86 -9.38
N TRP GA 318 25.93 -77.81 -8.21
CA TRP GA 318 27.39 -77.99 -8.09
C TRP GA 318 27.70 -79.45 -7.77
N GLN GA 319 28.90 -79.88 -8.16
CA GLN GA 319 29.35 -81.27 -8.01
C GLN GA 319 30.81 -81.34 -7.57
N VAL GA 320 31.12 -82.39 -6.80
CA VAL GA 320 32.49 -82.68 -6.34
C VAL GA 320 33.34 -83.15 -7.51
N MET GA 321 34.58 -82.64 -7.56
CA MET GA 321 35.56 -83.03 -8.57
C MET GA 321 36.96 -82.85 -7.97
N THR GA 322 37.67 -83.96 -7.75
CA THR GA 322 39.00 -83.93 -7.13
C THR GA 322 40.04 -83.37 -8.10
N ALA GA 323 40.97 -82.58 -7.56
CA ALA GA 323 42.00 -81.91 -8.37
C ALA GA 323 42.97 -82.92 -9.01
N ASN GA 324 43.46 -83.86 -8.22
CA ASN GA 324 44.36 -84.90 -8.69
C ASN GA 324 43.60 -86.16 -9.08
#